data_7YUW
#
_entry.id   7YUW
#
_cell.length_a   1.00
_cell.length_b   1.00
_cell.length_c   1.00
_cell.angle_alpha   90.00
_cell.angle_beta   90.00
_cell.angle_gamma   90.00
#
_symmetry.space_group_name_H-M   'P 1'
#
loop_
_entity.id
_entity.type
_entity.pdbx_description
1 polymer 'Lon protease'
2 non-polymer "ADENOSINE-5'-DIPHOSPHATE"
#
_entity_poly.entity_id   1
_entity_poly.type   'polypeptide(L)'
_entity_poly.pdbx_seq_one_letter_code
;MRLELPVIPLRNTVILPHTTTPVDVGRAKSKRAVEEAMGADRLIFLVAQRDPEVDDPAPDDLYTWGVQAVVKQAMRLPDG
TLQVMVEARARAQVTDYIPGPYLRARGEVFSEIFPIDEAVVRVLVEELKEAFEKYVANHKSLRLDRYQLEAVKGTSDPAM
LADTIAYHATWTVAEKQEILELTDLEARLKKVLGLLSRDLERFELDKRVAQRVKEQMDTNQREYYLREQMKAIQKELGGE
DGLSDLEALRKKIEEVGMPEAVKTKALKELDRLERMQQGSPEATVARTYLDWLTEVPWSKADPEVLDINHTRQVLDEDHY
GLKDVKERILEYLAVRQLTQGLDVRNKAPILVLVGPPGVGKTSLGRSIARSMNRKFHRISLGGVRDEAEIRGHRRTYIGA
MPGKLIHAMKQVGVINPVILLDEIDKMSSDWRGDPASAMLEVLDPEQNNTFTDHYLDVPYDLSKVFFITTANTLQTIPRP
LLDRMEVIEIPGYTNMEKQAIARQYLWPKQVRESGMEGRIEVTDAAILRVISEYTREAGVRGLERELGKIARKGAKFWLE
GAWEGLRTIDASDIPTYLGIPRYRPDKAETEPQVGTAQGLAWTPVGGTLLTIEVAAVPGSGKLSLTGQLGEVMKESAQAA
LTYLRAHTQDYGLPEDFYNKVDLHVHVPDGATPKDGPSAGITMATAIASALSRRPARMDIAMTGEVSLRGKVMPIGGVKE
KLLAAHQAGIHKIVLPKDNEAQLEELPKEVLEGLEIKLVEDVGEVLEYLLLPEPTMPPVVQPSDNRQQPGAGA
;
_entity_poly.pdbx_strand_id   A,B,C,D,E
#
loop_
_chem_comp.id
_chem_comp.type
_chem_comp.name
_chem_comp.formula
ADP non-polymer ADENOSINE-5'-DIPHOSPHATE 'C10 H15 N5 O10 P2'
#
# COMPACT_ATOMS: atom_id res chain seq x y z
N ARG A 2 -29.07 71.26 -46.03
CA ARG A 2 -29.59 72.51 -46.58
C ARG A 2 -31.10 72.59 -46.50
N LEU A 3 -31.77 72.06 -47.52
CA LEU A 3 -33.22 72.09 -47.67
C LEU A 3 -33.76 70.70 -47.88
N GLU A 4 -33.33 69.77 -47.02
CA GLU A 4 -33.72 68.36 -47.08
C GLU A 4 -33.29 67.72 -48.39
N LEU A 5 -31.97 67.74 -48.62
CA LEU A 5 -31.41 67.01 -49.75
C LEU A 5 -31.57 65.52 -49.52
N PRO A 6 -31.96 64.76 -50.54
CA PRO A 6 -32.28 63.34 -50.33
C PRO A 6 -31.12 62.56 -49.71
N VAL A 7 -31.47 61.72 -48.73
CA VAL A 7 -30.49 60.85 -48.07
C VAL A 7 -30.81 59.41 -48.45
N ILE A 8 -29.88 58.76 -49.11
CA ILE A 8 -30.05 57.38 -49.58
C ILE A 8 -29.59 56.44 -48.47
N PRO A 9 -30.42 55.48 -48.04
CA PRO A 9 -29.96 54.51 -47.05
C PRO A 9 -28.86 53.62 -47.61
N LEU A 10 -27.64 53.80 -47.10
CA LEU A 10 -26.48 53.11 -47.65
C LEU A 10 -26.57 51.61 -47.41
N ARG A 11 -26.02 50.84 -48.34
CA ARG A 11 -25.98 49.39 -48.26
C ARG A 11 -24.54 48.96 -48.02
N ASN A 12 -24.14 48.99 -46.74
CA ASN A 12 -22.78 48.63 -46.33
C ASN A 12 -21.73 49.38 -47.14
N THR A 13 -21.98 50.67 -47.39
CA THR A 13 -21.07 51.51 -48.15
C THR A 13 -20.63 52.68 -47.29
N VAL A 14 -19.45 53.21 -47.61
CA VAL A 14 -18.85 54.33 -46.89
C VAL A 14 -18.49 55.40 -47.90
N ILE A 15 -18.95 56.62 -47.66
CA ILE A 15 -18.69 57.76 -48.54
C ILE A 15 -17.72 58.69 -47.81
N LEU A 16 -16.62 59.03 -48.47
CA LEU A 16 -15.62 59.94 -47.95
C LEU A 16 -15.40 61.09 -48.93
N PRO A 17 -15.02 62.28 -48.44
CA PRO A 17 -14.89 63.44 -49.33
C PRO A 17 -13.84 63.21 -50.41
N HIS A 18 -14.12 63.74 -51.60
CA HIS A 18 -13.22 63.66 -52.75
C HIS A 18 -12.83 62.21 -53.04
N THR A 19 -13.85 61.35 -53.08
CA THR A 19 -13.65 59.93 -53.36
C THR A 19 -14.90 59.39 -54.02
N THR A 20 -14.72 58.65 -55.12
CA THR A 20 -15.84 58.05 -55.83
C THR A 20 -16.38 56.86 -55.04
N THR A 21 -17.69 56.83 -54.81
CA THR A 21 -18.31 55.74 -54.08
C THR A 21 -19.63 55.35 -54.73
N PRO A 22 -19.85 54.05 -54.97
CA PRO A 22 -21.16 53.62 -55.48
C PRO A 22 -22.17 53.46 -54.35
N VAL A 23 -23.42 53.77 -54.67
CA VAL A 23 -24.55 53.58 -53.76
C VAL A 23 -25.66 52.90 -54.53
N ASP A 24 -26.23 51.86 -53.95
CA ASP A 24 -27.32 51.09 -54.54
C ASP A 24 -28.53 51.13 -53.62
N VAL A 25 -29.59 50.42 -54.03
CA VAL A 25 -30.80 50.27 -53.24
C VAL A 25 -31.19 48.80 -53.23
N GLY A 26 -31.99 48.44 -52.23
CA GLY A 26 -32.47 47.08 -52.10
C GLY A 26 -33.92 47.02 -51.65
N ARG A 27 -34.62 48.14 -51.80
CA ARG A 27 -36.01 48.23 -51.41
C ARG A 27 -36.73 49.20 -52.33
N ALA A 28 -38.06 49.07 -52.39
CA ALA A 28 -38.85 49.99 -53.19
C ALA A 28 -38.95 51.37 -52.58
N LYS A 29 -38.73 51.49 -51.27
CA LYS A 29 -38.82 52.78 -50.60
C LYS A 29 -37.66 53.70 -51.00
N SER A 30 -36.46 53.14 -51.11
CA SER A 30 -35.28 53.93 -51.46
C SER A 30 -35.14 54.14 -52.97
N LYS A 31 -36.03 53.56 -53.78
CA LYS A 31 -35.95 53.75 -55.23
C LYS A 31 -36.20 55.20 -55.62
N ARG A 32 -36.99 55.93 -54.84
CA ARG A 32 -37.32 57.31 -55.16
C ARG A 32 -36.19 58.28 -54.86
N ALA A 33 -35.22 57.86 -54.04
CA ALA A 33 -34.12 58.76 -53.66
C ALA A 33 -33.28 59.17 -54.85
N VAL A 34 -32.97 58.21 -55.74
CA VAL A 34 -32.15 58.52 -56.90
C VAL A 34 -32.88 59.48 -57.83
N GLU A 35 -34.17 59.27 -58.05
CA GLU A 35 -34.93 60.16 -58.91
C GLU A 35 -35.09 61.55 -58.30
N GLU A 36 -35.27 61.64 -56.98
CA GLU A 36 -35.31 62.94 -56.33
C GLU A 36 -33.97 63.65 -56.42
N ALA A 37 -32.87 62.90 -56.34
CA ALA A 37 -31.55 63.46 -56.58
C ALA A 37 -31.44 63.98 -58.01
N MET A 38 -31.98 63.23 -58.98
CA MET A 38 -31.96 63.67 -60.37
C MET A 38 -32.71 64.98 -60.52
N GLY A 39 -33.87 65.10 -59.88
CA GLY A 39 -34.61 66.35 -59.89
C GLY A 39 -33.87 67.47 -59.20
N ALA A 40 -33.10 67.17 -58.16
CA ALA A 40 -32.33 68.15 -57.41
C ALA A 40 -30.98 68.45 -58.04
N ASP A 41 -30.82 68.18 -59.33
CA ASP A 41 -29.59 68.46 -60.08
C ASP A 41 -28.40 67.69 -59.50
N ARG A 42 -28.68 66.52 -58.93
CA ARG A 42 -27.65 65.56 -58.54
C ARG A 42 -26.67 66.13 -57.51
N LEU A 43 -27.14 67.06 -56.68
CA LEU A 43 -26.37 67.60 -55.56
C LEU A 43 -27.09 67.20 -54.28
N ILE A 44 -26.50 66.28 -53.52
CA ILE A 44 -27.19 65.60 -52.43
C ILE A 44 -26.34 65.63 -51.17
N PHE A 45 -26.99 65.34 -50.04
CA PHE A 45 -26.38 65.31 -48.72
C PHE A 45 -26.56 63.92 -48.14
N LEU A 46 -25.58 63.05 -48.40
CA LEU A 46 -25.68 61.66 -47.97
C LEU A 46 -25.24 61.53 -46.51
N VAL A 47 -26.11 60.92 -45.70
CA VAL A 47 -25.80 60.59 -44.31
C VAL A 47 -25.75 59.08 -44.19
N ALA A 48 -24.65 58.56 -43.64
CA ALA A 48 -24.45 57.13 -43.58
C ALA A 48 -25.37 56.47 -42.57
N GLN A 49 -25.60 55.18 -42.77
CA GLN A 49 -26.43 54.38 -41.87
C GLN A 49 -25.67 53.12 -41.47
N ARG A 50 -26.09 52.54 -40.35
CA ARG A 50 -25.43 51.37 -39.79
C ARG A 50 -25.62 50.16 -40.71
N ASP A 51 -24.85 49.10 -40.44
CA ASP A 51 -25.04 47.81 -41.10
C ASP A 51 -26.51 47.40 -41.03
N PRO A 52 -26.96 46.48 -41.92
CA PRO A 52 -28.35 46.58 -42.45
C PRO A 52 -29.41 47.00 -41.44
N GLU A 53 -30.13 48.05 -41.80
CA GLU A 53 -30.99 48.79 -40.88
C GLU A 53 -32.38 48.19 -40.80
N VAL A 54 -33.32 48.95 -40.22
CA VAL A 54 -34.71 48.53 -40.19
C VAL A 54 -35.19 48.23 -41.59
N ASP A 55 -36.11 47.27 -41.71
CA ASP A 55 -36.61 46.87 -43.02
C ASP A 55 -37.27 48.04 -43.75
N ASP A 56 -37.72 49.05 -43.01
CA ASP A 56 -38.21 50.31 -43.54
C ASP A 56 -37.19 51.42 -43.27
N PRO A 57 -37.13 52.44 -44.13
CA PRO A 57 -36.19 53.54 -43.89
C PRO A 57 -36.51 54.27 -42.59
N ALA A 58 -35.57 54.24 -41.66
CA ALA A 58 -35.75 54.85 -40.35
C ALA A 58 -34.72 55.94 -40.14
N PRO A 59 -35.14 57.17 -39.83
CA PRO A 59 -34.17 58.25 -39.61
C PRO A 59 -33.59 58.25 -38.21
N ASP A 60 -33.18 57.08 -37.73
CA ASP A 60 -32.58 56.94 -36.41
C ASP A 60 -31.21 56.27 -36.46
N ASP A 61 -30.81 55.72 -37.61
CA ASP A 61 -29.48 55.14 -37.78
C ASP A 61 -28.50 56.13 -38.40
N LEU A 62 -28.93 57.37 -38.64
CA LEU A 62 -28.05 58.40 -39.15
C LEU A 62 -27.04 58.80 -38.08
N TYR A 63 -25.93 59.38 -38.53
CA TYR A 63 -24.83 59.75 -37.65
C TYR A 63 -24.71 61.28 -37.58
N THR A 64 -23.73 61.75 -36.80
CA THR A 64 -23.60 63.18 -36.57
C THR A 64 -23.22 63.93 -37.85
N TRP A 65 -22.33 63.36 -38.65
CA TRP A 65 -21.83 64.02 -39.85
C TRP A 65 -22.32 63.28 -41.10
N GLY A 66 -22.88 64.04 -42.04
CA GLY A 66 -23.07 63.59 -43.40
C GLY A 66 -22.01 64.19 -44.31
N VAL A 67 -22.23 64.07 -45.61
CA VAL A 67 -21.30 64.63 -46.59
C VAL A 67 -22.06 65.07 -47.83
N GLN A 68 -21.68 66.23 -48.37
CA GLN A 68 -22.21 66.67 -49.65
C GLN A 68 -21.60 65.85 -50.78
N ALA A 69 -22.37 65.62 -51.84
CA ALA A 69 -21.92 64.79 -52.94
C ALA A 69 -22.55 65.26 -54.24
N VAL A 70 -21.74 65.27 -55.30
CA VAL A 70 -22.20 65.53 -56.66
C VAL A 70 -22.06 64.23 -57.44
N VAL A 71 -23.14 63.81 -58.09
CA VAL A 71 -23.18 62.52 -58.78
C VAL A 71 -22.32 62.60 -60.04
N LYS A 72 -21.42 61.63 -60.20
CA LYS A 72 -20.61 61.54 -61.40
C LYS A 72 -21.20 60.57 -62.43
N GLN A 73 -21.58 59.37 -61.99
CA GLN A 73 -22.16 58.36 -62.86
C GLN A 73 -23.59 58.08 -62.42
N ALA A 74 -24.52 58.12 -63.37
CA ALA A 74 -25.95 58.01 -63.13
C ALA A 74 -26.52 56.89 -63.98
N MET A 75 -26.60 55.69 -63.40
CA MET A 75 -27.14 54.53 -64.10
C MET A 75 -28.63 54.40 -63.84
N ARG A 76 -29.40 54.21 -64.92
CA ARG A 76 -30.85 54.02 -64.83
C ARG A 76 -31.13 52.52 -64.89
N LEU A 77 -31.39 51.91 -63.74
CA LEU A 77 -31.70 50.49 -63.64
C LEU A 77 -32.96 50.34 -62.79
N PRO A 78 -34.14 50.55 -63.37
CA PRO A 78 -35.40 50.42 -62.61
C PRO A 78 -35.81 48.97 -62.40
N ASP A 79 -34.96 48.22 -61.69
CA ASP A 79 -35.24 46.82 -61.42
C ASP A 79 -34.92 46.43 -59.97
N GLY A 80 -34.99 47.37 -59.04
CA GLY A 80 -34.70 47.11 -57.64
C GLY A 80 -33.30 47.48 -57.20
N THR A 81 -32.45 47.95 -58.10
CA THR A 81 -31.08 48.33 -57.74
C THR A 81 -30.66 49.48 -58.65
N LEU A 82 -30.60 50.69 -58.10
CA LEU A 82 -30.16 51.87 -58.82
C LEU A 82 -28.72 52.17 -58.39
N GLN A 83 -27.80 52.13 -59.34
CA GLN A 83 -26.37 52.27 -59.07
C GLN A 83 -25.96 53.71 -59.37
N VAL A 84 -25.84 54.52 -58.32
CA VAL A 84 -25.44 55.91 -58.47
C VAL A 84 -24.04 56.09 -57.88
N MET A 85 -23.12 56.60 -58.68
CA MET A 85 -21.76 56.82 -58.22
C MET A 85 -21.55 58.29 -57.88
N VAL A 86 -21.14 58.57 -56.65
CA VAL A 86 -21.08 59.93 -56.12
C VAL A 86 -19.64 60.24 -55.73
N GLU A 87 -19.19 61.44 -56.10
CA GLU A 87 -17.90 61.97 -55.66
C GLU A 87 -18.17 63.05 -54.63
N ALA A 88 -17.93 62.74 -53.36
CA ALA A 88 -18.25 63.64 -52.29
C ALA A 88 -17.34 64.87 -52.31
N ARG A 89 -17.88 65.99 -51.83
CA ARG A 89 -17.16 67.25 -51.78
C ARG A 89 -16.57 67.53 -50.41
N ALA A 90 -17.40 67.59 -49.38
CA ALA A 90 -16.94 67.85 -48.02
C ALA A 90 -18.02 67.42 -47.04
N ARG A 91 -17.59 67.08 -45.83
CA ARG A 91 -18.53 66.66 -44.80
C ARG A 91 -19.33 67.86 -44.28
N ALA A 92 -20.38 67.56 -43.54
CA ALA A 92 -21.27 68.56 -43.00
C ALA A 92 -21.99 67.99 -41.77
N GLN A 93 -22.52 68.90 -40.96
CA GLN A 93 -23.18 68.50 -39.72
C GLN A 93 -24.65 68.22 -39.97
N VAL A 94 -25.12 67.05 -39.54
CA VAL A 94 -26.52 66.68 -39.70
C VAL A 94 -27.34 67.46 -38.68
N THR A 95 -28.23 68.31 -39.18
CA THR A 95 -29.05 69.14 -38.29
C THR A 95 -30.10 68.31 -37.57
N ASP A 96 -31.01 67.70 -38.33
CA ASP A 96 -32.08 66.90 -37.75
C ASP A 96 -32.45 65.80 -38.74
N TYR A 97 -33.59 65.16 -38.50
CA TYR A 97 -34.06 64.04 -39.31
C TYR A 97 -35.53 64.22 -39.62
N ILE A 98 -35.94 63.82 -40.82
CA ILE A 98 -37.32 63.89 -41.27
C ILE A 98 -37.83 62.45 -41.43
N PRO A 99 -38.84 62.04 -40.66
CA PRO A 99 -39.35 60.67 -40.80
C PRO A 99 -39.90 60.41 -42.20
N GLY A 100 -39.68 59.18 -42.68
CA GLY A 100 -40.16 58.79 -43.98
C GLY A 100 -41.23 57.72 -43.89
N PRO A 101 -41.19 56.74 -44.81
CA PRO A 101 -40.22 56.65 -45.91
C PRO A 101 -40.58 57.54 -47.10
N TYR A 102 -39.58 58.08 -47.79
CA TYR A 102 -38.18 57.87 -47.43
C TYR A 102 -37.67 59.01 -46.55
N LEU A 103 -36.57 58.78 -45.86
CA LEU A 103 -36.05 59.71 -44.87
C LEU A 103 -35.27 60.84 -45.53
N ARG A 104 -35.27 61.99 -44.86
CA ARG A 104 -34.48 63.15 -45.23
C ARG A 104 -33.62 63.58 -44.05
N ALA A 105 -32.69 64.48 -44.33
CA ALA A 105 -31.83 65.04 -43.29
C ALA A 105 -31.31 66.39 -43.76
N ARG A 106 -31.10 67.29 -42.81
CA ARG A 106 -30.59 68.62 -43.09
C ARG A 106 -29.12 68.72 -42.74
N GLY A 107 -28.39 69.52 -43.53
CA GLY A 107 -26.96 69.66 -43.34
C GLY A 107 -26.54 71.11 -43.54
N GLU A 108 -25.29 71.36 -43.16
CA GLU A 108 -24.70 72.70 -43.27
C GLU A 108 -23.90 72.77 -44.56
N VAL A 109 -23.19 73.89 -44.77
CA VAL A 109 -22.36 74.09 -45.95
C VAL A 109 -21.16 73.17 -45.89
N PHE A 110 -20.41 73.09 -46.99
CA PHE A 110 -19.23 72.24 -47.05
C PHE A 110 -18.26 72.57 -45.92
N SER A 111 -17.68 71.53 -45.34
CA SER A 111 -16.66 71.72 -44.30
C SER A 111 -15.39 72.19 -44.99
N GLU A 112 -15.23 73.52 -45.08
CA GLU A 112 -14.08 74.12 -45.73
C GLU A 112 -13.00 74.53 -44.76
N ILE A 113 -13.18 74.29 -43.46
CA ILE A 113 -12.20 74.60 -42.44
C ILE A 113 -11.44 73.32 -42.08
N PHE A 114 -10.11 73.41 -42.11
CA PHE A 114 -9.26 72.26 -41.82
C PHE A 114 -7.98 72.77 -41.18
N PRO A 115 -7.27 71.91 -40.46
CA PRO A 115 -5.97 72.33 -39.90
C PRO A 115 -4.95 72.58 -41.00
N ILE A 116 -3.86 73.23 -40.58
CA ILE A 116 -2.77 73.62 -41.48
C ILE A 116 -1.49 72.96 -40.97
N ASP A 117 -0.34 73.33 -41.55
CA ASP A 117 0.87 72.51 -41.62
C ASP A 117 0.68 71.45 -42.70
N GLU A 118 0.07 71.87 -43.82
CA GLU A 118 -0.20 70.96 -44.93
C GLU A 118 1.06 70.33 -45.50
N ALA A 119 2.23 70.94 -45.28
CA ALA A 119 3.47 70.34 -45.78
C ALA A 119 3.75 69.00 -45.09
N VAL A 120 3.63 68.96 -43.76
CA VAL A 120 3.75 67.69 -43.05
C VAL A 120 2.62 66.75 -43.43
N VAL A 121 1.45 67.29 -43.77
CA VAL A 121 0.37 66.43 -44.24
C VAL A 121 0.73 65.78 -45.57
N ARG A 122 1.42 66.51 -46.46
CA ARG A 122 1.86 65.91 -47.72
C ARG A 122 2.97 64.90 -47.50
N VAL A 123 3.87 65.16 -46.55
CA VAL A 123 4.88 64.17 -46.19
C VAL A 123 4.22 62.90 -45.69
N LEU A 124 3.22 63.04 -44.82
CA LEU A 124 2.44 61.91 -44.34
C LEU A 124 1.62 61.26 -45.45
N VAL A 125 1.26 62.01 -46.49
CA VAL A 125 0.61 61.42 -47.66
C VAL A 125 1.59 60.52 -48.43
N GLU A 126 2.84 60.97 -48.57
CA GLU A 126 3.86 60.12 -49.17
C GLU A 126 4.06 58.85 -48.35
N GLU A 127 4.16 59.00 -47.03
CA GLU A 127 4.30 57.83 -46.17
C GLU A 127 3.05 56.95 -46.19
N LEU A 128 1.87 57.54 -46.38
CA LEU A 128 0.63 56.78 -46.51
C LEU A 128 0.60 55.99 -47.80
N LYS A 129 1.14 56.57 -48.89
CA LYS A 129 1.30 55.82 -50.12
C LYS A 129 2.26 54.64 -49.92
N GLU A 130 3.35 54.88 -49.18
CA GLU A 130 4.26 53.79 -48.84
C GLU A 130 3.53 52.68 -48.08
N ALA A 131 2.76 53.07 -47.04
CA ALA A 131 2.05 52.10 -46.22
C ALA A 131 1.00 51.35 -47.03
N PHE A 132 0.28 52.03 -47.92
CA PHE A 132 -0.73 51.36 -48.73
C PHE A 132 -0.10 50.45 -49.78
N GLU A 133 1.08 50.80 -50.30
CA GLU A 133 1.81 49.88 -51.16
C GLU A 133 2.25 48.64 -50.40
N LYS A 134 2.71 48.81 -49.15
CA LYS A 134 3.00 47.66 -48.31
C LYS A 134 1.75 46.85 -48.03
N TYR A 135 0.60 47.52 -47.94
CA TYR A 135 -0.67 46.87 -47.61
C TYR A 135 -1.18 46.02 -48.77
N VAL A 136 -1.45 46.63 -49.92
CA VAL A 136 -2.09 45.93 -51.02
C VAL A 136 -1.19 44.83 -51.57
N ALA A 137 0.13 45.06 -51.60
CA ALA A 137 1.04 44.01 -52.05
C ALA A 137 0.99 42.79 -51.15
N ASN A 138 0.89 42.97 -49.84
CA ASN A 138 0.69 41.84 -48.93
C ASN A 138 -0.76 41.36 -48.96
N HIS A 139 -1.70 42.28 -49.12
CA HIS A 139 -3.13 41.95 -49.06
C HIS A 139 -3.63 41.68 -50.48
N LYS A 140 -3.17 40.57 -51.05
CA LYS A 140 -3.72 40.05 -52.29
C LYS A 140 -4.86 39.06 -52.06
N SER A 141 -5.13 38.70 -50.81
CA SER A 141 -6.27 37.86 -50.48
C SER A 141 -7.57 38.64 -50.37
N LEU A 142 -7.49 39.97 -50.31
CA LEU A 142 -8.67 40.83 -50.29
C LEU A 142 -9.30 41.01 -51.67
N ARG A 143 -8.65 40.49 -52.72
CA ARG A 143 -9.13 40.59 -54.09
C ARG A 143 -9.30 42.05 -54.51
N LEU A 144 -8.39 42.90 -54.04
CA LEU A 144 -8.35 44.31 -54.42
C LEU A 144 -7.31 44.48 -55.53
N ASP A 145 -7.76 45.03 -56.67
CA ASP A 145 -6.91 45.12 -57.84
C ASP A 145 -5.81 46.15 -57.62
N ARG A 146 -4.72 45.99 -58.38
CA ARG A 146 -3.61 46.91 -58.34
C ARG A 146 -3.94 48.27 -58.96
N TYR A 147 -5.07 48.38 -59.66
CA TYR A 147 -5.49 49.67 -60.20
C TYR A 147 -5.73 50.70 -59.11
N GLN A 148 -6.14 50.25 -57.92
CA GLN A 148 -6.33 51.15 -56.78
C GLN A 148 -5.01 51.72 -56.28
N LEU A 149 -3.88 51.11 -56.61
CA LEU A 149 -2.58 51.67 -56.34
C LEU A 149 -2.09 52.58 -57.47
N GLU A 150 -2.81 52.62 -58.59
CA GLU A 150 -2.45 53.43 -59.74
C GLU A 150 -3.16 54.78 -59.76
N ALA A 151 -4.00 55.07 -58.77
CA ALA A 151 -4.72 56.34 -58.71
C ALA A 151 -4.18 57.30 -57.67
N VAL A 152 -3.16 56.90 -56.91
CA VAL A 152 -2.57 57.75 -55.89
C VAL A 152 -1.45 58.58 -56.52
N LYS A 153 -1.31 58.50 -57.83
CA LYS A 153 -0.32 59.26 -58.57
C LYS A 153 -0.99 60.47 -59.20
N GLY A 154 -0.37 61.64 -59.06
CA GLY A 154 -1.00 62.87 -59.49
C GLY A 154 -1.87 63.52 -58.45
N THR A 155 -1.63 63.23 -57.17
CA THR A 155 -2.47 63.71 -56.07
C THR A 155 -2.20 65.19 -55.86
N SER A 156 -3.22 66.02 -56.09
CA SER A 156 -3.13 67.45 -55.90
C SER A 156 -3.67 67.90 -54.54
N ASP A 157 -4.16 66.98 -53.72
CA ASP A 157 -4.74 67.33 -52.44
C ASP A 157 -4.60 66.18 -51.45
N PRO A 158 -4.04 66.43 -50.26
CA PRO A 158 -3.87 65.33 -49.29
C PRO A 158 -5.16 64.68 -48.86
N ALA A 159 -6.25 65.44 -48.74
CA ALA A 159 -7.50 64.89 -48.23
C ALA A 159 -8.07 63.81 -49.13
N MET A 160 -8.04 64.04 -50.45
CA MET A 160 -8.60 63.06 -51.37
C MET A 160 -7.83 61.74 -51.32
N LEU A 161 -6.50 61.81 -51.26
CA LEU A 161 -5.71 60.59 -51.14
C LEU A 161 -5.97 59.90 -49.82
N ALA A 162 -6.06 60.66 -48.73
CA ALA A 162 -6.32 60.06 -47.42
C ALA A 162 -7.65 59.31 -47.43
N ASP A 163 -8.70 59.94 -47.96
CA ASP A 163 -10.00 59.30 -48.03
C ASP A 163 -10.01 58.11 -48.97
N THR A 164 -9.31 58.21 -50.11
CA THR A 164 -9.25 57.10 -51.05
C THR A 164 -8.57 55.89 -50.43
N ILE A 165 -7.47 56.11 -49.71
CA ILE A 165 -6.80 55.01 -49.03
C ILE A 165 -7.65 54.47 -47.89
N ALA A 166 -8.36 55.36 -47.17
CA ALA A 166 -9.23 54.91 -46.09
C ALA A 166 -10.36 54.01 -46.58
N TYR A 167 -10.93 54.30 -47.74
CA TYR A 167 -12.01 53.45 -48.25
C TYR A 167 -11.50 52.24 -49.02
N HIS A 168 -10.34 52.35 -49.68
CA HIS A 168 -9.85 51.25 -50.51
C HIS A 168 -9.35 50.07 -49.70
N ALA A 169 -9.13 50.22 -48.40
CA ALA A 169 -8.73 49.13 -47.53
C ALA A 169 -9.93 48.65 -46.75
N THR A 170 -10.23 47.35 -46.85
CA THR A 170 -11.48 46.80 -46.35
C THR A 170 -11.33 46.35 -44.91
N TRP A 171 -12.12 46.95 -44.02
CA TRP A 171 -12.24 46.53 -42.64
C TRP A 171 -13.66 46.85 -42.18
N THR A 172 -13.88 46.85 -40.86
CA THR A 172 -15.20 47.09 -40.32
C THR A 172 -15.74 48.45 -40.74
N VAL A 173 -17.05 48.49 -41.03
CA VAL A 173 -17.67 49.73 -41.50
C VAL A 173 -17.63 50.81 -40.43
N ALA A 174 -17.59 50.42 -39.15
CA ALA A 174 -17.55 51.41 -38.07
C ALA A 174 -16.29 52.25 -38.13
N GLU A 175 -15.14 51.62 -38.37
CA GLU A 175 -13.89 52.37 -38.46
C GLU A 175 -13.86 53.26 -39.71
N LYS A 176 -14.32 52.74 -40.85
CA LYS A 176 -14.41 53.54 -42.05
C LYS A 176 -15.30 54.77 -41.84
N GLN A 177 -16.38 54.60 -41.08
CA GLN A 177 -17.30 55.72 -40.84
C GLN A 177 -16.72 56.70 -39.85
N GLU A 178 -16.04 56.22 -38.80
CA GLU A 178 -15.37 57.12 -37.87
C GLU A 178 -14.27 57.91 -38.57
N ILE A 179 -13.70 57.36 -39.64
CA ILE A 179 -12.79 58.12 -40.47
C ILE A 179 -13.49 59.35 -41.04
N LEU A 180 -14.75 59.19 -41.46
CA LEU A 180 -15.51 60.31 -41.99
C LEU A 180 -15.94 61.28 -40.89
N GLU A 181 -16.39 60.76 -39.74
CA GLU A 181 -16.98 61.61 -38.71
C GLU A 181 -16.00 62.62 -38.14
N LEU A 182 -14.70 62.32 -38.16
CA LEU A 182 -13.71 63.23 -37.60
C LEU A 182 -13.43 64.35 -38.59
N THR A 183 -13.66 65.59 -38.15
CA THR A 183 -13.42 66.76 -38.98
C THR A 183 -11.97 67.21 -38.99
N ASP A 184 -11.10 66.57 -38.20
CA ASP A 184 -9.69 66.90 -38.18
C ASP A 184 -9.01 66.24 -39.38
N LEU A 185 -8.42 67.06 -40.25
CA LEU A 185 -7.75 66.53 -41.43
C LEU A 185 -6.58 65.65 -41.07
N GLU A 186 -5.75 66.09 -40.12
CA GLU A 186 -4.51 65.41 -39.80
C GLU A 186 -4.72 64.15 -38.97
N ALA A 187 -5.69 64.16 -38.05
CA ALA A 187 -6.00 62.95 -37.29
C ALA A 187 -6.56 61.84 -38.17
N ARG A 188 -7.19 62.17 -39.29
CA ARG A 188 -7.69 61.15 -40.20
C ARG A 188 -6.56 60.32 -40.78
N LEU A 189 -5.45 60.97 -41.15
CA LEU A 189 -4.30 60.23 -41.67
C LEU A 189 -3.70 59.31 -40.60
N LYS A 190 -3.63 59.77 -39.36
CA LYS A 190 -3.15 58.93 -38.27
C LYS A 190 -4.06 57.72 -38.06
N LYS A 191 -5.38 57.95 -38.11
CA LYS A 191 -6.33 56.85 -38.00
C LYS A 191 -6.14 55.85 -39.13
N VAL A 192 -5.95 56.34 -40.36
CA VAL A 192 -5.76 55.47 -41.52
C VAL A 192 -4.50 54.64 -41.35
N LEU A 193 -3.40 55.29 -40.92
CA LEU A 193 -2.15 54.57 -40.70
C LEU A 193 -2.31 53.50 -39.61
N GLY A 194 -2.99 53.84 -38.51
CA GLY A 194 -3.19 52.87 -37.45
C GLY A 194 -4.01 51.68 -37.90
N LEU A 195 -5.09 51.92 -38.65
CA LEU A 195 -5.90 50.82 -39.14
C LEU A 195 -5.18 49.99 -40.18
N LEU A 196 -4.35 50.62 -41.03
CA LEU A 196 -3.56 49.86 -41.99
C LEU A 196 -2.55 48.97 -41.28
N SER A 197 -1.88 49.49 -40.25
CA SER A 197 -0.96 48.65 -39.48
C SER A 197 -1.70 47.53 -38.76
N ARG A 198 -2.91 47.81 -38.26
CA ARG A 198 -3.72 46.78 -37.63
C ARG A 198 -4.07 45.66 -38.61
N ASP A 199 -4.47 46.02 -39.83
CA ASP A 199 -4.74 44.99 -40.83
C ASP A 199 -3.46 44.26 -41.25
N LEU A 200 -2.33 44.97 -41.25
CA LEU A 200 -1.06 44.31 -41.56
C LEU A 200 -0.74 43.23 -40.53
N GLU A 201 -0.82 43.57 -39.24
CA GLU A 201 -0.53 42.56 -38.22
C GLU A 201 -1.59 41.46 -38.21
N ARG A 202 -2.84 41.80 -38.58
CA ARG A 202 -3.85 40.76 -38.75
C ARG A 202 -3.45 39.78 -39.85
N PHE A 203 -3.00 40.27 -40.99
CA PHE A 203 -2.54 39.38 -42.06
C PHE A 203 -1.33 38.56 -41.62
N GLU A 204 -0.42 39.20 -40.88
CA GLU A 204 0.75 38.49 -40.36
C GLU A 204 0.34 37.29 -39.50
N LEU A 205 -0.55 37.51 -38.55
CA LEU A 205 -0.94 36.39 -37.70
C LEU A 205 -1.87 35.42 -38.42
N ASP A 206 -2.57 35.86 -39.47
CA ASP A 206 -3.30 34.92 -40.31
C ASP A 206 -2.34 33.93 -40.94
N LYS A 207 -1.26 34.43 -41.54
CA LYS A 207 -0.23 33.54 -42.05
C LYS A 207 0.34 32.67 -40.94
N ARG A 208 0.65 33.29 -39.80
CA ARG A 208 1.26 32.58 -38.67
C ARG A 208 0.43 31.38 -38.25
N VAL A 209 -0.86 31.61 -37.99
CA VAL A 209 -1.74 30.51 -37.61
C VAL A 209 -1.98 29.57 -38.78
N ALA A 210 -1.78 30.01 -40.03
CA ALA A 210 -1.83 29.06 -41.13
C ALA A 210 -0.74 28.00 -41.00
N GLN A 211 0.52 28.42 -40.84
CA GLN A 211 1.54 27.39 -40.72
C GLN A 211 1.41 26.66 -39.39
N ARG A 212 0.90 27.36 -38.36
CA ARG A 212 0.72 26.71 -37.07
C ARG A 212 -0.32 25.59 -37.15
N VAL A 213 -1.45 25.83 -37.81
CA VAL A 213 -2.46 24.78 -37.94
C VAL A 213 -1.96 23.67 -38.86
N LYS A 214 -1.17 24.01 -39.89
CA LYS A 214 -0.58 22.94 -40.70
C LYS A 214 0.35 22.06 -39.86
N GLU A 215 1.15 22.68 -39.00
CA GLU A 215 2.01 21.93 -38.08
C GLU A 215 1.18 21.11 -37.10
N GLN A 216 0.02 21.63 -36.70
CA GLN A 216 -0.87 20.86 -35.83
C GLN A 216 -1.40 19.62 -36.54
N MET A 217 -1.78 19.75 -37.81
CA MET A 217 -2.16 18.57 -38.59
C MET A 217 -1.03 17.57 -38.65
N ASP A 218 0.20 18.06 -38.90
CA ASP A 218 1.34 17.16 -38.99
C ASP A 218 1.59 16.46 -37.65
N THR A 219 1.47 17.20 -36.55
CA THR A 219 1.68 16.63 -35.22
C THR A 219 0.63 15.58 -34.91
N ASN A 220 -0.64 15.85 -35.24
CA ASN A 220 -1.68 14.86 -35.03
C ASN A 220 -1.43 13.62 -35.87
N GLN A 221 -1.00 13.81 -37.12
CA GLN A 221 -0.72 12.68 -37.99
C GLN A 221 0.40 11.81 -37.43
N ARG A 222 1.49 12.44 -36.97
CA ARG A 222 2.59 11.65 -36.43
C ARG A 222 2.21 10.98 -35.10
N GLU A 223 1.42 11.66 -34.27
CA GLU A 223 0.93 11.04 -33.03
C GLU A 223 0.12 9.79 -33.34
N TYR A 224 -0.82 9.90 -34.29
CA TYR A 224 -1.63 8.75 -34.67
C TYR A 224 -0.78 7.65 -35.27
N TYR A 225 0.19 8.01 -36.12
CA TYR A 225 1.05 7.01 -36.73
C TYR A 225 1.83 6.23 -35.68
N LEU A 226 2.39 6.94 -34.70
CA LEU A 226 3.18 6.25 -33.68
C LEU A 226 2.31 5.41 -32.74
N ARG A 227 1.15 5.94 -32.34
CA ARG A 227 0.30 5.16 -31.45
C ARG A 227 -0.26 3.93 -32.15
N GLU A 228 -0.59 4.05 -33.45
CA GLU A 228 -1.00 2.86 -34.18
C GLU A 228 0.15 1.93 -34.47
N GLN A 229 1.39 2.43 -34.57
CA GLN A 229 2.55 1.56 -34.57
C GLN A 229 2.57 0.68 -33.34
N MET A 230 2.41 1.30 -32.16
CA MET A 230 2.36 0.52 -30.92
C MET A 230 1.18 -0.44 -30.89
N LYS A 231 0.01 0.00 -31.34
CA LYS A 231 -1.15 -0.89 -31.35
C LYS A 231 -0.92 -2.10 -32.25
N ALA A 232 -0.34 -1.89 -33.42
CA ALA A 232 -0.09 -2.99 -34.35
C ALA A 232 0.99 -3.93 -33.83
N ILE A 233 2.07 -3.39 -33.27
CA ILE A 233 3.19 -4.23 -32.77
C ILE A 233 2.74 -4.96 -31.50
N GLN A 234 1.74 -4.41 -30.79
CA GLN A 234 1.28 -5.01 -29.51
C GLN A 234 0.72 -6.41 -29.79
N LYS A 235 0.03 -6.59 -30.92
CA LYS A 235 -0.57 -7.91 -31.25
C LYS A 235 0.54 -8.96 -31.34
N GLU A 236 0.31 -10.16 -30.81
CA GLU A 236 1.30 -11.27 -30.90
C GLU A 236 2.67 -10.83 -30.37
N LEU A 237 2.70 -10.18 -29.20
CA LEU A 237 3.99 -9.74 -28.60
C LEU A 237 4.17 -10.36 -27.21
N GLY A 238 5.42 -10.61 -26.81
CA GLY A 238 5.71 -11.21 -25.49
C GLY A 238 5.24 -10.34 -24.35
N GLY A 239 5.37 -9.02 -24.49
CA GLY A 239 4.95 -8.08 -23.43
C GLY A 239 3.47 -8.19 -23.13
N GLU A 240 2.64 -8.36 -24.17
CA GLU A 240 1.18 -8.55 -23.96
C GLU A 240 0.94 -9.83 -23.15
N ASP A 241 1.67 -10.91 -23.48
CA ASP A 241 1.57 -12.18 -22.72
C ASP A 241 2.07 -11.95 -21.29
N GLY A 242 3.11 -11.10 -21.13
CA GLY A 242 3.72 -10.86 -19.81
C GLY A 242 2.76 -10.23 -18.82
N LEU A 243 1.70 -9.56 -19.30
CA LEU A 243 0.75 -8.84 -18.39
C LEU A 243 0.03 -9.81 -17.45
N SER A 244 0.07 -11.11 -17.72
CA SER A 244 -0.72 -12.09 -16.93
C SER A 244 -0.44 -11.97 -15.43
N ASP A 245 -1.49 -11.94 -14.60
CA ASP A 245 -1.32 -11.92 -13.12
C ASP A 245 -2.24 -13.01 -12.53
N LEU A 246 -3.55 -12.82 -12.59
CA LEU A 246 -4.47 -13.90 -12.17
C LEU A 246 -4.42 -14.93 -13.29
N GLU A 247 -4.18 -14.47 -14.52
CA GLU A 247 -3.99 -15.36 -15.65
C GLU A 247 -2.80 -16.29 -15.42
N ALA A 248 -1.74 -15.77 -14.80
CA ALA A 248 -0.60 -16.63 -14.46
C ALA A 248 -1.03 -17.72 -13.50
N LEU A 249 -1.80 -17.36 -12.47
CA LEU A 249 -2.31 -18.37 -11.54
C LEU A 249 -3.21 -19.37 -12.25
N ARG A 250 -4.09 -18.89 -13.14
CA ARG A 250 -4.97 -19.80 -13.87
C ARG A 250 -4.17 -20.77 -14.73
N LYS A 251 -3.20 -20.28 -15.49
CA LYS A 251 -2.36 -21.16 -16.29
C LYS A 251 -1.62 -22.15 -15.41
N LYS A 252 -1.16 -21.70 -14.24
CA LYS A 252 -0.57 -22.59 -13.26
C LYS A 252 -1.54 -23.68 -12.81
N ILE A 253 -2.84 -23.38 -12.77
CA ILE A 253 -3.82 -24.35 -12.27
C ILE A 253 -3.87 -25.59 -13.16
N GLU A 254 -3.98 -25.40 -14.47
CA GLU A 254 -4.11 -26.56 -15.35
C GLU A 254 -2.80 -27.24 -15.69
N GLU A 255 -1.69 -26.49 -15.79
CA GLU A 255 -0.44 -27.09 -16.22
C GLU A 255 0.12 -28.07 -15.20
N VAL A 256 -0.30 -27.97 -13.94
CA VAL A 256 0.15 -28.89 -12.89
C VAL A 256 -0.93 -29.93 -12.67
N GLY A 257 -0.54 -31.20 -12.71
CA GLY A 257 -1.50 -32.27 -12.48
C GLY A 257 -1.88 -32.40 -11.02
N MET A 258 -3.07 -31.96 -10.67
CA MET A 258 -3.59 -32.02 -9.32
C MET A 258 -5.07 -32.40 -9.39
N PRO A 259 -5.64 -32.88 -8.28
CA PRO A 259 -7.02 -33.38 -8.32
C PRO A 259 -8.00 -32.34 -8.81
N GLU A 260 -9.06 -32.83 -9.47
CA GLU A 260 -10.05 -31.96 -10.08
C GLU A 260 -10.78 -31.13 -9.04
N ALA A 261 -11.11 -31.71 -7.90
CA ALA A 261 -11.73 -30.94 -6.82
C ALA A 261 -10.79 -29.85 -6.31
N VAL A 262 -9.48 -30.10 -6.34
CA VAL A 262 -8.52 -29.07 -5.99
C VAL A 262 -8.60 -27.91 -6.97
N LYS A 263 -8.71 -28.21 -8.26
CA LYS A 263 -8.92 -27.15 -9.25
C LYS A 263 -10.23 -26.41 -9.00
N THR A 264 -11.29 -27.13 -8.63
CA THR A 264 -12.58 -26.50 -8.37
C THR A 264 -12.47 -25.49 -7.23
N LYS A 265 -11.89 -25.91 -6.10
CA LYS A 265 -11.74 -25.00 -4.98
C LYS A 265 -10.75 -23.88 -5.28
N ALA A 266 -9.72 -24.14 -6.07
CA ALA A 266 -8.80 -23.09 -6.47
C ALA A 266 -9.52 -22.02 -7.29
N LEU A 267 -10.35 -22.44 -8.24
CA LEU A 267 -11.12 -21.46 -9.01
C LEU A 267 -12.13 -20.72 -8.14
N LYS A 268 -12.81 -21.44 -7.24
CA LYS A 268 -13.81 -20.82 -6.37
C LYS A 268 -13.20 -19.88 -5.34
N GLU A 269 -11.90 -20.00 -5.07
CA GLU A 269 -11.21 -19.00 -4.27
C GLU A 269 -10.57 -17.92 -5.13
N LEU A 270 -10.25 -18.22 -6.39
CA LEU A 270 -9.67 -17.23 -7.28
C LEU A 270 -10.70 -16.19 -7.70
N ASP A 271 -11.95 -16.60 -7.91
CA ASP A 271 -12.98 -15.61 -8.19
C ASP A 271 -13.27 -14.75 -6.96
N ARG A 272 -12.89 -15.22 -5.77
CA ARG A 272 -13.06 -14.49 -4.53
C ARG A 272 -11.94 -13.49 -4.28
N LEU A 273 -11.14 -13.17 -5.29
CA LEU A 273 -10.00 -12.28 -5.13
C LEU A 273 -10.38 -10.83 -5.45
N GLU A 274 -9.39 -9.95 -5.28
CA GLU A 274 -9.52 -8.52 -5.58
C GLU A 274 -10.62 -7.87 -4.76
N ARG A 275 -10.91 -8.43 -3.58
CA ARG A 275 -11.81 -7.78 -2.62
C ARG A 275 -10.94 -7.08 -1.59
N MET A 276 -10.58 -5.84 -1.89
CA MET A 276 -9.69 -5.03 -1.06
C MET A 276 -8.36 -5.75 -0.82
N GLN A 277 -7.66 -6.00 -1.92
CA GLN A 277 -6.36 -6.67 -1.87
C GLN A 277 -5.30 -5.65 -1.46
N GLN A 278 -5.41 -5.20 -0.22
CA GLN A 278 -4.44 -4.26 0.35
C GLN A 278 -3.95 -4.74 1.71
N GLY A 279 -4.21 -5.99 2.07
CA GLY A 279 -3.95 -6.50 3.41
C GLY A 279 -5.17 -7.09 4.09
N SER A 280 -6.35 -6.95 3.51
CA SER A 280 -7.56 -7.50 4.10
C SER A 280 -7.52 -9.02 4.03
N PRO A 281 -7.83 -9.72 5.13
CA PRO A 281 -7.79 -11.19 5.10
C PRO A 281 -8.90 -11.79 4.25
N GLU A 282 -9.84 -10.95 3.80
CA GLU A 282 -10.90 -11.44 2.92
C GLU A 282 -10.35 -11.81 1.55
N ALA A 283 -9.14 -11.36 1.22
CA ALA A 283 -8.50 -11.72 -0.03
C ALA A 283 -7.06 -12.21 0.13
N THR A 284 -6.34 -11.76 1.15
CA THR A 284 -4.92 -12.06 1.26
C THR A 284 -4.68 -13.53 1.60
N VAL A 285 -5.40 -14.06 2.58
CA VAL A 285 -5.22 -15.48 2.93
C VAL A 285 -5.67 -16.36 1.79
N ALA A 286 -6.71 -15.95 1.05
CA ALA A 286 -7.10 -16.68 -0.14
C ALA A 286 -5.98 -16.69 -1.17
N ARG A 287 -5.32 -15.55 -1.37
CA ARG A 287 -4.18 -15.50 -2.29
C ARG A 287 -3.05 -16.41 -1.83
N THR A 288 -2.78 -16.43 -0.53
CA THR A 288 -1.72 -17.30 -0.01
C THR A 288 -2.08 -18.77 -0.25
N TYR A 289 -3.34 -19.14 0.00
CA TYR A 289 -3.74 -20.53 -0.24
C TYR A 289 -3.65 -20.89 -1.71
N LEU A 290 -4.07 -19.98 -2.60
CA LEU A 290 -3.94 -20.25 -4.03
C LEU A 290 -2.48 -20.43 -4.41
N ASP A 291 -1.60 -19.60 -3.86
CA ASP A 291 -0.17 -19.71 -4.13
C ASP A 291 0.41 -21.01 -3.60
N TRP A 292 -0.03 -21.48 -2.42
CA TRP A 292 0.40 -22.79 -1.96
C TRP A 292 -0.06 -23.88 -2.91
N LEU A 293 -1.32 -23.79 -3.37
CA LEU A 293 -1.82 -24.78 -4.31
C LEU A 293 -0.99 -24.81 -5.59
N THR A 294 -0.59 -23.63 -6.07
CA THR A 294 0.26 -23.56 -7.25
C THR A 294 1.68 -24.07 -6.98
N GLU A 295 2.13 -24.05 -5.73
CA GLU A 295 3.51 -24.40 -5.39
C GLU A 295 3.63 -25.78 -4.75
N VAL A 296 2.64 -26.20 -3.97
CA VAL A 296 2.72 -27.51 -3.32
C VAL A 296 2.84 -28.59 -4.39
N PRO A 297 3.79 -29.52 -4.28
CA PRO A 297 4.00 -30.49 -5.35
C PRO A 297 2.84 -31.45 -5.50
N TRP A 298 2.63 -31.88 -6.75
CA TRP A 298 1.49 -32.72 -7.13
C TRP A 298 1.96 -33.77 -8.12
N SER A 299 2.17 -35.00 -7.65
CA SER A 299 2.46 -36.16 -8.50
C SER A 299 3.72 -35.95 -9.33
N LYS A 300 4.84 -35.86 -8.63
CA LYS A 300 6.15 -35.74 -9.25
C LYS A 300 6.98 -36.99 -8.99
N ALA A 301 7.73 -37.40 -10.01
CA ALA A 301 8.53 -38.62 -9.95
C ALA A 301 10.02 -38.27 -10.02
N ASP A 302 10.85 -39.28 -9.82
CA ASP A 302 12.30 -39.17 -9.86
C ASP A 302 12.89 -40.49 -10.35
N PRO A 303 14.10 -40.45 -10.89
CA PRO A 303 14.80 -41.69 -11.24
C PRO A 303 15.33 -42.39 -9.98
N GLU A 304 15.68 -43.67 -10.16
CA GLU A 304 16.19 -44.48 -9.06
C GLU A 304 16.85 -45.73 -9.64
N VAL A 305 18.00 -46.10 -9.08
CA VAL A 305 18.68 -47.33 -9.46
C VAL A 305 18.38 -48.37 -8.38
N LEU A 306 17.63 -49.40 -8.74
CA LEU A 306 17.23 -50.45 -7.81
C LEU A 306 18.40 -51.42 -7.63
N ASP A 307 19.00 -51.43 -6.45
CA ASP A 307 20.15 -52.27 -6.17
C ASP A 307 20.13 -52.72 -4.71
N ILE A 308 20.58 -53.95 -4.48
CA ILE A 308 20.82 -54.46 -3.14
C ILE A 308 22.30 -54.71 -2.90
N ASN A 309 23.03 -55.12 -3.93
CA ASN A 309 24.46 -55.32 -3.81
C ASN A 309 25.23 -54.03 -4.05
N HIS A 310 24.84 -53.28 -5.08
CA HIS A 310 25.44 -51.96 -5.30
C HIS A 310 25.11 -51.01 -4.16
N THR A 311 23.89 -51.08 -3.63
CA THR A 311 23.57 -50.29 -2.45
C THR A 311 24.41 -50.70 -1.25
N ARG A 312 24.66 -52.01 -1.12
CA ARG A 312 25.57 -52.48 -0.08
C ARG A 312 26.97 -51.90 -0.26
N GLN A 313 27.44 -51.83 -1.52
CA GLN A 313 28.73 -51.18 -1.77
C GLN A 313 28.68 -49.70 -1.43
N VAL A 314 27.56 -49.04 -1.70
CA VAL A 314 27.41 -47.63 -1.34
C VAL A 314 27.56 -47.45 0.16
N LEU A 315 26.90 -48.29 0.95
CA LEU A 315 27.06 -48.24 2.40
C LEU A 315 28.42 -48.75 2.85
N ASP A 316 29.15 -49.45 1.97
CA ASP A 316 30.43 -50.03 2.35
C ASP A 316 31.48 -48.95 2.59
N GLU A 317 31.46 -47.88 1.81
CA GLU A 317 32.58 -46.95 1.78
C GLU A 317 32.53 -45.95 2.94
N ASP A 318 31.53 -45.08 2.96
CA ASP A 318 31.57 -43.94 3.88
C ASP A 318 31.44 -44.37 5.34
N HIS A 319 30.69 -45.45 5.59
CA HIS A 319 30.44 -45.84 6.98
C HIS A 319 31.69 -46.42 7.64
N TYR A 320 32.49 -47.17 6.88
CA TYR A 320 33.70 -47.82 7.40
C TYR A 320 33.25 -48.69 8.58
N GLY A 321 33.94 -48.65 9.72
CA GLY A 321 33.47 -49.37 10.89
C GLY A 321 33.42 -50.87 10.67
N LEU A 322 32.27 -51.47 10.99
CA LEU A 322 32.10 -52.91 10.98
C LEU A 322 31.29 -53.40 9.78
N LYS A 323 30.22 -52.68 9.43
CA LYS A 323 29.27 -53.12 8.40
C LYS A 323 28.67 -54.48 8.72
N ASP A 324 28.32 -54.72 9.99
CA ASP A 324 27.61 -55.92 10.40
C ASP A 324 26.19 -55.66 10.85
N VAL A 325 25.88 -54.43 11.28
CA VAL A 325 24.52 -54.04 11.65
C VAL A 325 23.67 -53.72 10.43
N LYS A 326 24.30 -53.38 9.31
CA LYS A 326 23.60 -53.00 8.08
C LYS A 326 23.12 -54.20 7.29
N GLU A 327 23.37 -55.42 7.75
CA GLU A 327 22.78 -56.59 7.10
C GLU A 327 21.28 -56.61 7.26
N ARG A 328 20.77 -56.22 8.44
CA ARG A 328 19.33 -56.07 8.61
C ARG A 328 18.78 -55.04 7.64
N ILE A 329 19.51 -53.95 7.43
CA ILE A 329 19.15 -52.98 6.41
C ILE A 329 19.09 -53.66 5.04
N LEU A 330 20.05 -54.54 4.77
CA LEU A 330 20.09 -55.23 3.49
C LEU A 330 18.84 -56.07 3.27
N GLU A 331 18.48 -56.90 4.26
CA GLU A 331 17.28 -57.71 4.09
C GLU A 331 16.02 -56.84 3.99
N TYR A 332 15.93 -55.79 4.80
CA TYR A 332 14.74 -54.93 4.74
C TYR A 332 14.60 -54.29 3.37
N LEU A 333 15.68 -53.72 2.84
CA LEU A 333 15.60 -53.14 1.50
C LEU A 333 15.29 -54.19 0.45
N ALA A 334 15.96 -55.34 0.48
CA ALA A 334 15.64 -56.39 -0.49
C ALA A 334 14.17 -56.77 -0.43
N VAL A 335 13.57 -56.69 0.76
CA VAL A 335 12.12 -56.86 0.85
C VAL A 335 11.40 -55.73 0.13
N ARG A 336 11.86 -54.50 0.33
CA ARG A 336 11.16 -53.33 -0.18
C ARG A 336 11.74 -52.75 -1.46
N GLN A 337 12.90 -53.23 -1.92
CA GLN A 337 13.58 -52.56 -3.03
C GLN A 337 12.78 -52.66 -4.33
N LEU A 338 12.21 -53.84 -4.61
CA LEU A 338 11.52 -54.04 -5.87
C LEU A 338 10.32 -53.11 -5.98
N THR A 339 10.29 -52.32 -7.05
CA THR A 339 9.28 -51.29 -7.21
C THR A 339 7.94 -51.90 -7.60
N GLN A 340 6.89 -51.54 -6.87
CA GLN A 340 5.52 -51.86 -7.23
C GLN A 340 4.75 -50.63 -7.68
N GLY A 341 5.46 -49.55 -8.03
CA GLY A 341 4.85 -48.27 -8.33
C GLY A 341 5.40 -47.18 -7.44
N LEU A 342 6.62 -47.40 -6.93
CA LEU A 342 7.27 -46.48 -6.00
C LEU A 342 6.45 -46.29 -4.73
N ASP A 343 5.64 -47.28 -4.38
CA ASP A 343 4.86 -47.26 -3.15
C ASP A 343 5.63 -47.91 -2.02
N VAL A 344 5.56 -47.30 -0.84
CA VAL A 344 6.25 -47.81 0.33
C VAL A 344 5.58 -49.09 0.79
N ARG A 345 6.40 -50.10 1.09
CA ARG A 345 5.87 -51.38 1.56
C ARG A 345 5.37 -51.23 2.99
N ASN A 346 4.06 -51.28 3.16
CA ASN A 346 3.44 -51.28 4.49
C ASN A 346 3.03 -52.69 4.85
N LYS A 347 2.53 -52.85 6.08
CA LYS A 347 2.58 -54.14 6.77
C LYS A 347 4.03 -54.62 6.83
N ALA A 348 4.92 -53.65 7.00
CA ALA A 348 6.37 -53.84 6.95
C ALA A 348 7.04 -52.72 7.73
N PRO A 349 8.28 -52.90 8.18
CA PRO A 349 8.93 -51.86 8.98
C PRO A 349 9.23 -50.61 8.17
N ILE A 350 9.51 -49.52 8.89
CA ILE A 350 10.07 -48.32 8.28
C ILE A 350 11.25 -47.83 9.10
N LEU A 351 11.79 -48.71 9.95
CA LEU A 351 13.14 -48.57 10.49
C LEU A 351 13.40 -47.31 11.33
N VAL A 352 12.80 -47.23 12.52
CA VAL A 352 13.23 -46.26 13.51
C VAL A 352 14.70 -46.50 13.83
N LEU A 353 15.47 -45.42 13.97
CA LEU A 353 16.90 -45.50 14.28
C LEU A 353 17.12 -45.16 15.75
N VAL A 354 17.89 -45.99 16.44
CA VAL A 354 18.29 -45.74 17.82
C VAL A 354 19.77 -46.06 17.98
N GLY A 355 20.39 -45.43 18.97
CA GLY A 355 21.81 -45.61 19.21
C GLY A 355 22.49 -44.33 19.64
N PRO A 356 23.76 -44.18 19.25
CA PRO A 356 24.50 -42.95 19.58
C PRO A 356 23.83 -41.74 18.96
N PRO A 357 23.97 -40.55 19.59
CA PRO A 357 23.19 -39.40 19.15
C PRO A 357 23.62 -38.85 17.80
N GLY A 358 22.83 -39.13 16.76
CA GLY A 358 23.06 -38.60 15.43
C GLY A 358 24.35 -39.07 14.78
N VAL A 359 25.18 -39.80 15.53
CA VAL A 359 26.51 -40.16 15.06
C VAL A 359 26.42 -41.06 13.83
N GLY A 360 25.53 -42.05 13.88
CA GLY A 360 25.39 -42.95 12.75
C GLY A 360 24.07 -42.80 12.02
N LYS A 361 23.04 -42.36 12.75
CA LYS A 361 21.69 -42.34 12.20
C LYS A 361 21.60 -41.47 10.96
N THR A 362 22.10 -40.23 11.04
CA THR A 362 22.09 -39.37 9.86
C THR A 362 22.97 -39.94 8.77
N SER A 363 24.08 -40.60 9.15
CA SER A 363 24.97 -41.18 8.16
C SER A 363 24.27 -42.26 7.34
N LEU A 364 23.52 -43.14 8.02
CA LEU A 364 22.79 -44.18 7.30
C LEU A 364 21.76 -43.59 6.35
N GLY A 365 21.03 -42.56 6.80
CA GLY A 365 20.03 -41.95 5.94
C GLY A 365 20.65 -41.30 4.71
N ARG A 366 21.72 -40.56 4.90
CA ARG A 366 22.42 -39.96 3.76
C ARG A 366 22.95 -41.02 2.82
N SER A 367 23.49 -42.11 3.37
CA SER A 367 24.05 -43.16 2.53
C SER A 367 22.96 -43.86 1.71
N ILE A 368 21.82 -44.16 2.33
CA ILE A 368 20.77 -44.87 1.61
C ILE A 368 20.14 -43.95 0.56
N ALA A 369 20.01 -42.66 0.88
CA ALA A 369 19.54 -41.72 -0.13
C ALA A 369 20.53 -41.57 -1.28
N ARG A 370 21.83 -41.64 -1.00
CA ARG A 370 22.83 -41.60 -2.04
C ARG A 370 22.74 -42.83 -2.94
N SER A 371 22.52 -44.01 -2.34
CA SER A 371 22.35 -45.21 -3.13
C SER A 371 21.06 -45.18 -3.95
N MET A 372 19.99 -44.62 -3.38
CA MET A 372 18.69 -44.59 -4.06
C MET A 372 18.53 -43.36 -4.95
N ASN A 373 19.48 -42.41 -4.89
CA ASN A 373 19.41 -41.19 -5.70
C ASN A 373 18.13 -40.41 -5.42
N ARG A 374 17.76 -40.31 -4.15
CA ARG A 374 16.60 -39.56 -3.72
C ARG A 374 17.02 -38.39 -2.83
N LYS A 375 16.26 -37.31 -2.91
CA LYS A 375 16.61 -36.03 -2.29
C LYS A 375 16.52 -36.17 -0.77
N PHE A 376 17.67 -36.14 -0.11
CA PHE A 376 17.75 -36.29 1.33
C PHE A 376 17.29 -35.01 2.03
N HIS A 377 16.36 -35.15 2.96
CA HIS A 377 15.93 -34.03 3.80
C HIS A 377 15.69 -34.54 5.21
N ARG A 378 15.38 -33.59 6.11
CA ARG A 378 15.20 -33.89 7.51
C ARG A 378 14.46 -32.74 8.18
N ILE A 379 14.03 -32.98 9.42
CA ILE A 379 13.49 -31.94 10.29
C ILE A 379 13.58 -32.42 11.72
N SER A 380 14.09 -31.56 12.60
CA SER A 380 14.19 -31.89 14.02
C SER A 380 12.86 -31.62 14.71
N LEU A 381 12.28 -32.64 15.33
CA LEU A 381 10.96 -32.55 15.92
C LEU A 381 11.00 -32.32 17.43
N GLY A 382 12.18 -32.03 17.99
CA GLY A 382 12.28 -31.81 19.42
C GLY A 382 11.44 -30.64 19.89
N GLY A 383 11.48 -29.54 19.16
CA GLY A 383 10.67 -28.38 19.46
C GLY A 383 9.28 -28.40 18.89
N VAL A 384 8.91 -29.47 18.19
CA VAL A 384 7.60 -29.56 17.55
C VAL A 384 6.61 -30.20 18.52
N ARG A 385 5.60 -29.42 18.92
CA ARG A 385 4.52 -29.94 19.74
C ARG A 385 3.14 -29.60 19.20
N ASP A 386 3.05 -28.96 18.03
CA ASP A 386 1.77 -28.62 17.43
C ASP A 386 1.50 -29.55 16.26
N GLU A 387 0.29 -30.12 16.22
CA GLU A 387 -0.13 -30.79 15.00
C GLU A 387 -0.29 -29.80 13.86
N ALA A 388 -0.45 -28.51 14.18
CA ALA A 388 -0.36 -27.44 13.19
C ALA A 388 1.08 -27.15 12.79
N GLU A 389 2.06 -27.68 13.52
CA GLU A 389 3.45 -27.70 13.08
C GLU A 389 3.83 -29.06 12.48
N ILE A 390 2.88 -29.99 12.43
CA ILE A 390 3.04 -31.24 11.68
C ILE A 390 2.18 -31.14 10.44
N ARG A 391 0.88 -30.94 10.66
CA ARG A 391 -0.04 -30.59 9.58
C ARG A 391 -0.03 -29.07 9.42
N GLY A 392 -0.94 -28.53 8.61
CA GLY A 392 -0.98 -27.10 8.41
C GLY A 392 -1.49 -26.36 9.63
N HIS A 393 -1.29 -25.05 9.63
CA HIS A 393 -1.84 -24.21 10.69
C HIS A 393 -3.32 -23.94 10.44
N ARG A 394 -4.13 -24.12 11.47
CA ARG A 394 -5.57 -23.97 11.32
C ARG A 394 -5.89 -22.49 11.10
N ARG A 395 -6.46 -22.17 9.94
CA ARG A 395 -6.63 -20.78 9.55
C ARG A 395 -7.67 -20.11 10.44
N THR A 396 -7.22 -19.17 11.27
CA THR A 396 -8.10 -18.32 12.06
C THR A 396 -7.82 -16.84 11.86
N TYR A 397 -6.80 -16.47 11.07
CA TYR A 397 -6.48 -15.09 10.77
C TYR A 397 -5.68 -15.07 9.48
N ILE A 398 -5.05 -13.93 9.22
CA ILE A 398 -4.15 -13.79 8.07
C ILE A 398 -2.74 -14.11 8.53
N GLY A 399 -2.10 -15.07 7.86
CA GLY A 399 -0.76 -15.48 8.23
C GLY A 399 -0.69 -16.93 8.68
N ALA A 400 -1.61 -17.75 8.17
CA ALA A 400 -1.66 -19.17 8.50
C ALA A 400 -0.75 -19.95 7.56
N MET A 401 0.06 -20.81 8.15
CA MET A 401 1.14 -21.50 7.46
C MET A 401 0.74 -22.93 7.15
N PRO A 402 1.31 -23.52 6.09
CA PRO A 402 1.06 -24.94 5.82
C PRO A 402 1.80 -25.84 6.79
N GLY A 403 1.76 -27.15 6.55
CA GLY A 403 2.47 -28.06 7.41
C GLY A 403 3.97 -27.98 7.24
N LYS A 404 4.69 -28.19 8.34
CA LYS A 404 6.15 -28.31 8.24
C LYS A 404 6.55 -29.56 7.48
N LEU A 405 5.74 -30.62 7.54
CA LEU A 405 5.93 -31.75 6.65
C LEU A 405 5.60 -31.37 5.21
N ILE A 406 4.62 -30.48 5.03
CA ILE A 406 4.39 -29.91 3.71
C ILE A 406 5.58 -29.06 3.28
N HIS A 407 6.17 -28.31 4.22
CA HIS A 407 7.37 -27.54 3.93
C HIS A 407 8.51 -28.45 3.48
N ALA A 408 8.69 -29.59 4.16
CA ALA A 408 9.66 -30.57 3.72
C ALA A 408 9.33 -31.10 2.34
N MET A 409 8.04 -31.38 2.08
CA MET A 409 7.61 -31.70 0.73
C MET A 409 7.76 -30.51 -0.20
N LYS A 410 7.88 -29.30 0.34
CA LYS A 410 8.10 -28.10 -0.46
C LYS A 410 9.58 -27.73 -0.58
N GLN A 411 10.44 -28.26 0.30
CA GLN A 411 11.87 -28.05 0.15
C GLN A 411 12.39 -28.58 -1.17
N VAL A 412 11.73 -29.61 -1.71
CA VAL A 412 12.06 -30.18 -3.01
C VAL A 412 10.78 -30.26 -3.83
N GLY A 413 10.94 -30.32 -5.15
CA GLY A 413 9.78 -30.26 -6.03
C GLY A 413 9.24 -31.62 -6.43
N VAL A 414 9.49 -32.64 -5.62
CA VAL A 414 9.07 -33.99 -5.92
C VAL A 414 8.35 -34.59 -4.72
N ILE A 415 7.48 -35.55 -4.97
CA ILE A 415 6.72 -36.20 -3.92
C ILE A 415 7.14 -37.66 -3.74
N ASN A 416 8.37 -38.01 -4.12
CA ASN A 416 8.94 -39.32 -3.79
C ASN A 416 10.44 -39.24 -3.56
N PRO A 417 10.90 -38.32 -2.67
CA PRO A 417 12.29 -38.43 -2.19
C PRO A 417 12.37 -39.25 -0.91
N VAL A 418 13.57 -39.38 -0.35
CA VAL A 418 13.74 -40.04 0.94
C VAL A 418 13.92 -38.97 2.01
N ILE A 419 13.09 -39.03 3.04
CA ILE A 419 13.09 -38.04 4.11
C ILE A 419 13.58 -38.72 5.38
N LEU A 420 14.62 -38.16 5.99
CA LEU A 420 15.14 -38.64 7.27
C LEU A 420 14.51 -37.82 8.38
N LEU A 421 13.34 -38.26 8.85
CA LEU A 421 12.70 -37.60 9.97
C LEU A 421 13.54 -37.76 11.22
N ASP A 422 13.68 -36.67 11.96
CA ASP A 422 14.62 -36.59 13.08
C ASP A 422 13.88 -36.42 14.39
N GLU A 423 14.37 -37.11 15.43
CA GLU A 423 13.86 -37.02 16.79
C GLU A 423 12.35 -37.28 16.83
N ILE A 424 11.99 -38.48 16.38
CA ILE A 424 10.58 -38.89 16.37
C ILE A 424 10.08 -39.25 17.75
N ASP A 425 10.97 -39.35 18.74
CA ASP A 425 10.63 -39.76 20.10
C ASP A 425 10.31 -38.57 21.00
N LYS A 426 9.92 -37.43 20.42
CA LYS A 426 9.58 -36.25 21.19
C LYS A 426 8.16 -35.83 20.86
N MET A 427 7.31 -35.81 21.87
CA MET A 427 5.89 -35.50 21.70
C MET A 427 5.34 -34.99 23.02
N SER A 428 4.44 -34.03 22.92
CA SER A 428 3.78 -33.47 24.09
C SER A 428 2.44 -32.91 23.68
N SER A 429 1.49 -32.94 24.61
CA SER A 429 0.12 -32.48 24.36
C SER A 429 -0.03 -31.01 24.71
N ASP A 430 0.86 -30.18 24.18
CA ASP A 430 0.78 -28.73 24.36
C ASP A 430 -0.17 -28.07 23.36
N TRP A 431 -0.58 -28.79 22.32
CA TRP A 431 -1.55 -28.37 21.34
C TRP A 431 -2.81 -29.20 21.49
N ARG A 432 -3.83 -28.88 20.70
CA ARG A 432 -5.07 -29.65 20.73
C ARG A 432 -4.77 -31.07 20.25
N GLY A 433 -5.11 -32.06 21.08
CA GLY A 433 -4.71 -33.42 20.79
C GLY A 433 -3.21 -33.60 20.99
N ASP A 434 -2.61 -34.44 20.16
CA ASP A 434 -1.17 -34.63 20.18
C ASP A 434 -0.62 -34.65 18.76
N PRO A 435 0.63 -34.23 18.55
CA PRO A 435 1.26 -34.42 17.25
C PRO A 435 1.55 -35.86 16.90
N ALA A 436 1.46 -36.78 17.87
CA ALA A 436 1.71 -38.19 17.59
C ALA A 436 0.65 -38.78 16.68
N SER A 437 -0.62 -38.37 16.84
CA SER A 437 -1.69 -38.89 15.99
C SER A 437 -1.51 -38.48 14.54
N ALA A 438 -1.09 -37.24 14.29
CA ALA A 438 -0.74 -36.86 12.93
C ALA A 438 0.41 -37.71 12.40
N MET A 439 1.32 -38.14 13.27
CA MET A 439 2.39 -39.02 12.82
C MET A 439 1.90 -40.43 12.55
N LEU A 440 0.90 -40.91 13.28
CA LEU A 440 0.25 -42.17 12.91
C LEU A 440 -0.42 -42.04 11.55
N GLU A 441 -1.05 -40.89 11.29
CA GLU A 441 -1.54 -40.62 9.94
C GLU A 441 -0.40 -40.66 8.92
N VAL A 442 0.78 -40.19 9.31
CA VAL A 442 1.94 -40.24 8.43
C VAL A 442 2.31 -41.69 8.13
N LEU A 443 2.25 -42.57 9.15
CA LEU A 443 2.71 -43.94 8.97
C LEU A 443 1.78 -44.74 8.06
N ASP A 444 0.51 -44.86 8.42
CA ASP A 444 -0.40 -45.78 7.76
C ASP A 444 -0.64 -45.36 6.31
N PRO A 445 -0.57 -46.31 5.37
CA PRO A 445 -0.80 -45.98 3.95
C PRO A 445 -2.20 -45.49 3.64
N GLU A 446 -3.20 -45.85 4.46
CA GLU A 446 -4.55 -45.35 4.26
C GLU A 446 -4.77 -43.99 4.91
N GLN A 447 -4.01 -43.67 5.95
CA GLN A 447 -4.15 -42.40 6.65
C GLN A 447 -3.29 -41.30 6.05
N ASN A 448 -2.48 -41.60 5.05
CA ASN A 448 -1.63 -40.59 4.42
C ASN A 448 -1.91 -40.38 2.93
N ASN A 449 -2.53 -41.35 2.25
CA ASN A 449 -2.89 -41.16 0.85
C ASN A 449 -3.92 -40.06 0.66
N THR A 450 -4.77 -39.82 1.67
CA THR A 450 -5.69 -38.69 1.69
C THR A 450 -5.36 -37.82 2.90
N PHE A 451 -4.08 -37.59 3.11
CA PHE A 451 -3.63 -36.79 4.25
C PHE A 451 -4.05 -35.34 4.08
N THR A 452 -4.46 -34.73 5.19
CA THR A 452 -4.96 -33.37 5.20
C THR A 452 -4.16 -32.53 6.20
N ASP A 453 -4.01 -31.26 5.87
CA ASP A 453 -3.43 -30.28 6.77
C ASP A 453 -4.55 -29.69 7.63
N HIS A 454 -4.29 -28.58 8.31
CA HIS A 454 -5.36 -27.77 8.87
C HIS A 454 -5.66 -26.54 8.05
N TYR A 455 -5.01 -26.40 6.89
CA TYR A 455 -5.18 -25.24 6.02
C TYR A 455 -6.18 -25.54 4.92
N LEU A 456 -7.47 -25.52 5.26
CA LEU A 456 -8.55 -25.77 4.31
C LEU A 456 -8.37 -27.15 3.68
N ASP A 457 -8.69 -28.20 4.45
CA ASP A 457 -8.38 -29.60 4.15
C ASP A 457 -8.42 -29.90 2.67
N VAL A 458 -7.34 -30.49 2.16
CA VAL A 458 -7.18 -30.75 0.73
C VAL A 458 -6.77 -32.20 0.59
N PRO A 459 -7.20 -32.87 -0.49
CA PRO A 459 -6.74 -34.24 -0.73
C PRO A 459 -5.28 -34.29 -1.12
N TYR A 460 -4.43 -34.76 -0.20
CA TYR A 460 -2.99 -34.87 -0.44
C TYR A 460 -2.53 -36.26 -0.07
N ASP A 461 -1.52 -36.74 -0.79
CA ASP A 461 -1.00 -38.08 -0.60
C ASP A 461 0.43 -38.04 -0.07
N LEU A 462 0.69 -38.86 0.95
CA LEU A 462 2.04 -39.09 1.45
C LEU A 462 2.45 -40.54 1.24
N SER A 463 1.91 -41.18 0.18
CA SER A 463 2.11 -42.61 -0.02
C SER A 463 3.44 -42.91 -0.69
N LYS A 464 3.79 -42.16 -1.73
CA LYS A 464 4.97 -42.47 -2.54
C LYS A 464 6.27 -42.02 -1.90
N VAL A 465 6.22 -41.30 -0.78
CA VAL A 465 7.44 -40.82 -0.13
C VAL A 465 7.97 -41.91 0.80
N PHE A 466 9.23 -42.28 0.60
CA PHE A 466 9.87 -43.15 1.58
C PHE A 466 10.05 -42.41 2.90
N PHE A 467 10.05 -43.17 3.98
CA PHE A 467 10.21 -42.58 5.31
C PHE A 467 11.26 -43.38 6.09
N ILE A 468 12.29 -42.68 6.55
CA ILE A 468 13.28 -43.25 7.44
C ILE A 468 13.38 -42.32 8.65
N THR A 469 13.12 -42.87 9.84
CA THR A 469 12.89 -42.05 11.02
C THR A 469 14.04 -42.19 12.00
N THR A 470 14.50 -41.04 12.51
CA THR A 470 15.56 -40.97 13.50
C THR A 470 14.95 -40.82 14.89
N ALA A 471 15.47 -41.56 15.86
CA ALA A 471 15.05 -41.46 17.24
C ALA A 471 16.28 -41.50 18.14
N ASN A 472 16.07 -41.15 19.41
CA ASN A 472 17.13 -41.20 20.40
C ASN A 472 16.84 -42.25 21.47
N THR A 473 15.64 -42.25 22.03
CA THR A 473 15.23 -43.28 22.98
C THR A 473 14.31 -44.26 22.28
N LEU A 474 14.53 -45.56 22.53
CA LEU A 474 13.70 -46.61 21.95
C LEU A 474 12.54 -47.02 22.85
N GLN A 475 12.43 -46.43 24.05
CA GLN A 475 11.34 -46.73 24.96
C GLN A 475 10.31 -45.62 25.09
N THR A 476 10.73 -44.35 25.02
CA THR A 476 9.77 -43.25 25.05
C THR A 476 8.87 -43.22 23.82
N ILE A 477 9.24 -43.94 22.76
CA ILE A 477 8.40 -43.99 21.56
C ILE A 477 7.10 -44.72 21.86
N PRO A 478 5.95 -44.19 21.46
CA PRO A 478 4.69 -44.89 21.70
C PRO A 478 4.64 -46.23 20.97
N ARG A 479 3.91 -47.17 21.55
CA ARG A 479 3.73 -48.47 20.91
C ARG A 479 3.15 -48.39 19.51
N PRO A 480 2.13 -47.57 19.21
CA PRO A 480 1.75 -47.39 17.80
C PRO A 480 2.89 -46.86 16.94
N LEU A 481 3.71 -45.96 17.48
CA LEU A 481 4.92 -45.51 16.81
C LEU A 481 6.04 -46.55 16.88
N LEU A 482 5.84 -47.64 17.62
CA LEU A 482 6.68 -48.82 17.51
C LEU A 482 6.18 -49.79 16.45
N ASP A 483 4.93 -49.63 16.01
CA ASP A 483 4.37 -50.47 14.95
C ASP A 483 4.91 -50.01 13.59
N ARG A 484 4.96 -50.96 12.65
CA ARG A 484 5.57 -50.75 11.34
C ARG A 484 7.04 -50.34 11.48
N MET A 485 7.67 -50.79 12.55
CA MET A 485 9.07 -50.47 12.85
C MET A 485 9.84 -51.77 13.07
N GLU A 486 11.03 -51.85 12.48
CA GLU A 486 12.07 -52.79 12.93
C GLU A 486 13.20 -51.90 13.40
N VAL A 487 13.13 -51.49 14.67
CA VAL A 487 14.02 -50.48 15.22
C VAL A 487 15.45 -51.02 15.16
N ILE A 488 16.27 -50.41 14.31
CA ILE A 488 17.64 -50.85 14.10
C ILE A 488 18.50 -50.28 15.23
N GLU A 489 19.02 -51.17 16.08
CA GLU A 489 19.93 -50.75 17.13
C GLU A 489 21.36 -50.69 16.58
N ILE A 490 22.07 -49.62 16.90
CA ILE A 490 23.44 -49.42 16.49
C ILE A 490 24.29 -49.34 17.75
N PRO A 491 25.34 -50.14 17.88
CA PRO A 491 26.12 -50.18 19.12
C PRO A 491 26.94 -48.90 19.29
N GLY A 492 27.68 -48.85 20.39
CA GLY A 492 28.66 -47.82 20.62
C GLY A 492 29.95 -48.12 19.90
N TYR A 493 31.01 -47.43 20.30
CA TYR A 493 32.29 -47.52 19.64
C TYR A 493 33.35 -47.86 20.69
N THR A 494 34.49 -48.36 20.23
CA THR A 494 35.60 -48.69 21.10
C THR A 494 36.84 -47.90 20.68
N ASN A 495 37.87 -47.97 21.53
CA ASN A 495 39.10 -47.21 21.27
C ASN A 495 39.74 -47.64 19.95
N MET A 496 39.76 -48.94 19.68
CA MET A 496 40.33 -49.41 18.42
C MET A 496 39.47 -49.00 17.23
N GLU A 497 38.15 -49.18 17.34
CA GLU A 497 37.25 -48.78 16.26
C GLU A 497 37.30 -47.28 16.04
N LYS A 498 37.27 -46.50 17.12
CA LYS A 498 37.36 -45.05 17.00
C LYS A 498 38.68 -44.65 16.37
N GLN A 499 39.78 -45.29 16.79
CA GLN A 499 41.09 -45.00 16.21
C GLN A 499 41.11 -45.25 14.71
N ALA A 500 40.62 -46.42 14.30
CA ALA A 500 40.64 -46.77 12.89
C ALA A 500 39.80 -45.81 12.06
N ILE A 501 38.59 -45.50 12.52
CA ILE A 501 37.73 -44.67 11.69
C ILE A 501 38.13 -43.19 11.80
N ALA A 502 38.81 -42.83 12.87
CA ALA A 502 39.41 -41.50 12.92
C ALA A 502 40.51 -41.37 11.87
N ARG A 503 41.33 -42.42 11.74
CA ARG A 503 42.36 -42.40 10.71
C ARG A 503 41.75 -42.38 9.31
N GLN A 504 40.70 -43.16 9.09
CA GLN A 504 40.25 -43.42 7.72
C GLN A 504 39.13 -42.51 7.24
N TYR A 505 38.21 -42.07 8.10
CA TYR A 505 37.06 -41.29 7.65
C TYR A 505 36.71 -40.12 8.55
N LEU A 506 37.64 -39.64 9.38
CA LEU A 506 37.48 -38.36 10.04
C LEU A 506 38.67 -37.44 9.83
N TRP A 507 39.89 -37.97 9.84
CA TRP A 507 41.07 -37.18 9.54
C TRP A 507 41.03 -36.67 8.09
N PRO A 508 40.73 -37.50 7.07
CA PRO A 508 40.68 -36.98 5.70
C PRO A 508 39.72 -35.82 5.53
N LYS A 509 38.56 -35.89 6.18
CA LYS A 509 37.55 -34.85 6.09
C LYS A 509 37.92 -33.58 6.84
N GLN A 510 38.28 -33.69 8.12
CA GLN A 510 38.62 -32.51 8.89
C GLN A 510 39.84 -31.81 8.31
N VAL A 511 40.87 -32.60 7.95
CA VAL A 511 42.07 -32.01 7.37
C VAL A 511 41.79 -31.35 6.03
N ARG A 512 40.93 -31.95 5.19
CA ARG A 512 40.55 -31.29 3.94
C ARG A 512 39.79 -30.00 4.21
N GLU A 513 38.92 -29.98 5.22
CA GLU A 513 38.12 -28.81 5.52
C GLU A 513 38.90 -27.72 6.23
N SER A 514 40.18 -27.96 6.53
CA SER A 514 41.07 -26.92 7.01
C SER A 514 42.16 -26.57 6.01
N GLY A 515 42.42 -27.42 5.02
CA GLY A 515 43.40 -27.13 3.99
C GLY A 515 44.79 -27.61 4.30
N MET A 516 44.90 -28.78 4.94
CA MET A 516 46.19 -29.35 5.31
C MET A 516 46.46 -30.69 4.63
N GLU A 517 45.94 -30.89 3.43
CA GLU A 517 46.29 -32.09 2.68
C GLU A 517 47.78 -32.07 2.36
N GLY A 518 48.48 -33.11 2.81
CA GLY A 518 49.92 -33.14 2.64
C GLY A 518 50.69 -32.22 3.56
N ARG A 519 50.09 -31.83 4.70
CA ARG A 519 50.79 -30.94 5.64
C ARG A 519 50.74 -31.37 7.09
N ILE A 520 49.75 -32.16 7.52
CA ILE A 520 49.60 -32.50 8.92
C ILE A 520 49.48 -34.01 9.06
N GLU A 521 49.84 -34.53 10.23
CA GLU A 521 49.76 -35.94 10.54
C GLU A 521 49.34 -36.11 11.98
N VAL A 522 48.17 -36.71 12.20
CA VAL A 522 47.70 -37.04 13.54
C VAL A 522 47.97 -38.53 13.70
N THR A 523 49.13 -38.86 14.29
CA THR A 523 49.53 -40.25 14.44
C THR A 523 48.53 -40.99 15.32
N ASP A 524 48.36 -42.28 15.06
CA ASP A 524 47.35 -43.07 15.76
C ASP A 524 47.57 -43.09 17.26
N ALA A 525 48.82 -42.96 17.72
CA ALA A 525 49.05 -42.78 19.15
C ALA A 525 48.40 -41.50 19.65
N ALA A 526 48.55 -40.41 18.87
CA ALA A 526 47.88 -39.17 19.21
C ALA A 526 46.36 -39.30 19.12
N ILE A 527 45.86 -40.10 18.18
CA ILE A 527 44.42 -40.35 18.11
C ILE A 527 43.94 -41.04 19.38
N LEU A 528 44.69 -42.06 19.82
CA LEU A 528 44.32 -42.76 21.06
C LEU A 528 44.36 -41.82 22.25
N ARG A 529 45.39 -40.96 22.33
CA ARG A 529 45.46 -40.00 23.42
C ARG A 529 44.27 -39.04 23.38
N VAL A 530 43.90 -38.58 22.18
CA VAL A 530 42.75 -37.69 22.05
C VAL A 530 41.48 -38.37 22.52
N ILE A 531 41.28 -39.62 22.12
CA ILE A 531 40.07 -40.33 22.52
C ILE A 531 40.05 -40.55 24.03
N SER A 532 41.20 -40.88 24.62
CA SER A 532 41.25 -41.22 26.03
C SER A 532 41.39 -40.00 26.94
N GLU A 533 41.60 -38.80 26.39
CA GLU A 533 41.76 -37.62 27.25
C GLU A 533 40.99 -36.40 26.77
N TYR A 534 40.09 -36.53 25.80
CA TYR A 534 39.37 -35.35 25.32
C TYR A 534 37.87 -35.55 25.09
N THR A 535 37.36 -36.77 25.07
CA THR A 535 35.94 -36.98 24.76
C THR A 535 35.48 -38.30 25.33
N ARG A 536 34.42 -38.27 26.14
CA ARG A 536 33.79 -39.47 26.68
C ARG A 536 32.32 -39.45 26.26
N GLU A 537 32.04 -40.00 25.08
CA GLU A 537 30.69 -40.10 24.55
C GLU A 537 30.58 -41.36 23.70
N ALA A 538 29.34 -41.68 23.31
CA ALA A 538 29.07 -42.93 22.61
C ALA A 538 29.71 -42.93 21.22
N GLY A 539 29.47 -41.88 20.44
CA GLY A 539 29.90 -41.89 19.05
C GLY A 539 31.17 -41.12 18.76
N VAL A 540 31.25 -40.52 17.57
CA VAL A 540 32.42 -39.79 17.13
C VAL A 540 32.16 -38.30 16.95
N ARG A 541 31.02 -37.80 17.43
CA ARG A 541 30.76 -36.37 17.35
C ARG A 541 31.83 -35.58 18.11
N GLY A 542 32.08 -35.98 19.36
CA GLY A 542 33.13 -35.32 20.13
C GLY A 542 34.50 -35.51 19.53
N LEU A 543 34.76 -36.69 18.98
CA LEU A 543 36.00 -36.90 18.26
C LEU A 543 36.09 -35.97 17.05
N GLU A 544 34.97 -35.74 16.37
CA GLU A 544 34.97 -34.79 15.26
C GLU A 544 35.31 -33.40 15.75
N ARG A 545 34.73 -32.98 16.87
CA ARG A 545 35.03 -31.64 17.40
C ARG A 545 36.50 -31.53 17.78
N GLU A 546 37.05 -32.54 18.44
CA GLU A 546 38.45 -32.50 18.86
C GLU A 546 39.38 -32.45 17.65
N LEU A 547 39.10 -33.27 16.64
CA LEU A 547 39.93 -33.24 15.43
C LEU A 547 39.78 -31.93 14.68
N GLY A 548 38.58 -31.34 14.67
CA GLY A 548 38.43 -30.02 14.08
C GLY A 548 39.24 -28.97 14.80
N LYS A 549 39.26 -29.01 16.14
CA LYS A 549 40.08 -28.08 16.90
C LYS A 549 41.56 -28.29 16.61
N ILE A 550 41.99 -29.55 16.51
CA ILE A 550 43.38 -29.84 16.19
C ILE A 550 43.73 -29.28 14.82
N ALA A 551 42.86 -29.49 13.83
CA ALA A 551 43.11 -28.95 12.50
C ALA A 551 43.16 -27.43 12.52
N ARG A 552 42.25 -26.80 13.26
CA ARG A 552 42.19 -25.34 13.32
C ARG A 552 43.47 -24.76 13.91
N LYS A 553 43.86 -25.25 15.07
CA LYS A 553 45.09 -24.76 15.69
C LYS A 553 46.32 -25.11 14.89
N GLY A 554 46.34 -26.25 14.20
CA GLY A 554 47.43 -26.51 13.28
C GLY A 554 47.48 -25.51 12.15
N ALA A 555 46.31 -25.12 11.63
CA ALA A 555 46.26 -24.12 10.58
C ALA A 555 46.83 -22.80 11.06
N LYS A 556 46.47 -22.38 12.27
CA LYS A 556 47.07 -21.16 12.79
C LYS A 556 48.58 -21.30 12.98
N PHE A 557 49.01 -22.39 13.61
CA PHE A 557 50.43 -22.60 13.87
C PHE A 557 51.24 -22.67 12.59
N TRP A 558 50.62 -23.08 11.48
CA TRP A 558 51.32 -23.11 10.20
C TRP A 558 51.29 -21.76 9.49
N LEU A 559 50.18 -21.03 9.57
CA LEU A 559 50.16 -19.69 9.02
C LEU A 559 50.97 -18.71 9.85
N GLU A 560 51.51 -19.13 10.99
CA GLU A 560 52.45 -18.31 11.75
C GLU A 560 53.90 -18.60 11.36
N GLY A 561 54.13 -18.97 10.10
CA GLY A 561 55.49 -19.09 9.58
C GLY A 561 55.74 -20.21 8.58
N ALA A 562 54.98 -21.30 8.67
CA ALA A 562 55.03 -22.39 7.68
C ALA A 562 56.45 -22.91 7.45
N TRP A 563 57.05 -23.47 8.50
CA TRP A 563 58.43 -23.95 8.41
C TRP A 563 58.55 -25.43 8.08
N GLU A 564 57.43 -26.12 7.85
CA GLU A 564 57.46 -27.57 7.65
C GLU A 564 56.49 -27.97 6.56
N GLY A 565 56.91 -28.93 5.73
CA GLY A 565 56.06 -29.46 4.69
C GLY A 565 54.95 -30.34 5.22
N LEU A 566 55.30 -31.51 5.76
CA LEU A 566 54.34 -32.46 6.30
C LEU A 566 54.61 -32.58 7.80
N ARG A 567 53.86 -31.83 8.60
CA ARG A 567 54.04 -31.83 10.04
C ARG A 567 53.47 -33.10 10.65
N THR A 568 54.24 -33.73 11.52
CA THR A 568 53.79 -34.88 12.27
C THR A 568 53.46 -34.46 13.70
N ILE A 569 52.29 -34.87 14.18
CA ILE A 569 51.85 -34.57 15.54
C ILE A 569 51.81 -35.89 16.29
N ASP A 570 52.72 -36.06 17.24
CA ASP A 570 52.71 -37.23 18.11
C ASP A 570 51.87 -36.93 19.35
N ALA A 571 51.87 -37.85 20.31
CA ALA A 571 51.19 -37.61 21.57
C ALA A 571 51.92 -36.60 22.45
N SER A 572 53.15 -36.22 22.08
CA SER A 572 53.96 -35.37 22.95
C SER A 572 53.39 -33.95 23.02
N ASP A 573 53.00 -33.38 21.89
CA ASP A 573 52.61 -31.98 21.80
C ASP A 573 51.13 -31.81 21.47
N ILE A 574 50.30 -32.76 21.90
CA ILE A 574 48.85 -32.61 21.78
C ILE A 574 48.38 -31.41 22.61
N PRO A 575 48.80 -31.25 23.87
CA PRO A 575 48.39 -30.04 24.62
C PRO A 575 48.84 -28.73 24.00
N THR A 576 49.75 -28.76 23.03
CA THR A 576 50.03 -27.56 22.25
C THR A 576 48.93 -27.29 21.24
N TYR A 577 48.38 -28.35 20.65
CA TYR A 577 47.32 -28.20 19.66
C TYR A 577 45.92 -28.32 20.25
N LEU A 578 45.82 -28.68 21.52
CA LEU A 578 44.54 -28.73 22.22
C LEU A 578 44.71 -28.12 23.62
N GLY A 579 43.62 -28.16 24.38
CA GLY A 579 43.67 -27.68 25.74
C GLY A 579 44.27 -28.70 26.69
N ILE A 580 44.11 -28.48 27.99
CA ILE A 580 44.55 -29.44 29.00
C ILE A 580 43.69 -30.68 28.85
N PRO A 581 44.26 -31.89 28.96
CA PRO A 581 43.44 -33.11 28.86
C PRO A 581 42.33 -33.11 29.89
N ARG A 582 41.13 -33.45 29.43
CA ARG A 582 39.93 -33.35 30.26
C ARG A 582 39.64 -34.62 31.05
N TYR A 583 40.35 -35.71 30.80
CA TYR A 583 40.00 -36.99 31.38
C TYR A 583 41.26 -37.77 31.74
N ARG A 584 41.10 -38.74 32.64
CA ARG A 584 42.20 -39.59 33.01
C ARG A 584 42.58 -40.51 31.84
N PRO A 585 43.83 -40.97 31.77
CA PRO A 585 44.25 -41.82 30.65
C PRO A 585 43.40 -43.06 30.52
N ASP A 586 43.37 -43.86 31.58
CA ASP A 586 42.52 -45.03 31.68
C ASP A 586 41.82 -44.99 33.03
N LYS A 587 40.56 -45.38 33.06
CA LYS A 587 39.79 -45.33 34.30
C LYS A 587 40.39 -46.33 35.28
N ALA A 588 41.18 -45.83 36.21
CA ALA A 588 41.64 -46.59 37.35
C ALA A 588 41.47 -45.87 38.67
N GLU A 589 41.31 -44.56 38.68
CA GLU A 589 41.13 -43.80 39.91
C GLU A 589 40.08 -42.71 39.70
N THR A 590 38.86 -42.95 40.14
CA THR A 590 37.81 -41.96 39.95
C THR A 590 37.28 -41.39 41.27
N GLU A 591 36.74 -42.25 42.15
CA GLU A 591 36.03 -41.82 43.35
C GLU A 591 35.94 -42.97 44.36
N PRO A 592 36.90 -43.06 45.29
CA PRO A 592 36.87 -44.16 46.27
C PRO A 592 36.13 -43.86 47.57
N GLN A 593 35.38 -42.75 47.61
CA GLN A 593 34.86 -42.32 48.91
C GLN A 593 33.70 -43.20 49.38
N VAL A 594 33.41 -43.10 50.67
CA VAL A 594 32.60 -44.06 51.41
C VAL A 594 31.12 -43.90 51.07
N GLY A 595 30.60 -44.76 50.22
CA GLY A 595 29.19 -44.77 49.92
C GLY A 595 28.80 -44.39 48.50
N THR A 596 29.72 -44.46 47.55
CA THR A 596 29.42 -44.19 46.15
C THR A 596 29.85 -45.37 45.29
N ALA A 597 29.06 -45.67 44.26
CA ALA A 597 29.31 -46.84 43.44
C ALA A 597 29.35 -46.48 41.97
N GLN A 598 30.40 -46.91 41.28
CA GLN A 598 30.44 -46.81 39.83
C GLN A 598 29.41 -47.76 39.22
N GLY A 599 28.75 -47.32 38.15
CA GLY A 599 27.77 -48.16 37.49
C GLY A 599 27.59 -47.85 36.02
N LEU A 600 27.66 -48.87 35.18
CA LEU A 600 27.36 -48.70 33.77
C LEU A 600 25.85 -48.52 33.60
N ALA A 601 25.45 -47.57 32.76
CA ALA A 601 24.04 -47.25 32.58
C ALA A 601 23.75 -46.97 31.12
N TRP A 602 22.62 -47.48 30.64
CA TRP A 602 22.16 -47.22 29.29
C TRP A 602 21.38 -45.92 29.24
N THR A 603 21.75 -45.06 28.30
CA THR A 603 21.07 -43.80 28.05
C THR A 603 20.82 -43.68 26.55
N PRO A 604 19.80 -42.92 26.15
CA PRO A 604 19.55 -42.74 24.72
C PRO A 604 20.72 -42.15 23.96
N VAL A 605 21.53 -41.32 24.62
CA VAL A 605 22.69 -40.69 23.98
C VAL A 605 23.87 -41.66 24.04
N GLY A 606 23.60 -42.90 24.44
CA GLY A 606 24.63 -43.91 24.56
C GLY A 606 25.03 -44.15 26.00
N GLY A 607 24.84 -45.37 26.47
CA GLY A 607 25.17 -45.69 27.83
C GLY A 607 26.65 -45.53 28.12
N THR A 608 26.94 -45.11 29.34
CA THR A 608 28.31 -44.88 29.79
C THR A 608 28.36 -45.14 31.29
N LEU A 609 29.50 -44.80 31.91
CA LEU A 609 29.65 -44.98 33.34
C LEU A 609 29.15 -43.76 34.09
N LEU A 610 28.31 -44.02 35.09
CA LEU A 610 27.84 -43.02 36.03
C LEU A 610 28.30 -43.41 37.43
N THR A 611 28.05 -42.54 38.40
CA THR A 611 28.33 -42.84 39.79
C THR A 611 27.08 -42.56 40.61
N ILE A 612 26.55 -43.60 41.24
CA ILE A 612 25.43 -43.44 42.16
C ILE A 612 26.01 -43.05 43.52
N GLU A 613 25.61 -41.88 44.01
CA GLU A 613 26.22 -41.27 45.19
C GLU A 613 25.20 -41.32 46.32
N VAL A 614 25.57 -41.98 47.41
CA VAL A 614 24.65 -42.33 48.47
C VAL A 614 25.14 -41.73 49.78
N ALA A 615 24.23 -41.10 50.51
CA ALA A 615 24.54 -40.55 51.82
C ALA A 615 23.53 -41.06 52.84
N ALA A 616 24.06 -41.67 53.90
CA ALA A 616 23.26 -42.13 55.02
C ALA A 616 23.49 -41.20 56.21
N VAL A 617 22.39 -40.74 56.80
CA VAL A 617 22.46 -39.73 57.85
C VAL A 617 21.66 -40.22 59.06
N PRO A 618 21.97 -39.77 60.27
CA PRO A 618 21.10 -40.07 61.41
C PRO A 618 19.70 -39.52 61.16
N GLY A 619 18.69 -40.29 61.55
CA GLY A 619 17.32 -39.88 61.31
C GLY A 619 16.26 -40.85 61.80
N SER A 620 15.26 -41.11 60.97
CA SER A 620 14.15 -41.99 61.33
C SER A 620 14.02 -43.18 60.39
N GLY A 621 15.07 -43.49 59.64
CA GLY A 621 15.12 -44.73 58.89
C GLY A 621 14.31 -44.79 57.62
N LYS A 622 13.81 -43.67 57.11
CA LYS A 622 13.10 -43.67 55.84
C LYS A 622 14.04 -43.27 54.71
N LEU A 623 13.58 -43.48 53.49
CA LEU A 623 14.39 -43.30 52.28
C LEU A 623 13.77 -42.24 51.38
N SER A 624 14.63 -41.43 50.78
CA SER A 624 14.24 -40.44 49.78
C SER A 624 15.33 -40.36 48.72
N LEU A 625 14.92 -40.25 47.46
CA LEU A 625 15.86 -40.18 46.35
C LEU A 625 15.76 -38.82 45.67
N THR A 626 16.91 -38.24 45.38
CA THR A 626 17.01 -36.97 44.67
C THR A 626 17.52 -37.22 43.26
N GLY A 627 17.75 -36.14 42.52
CA GLY A 627 18.25 -36.24 41.17
C GLY A 627 17.20 -36.36 40.09
N GLN A 628 15.93 -36.13 40.42
CA GLN A 628 14.82 -36.23 39.47
C GLN A 628 14.80 -37.61 38.80
N LEU A 629 14.60 -38.62 39.65
CA LEU A 629 14.69 -40.01 39.24
C LEU A 629 13.32 -40.59 38.93
N GLY A 630 13.30 -41.49 37.94
CA GLY A 630 12.12 -42.26 37.69
C GLY A 630 11.87 -43.29 38.78
N GLU A 631 10.65 -43.82 38.78
CA GLU A 631 10.24 -44.74 39.85
C GLU A 631 11.07 -46.01 39.86
N VAL A 632 11.39 -46.57 38.69
CA VAL A 632 12.09 -47.85 38.63
C VAL A 632 13.40 -47.80 39.40
N MET A 633 14.07 -46.65 39.40
CA MET A 633 15.24 -46.47 40.26
C MET A 633 14.87 -46.60 41.73
N LYS A 634 13.70 -46.05 42.11
CA LYS A 634 13.27 -46.16 43.51
C LYS A 634 13.01 -47.61 43.89
N GLU A 635 12.34 -48.38 43.04
CA GLU A 635 12.13 -49.78 43.38
C GLU A 635 13.43 -50.57 43.36
N SER A 636 14.38 -50.22 42.49
CA SER A 636 15.69 -50.87 42.52
C SER A 636 16.39 -50.61 43.85
N ALA A 637 16.34 -49.35 44.33
CA ALA A 637 16.93 -49.03 45.62
C ALA A 637 16.21 -49.75 46.76
N GLN A 638 14.88 -49.89 46.67
CA GLN A 638 14.16 -50.59 47.72
C GLN A 638 14.48 -52.08 47.72
N ALA A 639 14.66 -52.68 46.54
CA ALA A 639 15.12 -54.07 46.48
C ALA A 639 16.52 -54.21 47.04
N ALA A 640 17.38 -53.22 46.81
CA ALA A 640 18.68 -53.19 47.47
C ALA A 640 18.53 -53.17 48.99
N LEU A 641 17.63 -52.33 49.49
CA LEU A 641 17.37 -52.30 50.93
C LEU A 641 16.89 -53.65 51.44
N THR A 642 16.00 -54.30 50.68
CA THR A 642 15.51 -55.61 51.07
C THR A 642 16.63 -56.63 51.14
N TYR A 643 17.55 -56.61 50.16
CA TYR A 643 18.70 -57.50 50.23
C TYR A 643 19.55 -57.20 51.45
N LEU A 644 19.85 -55.93 51.70
CA LEU A 644 20.70 -55.58 52.84
C LEU A 644 20.03 -55.86 54.17
N ARG A 645 18.70 -56.04 54.20
CA ARG A 645 18.03 -56.47 55.41
C ARG A 645 18.26 -57.95 55.72
N ALA A 646 18.90 -58.69 54.81
CA ALA A 646 19.15 -60.11 55.00
C ALA A 646 20.57 -60.43 55.44
N HIS A 647 21.48 -59.46 55.35
CA HIS A 647 22.88 -59.69 55.70
C HIS A 647 23.35 -58.67 56.73
N THR A 648 22.60 -58.53 57.82
CA THR A 648 22.89 -57.51 58.83
C THR A 648 24.30 -57.66 59.39
N GLN A 649 24.82 -58.88 59.46
CA GLN A 649 26.17 -59.10 59.96
C GLN A 649 27.06 -59.82 58.96
N ASP A 650 26.54 -60.18 57.79
CA ASP A 650 27.39 -60.74 56.74
C ASP A 650 28.18 -59.67 56.01
N TYR A 651 27.75 -58.41 56.10
CA TYR A 651 28.43 -57.31 55.43
C TYR A 651 28.51 -56.07 56.29
N GLY A 652 28.56 -56.25 57.61
CA GLY A 652 28.90 -55.19 58.53
C GLY A 652 28.04 -53.93 58.48
N LEU A 653 26.79 -54.04 58.89
CA LEU A 653 25.90 -52.89 58.99
C LEU A 653 25.38 -52.74 60.41
N PRO A 654 25.02 -51.52 60.81
CA PRO A 654 24.31 -51.36 62.09
C PRO A 654 23.01 -52.13 62.09
N GLU A 655 22.70 -52.73 63.25
CA GLU A 655 21.52 -53.58 63.36
C GLU A 655 20.22 -52.80 63.22
N ASP A 656 20.25 -51.47 63.32
CA ASP A 656 19.10 -50.63 63.04
C ASP A 656 19.51 -49.58 62.02
N PHE A 657 19.14 -49.80 60.77
CA PHE A 657 19.49 -48.86 59.70
C PHE A 657 18.26 -48.49 58.88
N TYR A 658 17.22 -49.31 58.96
CA TYR A 658 15.96 -49.04 58.28
C TYR A 658 14.91 -48.44 59.22
N ASN A 659 15.29 -48.08 60.45
CA ASN A 659 14.33 -47.54 61.40
C ASN A 659 14.80 -46.22 62.00
N LYS A 660 16.12 -45.98 62.01
CA LYS A 660 16.65 -44.77 62.64
C LYS A 660 17.73 -44.08 61.84
N VAL A 661 17.96 -44.48 60.58
CA VAL A 661 18.98 -43.87 59.75
C VAL A 661 18.36 -43.52 58.40
N ASP A 662 18.23 -42.23 58.11
CA ASP A 662 17.64 -41.78 56.86
C ASP A 662 18.69 -41.85 55.76
N LEU A 663 18.26 -41.73 54.50
CA LEU A 663 19.12 -42.05 53.38
C LEU A 663 18.72 -41.23 52.17
N HIS A 664 19.72 -40.82 51.39
CA HIS A 664 19.49 -40.12 50.14
C HIS A 664 20.42 -40.67 49.05
N VAL A 665 19.91 -40.68 47.83
CA VAL A 665 20.59 -41.28 46.68
C VAL A 665 20.53 -40.31 45.51
N HIS A 666 21.67 -40.06 44.89
CA HIS A 666 21.77 -39.25 43.68
C HIS A 666 22.22 -40.13 42.53
N VAL A 667 21.53 -39.99 41.38
CA VAL A 667 21.91 -40.65 40.15
C VAL A 667 22.03 -39.57 39.08
N PRO A 668 23.18 -39.42 38.43
CA PRO A 668 23.39 -38.28 37.53
C PRO A 668 22.55 -38.37 36.27
N ASP A 669 22.40 -37.21 35.62
CA ASP A 669 21.64 -37.06 34.37
C ASP A 669 20.22 -37.58 34.53
N GLY A 670 19.63 -37.31 35.70
CA GLY A 670 18.30 -37.82 35.98
C GLY A 670 18.29 -39.34 35.96
N ALA A 671 17.16 -39.89 35.52
CA ALA A 671 17.05 -41.33 35.33
C ALA A 671 17.36 -41.69 33.88
N THR A 672 17.34 -42.99 33.59
CA THR A 672 17.50 -43.46 32.22
C THR A 672 16.13 -43.48 31.56
N PRO A 673 15.91 -42.72 30.48
CA PRO A 673 14.58 -42.67 29.86
C PRO A 673 14.15 -44.00 29.26
N LYS A 674 15.02 -45.01 29.29
CA LYS A 674 14.63 -46.34 28.87
C LYS A 674 14.03 -47.10 30.05
N ASP A 675 13.29 -48.15 29.72
CA ASP A 675 12.69 -49.00 30.74
C ASP A 675 13.74 -49.97 31.28
N GLY A 676 13.96 -49.94 32.60
CA GLY A 676 14.91 -50.82 33.23
C GLY A 676 16.11 -50.07 33.77
N PRO A 677 16.17 -49.90 35.09
CA PRO A 677 17.35 -49.27 35.70
C PRO A 677 18.55 -50.19 35.63
N SER A 678 19.52 -49.86 34.78
CA SER A 678 20.66 -50.72 34.51
C SER A 678 21.74 -50.62 35.58
N ALA A 679 21.41 -50.12 36.76
CA ALA A 679 22.38 -49.96 37.85
C ALA A 679 21.77 -50.48 39.16
N GLY A 680 21.07 -51.62 39.09
CA GLY A 680 20.48 -52.17 40.29
C GLY A 680 21.51 -52.62 41.31
N ILE A 681 22.44 -53.48 40.88
CA ILE A 681 23.50 -53.91 41.78
C ILE A 681 24.39 -52.74 42.17
N THR A 682 24.48 -51.71 41.31
CA THR A 682 25.17 -50.49 41.69
C THR A 682 24.53 -49.86 42.91
N MET A 683 23.19 -49.73 42.89
CA MET A 683 22.50 -49.21 44.06
C MET A 683 22.70 -50.11 45.26
N ALA A 684 22.64 -51.43 45.06
CA ALA A 684 22.81 -52.36 46.18
C ALA A 684 24.15 -52.14 46.87
N THR A 685 25.23 -52.15 46.08
CA THR A 685 26.55 -52.03 46.66
C THR A 685 26.80 -50.63 47.20
N ALA A 686 26.20 -49.60 46.58
CA ALA A 686 26.35 -48.25 47.09
C ALA A 686 25.68 -48.09 48.46
N ILE A 687 24.44 -48.57 48.58
CA ILE A 687 23.75 -48.51 49.85
C ILE A 687 24.52 -49.30 50.90
N ALA A 688 25.02 -50.48 50.54
CA ALA A 688 25.79 -51.28 51.49
C ALA A 688 27.05 -50.55 51.94
N SER A 689 27.79 -49.95 50.99
CA SER A 689 29.02 -49.26 51.34
C SER A 689 28.76 -48.07 52.24
N ALA A 690 27.70 -47.30 51.94
CA ALA A 690 27.38 -46.15 52.76
C ALA A 690 27.03 -46.56 54.19
N LEU A 691 26.23 -47.60 54.35
CA LEU A 691 25.84 -48.07 55.66
C LEU A 691 26.93 -48.90 56.36
N SER A 692 27.93 -49.37 55.61
CA SER A 692 28.95 -50.22 56.20
C SER A 692 29.93 -49.42 57.06
N ARG A 693 30.04 -48.12 56.82
CA ARG A 693 31.08 -47.29 57.43
C ARG A 693 32.47 -47.86 57.15
N ARG A 694 32.64 -48.34 55.92
CA ARG A 694 33.89 -48.84 55.38
C ARG A 694 34.16 -48.20 54.03
N PRO A 695 35.38 -47.75 53.78
CA PRO A 695 35.67 -47.11 52.48
C PRO A 695 35.56 -48.12 51.34
N ALA A 696 34.77 -47.77 50.33
CA ALA A 696 34.67 -48.60 49.13
C ALA A 696 35.92 -48.42 48.27
N ARG A 697 36.13 -49.36 47.34
CA ARG A 697 37.29 -49.33 46.47
C ARG A 697 37.12 -48.34 45.34
N MET A 698 37.97 -48.48 44.34
CA MET A 698 38.19 -47.47 43.32
C MET A 698 38.03 -48.06 41.93
N ASP A 699 37.07 -47.52 41.16
CA ASP A 699 36.86 -47.86 39.75
C ASP A 699 36.62 -49.37 39.56
N ILE A 700 35.49 -49.81 40.08
CA ILE A 700 34.99 -51.17 39.83
C ILE A 700 33.64 -51.02 39.15
N ALA A 701 33.63 -51.02 37.82
CA ALA A 701 32.43 -50.80 37.04
C ALA A 701 31.49 -52.02 37.13
N MET A 702 30.20 -51.76 37.00
CA MET A 702 29.18 -52.79 37.10
C MET A 702 27.88 -52.27 36.49
N THR A 703 26.93 -53.18 36.31
CA THR A 703 25.62 -52.83 35.77
C THR A 703 24.69 -54.03 36.00
N GLY A 704 23.41 -53.80 35.75
CA GLY A 704 22.40 -54.84 35.88
C GLY A 704 21.26 -54.41 36.78
N GLU A 705 20.47 -55.40 37.21
CA GLU A 705 19.36 -55.16 38.10
C GLU A 705 19.44 -56.14 39.27
N VAL A 706 18.52 -55.99 40.21
CA VAL A 706 18.47 -56.82 41.41
C VAL A 706 17.07 -57.39 41.56
N SER A 707 16.97 -58.43 42.40
CA SER A 707 15.71 -59.07 42.75
C SER A 707 15.46 -58.94 44.24
N LEU A 708 14.25 -59.32 44.66
CA LEU A 708 13.88 -59.26 46.06
C LEU A 708 14.67 -60.24 46.92
N ARG A 709 15.15 -61.34 46.33
CA ARG A 709 15.94 -62.33 47.06
C ARG A 709 17.43 -62.08 46.99
N GLY A 710 17.88 -61.09 46.23
CA GLY A 710 19.29 -60.81 46.11
C GLY A 710 19.99 -61.56 44.99
N LYS A 711 19.46 -61.43 43.78
CA LYS A 711 20.05 -62.00 42.57
C LYS A 711 20.16 -60.91 41.52
N VAL A 712 21.08 -61.12 40.57
CA VAL A 712 21.29 -60.17 39.48
C VAL A 712 20.47 -60.64 38.28
N MET A 713 19.58 -59.77 37.82
CA MET A 713 18.83 -60.04 36.60
C MET A 713 19.66 -59.66 35.37
N PRO A 714 19.48 -60.38 34.26
CA PRO A 714 20.08 -59.98 33.00
C PRO A 714 19.47 -58.69 32.48
N ILE A 715 20.30 -57.91 31.79
CA ILE A 715 19.88 -56.65 31.19
C ILE A 715 20.32 -56.61 29.74
N GLY A 716 19.45 -56.06 28.89
CA GLY A 716 19.77 -55.89 27.50
C GLY A 716 20.68 -54.71 27.24
N GLY A 717 21.26 -54.68 26.05
CA GLY A 717 22.18 -53.61 25.69
C GLY A 717 23.44 -53.56 26.53
N VAL A 718 24.02 -54.72 26.85
CA VAL A 718 25.27 -54.76 27.59
C VAL A 718 26.39 -54.38 26.63
N LYS A 719 26.09 -54.36 25.34
CA LYS A 719 27.06 -54.04 24.31
C LYS A 719 27.62 -52.63 24.47
N GLU A 720 26.76 -51.59 24.35
CA GLU A 720 27.25 -50.22 24.39
C GLU A 720 27.94 -49.90 25.71
N LYS A 721 27.49 -50.49 26.81
CA LYS A 721 28.15 -50.26 28.08
C LYS A 721 29.60 -50.74 28.04
N LEU A 722 29.82 -51.92 27.48
CA LEU A 722 31.18 -52.45 27.36
C LEU A 722 32.01 -51.64 26.37
N LEU A 723 31.41 -51.20 25.27
CA LEU A 723 32.17 -50.38 24.32
C LEU A 723 32.57 -49.04 24.94
N ALA A 724 31.67 -48.43 25.72
CA ALA A 724 32.00 -47.22 26.46
C ALA A 724 33.05 -47.45 27.52
N ALA A 725 33.01 -48.59 28.23
CA ALA A 725 34.06 -48.93 29.17
C ALA A 725 35.41 -49.10 28.48
N HIS A 726 35.42 -49.73 27.30
CA HIS A 726 36.66 -49.82 26.53
C HIS A 726 37.16 -48.45 26.11
N GLN A 727 36.25 -47.56 25.68
CA GLN A 727 36.61 -46.16 25.48
C GLN A 727 37.23 -45.56 26.73
N ALA A 728 36.71 -45.90 27.90
CA ALA A 728 37.25 -45.46 29.17
C ALA A 728 38.36 -46.34 29.69
N GLY A 729 38.59 -47.51 29.07
CA GLY A 729 39.66 -48.38 29.47
C GLY A 729 39.56 -48.91 30.88
N ILE A 730 38.33 -49.18 31.36
CA ILE A 730 38.16 -49.69 32.71
C ILE A 730 38.69 -51.11 32.79
N HIS A 731 39.43 -51.41 33.87
CA HIS A 731 40.17 -52.67 33.96
C HIS A 731 39.25 -53.86 34.15
N LYS A 732 38.56 -53.92 35.30
CA LYS A 732 37.73 -55.07 35.64
C LYS A 732 36.27 -54.64 35.58
N ILE A 733 35.46 -55.42 34.88
CA ILE A 733 34.06 -55.08 34.65
C ILE A 733 33.18 -56.19 35.24
N VAL A 734 32.16 -55.79 35.99
CA VAL A 734 31.25 -56.73 36.61
C VAL A 734 30.00 -56.85 35.75
N LEU A 735 29.75 -58.06 35.25
CA LEU A 735 28.56 -58.41 34.48
C LEU A 735 27.97 -59.69 35.04
N PRO A 736 26.66 -59.91 34.83
CA PRO A 736 26.07 -61.21 35.16
C PRO A 736 26.53 -62.28 34.21
N LYS A 737 26.05 -63.51 34.40
CA LYS A 737 26.40 -64.63 33.52
C LYS A 737 25.29 -64.92 32.51
N ASP A 738 24.27 -64.07 32.43
CA ASP A 738 23.16 -64.28 31.50
C ASP A 738 23.18 -63.30 30.33
N ASN A 739 24.22 -62.49 30.20
CA ASN A 739 24.34 -61.54 29.09
C ASN A 739 25.65 -61.82 28.35
N GLU A 740 25.59 -62.76 27.40
CA GLU A 740 26.70 -63.00 26.50
C GLU A 740 26.26 -63.22 25.06
N ALA A 741 24.95 -63.31 24.80
CA ALA A 741 24.48 -63.39 23.43
C ALA A 741 24.74 -62.10 22.66
N GLN A 742 24.73 -60.96 23.37
CA GLN A 742 25.07 -59.69 22.74
C GLN A 742 26.54 -59.63 22.35
N LEU A 743 27.38 -60.47 22.94
CA LEU A 743 28.82 -60.44 22.73
C LEU A 743 29.26 -61.08 21.42
N GLU A 744 28.35 -61.78 20.72
CA GLU A 744 28.68 -62.40 19.45
C GLU A 744 28.38 -61.48 18.27
N GLU A 745 27.92 -60.27 18.52
CA GLU A 745 27.80 -59.24 17.50
C GLU A 745 28.97 -58.25 17.53
N LEU A 746 29.97 -58.50 18.37
CA LEU A 746 31.05 -57.55 18.59
C LEU A 746 32.39 -58.15 18.20
N PRO A 747 33.37 -57.32 17.86
CA PRO A 747 34.68 -57.84 17.47
C PRO A 747 35.42 -58.48 18.63
N LYS A 748 36.43 -59.29 18.28
CA LYS A 748 37.24 -59.96 19.29
C LYS A 748 37.99 -58.97 20.16
N GLU A 749 38.29 -57.78 19.63
CA GLU A 749 38.98 -56.76 20.44
C GLU A 749 38.16 -56.37 21.65
N VAL A 750 36.85 -56.20 21.48
CA VAL A 750 35.97 -55.91 22.61
C VAL A 750 35.99 -57.06 23.61
N LEU A 751 35.89 -58.30 23.11
CA LEU A 751 35.75 -59.45 23.98
C LEU A 751 37.01 -59.67 24.82
N GLU A 752 38.20 -59.50 24.23
CA GLU A 752 39.44 -59.83 24.93
C GLU A 752 40.16 -58.63 25.51
N GLY A 753 39.77 -57.40 25.17
CA GLY A 753 40.35 -56.25 25.80
C GLY A 753 39.69 -55.81 27.08
N LEU A 754 38.57 -56.44 27.44
CA LEU A 754 37.78 -56.07 28.61
C LEU A 754 37.68 -57.27 29.53
N GLU A 755 38.11 -57.11 30.78
CA GLU A 755 38.10 -58.19 31.76
C GLU A 755 36.71 -58.27 32.37
N ILE A 756 36.01 -59.37 32.11
CA ILE A 756 34.65 -59.58 32.59
C ILE A 756 34.63 -60.72 33.58
N LYS A 757 33.85 -60.54 34.65
CA LYS A 757 33.66 -61.56 35.66
C LYS A 757 32.21 -62.00 35.69
N LEU A 758 31.99 -63.30 35.95
CA LEU A 758 30.67 -63.90 35.94
C LEU A 758 30.24 -64.19 37.37
N VAL A 759 29.17 -63.55 37.82
CA VAL A 759 28.59 -63.77 39.13
C VAL A 759 27.07 -63.83 38.97
N GLU A 760 26.40 -64.22 40.05
CA GLU A 760 24.95 -64.29 40.06
C GLU A 760 24.33 -63.63 41.28
N ASP A 761 25.13 -63.17 42.24
CA ASP A 761 24.64 -62.62 43.49
C ASP A 761 25.14 -61.20 43.65
N VAL A 762 24.38 -60.41 44.41
CA VAL A 762 24.88 -59.13 44.88
C VAL A 762 26.02 -59.34 45.87
N GLY A 763 26.08 -60.50 46.51
CA GLY A 763 27.08 -60.73 47.54
C GLY A 763 28.51 -60.72 47.02
N GLU A 764 28.76 -61.41 45.90
CA GLU A 764 30.13 -61.52 45.41
C GLU A 764 30.65 -60.21 44.82
N VAL A 765 29.84 -59.52 44.02
CA VAL A 765 30.25 -58.20 43.55
C VAL A 765 30.38 -57.23 44.72
N LEU A 766 29.53 -57.40 45.75
CA LEU A 766 29.62 -56.57 46.94
C LEU A 766 30.95 -56.78 47.65
N GLU A 767 31.39 -58.03 47.78
CA GLU A 767 32.69 -58.33 48.34
C GLU A 767 33.82 -57.78 47.48
N TYR A 768 33.68 -57.87 46.16
CA TYR A 768 34.73 -57.38 45.26
C TYR A 768 34.85 -55.86 45.25
N LEU A 769 33.75 -55.14 45.52
CA LEU A 769 33.83 -53.69 45.51
C LEU A 769 34.34 -53.15 46.84
N LEU A 770 33.75 -53.57 47.96
CA LEU A 770 34.23 -53.11 49.25
C LEU A 770 35.63 -53.62 49.52
N LEU A 771 36.50 -52.75 50.03
CA LEU A 771 37.88 -53.11 50.36
C LEU A 771 37.91 -54.29 51.33
N PRO A 772 37.09 -54.29 52.41
CA PRO A 772 37.00 -55.52 53.22
C PRO A 772 35.99 -56.49 52.63
N GLU A 773 35.91 -57.70 53.19
CA GLU A 773 34.89 -58.64 52.77
C GLU A 773 33.53 -58.23 53.32
N PRO A 774 33.40 -57.90 54.62
CA PRO A 774 32.11 -57.36 55.03
C PRO A 774 32.01 -55.86 54.81
N ARG B 2 66.43 -60.28 -38.12
CA ARG B 2 65.62 -59.71 -37.07
C ARG B 2 65.62 -58.18 -37.13
N LEU B 3 66.64 -57.62 -37.80
CA LEU B 3 66.76 -56.18 -38.03
C LEU B 3 66.76 -55.40 -36.72
N GLU B 4 67.80 -55.64 -35.94
CA GLU B 4 68.02 -54.89 -34.70
C GLU B 4 68.40 -53.47 -35.07
N LEU B 5 67.43 -52.55 -35.02
CA LEU B 5 67.63 -51.18 -35.45
C LEU B 5 67.20 -50.20 -34.36
N PRO B 6 67.78 -49.01 -34.32
CA PRO B 6 67.38 -48.04 -33.28
C PRO B 6 65.95 -47.56 -33.48
N VAL B 7 65.32 -47.19 -32.37
CA VAL B 7 63.92 -46.79 -32.37
C VAL B 7 63.82 -45.28 -32.29
N ILE B 8 63.01 -44.69 -33.16
CA ILE B 8 62.71 -43.26 -33.15
C ILE B 8 61.27 -43.12 -32.65
N PRO B 9 61.05 -42.59 -31.45
CA PRO B 9 59.67 -42.42 -30.95
C PRO B 9 58.94 -41.35 -31.75
N LEU B 10 57.82 -41.74 -32.34
CA LEU B 10 57.07 -40.85 -33.22
C LEU B 10 56.24 -39.87 -32.40
N ARG B 11 56.26 -38.60 -32.81
CA ARG B 11 55.42 -37.56 -32.21
C ARG B 11 54.31 -37.11 -33.15
N ASN B 12 54.07 -37.83 -34.23
CA ASN B 12 53.01 -37.55 -35.18
C ASN B 12 52.17 -38.81 -35.37
N THR B 13 51.29 -38.78 -36.38
CA THR B 13 50.49 -39.95 -36.70
C THR B 13 51.40 -41.10 -37.15
N VAL B 14 50.85 -42.31 -37.08
CA VAL B 14 51.62 -43.51 -37.40
C VAL B 14 52.04 -43.46 -38.87
N ILE B 15 53.27 -43.89 -39.14
CA ILE B 15 53.84 -43.77 -40.48
C ILE B 15 53.10 -44.68 -41.44
N LEU B 16 52.65 -44.12 -42.56
CA LEU B 16 52.02 -44.81 -43.66
C LEU B 16 53.07 -45.30 -44.66
N PRO B 17 52.89 -46.47 -45.26
CA PRO B 17 53.89 -46.99 -46.18
C PRO B 17 54.02 -46.12 -47.42
N HIS B 18 55.26 -46.07 -47.94
CA HIS B 18 55.58 -45.35 -49.17
C HIS B 18 55.18 -43.88 -49.12
N THR B 19 55.40 -43.24 -47.97
CA THR B 19 55.09 -41.83 -47.78
C THR B 19 56.33 -41.11 -47.27
N THR B 20 56.67 -40.00 -47.90
CA THR B 20 57.81 -39.18 -47.48
C THR B 20 57.39 -38.35 -46.27
N THR B 21 58.02 -38.62 -45.12
CA THR B 21 57.65 -37.97 -43.87
C THR B 21 58.84 -37.25 -43.27
N PRO B 22 58.71 -35.96 -42.91
CA PRO B 22 59.77 -35.30 -42.15
C PRO B 22 59.63 -35.59 -40.65
N VAL B 23 60.75 -35.88 -40.02
CA VAL B 23 60.81 -36.12 -38.57
C VAL B 23 61.87 -35.20 -37.99
N ASP B 24 61.48 -34.43 -36.97
CA ASP B 24 62.37 -33.50 -36.28
C ASP B 24 62.48 -33.94 -34.82
N VAL B 25 63.57 -34.59 -34.48
CA VAL B 25 63.78 -35.14 -33.14
C VAL B 25 64.55 -34.12 -32.32
N GLY B 26 63.89 -33.54 -31.31
CA GLY B 26 64.52 -32.58 -30.43
C GLY B 26 64.66 -33.10 -29.01
N ARG B 27 64.19 -34.32 -28.77
CA ARG B 27 64.24 -34.90 -27.43
C ARG B 27 65.69 -35.20 -27.03
N ALA B 28 65.96 -35.07 -25.73
CA ALA B 28 67.31 -35.22 -25.21
C ALA B 28 67.70 -36.68 -24.94
N LYS B 29 66.78 -37.63 -25.10
CA LYS B 29 67.09 -39.03 -24.90
C LYS B 29 66.87 -39.85 -26.18
N SER B 30 67.05 -39.20 -27.34
CA SER B 30 66.90 -39.89 -28.61
C SER B 30 68.03 -39.57 -29.58
N LYS B 31 69.05 -38.82 -29.14
CA LYS B 31 70.16 -38.50 -30.03
C LYS B 31 71.02 -39.74 -30.32
N ARG B 32 71.29 -40.54 -29.29
CA ARG B 32 72.08 -41.76 -29.49
C ARG B 32 71.36 -42.77 -30.36
N ALA B 33 70.03 -42.69 -30.47
CA ALA B 33 69.33 -43.54 -31.43
C ALA B 33 69.82 -43.27 -32.85
N VAL B 34 69.86 -42.01 -33.25
CA VAL B 34 70.38 -41.68 -34.58
C VAL B 34 71.88 -41.90 -34.64
N GLU B 35 72.59 -41.69 -33.53
CA GLU B 35 74.03 -41.92 -33.51
C GLU B 35 74.36 -43.38 -33.80
N GLU B 36 73.51 -44.30 -33.34
CA GLU B 36 73.64 -45.70 -33.72
C GLU B 36 73.06 -45.98 -35.10
N ALA B 37 72.06 -45.20 -35.52
CA ALA B 37 71.46 -45.37 -36.84
C ALA B 37 72.44 -45.07 -37.97
N MET B 38 73.36 -44.13 -37.77
CA MET B 38 74.32 -43.82 -38.84
C MET B 38 75.20 -45.01 -39.17
N GLY B 39 75.44 -45.89 -38.19
CA GLY B 39 76.17 -47.12 -38.40
C GLY B 39 75.31 -48.33 -38.68
N ALA B 40 73.99 -48.15 -38.84
CA ALA B 40 73.07 -49.24 -39.11
C ALA B 40 72.78 -49.41 -40.60
N ASP B 41 73.77 -49.10 -41.45
CA ASP B 41 73.63 -49.20 -42.90
C ASP B 41 72.50 -48.31 -43.42
N ARG B 42 72.33 -47.15 -42.79
CA ARG B 42 71.31 -46.17 -43.17
C ARG B 42 69.92 -46.77 -43.14
N LEU B 43 69.66 -47.65 -42.17
CA LEU B 43 68.37 -48.28 -41.98
C LEU B 43 67.85 -47.93 -40.59
N ILE B 44 66.62 -47.42 -40.53
CA ILE B 44 66.04 -46.95 -39.28
C ILE B 44 64.64 -47.51 -39.13
N PHE B 45 64.18 -47.58 -37.88
CA PHE B 45 62.81 -47.96 -37.56
C PHE B 45 62.00 -46.72 -37.20
N LEU B 46 60.76 -46.68 -37.70
CA LEU B 46 59.78 -45.68 -37.28
C LEU B 46 58.56 -46.45 -36.78
N VAL B 47 58.61 -46.83 -35.50
CA VAL B 47 57.54 -47.58 -34.86
C VAL B 47 56.78 -46.63 -33.94
N ALA B 48 55.45 -46.61 -34.08
CA ALA B 48 54.64 -45.67 -33.34
C ALA B 48 54.68 -45.97 -31.84
N GLN B 49 54.54 -44.91 -31.05
CA GLN B 49 54.48 -45.02 -29.60
C GLN B 49 53.27 -44.26 -29.08
N ARG B 50 53.21 -44.04 -27.77
CA ARG B 50 52.09 -43.33 -27.17
C ARG B 50 52.04 -41.89 -27.66
N ASP B 51 51.03 -41.15 -27.17
CA ASP B 51 50.77 -39.76 -27.55
C ASP B 51 52.02 -38.90 -27.45
N PRO B 52 52.12 -37.82 -28.23
CA PRO B 52 53.36 -37.03 -28.27
C PRO B 52 53.69 -36.37 -26.94
N GLU B 53 54.79 -35.61 -26.92
CA GLU B 53 55.33 -35.01 -25.70
C GLU B 53 55.67 -36.09 -24.68
N VAL B 54 56.33 -37.14 -25.15
CA VAL B 54 56.73 -38.25 -24.29
C VAL B 54 57.89 -37.78 -23.41
N ASP B 55 57.76 -38.00 -22.10
CA ASP B 55 58.78 -37.61 -21.13
C ASP B 55 59.82 -38.70 -20.91
N ASP B 56 59.67 -39.87 -21.56
CA ASP B 56 60.61 -40.97 -21.39
C ASP B 56 60.63 -41.80 -22.67
N PRO B 57 61.35 -41.34 -23.70
CA PRO B 57 61.44 -42.11 -24.93
C PRO B 57 62.24 -43.39 -24.72
N ALA B 58 61.67 -44.51 -25.16
CA ALA B 58 62.26 -45.82 -24.93
C ALA B 58 61.55 -46.82 -25.85
N PRO B 59 62.17 -47.97 -26.12
CA PRO B 59 61.50 -49.01 -26.89
C PRO B 59 60.39 -49.74 -26.12
N ASP B 60 60.20 -49.41 -24.85
CA ASP B 60 59.13 -50.02 -24.05
C ASP B 60 57.75 -49.47 -24.39
N ASP B 61 57.68 -48.38 -25.17
CA ASP B 61 56.42 -47.73 -25.48
C ASP B 61 55.93 -48.04 -26.88
N LEU B 62 56.48 -49.06 -27.53
CA LEU B 62 56.12 -49.38 -28.90
C LEU B 62 54.77 -50.08 -28.96
N TYR B 63 54.25 -50.23 -30.18
CA TYR B 63 53.02 -50.96 -30.44
C TYR B 63 53.37 -52.36 -30.95
N THR B 64 52.35 -53.08 -31.42
CA THR B 64 52.53 -54.42 -31.97
C THR B 64 52.83 -54.40 -33.47
N TRP B 65 53.07 -53.22 -34.04
CA TRP B 65 53.29 -53.09 -35.48
C TRP B 65 54.50 -52.20 -35.73
N GLY B 66 55.50 -52.76 -36.40
CA GLY B 66 56.63 -51.97 -36.84
C GLY B 66 56.48 -51.50 -38.28
N VAL B 67 57.26 -50.48 -38.64
CA VAL B 67 57.23 -49.90 -39.98
C VAL B 67 58.65 -49.86 -40.52
N GLN B 68 58.84 -50.45 -41.71
CA GLN B 68 60.14 -50.47 -42.38
C GLN B 68 60.23 -49.26 -43.29
N ALA B 69 61.13 -48.34 -42.96
CA ALA B 69 61.33 -47.10 -43.71
C ALA B 69 62.81 -46.94 -44.02
N VAL B 70 63.10 -46.07 -45.00
CA VAL B 70 64.46 -45.84 -45.45
C VAL B 70 64.76 -44.35 -45.36
N VAL B 71 66.05 -44.02 -45.25
CA VAL B 71 66.49 -42.65 -45.08
C VAL B 71 66.70 -42.00 -46.45
N LYS B 72 66.29 -40.75 -46.58
CA LYS B 72 66.59 -39.93 -47.74
C LYS B 72 67.61 -38.84 -47.46
N GLN B 73 67.44 -38.11 -46.35
CA GLN B 73 68.44 -37.15 -45.91
C GLN B 73 68.32 -37.00 -44.40
N ALA B 74 69.45 -36.65 -43.77
CA ALA B 74 69.51 -36.51 -42.31
C ALA B 74 70.48 -35.38 -41.99
N MET B 75 69.95 -34.31 -41.38
CA MET B 75 70.72 -33.12 -41.08
C MET B 75 70.74 -32.86 -39.58
N ARG B 76 71.90 -32.42 -39.08
CA ARG B 76 72.08 -32.04 -37.69
C ARG B 76 71.87 -30.53 -37.56
N LEU B 77 70.91 -30.14 -36.73
CA LEU B 77 70.67 -28.71 -36.57
C LEU B 77 71.24 -28.22 -35.23
N PRO B 78 71.74 -26.99 -35.18
CA PRO B 78 72.39 -26.51 -33.95
C PRO B 78 71.45 -26.38 -32.75
N ASP B 79 70.14 -26.28 -32.97
CA ASP B 79 69.18 -26.08 -31.88
C ASP B 79 68.74 -27.38 -31.24
N GLY B 80 69.53 -28.45 -31.38
CA GLY B 80 69.17 -29.74 -30.82
C GLY B 80 68.16 -30.51 -31.63
N THR B 81 67.92 -30.13 -32.88
CA THR B 81 66.94 -30.78 -33.73
C THR B 81 67.64 -31.65 -34.76
N LEU B 82 67.19 -32.89 -34.89
CA LEU B 82 67.67 -33.80 -35.92
C LEU B 82 66.58 -33.91 -36.97
N GLN B 83 66.89 -33.48 -38.20
CA GLN B 83 65.90 -33.34 -39.27
C GLN B 83 66.13 -34.44 -40.30
N VAL B 84 65.23 -35.41 -40.35
CA VAL B 84 65.36 -36.55 -41.25
C VAL B 84 64.14 -36.62 -42.16
N MET B 85 64.38 -36.98 -43.41
CA MET B 85 63.32 -37.23 -44.38
C MET B 85 63.25 -38.74 -44.61
N VAL B 86 62.25 -39.39 -44.01
CA VAL B 86 62.11 -40.83 -44.14
C VAL B 86 61.16 -41.14 -45.28
N GLU B 87 61.34 -42.31 -45.89
CA GLU B 87 60.44 -42.80 -46.93
C GLU B 87 60.12 -44.25 -46.59
N ALA B 88 58.90 -44.49 -46.12
CA ALA B 88 58.50 -45.82 -45.70
C ALA B 88 58.48 -46.78 -46.89
N ARG B 89 58.69 -48.06 -46.60
CA ARG B 89 58.71 -49.07 -47.64
C ARG B 89 57.72 -50.19 -47.34
N ALA B 90 57.54 -50.52 -46.06
CA ALA B 90 56.62 -51.59 -45.67
C ALA B 90 56.29 -51.44 -44.19
N ARG B 91 55.61 -52.44 -43.64
CA ARG B 91 55.32 -52.49 -42.21
C ARG B 91 55.64 -53.89 -41.70
N ALA B 92 55.97 -53.96 -40.42
CA ALA B 92 56.38 -55.22 -39.79
C ALA B 92 55.62 -55.38 -38.48
N GLN B 93 55.92 -56.46 -37.77
CA GLN B 93 55.30 -56.77 -36.48
C GLN B 93 56.41 -56.94 -35.45
N VAL B 94 56.34 -56.16 -34.37
CA VAL B 94 57.32 -56.20 -33.29
C VAL B 94 56.57 -56.53 -32.01
N THR B 95 56.86 -57.69 -31.43
CA THR B 95 56.31 -58.09 -30.14
C THR B 95 57.35 -58.04 -29.03
N ASP B 96 58.48 -58.70 -29.21
CA ASP B 96 59.59 -58.62 -28.28
C ASP B 96 60.57 -57.53 -28.71
N TYR B 97 61.38 -57.07 -27.76
CA TYR B 97 62.30 -55.97 -28.00
C TYR B 97 63.56 -56.19 -27.19
N ILE B 98 64.50 -55.25 -27.32
CA ILE B 98 65.74 -55.24 -26.56
C ILE B 98 65.61 -54.16 -25.49
N PRO B 99 65.99 -54.44 -24.24
CA PRO B 99 65.84 -53.44 -23.17
C PRO B 99 66.60 -52.16 -23.48
N GLY B 100 66.00 -51.03 -23.14
CA GLY B 100 66.61 -49.74 -23.34
C GLY B 100 66.36 -48.81 -22.15
N PRO B 101 67.01 -47.64 -22.16
CA PRO B 101 67.94 -47.11 -23.15
C PRO B 101 69.28 -47.84 -23.19
N TYR B 102 69.97 -47.86 -24.33
CA TYR B 102 69.53 -47.18 -25.55
C TYR B 102 68.43 -47.94 -26.29
N LEU B 103 67.72 -47.22 -27.16
CA LEU B 103 66.57 -47.77 -27.85
C LEU B 103 67.00 -48.82 -28.86
N ARG B 104 66.40 -50.01 -28.79
CA ARG B 104 66.70 -51.10 -29.70
C ARG B 104 65.51 -52.04 -29.75
N ALA B 105 65.12 -52.44 -30.96
CA ALA B 105 63.98 -53.32 -31.13
C ALA B 105 64.35 -54.55 -31.95
N ARG B 106 63.35 -55.35 -32.33
CA ARG B 106 63.59 -56.57 -33.08
C ARG B 106 62.35 -56.88 -33.91
N GLY B 107 62.41 -56.61 -35.20
CA GLY B 107 61.32 -57.00 -36.08
C GLY B 107 61.28 -58.51 -36.26
N GLU B 108 60.08 -59.07 -36.16
CA GLU B 108 59.90 -60.53 -36.18
C GLU B 108 59.23 -61.01 -37.45
N VAL B 109 58.04 -60.51 -37.78
CA VAL B 109 57.27 -60.97 -38.92
C VAL B 109 56.92 -59.77 -39.79
N PHE B 110 57.21 -59.87 -41.08
CA PHE B 110 56.90 -58.80 -42.04
C PHE B 110 55.58 -59.15 -42.71
N SER B 111 54.48 -58.77 -42.05
CA SER B 111 53.13 -59.09 -42.52
C SER B 111 52.61 -57.92 -43.35
N GLU B 112 52.41 -58.17 -44.65
CA GLU B 112 51.81 -57.20 -45.55
C GLU B 112 51.19 -57.94 -46.72
N ILE B 113 49.87 -57.85 -46.85
CA ILE B 113 49.12 -58.58 -47.87
C ILE B 113 48.75 -57.60 -48.96
N PHE B 114 49.25 -57.84 -50.18
CA PHE B 114 48.89 -57.01 -51.33
C PHE B 114 47.69 -57.62 -52.05
N PRO B 115 46.58 -56.90 -52.16
CA PRO B 115 45.37 -57.49 -52.73
C PRO B 115 45.54 -57.86 -54.20
N ILE B 116 44.80 -58.88 -54.61
CA ILE B 116 44.79 -59.32 -56.00
C ILE B 116 44.05 -58.28 -56.84
N ASP B 117 44.52 -58.08 -58.07
CA ASP B 117 43.89 -57.15 -59.00
C ASP B 117 43.85 -55.73 -58.43
N GLU B 118 45.02 -55.10 -58.31
CA GLU B 118 45.15 -53.74 -57.76
C GLU B 118 44.22 -52.74 -58.44
N ALA B 119 43.63 -53.11 -59.58
CA ALA B 119 42.60 -52.28 -60.18
C ALA B 119 41.40 -52.11 -59.25
N VAL B 120 41.01 -53.17 -58.55
CA VAL B 120 39.95 -53.05 -57.56
C VAL B 120 40.40 -52.15 -56.40
N VAL B 121 41.68 -52.20 -56.05
CA VAL B 121 42.22 -51.30 -55.03
C VAL B 121 42.07 -49.85 -55.49
N ARG B 122 42.38 -49.58 -56.75
CA ARG B 122 42.22 -48.23 -57.28
C ARG B 122 40.75 -47.83 -57.35
N VAL B 123 39.86 -48.77 -57.63
CA VAL B 123 38.42 -48.47 -57.64
C VAL B 123 37.96 -48.06 -56.24
N LEU B 124 38.40 -48.79 -55.22
CA LEU B 124 38.05 -48.43 -53.85
C LEU B 124 38.71 -47.12 -53.44
N VAL B 125 39.92 -46.85 -53.93
CA VAL B 125 40.55 -45.57 -53.70
C VAL B 125 39.73 -44.44 -54.30
N GLU B 126 39.19 -44.65 -55.51
CA GLU B 126 38.33 -43.65 -56.13
C GLU B 126 37.03 -43.45 -55.35
N GLU B 127 36.45 -44.53 -54.82
CA GLU B 127 35.25 -44.38 -54.00
C GLU B 127 35.55 -43.58 -52.73
N LEU B 128 36.67 -43.88 -52.08
CA LEU B 128 37.05 -43.09 -50.91
C LEU B 128 37.38 -41.65 -51.28
N LYS B 129 37.90 -41.43 -52.49
CA LYS B 129 38.12 -40.07 -52.98
C LYS B 129 36.80 -39.33 -53.14
N GLU B 130 35.77 -40.02 -53.65
CA GLU B 130 34.45 -39.43 -53.75
C GLU B 130 33.91 -39.06 -52.36
N ALA B 131 34.08 -39.97 -51.40
CA ALA B 131 33.64 -39.68 -50.04
C ALA B 131 34.40 -38.50 -49.44
N PHE B 132 35.71 -38.43 -49.67
CA PHE B 132 36.52 -37.34 -49.14
C PHE B 132 36.15 -36.01 -49.79
N GLU B 133 35.85 -36.04 -51.09
CA GLU B 133 35.36 -34.83 -51.76
C GLU B 133 34.03 -34.37 -51.18
N LYS B 134 33.13 -35.33 -50.89
CA LYS B 134 31.88 -34.97 -50.23
C LYS B 134 32.14 -34.38 -48.84
N TYR B 135 33.12 -34.91 -48.12
CA TYR B 135 33.50 -34.34 -46.83
C TYR B 135 34.05 -32.93 -46.98
N VAL B 136 34.83 -32.67 -48.01
CA VAL B 136 35.44 -31.36 -48.22
C VAL B 136 34.39 -30.33 -48.64
N ALA B 137 33.42 -30.73 -49.48
CA ALA B 137 32.49 -29.79 -50.08
C ALA B 137 31.62 -29.05 -49.06
N ASN B 138 31.45 -29.58 -47.85
CA ASN B 138 30.58 -28.98 -46.86
C ASN B 138 31.29 -28.06 -45.87
N HIS B 139 32.62 -27.97 -45.92
CA HIS B 139 33.34 -27.19 -44.93
C HIS B 139 33.18 -25.70 -45.17
N LYS B 140 33.38 -24.93 -44.10
CA LYS B 140 33.44 -23.48 -44.20
C LYS B 140 34.66 -22.89 -43.50
N SER B 141 35.53 -23.72 -42.92
CA SER B 141 36.79 -23.25 -42.36
C SER B 141 37.95 -24.19 -42.66
N LEU B 142 37.76 -25.18 -43.53
CA LEU B 142 38.80 -26.16 -43.86
C LEU B 142 38.99 -26.22 -45.37
N ARG B 143 39.16 -25.07 -46.01
CA ARG B 143 39.21 -24.95 -47.46
C ARG B 143 40.16 -25.96 -48.11
N LEU B 144 41.46 -25.87 -47.80
CA LEU B 144 42.39 -26.99 -47.94
C LEU B 144 42.32 -27.71 -49.29
N ASP B 145 42.77 -27.06 -50.37
CA ASP B 145 42.82 -27.66 -51.71
C ASP B 145 43.19 -29.14 -51.66
N ARG B 146 42.36 -29.96 -52.30
CA ARG B 146 42.59 -31.40 -52.39
C ARG B 146 43.10 -31.83 -53.76
N TYR B 147 43.35 -30.88 -54.67
CA TYR B 147 43.86 -31.21 -55.99
C TYR B 147 45.39 -31.29 -56.01
N GLN B 148 46.05 -31.05 -54.88
CA GLN B 148 47.46 -31.35 -54.72
C GLN B 148 47.69 -32.81 -54.35
N LEU B 149 46.62 -33.56 -54.07
CA LEU B 149 46.73 -34.97 -53.77
C LEU B 149 47.13 -35.77 -55.01
N GLU B 150 46.61 -35.40 -56.17
CA GLU B 150 46.90 -36.10 -57.42
C GLU B 150 48.24 -35.70 -58.02
N ALA B 151 48.89 -34.67 -57.48
CA ALA B 151 50.16 -34.17 -58.03
C ALA B 151 51.37 -34.97 -57.57
N VAL B 152 51.21 -35.85 -56.58
CA VAL B 152 52.31 -36.68 -56.10
C VAL B 152 52.28 -38.07 -56.73
N LYS B 153 51.57 -38.23 -57.85
CA LYS B 153 51.46 -39.51 -58.53
C LYS B 153 52.58 -39.75 -59.54
N GLY B 154 53.73 -39.08 -59.37
CA GLY B 154 54.88 -39.39 -60.21
C GLY B 154 55.29 -40.85 -60.11
N THR B 155 55.32 -41.38 -58.89
CA THR B 155 55.45 -42.81 -58.65
C THR B 155 54.03 -43.36 -58.53
N SER B 156 53.56 -44.01 -59.59
CA SER B 156 52.16 -44.41 -59.67
C SER B 156 51.95 -45.72 -58.90
N ASP B 157 51.08 -45.68 -57.89
CA ASP B 157 50.70 -46.84 -57.11
C ASP B 157 49.48 -46.47 -56.28
N PRO B 158 48.52 -47.39 -56.10
CA PRO B 158 47.35 -47.05 -55.26
C PRO B 158 47.72 -46.68 -53.84
N ALA B 159 48.79 -47.26 -53.29
CA ALA B 159 49.23 -46.89 -51.94
C ALA B 159 49.60 -45.42 -51.86
N MET B 160 50.23 -44.88 -52.90
CA MET B 160 50.62 -43.47 -52.89
C MET B 160 49.42 -42.56 -52.65
N LEU B 161 48.36 -42.71 -53.45
CA LEU B 161 47.19 -41.85 -53.28
C LEU B 161 46.43 -42.19 -52.01
N ALA B 162 46.31 -43.48 -51.68
CA ALA B 162 45.58 -43.88 -50.49
C ALA B 162 46.23 -43.37 -49.21
N ASP B 163 47.54 -43.14 -49.22
CA ASP B 163 48.24 -42.59 -48.07
C ASP B 163 48.42 -41.08 -48.15
N THR B 164 48.38 -40.49 -49.34
CA THR B 164 48.41 -39.04 -49.45
C THR B 164 47.07 -38.42 -49.04
N ILE B 165 45.96 -39.04 -49.44
CA ILE B 165 44.65 -38.54 -49.04
C ILE B 165 44.49 -38.66 -47.52
N ALA B 166 44.87 -39.80 -46.95
CA ALA B 166 44.77 -39.99 -45.51
C ALA B 166 45.79 -39.17 -44.73
N TYR B 167 46.85 -38.71 -45.40
CA TYR B 167 47.87 -37.92 -44.72
C TYR B 167 47.30 -36.61 -44.18
N HIS B 168 46.46 -35.94 -44.98
CA HIS B 168 45.89 -34.66 -44.58
C HIS B 168 44.62 -34.81 -43.75
N ALA B 169 44.09 -36.02 -43.62
CA ALA B 169 42.88 -36.22 -42.84
C ALA B 169 43.16 -36.06 -41.35
N THR B 170 42.10 -35.85 -40.58
CA THR B 170 42.19 -35.65 -39.15
C THR B 170 41.97 -36.97 -38.43
N TRP B 171 43.00 -37.47 -37.75
CA TRP B 171 42.91 -38.71 -37.00
C TRP B 171 43.65 -38.53 -35.67
N THR B 172 43.74 -39.62 -34.91
CA THR B 172 44.53 -39.69 -33.70
C THR B 172 45.57 -40.79 -33.84
N VAL B 173 46.39 -40.97 -32.80
CA VAL B 173 47.41 -42.00 -32.84
C VAL B 173 46.77 -43.39 -32.86
N ALA B 174 45.75 -43.60 -32.02
CA ALA B 174 45.06 -44.89 -32.02
C ALA B 174 44.31 -45.14 -33.32
N GLU B 175 43.70 -44.10 -33.89
CA GLU B 175 42.96 -44.25 -35.14
C GLU B 175 43.86 -44.50 -36.34
N LYS B 176 45.16 -44.20 -36.24
CA LYS B 176 46.11 -44.58 -37.28
C LYS B 176 46.76 -45.93 -37.02
N GLN B 177 47.01 -46.25 -35.75
CA GLN B 177 47.47 -47.58 -35.39
C GLN B 177 46.45 -48.66 -35.74
N GLU B 178 45.15 -48.35 -35.64
CA GLU B 178 44.13 -49.27 -36.09
C GLU B 178 44.25 -49.54 -37.59
N ILE B 179 44.53 -48.51 -38.38
CA ILE B 179 44.78 -48.71 -39.81
C ILE B 179 46.02 -49.58 -40.01
N LEU B 180 47.08 -49.31 -39.24
CA LEU B 180 48.28 -50.12 -39.32
C LEU B 180 48.07 -51.56 -38.84
N GLU B 181 46.98 -51.84 -38.13
CA GLU B 181 46.69 -53.21 -37.73
C GLU B 181 46.18 -54.05 -38.90
N LEU B 182 45.83 -53.44 -40.02
CA LEU B 182 45.36 -54.15 -41.20
C LEU B 182 46.45 -54.14 -42.26
N THR B 183 46.85 -55.34 -42.71
CA THR B 183 47.85 -55.47 -43.75
C THR B 183 47.27 -55.34 -45.15
N ASP B 184 45.94 -55.30 -45.28
CA ASP B 184 45.29 -55.25 -46.57
C ASP B 184 45.18 -53.81 -47.07
N LEU B 185 44.93 -53.66 -48.36
CA LEU B 185 44.69 -52.34 -48.96
C LEU B 185 43.22 -52.05 -49.18
N GLU B 186 42.34 -53.05 -49.04
CA GLU B 186 40.90 -52.85 -49.24
C GLU B 186 40.15 -52.71 -47.93
N ALA B 187 40.49 -53.54 -46.93
CA ALA B 187 39.81 -53.46 -45.64
C ALA B 187 40.05 -52.12 -44.97
N ARG B 188 41.28 -51.62 -45.01
CA ARG B 188 41.56 -50.32 -44.43
C ARG B 188 40.85 -49.21 -45.20
N LEU B 189 40.74 -49.33 -46.52
CA LEU B 189 39.99 -48.35 -47.28
C LEU B 189 38.51 -48.35 -46.89
N LYS B 190 37.93 -49.53 -46.70
CA LYS B 190 36.53 -49.59 -46.26
C LYS B 190 36.36 -48.99 -44.87
N LYS B 191 37.29 -49.28 -43.96
CA LYS B 191 37.22 -48.73 -42.61
C LYS B 191 37.30 -47.21 -42.62
N VAL B 192 38.25 -46.67 -43.40
CA VAL B 192 38.37 -45.22 -43.53
C VAL B 192 37.15 -44.63 -44.21
N LEU B 193 36.57 -45.34 -45.18
CA LEU B 193 35.35 -44.89 -45.82
C LEU B 193 34.22 -44.75 -44.80
N GLY B 194 34.04 -45.77 -43.95
CA GLY B 194 33.01 -45.70 -42.93
C GLY B 194 33.25 -44.59 -41.93
N LEU B 195 34.50 -44.46 -41.46
CA LEU B 195 34.81 -43.41 -40.49
C LEU B 195 34.63 -42.01 -41.08
N LEU B 196 35.03 -41.81 -42.34
CA LEU B 196 34.87 -40.51 -42.97
C LEU B 196 33.40 -40.21 -43.30
N SER B 197 32.61 -41.25 -43.63
CA SER B 197 31.18 -41.04 -43.76
C SER B 197 30.55 -40.64 -42.44
N ARG B 198 30.98 -41.25 -41.34
CA ARG B 198 30.49 -40.85 -40.03
C ARG B 198 30.89 -39.41 -39.71
N ASP B 199 32.13 -39.03 -40.05
CA ASP B 199 32.57 -37.66 -39.83
C ASP B 199 31.78 -36.66 -40.68
N LEU B 200 31.50 -36.99 -41.94
CA LEU B 200 30.69 -36.12 -42.78
C LEU B 200 29.27 -36.01 -42.24
N GLU B 201 28.70 -37.12 -41.75
CA GLU B 201 27.38 -37.05 -41.13
C GLU B 201 27.40 -36.14 -39.92
N ARG B 202 28.45 -36.25 -39.08
CA ARG B 202 28.57 -35.39 -37.92
C ARG B 202 28.69 -33.93 -38.31
N PHE B 203 29.47 -33.63 -39.34
CA PHE B 203 29.67 -32.24 -39.75
C PHE B 203 28.41 -31.66 -40.38
N GLU B 204 27.69 -32.44 -41.18
CA GLU B 204 26.42 -31.97 -41.74
C GLU B 204 25.37 -31.77 -40.65
N LEU B 205 25.33 -32.67 -39.67
CA LEU B 205 24.43 -32.48 -38.53
C LEU B 205 24.82 -31.23 -37.75
N ASP B 206 26.12 -30.96 -37.61
CA ASP B 206 26.56 -29.75 -36.94
C ASP B 206 26.17 -28.50 -37.72
N LYS B 207 26.24 -28.54 -39.05
CA LYS B 207 25.80 -27.40 -39.85
C LYS B 207 24.29 -27.18 -39.71
N ARG B 208 23.52 -28.26 -39.72
CA ARG B 208 22.07 -28.12 -39.50
C ARG B 208 21.76 -27.58 -38.12
N VAL B 209 22.50 -28.04 -37.10
CA VAL B 209 22.32 -27.54 -35.74
C VAL B 209 22.71 -26.07 -35.67
N ALA B 210 23.76 -25.68 -36.40
CA ALA B 210 24.16 -24.28 -36.43
C ALA B 210 23.07 -23.41 -37.04
N GLN B 211 22.45 -23.87 -38.14
CA GLN B 211 21.35 -23.12 -38.73
C GLN B 211 20.16 -23.03 -37.77
N ARG B 212 19.82 -24.15 -37.12
CA ARG B 212 18.69 -24.17 -36.20
C ARG B 212 18.93 -23.22 -35.02
N VAL B 213 20.14 -23.27 -34.43
CA VAL B 213 20.48 -22.39 -33.32
C VAL B 213 20.55 -20.94 -33.78
N LYS B 214 21.00 -20.71 -35.02
CA LYS B 214 21.00 -19.35 -35.56
C LYS B 214 19.59 -18.80 -35.60
N GLU B 215 18.64 -19.58 -36.10
CA GLU B 215 17.25 -19.15 -36.09
C GLU B 215 16.72 -18.97 -34.67
N GLN B 216 17.11 -19.87 -33.76
CA GLN B 216 16.67 -19.76 -32.37
C GLN B 216 17.11 -18.44 -31.75
N MET B 217 18.40 -18.12 -31.86
CA MET B 217 18.88 -16.87 -31.27
C MET B 217 18.34 -15.67 -32.05
N ASP B 218 18.13 -15.81 -33.35
CA ASP B 218 17.55 -14.70 -34.11
C ASP B 218 16.16 -14.36 -33.61
N THR B 219 15.33 -15.37 -33.33
CA THR B 219 13.99 -15.10 -32.80
C THR B 219 14.06 -14.58 -31.37
N ASN B 220 14.89 -15.22 -30.52
CA ASN B 220 15.01 -14.81 -29.12
C ASN B 220 15.63 -13.43 -28.96
N GLN B 221 16.35 -12.95 -29.96
CA GLN B 221 16.87 -11.59 -29.96
C GLN B 221 15.93 -10.62 -30.65
N ARG B 222 15.16 -11.09 -31.64
CA ARG B 222 14.18 -10.23 -32.30
C ARG B 222 13.04 -9.88 -31.36
N GLU B 223 12.73 -10.76 -30.40
CA GLU B 223 11.76 -10.39 -29.37
C GLU B 223 12.22 -9.16 -28.60
N TYR B 224 13.47 -9.19 -28.11
CA TYR B 224 14.01 -8.03 -27.40
C TYR B 224 14.19 -6.84 -28.32
N TYR B 225 14.47 -7.09 -29.60
CA TYR B 225 14.57 -6.00 -30.58
C TYR B 225 13.23 -5.30 -30.76
N LEU B 226 12.15 -6.07 -30.82
CA LEU B 226 10.82 -5.47 -30.91
C LEU B 226 10.47 -4.69 -29.65
N ARG B 227 10.85 -5.22 -28.48
CA ARG B 227 10.67 -4.46 -27.25
C ARG B 227 11.46 -3.15 -27.29
N GLU B 228 12.70 -3.20 -27.79
CA GLU B 228 13.51 -2.01 -27.91
C GLU B 228 12.91 -1.02 -28.90
N GLN B 229 12.34 -1.52 -30.00
CA GLN B 229 11.68 -0.65 -30.96
C GLN B 229 10.47 0.03 -30.33
N MET B 230 9.70 -0.71 -29.53
CA MET B 230 8.62 -0.07 -28.76
C MET B 230 9.16 1.06 -27.90
N LYS B 231 10.18 0.77 -27.09
CA LYS B 231 10.70 1.75 -26.15
C LYS B 231 11.39 2.93 -26.83
N ALA B 232 11.89 2.74 -28.05
CA ALA B 232 12.57 3.81 -28.77
C ALA B 232 11.60 4.67 -29.57
N ILE B 233 10.55 4.06 -30.13
CA ILE B 233 9.53 4.86 -30.80
C ILE B 233 8.75 5.67 -29.78
N GLN B 234 8.49 5.08 -28.61
CA GLN B 234 7.87 5.85 -27.52
C GLN B 234 8.69 7.07 -27.15
N LYS B 235 9.98 7.08 -27.49
CA LYS B 235 10.78 8.32 -27.27
C LYS B 235 10.14 9.44 -28.10
N GLU B 236 9.88 9.18 -29.39
CA GLU B 236 9.31 10.21 -30.30
C GLU B 236 7.86 10.50 -29.89
N LEU B 237 7.24 9.56 -29.16
CA LEU B 237 5.83 9.75 -28.68
C LEU B 237 5.83 10.78 -27.54
N GLY B 238 4.66 11.37 -27.27
CA GLY B 238 4.58 12.42 -26.22
C GLY B 238 4.99 11.89 -24.85
N GLY B 239 5.69 12.71 -24.07
CA GLY B 239 6.20 12.26 -22.76
C GLY B 239 7.60 11.69 -22.87
N GLU B 240 8.12 11.55 -24.10
CA GLU B 240 9.51 11.08 -24.32
C GLU B 240 9.76 9.74 -23.60
N ASP B 241 8.83 8.79 -23.73
CA ASP B 241 8.96 7.48 -23.02
C ASP B 241 9.10 7.74 -21.52
N GLY B 242 8.29 8.64 -20.96
CA GLY B 242 8.44 8.99 -19.53
C GLY B 242 9.84 9.49 -19.24
N LEU B 243 10.39 10.36 -20.10
CA LEU B 243 11.79 10.83 -19.93
C LEU B 243 12.74 9.63 -19.90
N SER B 244 12.60 8.71 -20.85
CA SER B 244 13.47 7.51 -20.94
C SER B 244 13.41 6.66 -19.66
N ASP B 245 12.21 6.54 -19.07
CA ASP B 245 12.04 5.68 -17.87
C ASP B 245 11.78 4.24 -18.34
N LEU B 246 11.71 3.28 -17.41
CA LEU B 246 11.50 1.87 -17.72
C LEU B 246 12.62 1.34 -18.62
N GLU B 247 13.52 2.23 -19.04
CA GLU B 247 14.79 1.86 -19.61
C GLU B 247 15.93 1.99 -18.61
N ALA B 248 15.81 2.91 -17.65
CA ALA B 248 16.75 2.96 -16.54
C ALA B 248 16.59 1.75 -15.63
N LEU B 249 15.35 1.40 -15.31
CA LEU B 249 15.09 0.20 -14.52
C LEU B 249 15.61 -1.04 -15.25
N ARG B 250 15.28 -1.17 -16.53
CA ARG B 250 15.67 -2.35 -17.29
C ARG B 250 17.18 -2.49 -17.39
N LYS B 251 17.88 -1.39 -17.65
CA LYS B 251 19.33 -1.48 -17.78
C LYS B 251 20.00 -1.67 -16.42
N LYS B 252 19.54 -0.98 -15.38
CA LYS B 252 20.10 -1.19 -14.05
C LYS B 252 19.86 -2.61 -13.56
N ILE B 253 18.80 -3.26 -14.02
CA ILE B 253 18.63 -4.69 -13.77
C ILE B 253 19.54 -5.50 -14.67
N GLU B 254 19.40 -5.33 -15.99
CA GLU B 254 20.02 -6.22 -16.96
C GLU B 254 21.29 -5.63 -17.56
N GLU B 255 22.03 -4.85 -16.79
CA GLU B 255 23.46 -4.62 -17.02
C GLU B 255 24.30 -5.06 -15.85
N VAL B 256 23.84 -4.84 -14.63
CA VAL B 256 24.50 -5.37 -13.45
C VAL B 256 24.39 -6.89 -13.48
N GLY B 257 25.53 -7.57 -13.28
CA GLY B 257 25.58 -9.01 -13.42
C GLY B 257 24.59 -9.76 -12.54
N MET B 258 23.55 -10.29 -13.15
CA MET B 258 22.50 -11.04 -12.47
C MET B 258 22.34 -12.41 -13.09
N PRO B 259 21.84 -13.39 -12.34
CA PRO B 259 21.55 -14.71 -12.92
C PRO B 259 20.50 -14.60 -14.01
N GLU B 260 20.65 -15.44 -15.02
CA GLU B 260 19.84 -15.39 -16.24
C GLU B 260 18.36 -15.63 -15.98
N ALA B 261 18.01 -16.64 -15.18
CA ALA B 261 16.61 -16.84 -14.83
C ALA B 261 16.04 -15.63 -14.12
N VAL B 262 16.85 -14.97 -13.28
CA VAL B 262 16.41 -13.76 -12.61
C VAL B 262 16.17 -12.65 -13.63
N LYS B 263 17.05 -12.54 -14.62
CA LYS B 263 16.84 -11.56 -15.68
C LYS B 263 15.52 -11.81 -16.40
N THR B 264 15.24 -13.08 -16.72
CA THR B 264 14.02 -13.41 -17.44
C THR B 264 12.78 -13.09 -16.62
N LYS B 265 12.76 -13.53 -15.36
CA LYS B 265 11.61 -13.22 -14.51
C LYS B 265 11.48 -11.73 -14.23
N ALA B 266 12.59 -10.99 -14.24
CA ALA B 266 12.52 -9.53 -14.19
C ALA B 266 11.85 -8.98 -15.43
N LEU B 267 12.15 -9.56 -16.60
CA LEU B 267 11.46 -9.14 -17.82
C LEU B 267 9.96 -9.35 -17.71
N LYS B 268 9.53 -10.53 -17.23
CA LYS B 268 8.09 -10.73 -17.05
C LYS B 268 7.51 -9.73 -16.04
N GLU B 269 8.10 -9.65 -14.84
CA GLU B 269 7.56 -8.77 -13.82
C GLU B 269 7.61 -7.30 -14.21
N LEU B 270 8.42 -6.94 -15.19
CA LEU B 270 8.38 -5.60 -15.79
C LEU B 270 7.29 -5.49 -16.85
N ASP B 271 6.97 -6.60 -17.52
CA ASP B 271 5.89 -6.59 -18.51
C ASP B 271 4.53 -6.34 -17.90
N ARG B 272 4.39 -6.47 -16.57
CA ARG B 272 3.14 -6.19 -15.88
C ARG B 272 2.90 -4.69 -15.69
N LEU B 273 3.70 -3.85 -16.35
CA LEU B 273 3.54 -2.40 -16.27
C LEU B 273 2.62 -1.85 -17.35
N GLU B 274 1.71 -2.68 -17.87
CA GLU B 274 0.68 -2.24 -18.79
C GLU B 274 -0.68 -2.14 -18.11
N ARG B 275 -0.70 -1.83 -16.82
CA ARG B 275 -1.93 -1.73 -16.06
C ARG B 275 -2.03 -0.36 -15.39
N MET B 276 -3.09 -0.12 -14.63
CA MET B 276 -3.28 1.13 -13.93
C MET B 276 -2.45 1.15 -12.66
N GLN B 277 -2.18 2.37 -12.18
CA GLN B 277 -1.21 2.54 -11.10
C GLN B 277 -1.68 3.44 -9.96
N GLN B 278 -2.84 4.08 -10.05
CA GLN B 278 -3.20 5.16 -9.14
C GLN B 278 -3.94 4.67 -7.90
N GLY B 279 -3.59 3.48 -7.41
CA GLY B 279 -4.23 2.91 -6.24
C GLY B 279 -4.37 1.41 -6.36
N SER B 280 -4.28 0.90 -7.58
CA SER B 280 -4.35 -0.53 -7.83
C SER B 280 -3.09 -1.22 -7.31
N PRO B 281 -3.22 -2.32 -6.57
CA PRO B 281 -2.02 -3.01 -6.07
C PRO B 281 -1.39 -3.92 -7.09
N GLU B 282 -1.26 -3.45 -8.33
CA GLU B 282 -0.58 -4.20 -9.37
C GLU B 282 0.45 -3.39 -10.13
N ALA B 283 0.65 -2.12 -9.79
CA ALA B 283 1.73 -1.32 -10.35
C ALA B 283 2.58 -0.66 -9.28
N THR B 284 2.00 -0.31 -8.14
CA THR B 284 2.81 0.16 -7.01
C THR B 284 3.73 -0.94 -6.51
N VAL B 285 3.17 -2.11 -6.23
CA VAL B 285 3.98 -3.25 -5.84
C VAL B 285 4.88 -3.73 -6.98
N ALA B 286 4.44 -3.56 -8.23
CA ALA B 286 5.30 -3.88 -9.35
C ALA B 286 6.52 -2.97 -9.39
N ARG B 287 6.30 -1.66 -9.20
CA ARG B 287 7.42 -0.73 -9.16
C ARG B 287 8.35 -1.04 -7.98
N THR B 288 7.79 -1.36 -6.82
CA THR B 288 8.63 -1.69 -5.67
C THR B 288 9.46 -2.95 -5.92
N TYR B 289 8.84 -3.98 -6.51
CA TYR B 289 9.56 -5.22 -6.81
C TYR B 289 10.66 -4.99 -7.82
N LEU B 290 10.39 -4.22 -8.88
CA LEU B 290 11.42 -3.90 -9.85
C LEU B 290 12.55 -3.11 -9.21
N ASP B 291 12.23 -2.15 -8.34
CA ASP B 291 13.26 -1.36 -7.68
C ASP B 291 14.14 -2.23 -6.79
N TRP B 292 13.53 -3.12 -6.01
CA TRP B 292 14.33 -3.89 -5.07
C TRP B 292 15.19 -4.92 -5.80
N LEU B 293 14.66 -5.53 -6.87
CA LEU B 293 15.54 -6.33 -7.72
C LEU B 293 16.64 -5.47 -8.34
N THR B 294 16.36 -4.18 -8.55
CA THR B 294 17.37 -3.30 -9.14
C THR B 294 18.48 -2.99 -8.15
N GLU B 295 18.13 -2.67 -6.90
CA GLU B 295 19.03 -1.98 -5.99
C GLU B 295 19.81 -2.90 -5.05
N VAL B 296 19.34 -4.12 -4.81
CA VAL B 296 20.19 -5.07 -4.08
C VAL B 296 21.44 -5.35 -4.92
N PRO B 297 22.65 -5.17 -4.39
CA PRO B 297 23.84 -5.28 -5.21
C PRO B 297 24.06 -6.69 -5.75
N TRP B 298 24.58 -6.75 -6.97
CA TRP B 298 24.86 -8.00 -7.65
C TRP B 298 26.31 -7.97 -8.13
N SER B 299 27.09 -8.96 -7.73
CA SER B 299 28.46 -9.15 -8.21
C SER B 299 29.36 -7.96 -7.91
N LYS B 300 29.05 -7.16 -6.90
CA LYS B 300 29.97 -6.14 -6.42
C LYS B 300 30.76 -6.67 -5.24
N ALA B 301 32.07 -6.49 -5.29
CA ALA B 301 32.97 -7.09 -4.32
C ALA B 301 33.79 -5.99 -3.66
N ASP B 302 34.75 -6.40 -2.84
CA ASP B 302 35.61 -5.52 -2.06
C ASP B 302 37.06 -5.90 -2.25
N PRO B 303 37.99 -4.98 -2.00
CA PRO B 303 39.42 -5.37 -1.92
C PRO B 303 39.71 -6.15 -0.65
N GLU B 304 39.05 -7.30 -0.54
CA GLU B 304 39.11 -8.12 0.67
C GLU B 304 40.50 -8.73 0.81
N VAL B 305 41.28 -8.22 1.75
CA VAL B 305 42.61 -8.76 2.05
C VAL B 305 42.52 -9.48 3.39
N LEU B 306 42.78 -10.78 3.36
CA LEU B 306 42.82 -11.59 4.56
C LEU B 306 44.26 -11.83 4.99
N ASP B 307 44.49 -11.85 6.30
CA ASP B 307 45.84 -11.95 6.81
C ASP B 307 45.79 -12.45 8.24
N ILE B 308 46.96 -12.89 8.71
CA ILE B 308 47.18 -13.26 10.10
C ILE B 308 48.33 -12.40 10.60
N ASN B 309 49.02 -11.76 9.67
CA ASN B 309 50.06 -10.79 9.98
C ASN B 309 49.55 -9.36 9.91
N HIS B 310 48.25 -9.18 9.68
CA HIS B 310 47.66 -7.84 9.69
C HIS B 310 46.48 -7.75 10.64
N THR B 311 45.66 -8.80 10.69
CA THR B 311 44.56 -8.80 11.66
C THR B 311 45.08 -8.85 13.08
N ARG B 312 46.17 -9.58 13.31
CA ARG B 312 46.83 -9.54 14.62
C ARG B 312 47.19 -8.11 15.00
N GLN B 313 47.86 -7.40 14.09
CA GLN B 313 48.27 -6.02 14.38
C GLN B 313 47.07 -5.12 14.60
N VAL B 314 46.02 -5.28 13.78
CA VAL B 314 44.82 -4.45 13.94
C VAL B 314 44.21 -4.66 15.31
N LEU B 315 44.08 -5.92 15.73
CA LEU B 315 43.52 -6.19 17.04
C LEU B 315 44.48 -5.85 18.17
N ASP B 316 45.75 -5.60 17.85
CA ASP B 316 46.70 -5.19 18.89
C ASP B 316 46.44 -3.75 19.34
N GLU B 317 46.20 -2.85 18.39
CA GLU B 317 46.05 -1.43 18.73
C GLU B 317 44.59 -1.10 19.00
N ASP B 318 43.68 -1.62 18.19
CA ASP B 318 42.29 -1.18 18.20
C ASP B 318 41.53 -1.59 19.46
N HIS B 319 42.01 -2.59 20.19
CA HIS B 319 41.19 -3.17 21.24
C HIS B 319 41.93 -3.47 22.54
N TYR B 320 43.16 -2.99 22.71
CA TYR B 320 43.97 -3.34 23.86
C TYR B 320 44.20 -4.85 23.85
N GLY B 321 43.13 -5.62 24.03
CA GLY B 321 43.16 -7.03 23.73
C GLY B 321 43.30 -7.95 24.94
N LEU B 322 42.35 -8.88 25.08
CA LEU B 322 42.52 -9.94 26.06
C LEU B 322 43.62 -10.92 25.66
N LYS B 323 44.07 -10.88 24.41
CA LYS B 323 45.14 -11.71 23.89
C LYS B 323 44.75 -13.19 23.88
N ASP B 324 43.54 -13.50 24.36
CA ASP B 324 43.09 -14.87 24.50
C ASP B 324 42.05 -15.19 23.43
N VAL B 325 41.00 -14.38 23.35
CA VAL B 325 39.99 -14.57 22.33
C VAL B 325 40.41 -13.95 21.03
N LYS B 326 41.35 -13.00 21.08
CA LYS B 326 41.91 -12.46 19.84
C LYS B 326 42.61 -13.57 19.06
N GLU B 327 43.30 -14.47 19.77
CA GLU B 327 43.96 -15.57 19.09
C GLU B 327 42.96 -16.56 18.50
N ARG B 328 41.83 -16.78 19.18
CA ARG B 328 40.82 -17.67 18.61
C ARG B 328 40.20 -17.07 17.36
N ILE B 329 39.83 -15.79 17.39
CA ILE B 329 39.35 -15.15 16.17
C ILE B 329 40.43 -15.21 15.11
N LEU B 330 41.69 -15.12 15.53
CA LEU B 330 42.79 -15.13 14.57
C LEU B 330 42.94 -16.50 13.92
N GLU B 331 42.71 -17.58 14.67
CA GLU B 331 42.81 -18.92 14.09
C GLU B 331 41.63 -19.18 13.15
N TYR B 332 40.44 -18.67 13.50
CA TYR B 332 39.33 -18.77 12.56
C TYR B 332 39.65 -18.05 11.26
N LEU B 333 40.17 -16.83 11.36
CA LEU B 333 40.54 -16.14 10.14
C LEU B 333 41.73 -16.79 9.44
N ALA B 334 42.53 -17.55 10.17
CA ALA B 334 43.59 -18.32 9.52
C ALA B 334 43.01 -19.42 8.64
N VAL B 335 42.10 -20.22 9.19
CA VAL B 335 41.52 -21.31 8.40
C VAL B 335 40.69 -20.70 7.27
N ARG B 336 40.23 -19.47 7.48
CA ARG B 336 39.64 -18.72 6.38
C ARG B 336 40.66 -18.33 5.31
N GLN B 337 41.88 -17.98 5.73
CA GLN B 337 42.93 -17.61 4.77
C GLN B 337 43.35 -18.78 3.91
N LEU B 338 43.46 -19.97 4.49
CA LEU B 338 43.94 -21.13 3.76
C LEU B 338 42.97 -21.51 2.64
N THR B 339 43.51 -22.18 1.64
CA THR B 339 42.67 -22.80 0.63
C THR B 339 41.81 -23.88 1.26
N GLN B 340 40.51 -23.82 0.98
CA GLN B 340 39.55 -24.81 1.47
C GLN B 340 39.00 -25.62 0.30
N GLY B 341 39.89 -26.01 -0.62
CA GLY B 341 39.50 -26.46 -1.93
C GLY B 341 39.79 -25.36 -2.93
N LEU B 342 40.88 -24.63 -2.67
CA LEU B 342 41.25 -23.43 -3.43
C LEU B 342 40.15 -22.38 -3.38
N ASP B 343 39.38 -22.38 -2.31
CA ASP B 343 38.26 -21.45 -2.15
C ASP B 343 37.94 -21.35 -0.65
N VAL B 344 36.78 -20.80 -0.34
CA VAL B 344 36.23 -20.79 1.01
C VAL B 344 34.81 -21.32 0.90
N ARG B 345 34.64 -22.61 1.15
CA ARG B 345 33.35 -23.28 0.96
C ARG B 345 32.67 -23.48 2.31
N ASN B 346 31.47 -24.05 2.24
CA ASN B 346 30.65 -24.29 3.42
C ASN B 346 31.10 -25.54 4.17
N LYS B 347 30.24 -26.04 5.05
CA LYS B 347 30.55 -27.08 6.02
C LYS B 347 31.55 -26.59 7.07
N ALA B 348 31.63 -25.28 7.26
CA ALA B 348 32.46 -24.63 8.26
C ALA B 348 31.59 -23.85 9.22
N PRO B 349 32.04 -23.63 10.46
CA PRO B 349 31.22 -22.88 11.42
C PRO B 349 31.00 -21.44 11.00
N ILE B 350 30.21 -20.69 11.77
CA ILE B 350 29.85 -19.32 11.39
C ILE B 350 30.26 -18.31 12.45
N LEU B 351 31.15 -18.68 13.37
CA LEU B 351 31.83 -17.73 14.25
C LEU B 351 30.84 -16.93 15.11
N VAL B 352 30.20 -17.64 16.03
CA VAL B 352 29.36 -16.96 17.01
C VAL B 352 30.22 -16.45 18.16
N LEU B 353 29.83 -15.27 18.67
CA LEU B 353 30.51 -14.62 19.78
C LEU B 353 29.55 -14.56 20.95
N VAL B 354 30.00 -14.99 22.12
CA VAL B 354 29.18 -15.01 23.32
C VAL B 354 29.84 -14.09 24.35
N GLY B 355 29.15 -13.00 24.69
CA GLY B 355 29.65 -12.07 25.66
C GLY B 355 28.57 -11.16 26.20
N PRO B 356 28.72 -10.72 27.44
CA PRO B 356 27.74 -9.83 28.04
C PRO B 356 27.71 -8.50 27.31
N PRO B 357 26.59 -7.76 27.38
CA PRO B 357 26.41 -6.59 26.51
C PRO B 357 27.45 -5.51 26.67
N GLY B 358 28.18 -5.52 27.79
CA GLY B 358 29.18 -4.51 28.04
C GLY B 358 30.53 -4.75 27.42
N VAL B 359 30.71 -5.83 26.66
CA VAL B 359 32.01 -6.19 26.12
C VAL B 359 32.00 -5.95 24.61
N GLY B 360 33.16 -5.60 24.07
CA GLY B 360 33.25 -5.11 22.72
C GLY B 360 33.08 -6.13 21.61
N LYS B 361 32.03 -6.95 21.71
CA LYS B 361 31.73 -7.88 20.63
C LYS B 361 31.48 -7.14 19.33
N THR B 362 30.65 -6.11 19.37
CA THR B 362 30.43 -5.28 18.19
C THR B 362 31.70 -4.60 17.73
N SER B 363 32.53 -4.13 18.67
CA SER B 363 33.81 -3.57 18.28
C SER B 363 34.72 -4.63 17.67
N LEU B 364 34.66 -5.88 18.15
CA LEU B 364 35.40 -6.96 17.50
C LEU B 364 34.96 -7.13 16.05
N GLY B 365 33.65 -7.12 15.82
CA GLY B 365 33.18 -7.19 14.45
C GLY B 365 33.68 -6.02 13.62
N ARG B 366 33.63 -4.82 14.18
CA ARG B 366 34.09 -3.64 13.45
C ARG B 366 35.58 -3.72 13.12
N SER B 367 36.39 -4.15 14.08
CA SER B 367 37.82 -4.26 13.86
C SER B 367 38.16 -5.35 12.85
N ILE B 368 37.46 -6.48 12.92
CA ILE B 368 37.66 -7.54 11.93
C ILE B 368 37.33 -7.02 10.53
N ALA B 369 36.19 -6.33 10.41
CA ALA B 369 35.80 -5.80 9.10
C ALA B 369 36.82 -4.78 8.60
N ARG B 370 37.33 -3.95 9.50
CA ARG B 370 38.34 -2.97 9.11
C ARG B 370 39.62 -3.66 8.65
N SER B 371 40.02 -4.73 9.33
CA SER B 371 41.19 -5.49 8.89
C SER B 371 40.97 -6.09 7.50
N MET B 372 39.78 -6.64 7.26
CA MET B 372 39.46 -7.12 5.92
C MET B 372 39.11 -5.97 4.99
N ASN B 373 38.90 -4.77 5.54
CA ASN B 373 38.47 -3.61 4.77
C ASN B 373 37.14 -3.88 4.08
N ARG B 374 36.28 -4.67 4.71
CA ARG B 374 34.97 -4.98 4.18
C ARG B 374 33.91 -4.24 4.99
N LYS B 375 32.78 -3.98 4.33
CA LYS B 375 31.72 -3.18 4.95
C LYS B 375 31.13 -3.90 6.15
N PHE B 376 31.13 -3.22 7.29
CA PHE B 376 30.43 -3.70 8.48
C PHE B 376 28.98 -3.26 8.45
N HIS B 377 28.11 -4.05 9.09
CA HIS B 377 26.72 -3.65 9.28
C HIS B 377 26.08 -4.50 10.35
N ARG B 378 25.39 -3.85 11.28
CA ARG B 378 24.61 -4.51 12.31
C ARG B 378 23.17 -4.61 11.81
N ILE B 379 22.66 -5.83 11.71
CA ILE B 379 21.23 -6.03 11.50
C ILE B 379 20.65 -6.76 12.70
N SER B 380 20.22 -5.99 13.69
CA SER B 380 19.82 -6.55 14.98
C SER B 380 18.54 -7.35 14.84
N LEU B 381 18.50 -8.51 15.50
CA LEU B 381 17.30 -9.35 15.54
C LEU B 381 16.60 -9.30 16.89
N GLY B 382 16.65 -8.17 17.58
CA GLY B 382 15.95 -8.06 18.85
C GLY B 382 14.46 -7.95 18.66
N GLY B 383 13.72 -8.69 19.49
CA GLY B 383 12.27 -8.64 19.47
C GLY B 383 11.65 -9.06 18.15
N VAL B 384 12.25 -10.03 17.47
CA VAL B 384 11.75 -10.51 16.18
C VAL B 384 11.21 -11.92 16.37
N ARG B 385 9.97 -12.14 15.93
CA ARG B 385 9.33 -13.44 16.06
C ARG B 385 8.55 -13.81 14.80
N ASP B 386 8.96 -13.28 13.65
CA ASP B 386 8.25 -13.47 12.40
C ASP B 386 9.20 -13.95 11.33
N GLU B 387 8.78 -14.98 10.58
CA GLU B 387 9.58 -15.45 9.46
C GLU B 387 9.51 -14.55 8.25
N ALA B 388 8.57 -13.61 8.22
CA ALA B 388 8.46 -12.62 7.16
C ALA B 388 9.36 -11.42 7.37
N GLU B 389 10.10 -11.39 8.49
CA GLU B 389 11.05 -10.32 8.75
C GLU B 389 12.49 -10.70 8.47
N ILE B 390 12.83 -12.00 8.52
CA ILE B 390 14.14 -12.46 8.10
C ILE B 390 14.06 -12.82 6.62
N ARG B 391 13.20 -13.78 6.29
CA ARG B 391 12.83 -14.00 4.90
C ARG B 391 11.89 -12.88 4.44
N GLY B 392 11.75 -12.74 3.14
CA GLY B 392 10.87 -11.73 2.60
C GLY B 392 9.42 -11.99 2.97
N HIS B 393 8.64 -10.92 2.90
CA HIS B 393 7.20 -11.05 3.12
C HIS B 393 6.52 -11.55 1.85
N ARG B 394 5.47 -12.36 2.04
CA ARG B 394 4.75 -12.90 0.90
C ARG B 394 4.10 -11.73 0.14
N ARG B 395 4.66 -11.41 -1.03
CA ARG B 395 4.28 -10.20 -1.77
C ARG B 395 2.88 -10.37 -2.31
N THR B 396 1.89 -9.88 -1.56
CA THR B 396 0.50 -10.00 -1.97
C THR B 396 -0.32 -8.73 -1.73
N TYR B 397 0.26 -7.69 -1.13
CA TYR B 397 -0.49 -6.47 -0.83
C TYR B 397 0.51 -5.35 -0.54
N ILE B 398 -0.01 -4.15 -0.37
CA ILE B 398 0.83 -2.96 -0.15
C ILE B 398 1.51 -3.07 1.20
N GLY B 399 2.69 -2.47 1.30
CA GLY B 399 3.46 -2.52 2.53
C GLY B 399 4.30 -3.76 2.70
N ALA B 400 4.22 -4.72 1.78
CA ALA B 400 5.07 -5.90 1.87
C ALA B 400 6.50 -5.57 1.45
N MET B 401 7.45 -5.95 2.28
CA MET B 401 8.86 -5.68 2.03
C MET B 401 9.66 -6.93 2.31
N PRO B 402 10.85 -7.07 1.70
CA PRO B 402 11.70 -8.23 1.99
C PRO B 402 12.16 -8.27 3.45
N GLY B 403 12.86 -9.35 3.80
CA GLY B 403 13.29 -9.53 5.17
C GLY B 403 14.42 -8.60 5.55
N LYS B 404 14.76 -8.65 6.85
CA LYS B 404 15.80 -7.78 7.38
C LYS B 404 17.13 -8.03 6.71
N LEU B 405 17.43 -9.28 6.37
CA LEU B 405 18.70 -9.61 5.74
C LEU B 405 18.83 -9.02 4.34
N ILE B 406 17.72 -8.66 3.70
CA ILE B 406 17.77 -7.95 2.44
C ILE B 406 17.82 -6.45 2.66
N HIS B 407 17.14 -5.95 3.70
CA HIS B 407 17.30 -4.56 4.11
C HIS B 407 18.76 -4.24 4.33
N ALA B 408 19.46 -5.11 5.08
CA ALA B 408 20.88 -4.89 5.35
C ALA B 408 21.68 -4.93 4.06
N MET B 409 21.40 -5.89 3.18
CA MET B 409 22.12 -5.96 1.92
C MET B 409 21.83 -4.75 1.03
N LYS B 410 20.70 -4.07 1.25
CA LYS B 410 20.41 -2.86 0.48
C LYS B 410 21.31 -1.71 0.90
N GLN B 411 21.50 -1.52 2.21
CA GLN B 411 22.36 -0.45 2.68
C GLN B 411 23.82 -0.71 2.30
N VAL B 412 24.26 -1.96 2.40
CA VAL B 412 25.59 -2.31 1.92
C VAL B 412 25.58 -2.33 0.39
N GLY B 413 26.72 -1.97 -0.20
CA GLY B 413 26.79 -1.83 -1.64
C GLY B 413 27.45 -2.97 -2.38
N VAL B 414 27.89 -4.00 -1.65
CA VAL B 414 28.62 -5.11 -2.25
C VAL B 414 28.05 -6.44 -1.77
N ILE B 415 28.43 -7.50 -2.45
CA ILE B 415 27.85 -8.83 -2.24
C ILE B 415 28.72 -9.61 -1.26
N ASN B 416 29.81 -9.00 -0.79
CA ASN B 416 30.71 -9.65 0.16
C ASN B 416 30.98 -8.78 1.39
N PRO B 417 29.95 -8.40 2.13
CA PRO B 417 30.13 -7.57 3.31
C PRO B 417 30.50 -8.44 4.50
N VAL B 418 30.54 -7.81 5.67
CA VAL B 418 30.61 -8.51 6.95
C VAL B 418 29.41 -8.06 7.75
N ILE B 419 28.52 -9.00 8.06
CA ILE B 419 27.28 -8.70 8.77
C ILE B 419 27.38 -9.29 10.17
N LEU B 420 27.06 -8.47 11.17
CA LEU B 420 27.11 -8.85 12.57
C LEU B 420 25.67 -9.04 13.05
N LEU B 421 25.15 -10.26 12.90
CA LEU B 421 23.78 -10.55 13.32
C LEU B 421 23.72 -10.56 14.84
N ASP B 422 23.83 -9.37 15.42
CA ASP B 422 23.75 -9.24 16.87
C ASP B 422 22.40 -9.73 17.40
N GLU B 423 22.45 -10.36 18.57
CA GLU B 423 21.28 -10.89 19.25
C GLU B 423 20.55 -11.91 18.36
N ILE B 424 21.35 -12.83 17.81
CA ILE B 424 20.80 -13.95 17.07
C ILE B 424 20.01 -14.88 17.97
N ASP B 425 20.14 -14.75 19.28
CA ASP B 425 19.34 -15.52 20.23
C ASP B 425 18.14 -14.75 20.75
N LYS B 426 17.99 -13.47 20.39
CA LYS B 426 16.87 -12.67 20.86
C LYS B 426 15.62 -12.85 20.01
N MET B 427 15.70 -13.62 18.95
CA MET B 427 14.49 -14.02 18.25
C MET B 427 13.67 -14.96 19.14
N SER B 428 12.35 -14.90 18.97
CA SER B 428 11.45 -15.67 19.80
C SER B 428 10.50 -16.47 18.92
N SER B 429 10.01 -17.58 19.45
CA SER B 429 9.10 -18.46 18.73
C SER B 429 7.66 -18.15 19.09
N ASP B 430 6.81 -18.09 18.07
CA ASP B 430 5.40 -17.79 18.22
C ASP B 430 4.75 -18.09 16.87
N TRP B 431 3.44 -17.87 16.78
CA TRP B 431 2.76 -18.03 15.50
C TRP B 431 3.25 -16.97 14.52
N ARG B 432 2.99 -17.23 13.24
CA ARG B 432 3.59 -16.60 12.06
C ARG B 432 4.97 -17.21 11.80
N GLY B 433 5.37 -18.23 12.54
CA GLY B 433 6.57 -18.98 12.27
C GLY B 433 7.63 -18.78 13.34
N ASP B 434 8.55 -19.75 13.41
CA ASP B 434 9.72 -19.65 14.25
C ASP B 434 10.93 -19.35 13.37
N PRO B 435 11.61 -18.21 13.56
CA PRO B 435 12.69 -17.84 12.65
C PRO B 435 13.89 -18.77 12.66
N ALA B 436 13.87 -19.85 13.44
CA ALA B 436 14.98 -20.81 13.40
C ALA B 436 15.09 -21.48 12.03
N SER B 437 13.95 -21.86 11.45
CA SER B 437 13.96 -22.47 10.12
C SER B 437 14.48 -21.50 9.07
N ALA B 438 14.08 -20.23 9.18
CA ALA B 438 14.59 -19.22 8.26
C ALA B 438 16.08 -18.98 8.44
N MET B 439 16.57 -18.98 9.68
CA MET B 439 17.99 -18.76 9.93
C MET B 439 18.85 -19.96 9.59
N LEU B 440 18.25 -21.14 9.45
CA LEU B 440 19.00 -22.29 8.95
C LEU B 440 19.48 -22.07 7.53
N GLU B 441 18.93 -21.09 6.81
CA GLU B 441 19.22 -20.87 5.41
C GLU B 441 20.52 -20.12 5.16
N VAL B 442 21.42 -20.07 6.13
CA VAL B 442 22.65 -19.31 5.99
C VAL B 442 23.84 -20.27 5.95
N LEU B 443 23.71 -21.42 6.60
CA LEU B 443 24.84 -22.33 6.78
C LEU B 443 25.07 -23.22 5.55
N ASP B 444 24.07 -24.03 5.21
CA ASP B 444 24.27 -25.08 4.23
C ASP B 444 24.55 -24.47 2.85
N PRO B 445 25.53 -24.99 2.12
CA PRO B 445 25.87 -24.38 0.82
C PRO B 445 24.75 -24.38 -0.19
N GLU B 446 23.93 -25.44 -0.23
CA GLU B 446 22.81 -25.51 -1.17
C GLU B 446 21.53 -24.99 -0.54
N GLN B 447 21.65 -24.38 0.64
CA GLN B 447 20.56 -23.68 1.29
C GLN B 447 20.77 -22.18 1.33
N ASN B 448 21.98 -21.70 1.03
CA ASN B 448 22.27 -20.27 1.05
C ASN B 448 22.77 -19.71 -0.27
N ASN B 449 23.45 -20.50 -1.10
CA ASN B 449 23.84 -20.02 -2.42
C ASN B 449 22.64 -19.79 -3.33
N THR B 450 21.48 -20.31 -2.96
CA THR B 450 20.26 -20.05 -3.71
C THR B 450 19.20 -19.48 -2.77
N PHE B 451 19.60 -18.52 -1.95
CA PHE B 451 18.69 -17.94 -0.96
C PHE B 451 17.52 -17.27 -1.65
N THR B 452 16.30 -17.69 -1.32
CA THR B 452 15.08 -17.18 -1.93
C THR B 452 14.18 -16.64 -0.83
N ASP B 453 13.60 -15.46 -1.07
CA ASP B 453 12.67 -14.85 -0.12
C ASP B 453 11.24 -15.27 -0.41
N HIS B 454 10.29 -14.63 0.27
CA HIS B 454 8.90 -14.67 -0.15
C HIS B 454 8.49 -13.39 -0.87
N TYR B 455 9.25 -12.31 -0.77
CA TYR B 455 8.96 -11.12 -1.56
C TYR B 455 9.70 -11.17 -2.90
N LEU B 456 10.91 -11.71 -2.89
CA LEU B 456 11.76 -11.68 -4.08
C LEU B 456 11.55 -12.91 -4.97
N ASP B 457 11.44 -14.10 -4.39
CA ASP B 457 11.32 -15.34 -5.14
C ASP B 457 12.47 -15.47 -6.15
N VAL B 458 13.68 -15.17 -5.69
CA VAL B 458 14.85 -15.12 -6.55
C VAL B 458 16.00 -15.85 -5.88
N PRO B 459 16.74 -16.70 -6.59
CA PRO B 459 17.95 -17.31 -6.02
C PRO B 459 19.06 -16.27 -5.92
N TYR B 460 19.54 -16.05 -4.69
CA TYR B 460 20.56 -15.05 -4.42
C TYR B 460 21.66 -15.69 -3.58
N ASP B 461 22.91 -15.40 -3.95
CA ASP B 461 24.07 -16.04 -3.34
C ASP B 461 24.45 -15.31 -2.06
N LEU B 462 24.44 -16.02 -0.93
CA LEU B 462 24.80 -15.44 0.36
C LEU B 462 25.82 -16.30 1.10
N SER B 463 26.66 -17.05 0.39
CA SER B 463 27.73 -17.78 1.04
C SER B 463 29.01 -16.98 1.14
N LYS B 464 29.05 -15.80 0.54
CA LYS B 464 30.24 -14.95 0.55
C LYS B 464 30.09 -13.75 1.48
N VAL B 465 29.38 -13.89 2.59
CA VAL B 465 28.98 -12.74 3.38
C VAL B 465 29.65 -12.76 4.75
N PHE B 466 30.26 -13.90 5.11
CA PHE B 466 31.00 -14.00 6.36
C PHE B 466 30.16 -13.54 7.56
N PHE B 467 29.07 -14.25 7.82
CA PHE B 467 28.25 -13.91 8.98
C PHE B 467 29.02 -14.17 10.26
N ILE B 468 29.03 -13.20 11.16
CA ILE B 468 29.88 -13.20 12.34
C ILE B 468 29.00 -13.10 13.58
N THR B 469 27.84 -13.74 13.53
CA THR B 469 26.73 -13.58 14.46
C THR B 469 27.15 -13.52 15.92
N THR B 470 26.37 -12.82 16.74
CA THR B 470 26.72 -12.61 18.15
C THR B 470 25.51 -12.62 19.06
N ALA B 471 25.57 -13.40 20.13
CA ALA B 471 24.48 -13.52 21.09
C ALA B 471 25.05 -13.57 22.50
N ASN B 472 24.21 -13.18 23.46
CA ASN B 472 24.65 -13.19 24.85
C ASN B 472 24.72 -14.60 25.42
N THR B 473 23.86 -15.51 24.97
CA THR B 473 23.79 -16.87 25.48
C THR B 473 23.85 -17.85 24.33
N LEU B 474 24.91 -18.65 24.29
CA LEU B 474 25.00 -19.70 23.28
C LEU B 474 24.00 -20.83 23.54
N GLN B 475 23.41 -20.88 24.74
CA GLN B 475 22.48 -21.94 25.11
C GLN B 475 21.03 -21.52 24.90
N THR B 476 20.80 -20.58 23.99
CA THR B 476 19.44 -20.21 23.59
C THR B 476 19.31 -20.13 22.07
N ILE B 477 20.41 -20.00 21.34
CA ILE B 477 20.38 -20.10 19.87
C ILE B 477 19.81 -21.45 19.48
N PRO B 478 18.92 -21.53 18.49
CA PRO B 478 18.25 -22.80 18.20
C PRO B 478 19.22 -23.90 17.79
N ARG B 479 18.84 -25.13 18.12
CA ARG B 479 19.60 -26.35 17.83
C ARG B 479 19.93 -26.50 16.34
N PRO B 480 19.02 -26.20 15.41
CA PRO B 480 19.42 -26.20 14.00
C PRO B 480 20.58 -25.26 13.72
N LEU B 481 20.66 -24.12 14.39
CA LEU B 481 21.79 -23.22 14.24
C LEU B 481 23.02 -23.68 15.02
N LEU B 482 22.83 -24.30 16.18
CA LEU B 482 23.96 -24.69 17.03
C LEU B 482 24.85 -25.76 16.40
N ASP B 483 24.40 -26.38 15.32
CA ASP B 483 25.28 -27.21 14.51
C ASP B 483 26.15 -26.30 13.65
N ARG B 484 27.42 -26.66 13.51
CA ARG B 484 28.37 -25.92 12.68
C ARG B 484 28.54 -24.49 13.19
N MET B 485 28.92 -24.38 14.45
CA MET B 485 29.39 -23.12 15.04
C MET B 485 30.53 -23.42 15.99
N GLU B 486 31.57 -22.58 15.94
CA GLU B 486 32.54 -22.54 17.02
C GLU B 486 32.25 -21.29 17.85
N VAL B 487 32.01 -21.50 19.14
CA VAL B 487 31.71 -20.39 20.01
C VAL B 487 33.00 -19.69 20.40
N ILE B 488 32.95 -18.36 20.50
CA ILE B 488 34.04 -17.58 21.03
C ILE B 488 33.48 -16.79 22.20
N GLU B 489 33.77 -17.24 23.41
CA GLU B 489 33.23 -16.61 24.62
C GLU B 489 34.08 -15.40 24.95
N ILE B 490 33.45 -14.23 25.00
CA ILE B 490 34.13 -12.99 25.36
C ILE B 490 33.71 -12.63 26.77
N PRO B 491 34.47 -13.01 27.79
CA PRO B 491 34.06 -12.71 29.17
C PRO B 491 34.45 -11.30 29.61
N GLY B 492 34.32 -11.00 30.90
CA GLY B 492 34.55 -9.66 31.42
C GLY B 492 35.99 -9.20 31.30
N TYR B 493 36.32 -8.15 32.06
CA TYR B 493 37.60 -7.47 31.89
C TYR B 493 38.45 -7.31 33.14
N THR B 494 37.87 -7.40 34.35
CA THR B 494 38.50 -7.02 35.61
C THR B 494 38.71 -5.52 35.72
N ASN B 495 38.79 -5.02 36.96
CA ASN B 495 38.90 -3.59 37.20
C ASN B 495 40.26 -3.05 36.77
N MET B 496 41.32 -3.76 37.11
CA MET B 496 42.67 -3.31 36.80
C MET B 496 42.92 -3.21 35.30
N GLU B 497 42.25 -4.05 34.50
CA GLU B 497 42.29 -3.88 33.05
C GLU B 497 41.35 -2.78 32.59
N LYS B 498 40.21 -2.61 33.28
CA LYS B 498 39.28 -1.56 32.89
C LYS B 498 39.89 -0.18 33.06
N GLN B 499 40.80 -0.04 34.03
CA GLN B 499 41.52 1.22 34.17
C GLN B 499 42.35 1.54 32.93
N ALA B 500 43.07 0.54 32.41
CA ALA B 500 43.86 0.75 31.19
C ALA B 500 42.95 0.99 30.00
N ILE B 501 41.82 0.27 29.94
CA ILE B 501 40.85 0.52 28.88
C ILE B 501 40.41 1.97 28.89
N ALA B 502 40.11 2.48 30.09
CA ALA B 502 39.68 3.86 30.24
C ALA B 502 40.77 4.81 29.78
N ARG B 503 41.94 4.73 30.39
CA ARG B 503 42.95 5.72 30.01
C ARG B 503 43.53 5.50 28.63
N GLN B 504 43.20 4.46 27.88
CA GLN B 504 43.66 4.34 26.50
C GLN B 504 42.57 4.63 25.48
N TYR B 505 41.45 3.91 25.53
CA TYR B 505 40.46 3.95 24.46
C TYR B 505 39.07 4.35 24.92
N LEU B 506 38.83 4.55 26.21
CA LEU B 506 37.56 5.08 26.68
C LEU B 506 37.64 6.53 27.10
N TRP B 507 38.58 6.89 27.95
CA TRP B 507 38.64 8.28 28.40
C TRP B 507 39.00 9.24 27.27
N PRO B 508 40.01 8.96 26.42
CA PRO B 508 40.20 9.83 25.25
C PRO B 508 38.97 9.87 24.36
N LYS B 509 38.30 8.72 24.23
CA LYS B 509 37.06 8.66 23.47
C LYS B 509 36.03 9.62 24.04
N GLN B 510 35.84 9.60 25.35
CA GLN B 510 34.81 10.41 25.98
C GLN B 510 35.17 11.89 25.94
N VAL B 511 36.40 12.22 26.28
CA VAL B 511 36.85 13.59 26.39
C VAL B 511 37.03 14.24 25.01
N ARG B 512 37.10 13.44 23.95
CA ARG B 512 36.93 13.98 22.62
C ARG B 512 35.49 13.91 22.13
N GLU B 513 34.64 13.15 22.81
CA GLU B 513 33.23 13.08 22.44
C GLU B 513 32.48 14.34 22.87
N SER B 514 32.99 15.05 23.88
CA SER B 514 32.30 16.19 24.48
C SER B 514 33.15 17.45 24.35
N GLY B 515 33.79 17.62 23.21
CA GLY B 515 34.46 18.86 22.87
C GLY B 515 35.62 19.28 23.75
N MET B 516 35.97 18.49 24.75
CA MET B 516 36.98 18.87 25.74
C MET B 516 38.34 18.44 25.19
N GLU B 517 38.98 19.32 24.44
CA GLU B 517 40.13 18.95 23.62
C GLU B 517 41.46 19.22 24.31
N GLY B 518 41.55 19.02 25.62
CA GLY B 518 42.82 19.22 26.30
C GLY B 518 42.76 20.22 27.42
N ARG B 519 41.60 20.37 28.04
CA ARG B 519 41.42 21.27 29.16
C ARG B 519 41.00 20.56 30.45
N ILE B 520 40.52 19.33 30.37
CA ILE B 520 40.11 18.53 31.52
C ILE B 520 40.93 17.25 31.55
N GLU B 521 41.24 16.78 32.77
CA GLU B 521 42.01 15.56 32.95
C GLU B 521 41.52 14.80 34.17
N VAL B 522 41.71 13.49 34.14
CA VAL B 522 41.38 12.59 35.25
C VAL B 522 42.57 11.68 35.49
N THR B 523 42.94 11.52 36.75
CA THR B 523 44.10 10.69 37.08
C THR B 523 43.68 9.24 37.29
N ASP B 524 44.68 8.38 37.51
CA ASP B 524 44.45 6.95 37.65
C ASP B 524 43.57 6.59 38.84
N ALA B 525 43.80 7.21 39.99
CA ALA B 525 43.00 6.89 41.18
C ALA B 525 41.55 7.24 40.97
N ALA B 526 41.27 8.32 40.25
CA ALA B 526 39.88 8.71 40.02
C ALA B 526 39.19 7.77 39.04
N ILE B 527 39.90 7.30 38.01
CA ILE B 527 39.31 6.30 37.11
C ILE B 527 39.03 5.01 37.87
N LEU B 528 39.95 4.58 38.72
CA LEU B 528 39.68 3.42 39.55
C LEU B 528 38.50 3.67 40.48
N ARG B 529 38.37 4.88 41.02
CA ARG B 529 37.22 5.21 41.85
C ARG B 529 35.93 5.10 41.06
N VAL B 530 35.91 5.63 39.84
CA VAL B 530 34.72 5.57 39.01
C VAL B 530 34.35 4.12 38.75
N ILE B 531 35.33 3.29 38.39
CA ILE B 531 35.06 1.89 38.10
C ILE B 531 34.53 1.18 39.34
N SER B 532 35.17 1.38 40.48
CA SER B 532 34.87 0.60 41.67
C SER B 532 33.69 1.16 42.47
N GLU B 533 33.16 2.33 42.11
CA GLU B 533 32.05 2.90 42.86
C GLU B 533 30.84 3.27 42.02
N TYR B 534 30.98 3.40 40.70
CA TYR B 534 29.90 3.91 39.88
C TYR B 534 29.44 2.94 38.81
N THR B 535 30.08 1.78 38.65
CA THR B 535 29.65 0.78 37.68
C THR B 535 29.84 -0.61 38.27
N ARG B 536 28.79 -1.41 38.24
CA ARG B 536 28.89 -2.81 38.61
C ARG B 536 28.40 -3.66 37.45
N GLU B 537 28.77 -3.27 36.24
CA GLU B 537 28.40 -3.98 35.03
C GLU B 537 29.52 -4.97 34.68
N ALA B 538 29.43 -5.76 33.61
CA ALA B 538 30.56 -6.49 33.07
C ALA B 538 30.90 -5.88 31.73
N GLY B 539 32.16 -5.54 31.53
CA GLY B 539 32.52 -4.81 30.34
C GLY B 539 32.58 -3.32 30.57
N VAL B 540 32.60 -2.54 29.49
CA VAL B 540 32.93 -1.13 29.61
C VAL B 540 31.89 -0.24 28.95
N ARG B 541 30.69 -0.76 28.72
CA ARG B 541 29.60 0.13 28.31
C ARG B 541 29.20 1.05 29.45
N GLY B 542 29.09 0.52 30.68
CA GLY B 542 28.71 1.34 31.80
C GLY B 542 29.74 2.42 32.11
N LEU B 543 31.02 2.05 32.08
CA LEU B 543 32.07 3.04 32.29
C LEU B 543 32.01 4.15 31.25
N GLU B 544 31.62 3.82 30.02
CA GLU B 544 31.52 4.83 28.98
C GLU B 544 30.52 5.91 29.35
N ARG B 545 29.32 5.54 29.80
CA ARG B 545 28.33 6.54 30.15
C ARG B 545 28.75 7.37 31.35
N GLU B 546 29.34 6.78 32.39
CA GLU B 546 29.80 7.51 33.55
C GLU B 546 30.89 8.50 33.22
N LEU B 547 31.87 8.10 32.41
CA LEU B 547 32.81 9.09 31.91
C LEU B 547 32.14 10.09 30.99
N GLY B 548 31.02 9.74 30.36
CA GLY B 548 30.26 10.74 29.62
C GLY B 548 29.69 11.81 30.53
N LYS B 549 29.15 11.40 31.68
CA LYS B 549 28.68 12.37 32.66
C LYS B 549 29.82 13.25 33.13
N ILE B 550 30.99 12.64 33.41
CA ILE B 550 32.13 13.44 33.81
C ILE B 550 32.49 14.45 32.74
N ALA B 551 32.52 14.03 31.47
CA ALA B 551 32.91 14.91 30.39
C ALA B 551 31.94 16.07 30.23
N ARG B 552 30.64 15.77 30.17
CA ARG B 552 29.66 16.84 29.98
C ARG B 552 29.62 17.78 31.18
N LYS B 553 29.72 17.23 32.39
CA LYS B 553 29.73 18.06 33.59
C LYS B 553 30.93 19.00 33.58
N GLY B 554 32.11 18.48 33.23
CA GLY B 554 33.28 19.31 33.12
C GLY B 554 33.16 20.34 32.01
N ALA B 555 32.51 19.99 30.92
CA ALA B 555 32.29 20.95 29.85
C ALA B 555 31.41 22.11 30.32
N LYS B 556 30.32 21.79 31.02
CA LYS B 556 29.47 22.85 31.56
C LYS B 556 30.25 23.73 32.53
N PHE B 557 31.03 23.10 33.42
CA PHE B 557 31.80 23.88 34.38
C PHE B 557 32.81 24.78 33.67
N TRP B 558 33.50 24.26 32.65
CA TRP B 558 34.42 25.09 31.89
C TRP B 558 33.69 26.22 31.17
N LEU B 559 32.43 25.98 30.78
CA LEU B 559 31.64 27.00 30.12
C LEU B 559 31.16 28.09 31.07
N GLU B 560 31.03 27.77 32.36
CA GLU B 560 30.66 28.75 33.37
C GLU B 560 31.87 29.42 33.99
N GLY B 561 32.95 29.57 33.24
CA GLY B 561 34.17 30.17 33.75
C GLY B 561 35.35 29.22 33.73
N ALA B 562 36.30 29.46 32.81
CA ALA B 562 37.49 28.65 32.66
C ALA B 562 38.51 29.07 33.71
N TRP B 563 38.36 28.50 34.92
CA TRP B 563 39.20 28.89 36.04
C TRP B 563 40.64 28.41 35.89
N GLU B 564 40.87 27.35 35.12
CA GLU B 564 42.22 26.82 34.91
C GLU B 564 42.36 26.38 33.47
N GLY B 565 43.59 26.11 33.07
CA GLY B 565 43.87 25.55 31.76
C GLY B 565 43.67 24.05 31.72
N LEU B 566 44.19 23.36 32.73
CA LEU B 566 44.05 21.91 32.84
C LEU B 566 43.47 21.57 34.20
N ARG B 567 42.30 20.94 34.20
CA ARG B 567 41.72 20.45 35.44
C ARG B 567 42.42 19.17 35.88
N THR B 568 42.12 18.74 37.10
CA THR B 568 42.61 17.46 37.60
C THR B 568 41.54 16.93 38.54
N ILE B 569 40.62 16.13 38.01
CA ILE B 569 39.53 15.56 38.81
C ILE B 569 40.09 14.29 39.42
N ASP B 570 40.84 14.44 40.51
CA ASP B 570 41.43 13.28 41.16
C ASP B 570 40.33 12.55 41.92
N ALA B 571 40.71 11.54 42.69
CA ALA B 571 39.72 10.78 43.46
C ALA B 571 39.31 11.48 44.73
N SER B 572 38.92 12.76 44.63
CA SER B 572 38.51 13.52 45.79
C SER B 572 37.22 14.28 45.52
N ASP B 573 36.99 14.67 44.27
CA ASP B 573 35.82 15.46 43.93
C ASP B 573 35.07 14.89 42.73
N ILE B 574 35.00 13.56 42.62
CA ILE B 574 34.11 12.95 41.64
C ILE B 574 32.66 13.30 41.90
N PRO B 575 32.14 13.21 43.13
CA PRO B 575 30.74 13.63 43.37
C PRO B 575 30.47 15.09 43.05
N THR B 576 31.49 15.94 43.03
CA THR B 576 31.30 17.29 42.51
C THR B 576 31.05 17.26 41.01
N TYR B 577 31.41 16.17 40.33
CA TYR B 577 31.18 16.00 38.91
C TYR B 577 30.19 14.89 38.58
N LEU B 578 30.04 13.91 39.46
CA LEU B 578 29.04 12.86 39.28
C LEU B 578 28.02 12.89 40.40
N GLY B 579 27.15 11.89 40.46
CA GLY B 579 26.23 11.80 41.57
C GLY B 579 26.92 11.35 42.84
N ILE B 580 26.16 10.88 43.82
CA ILE B 580 26.75 10.26 44.99
C ILE B 580 27.30 8.91 44.55
N PRO B 581 28.22 8.31 45.30
CA PRO B 581 28.65 6.95 44.92
C PRO B 581 27.53 5.96 45.14
N ARG B 582 26.90 5.53 44.05
CA ARG B 582 25.74 4.66 44.13
C ARG B 582 26.11 3.22 44.48
N TYR B 583 27.37 2.84 44.30
CA TYR B 583 27.87 1.56 44.78
C TYR B 583 28.98 1.81 45.79
N ARG B 584 29.09 0.93 46.76
CA ARG B 584 30.11 1.08 47.78
C ARG B 584 31.50 0.94 47.15
N PRO B 585 32.54 1.47 47.82
CA PRO B 585 33.89 1.30 47.30
C PRO B 585 34.27 -0.17 47.17
N ASP B 586 35.48 -0.41 46.67
CA ASP B 586 35.99 -1.76 46.49
C ASP B 586 35.68 -2.57 47.74
N LYS B 587 34.90 -3.63 47.59
CA LYS B 587 34.04 -4.12 48.67
C LYS B 587 34.88 -4.59 49.84
N ALA B 588 34.93 -3.77 50.87
CA ALA B 588 35.50 -4.12 52.18
C ALA B 588 34.66 -3.53 53.31
N GLU B 589 33.49 -2.99 52.99
CA GLU B 589 32.60 -2.36 53.96
C GLU B 589 31.19 -2.93 53.84
N THR B 590 31.08 -4.25 53.72
CA THR B 590 29.79 -4.90 53.57
C THR B 590 29.26 -5.49 54.86
N GLU B 591 30.12 -5.71 55.87
CA GLU B 591 29.68 -6.04 57.22
C GLU B 591 28.85 -7.33 57.24
N PRO B 592 29.51 -8.49 57.14
CA PRO B 592 28.80 -9.77 56.96
C PRO B 592 27.49 -9.94 57.70
N GLN B 593 26.47 -10.37 56.97
CA GLN B 593 25.12 -10.52 57.49
C GLN B 593 24.83 -11.98 57.83
N VAL B 594 23.71 -12.18 58.53
CA VAL B 594 23.45 -13.48 59.17
C VAL B 594 23.22 -14.57 58.14
N GLY B 595 22.35 -14.32 57.17
CA GLY B 595 21.88 -15.41 56.34
C GLY B 595 22.43 -15.46 54.93
N THR B 596 22.54 -14.30 54.28
CA THR B 596 22.88 -14.24 52.87
C THR B 596 24.30 -14.75 52.63
N ALA B 597 24.47 -15.58 51.60
CA ALA B 597 25.78 -15.98 51.13
C ALA B 597 26.01 -15.35 49.76
N GLN B 598 27.14 -14.69 49.61
CA GLN B 598 27.45 -13.95 48.39
C GLN B 598 28.05 -14.90 47.37
N GLY B 599 27.19 -15.54 46.59
CA GLY B 599 27.66 -16.47 45.58
C GLY B 599 27.73 -15.88 44.20
N LEU B 600 28.83 -16.11 43.50
CA LEU B 600 29.08 -15.57 42.19
C LEU B 600 28.56 -16.51 41.11
N ALA B 601 28.21 -15.93 39.96
CA ALA B 601 27.75 -16.70 38.81
C ALA B 601 27.79 -15.80 37.58
N TRP B 602 27.29 -16.30 36.46
CA TRP B 602 27.41 -15.64 35.16
C TRP B 602 26.02 -15.51 34.54
N THR B 603 25.33 -14.41 34.85
CA THR B 603 24.11 -14.09 34.14
C THR B 603 24.43 -13.72 32.70
N PRO B 604 23.49 -13.93 31.78
CA PRO B 604 23.75 -13.58 30.37
C PRO B 604 23.86 -12.09 30.09
N VAL B 605 23.59 -11.23 31.07
CA VAL B 605 23.71 -9.79 30.91
C VAL B 605 24.97 -9.23 31.55
N GLY B 606 25.83 -10.09 32.09
CA GLY B 606 27.03 -9.66 32.77
C GLY B 606 27.15 -10.31 34.13
N GLY B 607 28.29 -10.06 34.76
CA GLY B 607 28.56 -10.66 36.05
C GLY B 607 27.69 -10.11 37.15
N THR B 608 27.61 -10.89 38.23
CA THR B 608 26.85 -10.51 39.40
C THR B 608 27.27 -11.40 40.55
N LEU B 609 26.66 -11.18 41.71
CA LEU B 609 26.74 -12.10 42.83
C LEU B 609 25.31 -12.56 43.11
N LEU B 610 25.02 -13.83 42.82
CA LEU B 610 23.71 -14.33 43.20
C LEU B 610 23.68 -14.52 44.69
N THR B 611 23.44 -13.44 45.43
CA THR B 611 23.36 -13.51 46.88
C THR B 611 22.18 -14.41 47.22
N ILE B 612 22.47 -15.62 47.70
CA ILE B 612 21.43 -16.61 47.94
C ILE B 612 20.87 -16.31 49.32
N GLU B 613 19.96 -15.34 49.38
CA GLU B 613 19.38 -14.89 50.63
C GLU B 613 18.32 -15.91 51.04
N VAL B 614 18.56 -16.55 52.18
CA VAL B 614 17.77 -17.70 52.61
C VAL B 614 17.08 -17.37 53.93
N ALA B 615 15.93 -17.98 54.15
CA ALA B 615 15.08 -17.70 55.29
C ALA B 615 15.10 -18.89 56.25
N ALA B 616 15.65 -18.69 57.44
CA ALA B 616 15.66 -19.72 58.47
C ALA B 616 14.36 -19.62 59.27
N VAL B 617 13.26 -19.90 58.60
CA VAL B 617 11.94 -19.78 59.21
C VAL B 617 11.72 -20.92 60.18
N PRO B 618 10.95 -20.72 61.25
CA PRO B 618 10.53 -21.84 62.09
C PRO B 618 9.52 -22.70 61.35
N GLY B 619 9.03 -23.74 62.03
CA GLY B 619 8.01 -24.58 61.46
C GLY B 619 8.10 -26.04 61.86
N SER B 620 7.96 -26.94 60.88
CA SER B 620 7.99 -28.37 61.17
C SER B 620 8.75 -29.15 60.10
N GLY B 621 9.67 -28.52 59.38
CA GLY B 621 10.46 -29.22 58.38
C GLY B 621 9.87 -29.18 56.99
N LYS B 622 10.54 -28.49 56.08
CA LYS B 622 10.12 -28.36 54.69
C LYS B 622 11.28 -27.73 53.93
N LEU B 623 11.08 -27.51 52.62
CA LEU B 623 12.10 -26.83 51.81
C LEU B 623 11.43 -26.38 50.53
N SER B 624 11.56 -25.10 50.21
CA SER B 624 11.06 -24.53 48.97
C SER B 624 12.15 -23.66 48.34
N LEU B 625 11.85 -23.12 47.17
CA LEU B 625 12.73 -22.19 46.49
C LEU B 625 11.90 -21.06 45.91
N THR B 626 12.55 -20.21 45.13
CA THR B 626 11.92 -19.06 44.49
C THR B 626 12.75 -18.73 43.25
N GLY B 627 12.31 -17.76 42.48
CA GLY B 627 12.97 -17.40 41.24
C GLY B 627 12.48 -18.15 40.02
N GLN B 628 11.58 -19.12 40.19
CA GLN B 628 11.01 -19.89 39.08
C GLN B 628 12.09 -20.59 38.27
N LEU B 629 13.00 -21.27 38.96
CA LEU B 629 14.17 -21.87 38.34
C LEU B 629 13.95 -23.36 38.14
N GLY B 630 14.95 -24.00 37.53
CA GLY B 630 14.92 -25.43 37.38
C GLY B 630 15.20 -26.15 38.68
N GLU B 631 14.98 -27.47 38.68
CA GLU B 631 15.18 -28.28 39.86
C GLU B 631 16.64 -28.43 40.25
N VAL B 632 17.57 -28.13 39.34
CA VAL B 632 19.00 -28.30 39.64
C VAL B 632 19.36 -27.57 40.92
N MET B 633 18.82 -26.37 41.11
CA MET B 633 18.98 -25.67 42.37
C MET B 633 18.40 -26.49 43.52
N LYS B 634 17.29 -27.20 43.27
CA LYS B 634 16.66 -27.96 44.33
C LYS B 634 17.54 -29.11 44.81
N GLU B 635 18.11 -29.91 43.90
CA GLU B 635 18.95 -31.00 44.39
C GLU B 635 20.28 -30.47 44.91
N SER B 636 20.76 -29.34 44.40
CA SER B 636 21.96 -28.75 44.99
C SER B 636 21.72 -28.37 46.45
N ALA B 637 20.58 -27.71 46.72
CA ALA B 637 20.24 -27.37 48.10
C ALA B 637 20.02 -28.62 48.95
N GLN B 638 19.40 -29.65 48.37
CA GLN B 638 19.14 -30.88 49.12
C GLN B 638 20.43 -31.58 49.50
N ALA B 639 21.37 -31.69 48.56
CA ALA B 639 22.66 -32.30 48.87
C ALA B 639 23.42 -31.46 49.89
N ALA B 640 23.33 -30.14 49.78
CA ALA B 640 23.91 -29.29 50.80
C ALA B 640 23.36 -29.63 52.17
N LEU B 641 22.03 -29.63 52.30
CA LEU B 641 21.39 -29.94 53.57
C LEU B 641 21.80 -31.32 54.08
N THR B 642 21.98 -32.28 53.19
CA THR B 642 22.47 -33.59 53.60
C THR B 642 23.86 -33.48 54.20
N TYR B 643 24.74 -32.69 53.59
CA TYR B 643 26.07 -32.55 54.18
C TYR B 643 26.02 -31.86 55.54
N LEU B 644 25.16 -30.85 55.68
CA LEU B 644 24.98 -30.25 57.01
C LEU B 644 24.50 -31.29 58.02
N ARG B 645 23.50 -32.09 57.65
CA ARG B 645 22.97 -33.07 58.61
C ARG B 645 23.99 -34.18 58.87
N ALA B 646 25.00 -34.31 58.02
CA ALA B 646 26.13 -35.19 58.34
C ALA B 646 27.07 -34.56 59.37
N HIS B 647 26.90 -33.27 59.67
CA HIS B 647 27.74 -32.53 60.60
C HIS B 647 26.89 -31.67 61.52
N THR B 648 25.83 -32.26 62.08
CA THR B 648 24.86 -31.49 62.85
C THR B 648 25.51 -30.79 64.04
N GLN B 649 26.01 -31.56 65.00
CA GLN B 649 26.54 -31.00 66.24
C GLN B 649 28.00 -30.59 66.12
N ASP B 650 28.49 -30.38 64.90
CA ASP B 650 29.85 -29.89 64.70
C ASP B 650 29.91 -28.39 64.51
N TYR B 651 28.82 -27.75 64.10
CA TYR B 651 28.80 -26.32 63.81
C TYR B 651 27.62 -25.63 64.48
N GLY B 652 27.11 -26.19 65.57
CA GLY B 652 26.01 -25.61 66.31
C GLY B 652 24.63 -25.95 65.79
N LEU B 653 24.53 -26.64 64.65
CA LEU B 653 23.24 -27.04 64.14
C LEU B 653 22.60 -28.08 65.05
N PRO B 654 21.28 -28.10 65.13
CA PRO B 654 20.61 -29.15 65.91
C PRO B 654 20.76 -30.50 65.25
N GLU B 655 20.58 -31.56 66.05
CA GLU B 655 20.72 -32.91 65.52
C GLU B 655 19.72 -33.19 64.42
N ASP B 656 18.48 -32.74 64.58
CA ASP B 656 17.45 -32.89 63.55
C ASP B 656 16.86 -31.53 63.28
N PHE B 657 16.98 -31.05 62.03
CA PHE B 657 16.37 -29.78 61.65
C PHE B 657 15.70 -29.87 60.28
N TYR B 658 15.69 -31.04 59.65
CA TYR B 658 14.88 -31.28 58.46
C TYR B 658 13.53 -31.87 58.82
N ASN B 659 13.23 -31.97 60.11
CA ASN B 659 11.94 -32.44 60.60
C ASN B 659 11.23 -31.42 61.48
N LYS B 660 11.87 -30.30 61.80
CA LYS B 660 11.26 -29.29 62.65
C LYS B 660 11.49 -27.86 62.19
N VAL B 661 12.23 -27.63 61.12
CA VAL B 661 12.53 -26.29 60.63
C VAL B 661 12.29 -26.25 59.13
N ASP B 662 11.41 -25.35 58.70
CA ASP B 662 11.16 -25.15 57.28
C ASP B 662 12.23 -24.24 56.69
N LEU B 663 12.23 -24.13 55.37
CA LEU B 663 13.24 -23.36 54.66
C LEU B 663 12.63 -22.70 53.42
N HIS B 664 12.91 -21.42 53.26
CA HIS B 664 12.67 -20.70 52.02
C HIS B 664 14.01 -20.24 51.49
N VAL B 665 14.27 -20.48 50.21
CA VAL B 665 15.58 -20.24 49.61
C VAL B 665 15.35 -19.41 48.35
N HIS B 666 15.44 -18.09 48.47
CA HIS B 666 15.39 -17.24 47.29
C HIS B 666 16.68 -17.37 46.49
N VAL B 667 16.56 -17.18 45.19
CA VAL B 667 17.72 -17.13 44.30
C VAL B 667 17.50 -15.99 43.30
N PRO B 668 18.41 -15.05 43.19
CA PRO B 668 18.20 -13.91 42.27
C PRO B 668 18.05 -14.32 40.82
N ASP B 669 19.02 -15.05 40.27
CA ASP B 669 18.97 -15.42 38.86
C ASP B 669 19.65 -16.79 38.70
N GLY B 670 18.84 -17.84 38.75
CA GLY B 670 19.34 -19.20 38.58
C GLY B 670 19.12 -19.79 37.21
N ALA B 671 18.44 -19.08 36.30
CA ALA B 671 18.28 -19.52 34.92
C ALA B 671 19.51 -19.09 34.11
N THR B 672 20.67 -19.46 34.64
CA THR B 672 21.97 -19.13 34.08
C THR B 672 22.25 -19.97 32.84
N PRO B 673 23.14 -19.49 31.96
CA PRO B 673 23.55 -20.32 30.81
C PRO B 673 24.20 -21.63 31.21
N LYS B 674 24.76 -21.72 32.41
CA LYS B 674 25.33 -22.98 32.91
C LYS B 674 24.24 -24.04 32.98
N ASP B 675 24.55 -25.24 32.47
CA ASP B 675 23.60 -26.33 32.51
C ASP B 675 23.26 -26.71 33.95
N GLY B 676 24.26 -26.77 34.82
CA GLY B 676 24.04 -27.02 36.22
C GLY B 676 23.86 -25.73 37.00
N PRO B 677 23.69 -25.84 38.31
CA PRO B 677 23.60 -24.63 39.13
C PRO B 677 24.92 -23.88 39.17
N SER B 678 26.01 -24.60 39.43
CA SER B 678 27.35 -24.03 39.58
C SER B 678 27.39 -23.04 40.74
N ALA B 679 26.45 -23.16 41.67
CA ALA B 679 26.45 -22.35 42.87
C ALA B 679 26.03 -23.20 44.06
N GLY B 680 26.53 -24.42 44.12
CA GLY B 680 26.15 -25.36 45.16
C GLY B 680 26.66 -25.00 46.54
N ILE B 681 27.97 -24.84 46.69
CA ILE B 681 28.55 -24.49 47.98
C ILE B 681 28.02 -23.15 48.47
N THR B 682 27.61 -22.27 47.56
CA THR B 682 26.95 -21.04 47.95
C THR B 682 25.71 -21.35 48.78
N MET B 683 24.83 -22.21 48.26
CA MET B 683 23.66 -22.60 49.01
C MET B 683 24.02 -23.39 50.26
N ALA B 684 25.10 -24.17 50.21
CA ALA B 684 25.52 -24.93 51.38
C ALA B 684 25.85 -24.00 52.54
N THR B 685 26.71 -23.02 52.30
CA THR B 685 27.06 -22.08 53.36
C THR B 685 25.88 -21.18 53.70
N ALA B 686 25.01 -20.86 52.75
CA ALA B 686 23.85 -20.04 53.05
C ALA B 686 22.93 -20.75 54.04
N ILE B 687 22.62 -22.03 53.77
CA ILE B 687 21.80 -22.81 54.66
C ILE B 687 22.48 -22.96 56.02
N ALA B 688 23.78 -23.25 56.03
CA ALA B 688 24.49 -23.41 57.29
C ALA B 688 24.45 -22.13 58.12
N SER B 689 24.68 -20.99 57.48
CA SER B 689 24.66 -19.71 58.17
C SER B 689 23.28 -19.42 58.73
N ALA B 690 22.25 -19.65 57.92
CA ALA B 690 20.89 -19.34 58.36
C ALA B 690 20.46 -20.23 59.52
N LEU B 691 20.70 -21.54 59.40
CA LEU B 691 20.22 -22.46 60.43
C LEU B 691 21.09 -22.45 61.68
N SER B 692 22.37 -22.13 61.56
CA SER B 692 23.25 -22.07 62.73
C SER B 692 23.28 -20.68 63.35
N ARG B 693 22.75 -19.68 62.64
CA ARG B 693 22.79 -18.28 63.08
C ARG B 693 24.23 -17.78 63.21
N ARG B 694 25.02 -18.01 62.16
CA ARG B 694 26.35 -17.43 62.02
C ARG B 694 26.44 -16.59 60.75
N PRO B 695 27.06 -15.43 60.82
CA PRO B 695 27.06 -14.51 59.67
C PRO B 695 28.02 -14.91 58.57
N ALA B 696 27.51 -15.03 57.35
CA ALA B 696 28.34 -15.39 56.20
C ALA B 696 29.17 -14.18 55.79
N ARG B 697 30.47 -14.39 55.64
CA ARG B 697 31.39 -13.26 55.45
C ARG B 697 31.15 -12.56 54.13
N MET B 698 31.63 -11.32 54.07
CA MET B 698 31.59 -10.51 52.87
C MET B 698 32.85 -10.72 52.05
N ASP B 699 32.85 -10.15 50.85
CA ASP B 699 34.05 -10.06 50.02
C ASP B 699 34.61 -11.43 49.66
N ILE B 700 33.84 -12.49 49.86
CA ILE B 700 34.25 -13.85 49.52
C ILE B 700 33.13 -14.45 48.68
N ALA B 701 33.28 -14.37 47.35
CA ALA B 701 32.29 -14.87 46.41
C ALA B 701 32.69 -16.28 45.97
N MET B 702 31.73 -17.19 45.97
CA MET B 702 31.99 -18.62 45.90
C MET B 702 31.27 -19.26 44.71
N THR B 703 31.74 -20.45 44.36
CA THR B 703 31.11 -21.27 43.33
C THR B 703 31.67 -22.68 43.40
N GLY B 704 30.85 -23.64 42.99
CA GLY B 704 31.23 -25.03 43.06
C GLY B 704 30.06 -25.95 43.36
N GLU B 705 30.04 -27.13 42.75
CA GLU B 705 28.94 -28.07 42.93
C GLU B 705 29.10 -28.84 44.24
N VAL B 706 28.02 -29.50 44.66
CA VAL B 706 28.00 -30.27 45.90
C VAL B 706 27.36 -31.62 45.62
N SER B 707 27.91 -32.65 46.27
CA SER B 707 27.35 -34.00 46.23
C SER B 707 26.73 -34.33 47.59
N LEU B 708 25.91 -35.37 47.62
CA LEU B 708 25.28 -35.76 48.87
C LEU B 708 26.31 -36.16 49.92
N ARG B 709 27.35 -36.89 49.51
CA ARG B 709 28.46 -37.16 50.42
C ARG B 709 29.20 -35.90 50.81
N GLY B 710 29.24 -34.90 49.94
CA GLY B 710 29.85 -33.63 50.24
C GLY B 710 31.17 -33.35 49.55
N LYS B 711 31.35 -33.79 48.30
CA LYS B 711 32.56 -33.49 47.55
C LYS B 711 32.27 -32.41 46.53
N VAL B 712 33.16 -31.42 46.46
CA VAL B 712 32.96 -30.27 45.59
C VAL B 712 33.56 -30.62 44.23
N MET B 713 32.70 -30.95 43.26
CA MET B 713 33.15 -31.33 41.94
C MET B 713 33.64 -30.09 41.19
N PRO B 714 34.31 -30.26 40.05
CA PRO B 714 34.60 -29.09 39.20
C PRO B 714 33.33 -28.44 38.70
N ILE B 715 33.52 -27.27 38.10
CA ILE B 715 32.44 -26.55 37.44
C ILE B 715 32.92 -26.11 36.06
N GLY B 716 31.97 -25.88 35.17
CA GLY B 716 32.32 -25.41 33.83
C GLY B 716 32.51 -23.91 33.80
N GLY B 717 33.52 -23.48 33.05
CA GLY B 717 33.77 -22.07 32.85
C GLY B 717 34.17 -21.33 34.11
N VAL B 718 35.36 -21.62 34.65
CA VAL B 718 35.85 -20.86 35.79
C VAL B 718 36.30 -19.46 35.40
N LYS B 719 36.58 -19.22 34.12
CA LYS B 719 36.91 -17.86 33.68
C LYS B 719 35.76 -16.91 33.94
N GLU B 720 34.54 -17.30 33.54
CA GLU B 720 33.38 -16.45 33.76
C GLU B 720 33.13 -16.24 35.25
N LYS B 721 33.29 -17.31 36.03
CA LYS B 721 33.08 -17.21 37.47
C LYS B 721 34.04 -16.22 38.11
N LEU B 722 35.32 -16.32 37.79
CA LEU B 722 36.29 -15.39 38.35
C LEU B 722 36.11 -13.97 37.85
N LEU B 723 35.75 -13.78 36.58
CA LEU B 723 35.53 -12.41 36.12
C LEU B 723 34.30 -11.79 36.78
N ALA B 724 33.25 -12.57 37.00
CA ALA B 724 32.12 -12.05 37.76
C ALA B 724 32.48 -11.79 39.21
N ALA B 725 33.40 -12.58 39.79
CA ALA B 725 33.89 -12.28 41.12
C ALA B 725 34.61 -10.94 41.16
N HIS B 726 35.43 -10.68 40.14
CA HIS B 726 36.24 -9.46 40.14
C HIS B 726 35.46 -8.22 39.73
N GLN B 727 34.39 -8.38 38.95
CA GLN B 727 33.57 -7.23 38.58
C GLN B 727 32.91 -6.60 39.79
N ALA B 728 32.35 -7.41 40.67
CA ALA B 728 31.63 -6.90 41.84
C ALA B 728 32.59 -6.56 42.96
N GLY B 729 33.87 -6.42 42.65
CA GLY B 729 34.84 -5.99 43.63
C GLY B 729 35.11 -6.97 44.74
N ILE B 730 34.95 -8.27 44.50
CA ILE B 730 35.19 -9.30 45.51
C ILE B 730 36.67 -9.66 45.51
N HIS B 731 37.24 -9.83 46.69
CA HIS B 731 38.66 -10.12 46.82
C HIS B 731 38.93 -11.60 47.03
N LYS B 732 38.35 -12.22 48.06
CA LYS B 732 38.56 -13.65 48.29
C LYS B 732 37.57 -14.46 47.48
N ILE B 733 38.03 -15.59 46.95
CA ILE B 733 37.16 -16.52 46.23
C ILE B 733 37.41 -17.91 46.79
N VAL B 734 36.38 -18.74 46.73
CA VAL B 734 36.49 -20.16 47.05
C VAL B 734 36.22 -20.93 45.78
N LEU B 735 37.19 -21.76 45.38
CA LEU B 735 37.09 -22.56 44.18
C LEU B 735 37.37 -24.02 44.50
N PRO B 736 36.76 -24.95 43.77
CA PRO B 736 37.07 -26.37 43.98
C PRO B 736 38.52 -26.66 43.60
N LYS B 737 39.16 -27.52 44.39
CA LYS B 737 40.54 -27.87 44.11
C LYS B 737 40.67 -28.59 42.77
N ASP B 738 39.61 -29.25 42.31
CA ASP B 738 39.66 -29.94 41.03
C ASP B 738 39.84 -28.97 39.86
N ASN B 739 39.28 -27.76 39.97
CA ASN B 739 39.52 -26.73 38.97
C ASN B 739 40.89 -26.07 39.11
N GLU B 740 41.76 -26.63 39.95
CA GLU B 740 43.11 -26.10 40.09
C GLU B 740 43.88 -26.10 38.77
N ALA B 741 43.64 -27.10 37.91
CA ALA B 741 44.24 -27.12 36.59
C ALA B 741 43.63 -26.06 35.67
N GLN B 742 42.31 -25.90 35.69
CA GLN B 742 41.67 -24.83 34.95
C GLN B 742 41.95 -23.46 35.56
N LEU B 743 42.41 -23.40 36.80
CA LEU B 743 42.76 -22.14 37.43
C LEU B 743 43.99 -21.52 36.76
N GLU B 744 44.96 -22.35 36.42
CA GLU B 744 46.22 -21.89 35.86
C GLU B 744 46.13 -21.53 34.38
N GLU B 745 45.03 -21.90 33.72
CA GLU B 745 44.80 -21.47 32.35
C GLU B 745 44.35 -20.01 32.29
N LEU B 746 43.73 -19.50 33.35
CA LEU B 746 43.29 -18.12 33.37
C LEU B 746 44.49 -17.19 33.45
N PRO B 747 44.58 -16.18 32.59
CA PRO B 747 45.75 -15.30 32.58
C PRO B 747 45.87 -14.53 33.89
N LYS B 748 47.12 -14.15 34.20
CA LYS B 748 47.39 -13.40 35.42
C LYS B 748 46.64 -12.07 35.45
N GLU B 749 46.25 -11.53 34.29
CA GLU B 749 45.39 -10.35 34.26
C GLU B 749 44.06 -10.60 34.95
N VAL B 750 43.65 -11.86 35.07
CA VAL B 750 42.42 -12.21 35.75
C VAL B 750 42.64 -12.54 37.22
N LEU B 751 43.82 -13.01 37.60
CA LEU B 751 44.18 -13.31 38.98
C LEU B 751 44.92 -12.15 39.66
N GLU B 752 44.59 -10.92 39.31
CA GLU B 752 45.38 -9.77 39.74
C GLU B 752 45.42 -9.60 41.26
N GLY B 753 44.29 -9.29 41.87
CA GLY B 753 44.22 -9.01 43.29
C GLY B 753 43.35 -9.94 44.10
N LEU B 754 43.26 -11.22 43.71
CA LEU B 754 42.29 -12.15 44.27
C LEU B 754 43.01 -13.28 44.99
N GLU B 755 42.48 -13.62 46.18
CA GLU B 755 43.13 -14.62 47.04
C GLU B 755 42.16 -15.79 47.17
N ILE B 756 42.52 -16.91 46.53
CA ILE B 756 41.64 -18.06 46.37
C ILE B 756 41.97 -19.09 47.44
N LYS B 757 40.95 -19.51 48.19
CA LYS B 757 41.10 -20.58 49.19
C LYS B 757 40.67 -21.89 48.56
N LEU B 758 41.58 -22.50 47.80
CA LEU B 758 41.28 -23.77 47.15
C LEU B 758 40.95 -24.83 48.18
N VAL B 759 39.86 -25.56 47.96
CA VAL B 759 39.32 -26.51 48.91
C VAL B 759 38.75 -27.70 48.15
N GLU B 760 38.41 -28.74 48.90
CA GLU B 760 37.81 -29.95 48.36
C GLU B 760 36.44 -30.27 48.94
N ASP B 761 36.16 -29.87 50.17
CA ASP B 761 34.99 -30.32 50.91
C ASP B 761 34.16 -29.12 51.35
N VAL B 762 32.85 -29.34 51.47
CA VAL B 762 31.97 -28.32 51.99
C VAL B 762 32.38 -27.92 53.39
N GLY B 763 32.77 -28.88 54.21
CA GLY B 763 33.29 -28.59 55.53
C GLY B 763 34.57 -27.81 55.54
N GLU B 764 35.26 -27.71 54.40
CA GLU B 764 36.44 -26.86 54.26
C GLU B 764 36.10 -25.47 53.75
N VAL B 765 34.84 -25.21 53.43
CA VAL B 765 34.34 -23.87 53.12
C VAL B 765 33.52 -23.30 54.27
N LEU B 766 32.63 -24.13 54.83
CA LEU B 766 31.78 -23.71 55.94
C LEU B 766 32.60 -23.20 57.12
N GLU B 767 33.83 -23.70 57.30
CA GLU B 767 34.71 -23.22 58.35
C GLU B 767 35.65 -22.12 57.88
N TYR B 768 35.51 -21.65 56.64
CA TYR B 768 36.35 -20.58 56.11
C TYR B 768 35.58 -19.28 55.88
N LEU B 769 34.26 -19.27 56.09
CA LEU B 769 33.47 -18.06 55.90
C LEU B 769 32.48 -17.83 57.03
N LEU B 770 32.85 -18.14 58.27
CA LEU B 770 32.05 -17.79 59.44
C LEU B 770 32.93 -17.09 60.45
N LEU B 771 32.34 -16.17 61.21
CA LEU B 771 33.14 -15.53 62.25
C LEU B 771 33.25 -16.52 63.42
N PRO B 772 32.13 -17.01 64.02
CA PRO B 772 32.26 -18.21 64.86
C PRO B 772 32.00 -19.48 64.06
N GLU B 773 32.94 -20.41 64.06
CA GLU B 773 32.77 -21.62 63.28
C GLU B 773 31.88 -22.64 63.98
N PRO B 774 32.18 -23.03 65.24
CA PRO B 774 31.33 -24.07 65.82
C PRO B 774 30.12 -23.51 66.57
N ARG C 2 -48.79 -36.60 -69.00
CA ARG C 2 -47.52 -36.00 -68.60
C ARG C 2 -46.40 -36.37 -69.56
N LEU C 3 -45.40 -35.50 -69.66
CA LEU C 3 -44.24 -35.75 -70.50
C LEU C 3 -43.06 -36.21 -69.66
N GLU C 4 -42.18 -36.98 -70.28
CA GLU C 4 -40.96 -37.50 -69.66
C GLU C 4 -39.79 -36.84 -70.37
N LEU C 5 -39.29 -35.74 -69.83
CA LEU C 5 -38.27 -35.02 -70.57
C LEU C 5 -37.04 -34.78 -69.72
N PRO C 6 -35.85 -34.78 -70.33
CA PRO C 6 -34.61 -34.70 -69.53
C PRO C 6 -34.50 -33.39 -68.78
N VAL C 7 -33.73 -33.44 -67.70
CA VAL C 7 -33.52 -32.30 -66.80
C VAL C 7 -32.14 -31.71 -67.11
N ILE C 8 -32.11 -30.48 -67.58
CA ILE C 8 -30.89 -29.71 -67.76
C ILE C 8 -30.95 -28.53 -66.80
N PRO C 9 -30.23 -28.58 -65.67
CA PRO C 9 -30.38 -27.52 -64.66
C PRO C 9 -29.93 -26.16 -65.18
N LEU C 10 -30.61 -25.12 -64.72
CA LEU C 10 -30.21 -23.75 -64.96
C LEU C 10 -29.39 -23.24 -63.77
N ARG C 11 -28.69 -22.12 -63.99
CA ARG C 11 -27.78 -21.60 -62.97
C ARG C 11 -28.52 -21.24 -61.68
N ASN C 12 -29.40 -20.23 -61.75
CA ASN C 12 -30.17 -19.83 -60.58
C ASN C 12 -31.55 -19.29 -60.95
N THR C 13 -32.04 -19.59 -62.15
CA THR C 13 -33.27 -19.00 -62.65
C THR C 13 -34.25 -20.08 -63.11
N VAL C 14 -35.53 -19.81 -62.94
CA VAL C 14 -36.59 -20.58 -63.57
C VAL C 14 -37.11 -19.71 -64.71
N ILE C 15 -36.61 -19.95 -65.93
CA ILE C 15 -36.81 -19.02 -67.04
C ILE C 15 -38.28 -19.00 -67.46
N LEU C 16 -38.64 -18.01 -68.25
CA LEU C 16 -40.02 -17.68 -68.57
C LEU C 16 -40.19 -17.61 -70.08
N PRO C 17 -41.42 -17.80 -70.58
CA PRO C 17 -41.60 -18.04 -72.03
C PRO C 17 -41.06 -16.91 -72.90
N HIS C 18 -40.59 -17.30 -74.08
CA HIS C 18 -40.07 -16.37 -75.09
C HIS C 18 -38.88 -15.56 -74.58
N THR C 19 -37.93 -16.22 -73.94
CA THR C 19 -36.66 -15.62 -73.55
C THR C 19 -35.53 -16.35 -74.24
N THR C 20 -34.68 -15.60 -74.94
CA THR C 20 -33.50 -16.15 -75.62
C THR C 20 -32.40 -16.34 -74.59
N THR C 21 -32.36 -17.53 -74.00
CA THR C 21 -31.44 -17.70 -72.89
C THR C 21 -30.31 -18.66 -73.23
N PRO C 22 -29.09 -18.37 -72.80
CA PRO C 22 -27.99 -19.33 -72.96
C PRO C 22 -27.89 -20.28 -71.76
N VAL C 23 -27.73 -21.57 -72.02
CA VAL C 23 -27.66 -22.58 -70.99
C VAL C 23 -26.20 -22.99 -70.80
N ASP C 24 -25.70 -22.88 -69.58
CA ASP C 24 -24.33 -23.22 -69.24
C ASP C 24 -24.35 -24.43 -68.32
N VAL C 25 -23.70 -25.51 -68.74
CA VAL C 25 -23.69 -26.77 -68.00
C VAL C 25 -22.25 -27.10 -67.65
N GLY C 26 -21.90 -26.92 -66.38
CA GLY C 26 -20.64 -27.38 -65.83
C GLY C 26 -20.71 -28.72 -65.14
N ARG C 27 -21.86 -29.40 -65.21
CA ARG C 27 -22.04 -30.68 -64.55
C ARG C 27 -21.45 -31.81 -65.39
N ALA C 28 -21.15 -32.91 -64.71
CA ALA C 28 -20.57 -34.09 -65.35
C ALA C 28 -21.63 -35.09 -65.81
N LYS C 29 -22.91 -34.76 -65.68
CA LYS C 29 -23.99 -35.68 -66.03
C LYS C 29 -24.94 -35.13 -67.08
N SER C 30 -25.19 -33.82 -67.08
CA SER C 30 -26.16 -33.22 -67.98
C SER C 30 -25.62 -33.04 -69.40
N LYS C 31 -24.31 -33.19 -69.61
CA LYS C 31 -23.76 -33.04 -70.95
C LYS C 31 -24.24 -34.14 -71.89
N ARG C 32 -24.58 -35.31 -71.38
CA ARG C 32 -25.23 -36.35 -72.17
C ARG C 32 -26.75 -36.36 -72.01
N ALA C 33 -27.25 -35.81 -70.90
CA ALA C 33 -28.70 -35.64 -70.77
C ALA C 33 -29.24 -34.70 -71.84
N VAL C 34 -28.54 -33.60 -72.12
CA VAL C 34 -28.96 -32.70 -73.18
C VAL C 34 -28.82 -33.35 -74.55
N GLU C 35 -27.81 -34.20 -74.76
CA GLU C 35 -27.67 -34.92 -76.01
C GLU C 35 -28.85 -35.87 -76.23
N GLU C 36 -29.29 -36.55 -75.18
CA GLU C 36 -30.52 -37.33 -75.27
C GLU C 36 -31.73 -36.44 -75.51
N ALA C 37 -31.74 -35.27 -74.87
CA ALA C 37 -32.88 -34.36 -74.96
C ALA C 37 -33.09 -33.83 -76.37
N MET C 38 -32.03 -33.49 -77.10
CA MET C 38 -32.20 -32.99 -78.46
C MET C 38 -32.76 -34.07 -79.38
N GLY C 39 -32.63 -35.34 -79.00
CA GLY C 39 -33.29 -36.43 -79.67
C GLY C 39 -34.72 -36.66 -79.23
N ALA C 40 -35.18 -35.94 -78.21
CA ALA C 40 -36.54 -36.00 -77.72
C ALA C 40 -37.40 -34.86 -78.24
N ASP C 41 -37.19 -34.48 -79.50
CA ASP C 41 -37.88 -33.34 -80.13
C ASP C 41 -37.50 -32.02 -79.48
N ARG C 42 -36.32 -31.99 -78.86
CA ARG C 42 -35.76 -30.76 -78.28
C ARG C 42 -36.72 -30.11 -77.29
N LEU C 43 -37.35 -30.92 -76.45
CA LEU C 43 -38.27 -30.46 -75.41
C LEU C 43 -37.68 -30.82 -74.06
N ILE C 44 -37.23 -29.81 -73.32
CA ILE C 44 -36.46 -30.00 -72.09
C ILE C 44 -37.14 -29.25 -70.96
N PHE C 45 -37.31 -29.91 -69.81
CA PHE C 45 -37.73 -29.24 -68.59
C PHE C 45 -36.50 -28.59 -67.96
N LEU C 46 -36.37 -27.28 -68.12
CA LEU C 46 -35.25 -26.53 -67.53
C LEU C 46 -35.65 -26.13 -66.12
N VAL C 47 -35.23 -26.94 -65.14
CA VAL C 47 -35.49 -26.69 -63.73
C VAL C 47 -34.14 -26.59 -63.02
N ALA C 48 -33.92 -25.47 -62.34
CA ALA C 48 -32.68 -25.26 -61.61
C ALA C 48 -32.74 -25.97 -60.25
N GLN C 49 -31.57 -26.08 -59.62
CA GLN C 49 -31.45 -26.66 -58.30
C GLN C 49 -30.77 -25.67 -57.36
N ARG C 50 -30.66 -26.07 -56.10
CA ARG C 50 -30.43 -25.16 -55.00
C ARG C 50 -28.96 -24.74 -54.89
N ASP C 51 -28.63 -24.14 -53.74
CA ASP C 51 -27.33 -23.64 -53.34
C ASP C 51 -26.39 -24.83 -53.13
N PRO C 52 -25.09 -24.64 -52.70
CA PRO C 52 -23.96 -25.35 -53.34
C PRO C 52 -24.28 -26.74 -53.87
N GLU C 53 -23.91 -26.94 -55.14
CA GLU C 53 -24.53 -27.90 -56.02
C GLU C 53 -23.59 -29.07 -56.31
N VAL C 54 -24.16 -30.26 -56.38
CA VAL C 54 -23.43 -31.45 -56.79
C VAL C 54 -23.45 -31.54 -58.32
N ASP C 55 -22.51 -32.30 -58.87
CA ASP C 55 -22.37 -32.43 -60.32
C ASP C 55 -23.16 -33.59 -60.88
N ASP C 56 -24.21 -34.02 -60.18
CA ASP C 56 -25.13 -35.04 -60.66
C ASP C 56 -26.54 -34.63 -60.26
N PRO C 57 -27.54 -35.06 -61.02
CA PRO C 57 -28.92 -34.67 -60.72
C PRO C 57 -29.36 -35.17 -59.34
N ALA C 58 -30.18 -34.34 -58.68
CA ALA C 58 -30.69 -34.64 -57.36
C ALA C 58 -32.20 -34.79 -57.41
N PRO C 59 -32.76 -35.86 -56.84
CA PRO C 59 -34.21 -36.08 -56.94
C PRO C 59 -35.05 -35.34 -55.91
N ASP C 60 -34.43 -34.69 -54.92
CA ASP C 60 -35.17 -33.99 -53.88
C ASP C 60 -34.73 -32.54 -53.71
N ASP C 61 -34.07 -31.96 -54.72
CA ASP C 61 -33.57 -30.59 -54.64
C ASP C 61 -34.02 -29.78 -55.85
N LEU C 62 -35.24 -30.00 -56.30
CA LEU C 62 -35.82 -29.27 -57.42
C LEU C 62 -37.18 -28.71 -57.01
N TYR C 63 -37.51 -27.54 -57.57
CA TYR C 63 -38.79 -26.92 -57.30
C TYR C 63 -39.90 -27.69 -58.02
N THR C 64 -41.15 -27.42 -57.59
CA THR C 64 -42.31 -28.07 -58.15
C THR C 64 -42.92 -27.34 -59.33
N TRP C 65 -42.38 -26.17 -59.70
CA TRP C 65 -42.91 -25.35 -60.79
C TRP C 65 -41.77 -25.08 -61.77
N GLY C 66 -41.70 -25.88 -62.84
CA GLY C 66 -40.70 -25.74 -63.86
C GLY C 66 -41.23 -25.12 -65.13
N VAL C 67 -40.48 -25.33 -66.21
CA VAL C 67 -40.85 -24.81 -67.52
C VAL C 67 -40.17 -25.65 -68.59
N GLN C 68 -40.85 -25.80 -69.73
CA GLN C 68 -40.29 -26.54 -70.85
C GLN C 68 -39.38 -25.64 -71.68
N ALA C 69 -38.51 -26.27 -72.47
CA ALA C 69 -37.57 -25.52 -73.30
C ALA C 69 -37.56 -26.09 -74.71
N VAL C 70 -37.24 -25.23 -75.67
CA VAL C 70 -37.09 -25.62 -77.07
C VAL C 70 -35.76 -25.07 -77.58
N VAL C 71 -35.19 -25.78 -78.55
CA VAL C 71 -33.92 -25.39 -79.16
C VAL C 71 -34.21 -24.79 -80.53
N LYS C 72 -33.69 -23.59 -80.77
CA LYS C 72 -33.95 -22.85 -81.99
C LYS C 72 -32.93 -23.13 -83.09
N GLN C 73 -31.92 -23.94 -82.82
CA GLN C 73 -30.90 -24.29 -83.81
C GLN C 73 -30.58 -25.77 -83.66
N ALA C 74 -29.49 -26.21 -84.29
CA ALA C 74 -29.05 -27.59 -84.20
C ALA C 74 -27.53 -27.70 -84.09
N MET C 75 -26.87 -26.68 -83.53
CA MET C 75 -25.42 -26.65 -83.43
C MET C 75 -25.04 -25.93 -82.15
N ARG C 76 -23.92 -26.33 -81.55
CA ARG C 76 -23.51 -25.89 -80.23
C ARG C 76 -22.21 -25.10 -80.33
N LEU C 77 -22.01 -24.21 -79.37
CA LEU C 77 -20.83 -23.34 -79.33
C LEU C 77 -19.83 -23.88 -78.32
N PRO C 78 -18.70 -24.43 -78.76
CA PRO C 78 -17.72 -25.01 -77.82
C PRO C 78 -16.87 -23.94 -77.16
N ASP C 79 -17.13 -23.68 -75.87
CA ASP C 79 -16.32 -22.75 -75.10
C ASP C 79 -16.10 -23.28 -73.67
N GLY C 80 -15.99 -24.59 -73.51
CA GLY C 80 -15.89 -25.19 -72.19
C GLY C 80 -17.19 -25.85 -71.78
N THR C 81 -18.30 -25.17 -72.10
CA THR C 81 -19.64 -25.73 -71.93
C THR C 81 -20.30 -25.84 -73.29
N LEU C 82 -21.17 -26.84 -73.43
CA LEU C 82 -21.88 -27.07 -74.69
C LEU C 82 -22.95 -25.99 -74.83
N GLN C 83 -22.49 -24.79 -75.17
CA GLN C 83 -23.36 -23.63 -75.19
C GLN C 83 -24.37 -23.71 -76.33
N VAL C 84 -25.59 -23.24 -76.05
CA VAL C 84 -26.65 -23.15 -77.05
C VAL C 84 -27.68 -22.14 -76.55
N MET C 85 -28.32 -21.46 -77.49
CA MET C 85 -29.38 -20.50 -77.18
C MET C 85 -30.72 -21.21 -77.28
N VAL C 86 -31.45 -21.24 -76.17
CA VAL C 86 -32.73 -21.93 -76.09
C VAL C 86 -33.82 -20.90 -75.82
N GLU C 87 -35.07 -21.36 -75.93
CA GLU C 87 -36.23 -20.51 -75.65
C GLU C 87 -37.19 -21.28 -74.76
N ALA C 88 -37.64 -20.64 -73.68
CA ALA C 88 -38.61 -21.27 -72.79
C ALA C 88 -39.90 -21.49 -73.56
N ARG C 89 -40.19 -22.75 -73.87
CA ARG C 89 -41.27 -23.07 -74.80
C ARG C 89 -42.63 -22.90 -74.14
N ALA C 90 -42.90 -23.69 -73.11
CA ALA C 90 -44.20 -23.69 -72.46
C ALA C 90 -44.04 -23.87 -70.96
N ARG C 91 -44.88 -23.18 -70.20
CA ARG C 91 -44.85 -23.30 -68.75
C ARG C 91 -45.55 -24.59 -68.31
N ALA C 92 -45.01 -25.19 -67.25
CA ALA C 92 -45.54 -26.41 -66.70
C ALA C 92 -45.21 -26.44 -65.21
N GLN C 93 -45.34 -27.61 -64.59
CA GLN C 93 -44.98 -27.79 -63.19
C GLN C 93 -44.22 -29.11 -63.05
N VAL C 94 -43.58 -29.28 -61.90
CA VAL C 94 -42.80 -30.47 -61.61
C VAL C 94 -43.53 -31.26 -60.52
N THR C 95 -43.95 -32.49 -60.86
CA THR C 95 -44.68 -33.34 -59.95
C THR C 95 -43.95 -34.64 -59.63
N ASP C 96 -43.51 -35.37 -60.64
CA ASP C 96 -42.86 -36.66 -60.46
C ASP C 96 -41.52 -36.67 -61.19
N TYR C 97 -40.79 -37.77 -61.03
CA TYR C 97 -39.48 -37.95 -61.65
C TYR C 97 -39.32 -39.40 -62.07
N ILE C 98 -38.40 -39.61 -63.01
CA ILE C 98 -37.87 -40.94 -63.32
C ILE C 98 -36.54 -41.08 -62.60
N PRO C 99 -36.29 -42.21 -61.93
CA PRO C 99 -35.07 -42.32 -61.11
C PRO C 99 -33.81 -42.05 -61.91
N GLY C 100 -32.87 -41.35 -61.28
CA GLY C 100 -31.66 -40.93 -61.95
C GLY C 100 -30.41 -41.34 -61.19
N PRO C 101 -29.23 -41.16 -61.82
CA PRO C 101 -29.08 -40.59 -63.17
C PRO C 101 -29.52 -41.55 -64.27
N TYR C 102 -30.27 -41.03 -65.24
CA TYR C 102 -30.58 -39.61 -65.30
C TYR C 102 -32.05 -39.32 -65.05
N LEU C 103 -32.33 -38.27 -64.28
CA LEU C 103 -33.69 -37.88 -63.95
C LEU C 103 -34.43 -37.39 -65.19
N ARG C 104 -35.69 -37.79 -65.30
CA ARG C 104 -36.59 -37.29 -66.34
C ARG C 104 -37.75 -36.59 -65.65
N ALA C 105 -37.85 -35.27 -65.83
CA ALA C 105 -38.90 -34.50 -65.21
C ALA C 105 -40.23 -34.71 -65.91
N ARG C 106 -41.31 -34.52 -65.14
CA ARG C 106 -42.68 -34.56 -65.60
C ARG C 106 -43.22 -33.14 -65.81
N GLY C 107 -44.43 -33.08 -66.32
CA GLY C 107 -45.07 -31.79 -66.53
C GLY C 107 -46.47 -31.91 -67.10
N GLU C 108 -46.91 -30.88 -67.83
CA GLU C 108 -48.23 -30.88 -68.43
C GLU C 108 -48.16 -30.55 -69.92
N VAL C 109 -49.31 -30.33 -70.55
CA VAL C 109 -49.38 -30.05 -71.97
C VAL C 109 -48.79 -28.67 -72.27
N PHE C 110 -48.55 -28.39 -73.54
CA PHE C 110 -47.97 -27.12 -73.94
C PHE C 110 -48.92 -25.97 -73.62
N SER C 111 -48.34 -24.78 -73.47
CA SER C 111 -49.12 -23.59 -73.12
C SER C 111 -48.42 -22.36 -73.68
N GLU C 112 -49.08 -21.70 -74.64
CA GLU C 112 -48.60 -20.43 -75.21
C GLU C 112 -49.61 -19.36 -74.84
N ILE C 113 -49.35 -18.64 -73.75
CA ILE C 113 -50.29 -17.63 -73.27
C ILE C 113 -50.36 -16.47 -74.26
N PHE C 114 -51.57 -15.98 -74.49
CA PHE C 114 -51.83 -14.88 -75.40
C PHE C 114 -52.53 -13.74 -74.69
N PRO C 115 -52.35 -12.51 -75.14
CA PRO C 115 -53.03 -11.38 -74.50
C PRO C 115 -54.54 -11.43 -74.72
N ILE C 116 -55.29 -11.09 -73.67
CA ILE C 116 -56.75 -11.09 -73.75
C ILE C 116 -57.34 -9.68 -73.73
N ASP C 117 -56.62 -8.71 -73.21
CA ASP C 117 -57.05 -7.31 -73.21
C ASP C 117 -55.92 -6.46 -73.77
N GLU C 118 -56.26 -5.26 -74.23
CA GLU C 118 -55.29 -4.45 -74.96
C GLU C 118 -55.14 -3.04 -74.43
N ALA C 119 -56.20 -2.44 -73.89
CA ALA C 119 -56.13 -1.03 -73.51
C ALA C 119 -55.48 -0.86 -72.13
N VAL C 120 -56.13 -1.38 -71.09
CA VAL C 120 -55.54 -1.34 -69.75
C VAL C 120 -54.24 -2.12 -69.74
N VAL C 121 -54.17 -3.20 -70.51
CA VAL C 121 -52.95 -3.99 -70.59
C VAL C 121 -51.81 -3.16 -71.17
N ARG C 122 -52.07 -2.40 -72.24
CA ARG C 122 -50.99 -1.60 -72.81
C ARG C 122 -50.61 -0.43 -71.90
N VAL C 123 -51.57 0.14 -71.17
CA VAL C 123 -51.21 1.19 -70.22
C VAL C 123 -50.32 0.64 -69.12
N LEU C 124 -50.68 -0.52 -68.57
CA LEU C 124 -49.87 -1.13 -67.52
C LEU C 124 -48.51 -1.57 -68.06
N VAL C 125 -48.45 -2.01 -69.31
CA VAL C 125 -47.16 -2.38 -69.90
C VAL C 125 -46.30 -1.14 -70.11
N GLU C 126 -46.88 0.00 -70.49
CA GLU C 126 -46.11 1.23 -70.56
C GLU C 126 -45.56 1.61 -69.18
N GLU C 127 -46.40 1.51 -68.15
CA GLU C 127 -45.94 1.81 -66.79
C GLU C 127 -44.82 0.86 -66.35
N LEU C 128 -44.97 -0.43 -66.65
CA LEU C 128 -43.94 -1.39 -66.25
C LEU C 128 -42.68 -1.23 -67.08
N LYS C 129 -42.79 -0.79 -68.33
CA LYS C 129 -41.60 -0.47 -69.12
C LYS C 129 -40.86 0.72 -68.53
N GLU C 130 -41.59 1.75 -68.10
CA GLU C 130 -40.96 2.87 -67.39
C GLU C 130 -40.27 2.38 -66.13
N ALA C 131 -40.95 1.52 -65.37
CA ALA C 131 -40.38 1.00 -64.13
C ALA C 131 -39.12 0.19 -64.39
N PHE C 132 -39.11 -0.64 -65.43
CA PHE C 132 -37.93 -1.42 -65.76
C PHE C 132 -36.80 -0.54 -66.27
N GLU C 133 -37.12 0.51 -67.04
CA GLU C 133 -36.09 1.44 -67.49
C GLU C 133 -35.41 2.11 -66.31
N LYS C 134 -36.20 2.64 -65.38
CA LYS C 134 -35.59 3.27 -64.21
C LYS C 134 -34.96 2.26 -63.25
N TYR C 135 -35.39 1.00 -63.29
CA TYR C 135 -34.73 -0.04 -62.50
C TYR C 135 -33.35 -0.33 -63.05
N VAL C 136 -33.23 -0.45 -64.37
CA VAL C 136 -31.92 -0.59 -64.99
C VAL C 136 -31.06 0.64 -64.72
N ALA C 137 -31.69 1.83 -64.75
CA ALA C 137 -30.96 3.05 -64.41
C ALA C 137 -30.46 3.03 -62.96
N ASN C 138 -31.22 2.40 -62.06
CA ASN C 138 -30.79 2.22 -60.67
C ASN C 138 -30.05 0.91 -60.46
N HIS C 139 -29.84 0.13 -61.52
CA HIS C 139 -29.09 -1.10 -61.44
C HIS C 139 -27.72 -0.95 -62.10
N LYS C 140 -27.34 0.27 -62.46
CA LYS C 140 -26.03 0.53 -63.06
C LYS C 140 -24.88 0.21 -62.12
N SER C 141 -25.09 0.38 -60.82
CA SER C 141 -24.05 0.08 -59.83
C SER C 141 -23.80 -1.41 -59.68
N LEU C 142 -24.64 -2.26 -60.27
CA LEU C 142 -24.46 -3.71 -60.20
C LEU C 142 -24.17 -4.33 -61.57
N ARG C 143 -23.94 -3.50 -62.59
CA ARG C 143 -23.50 -3.94 -63.92
C ARG C 143 -24.50 -4.92 -64.54
N LEU C 144 -25.68 -4.38 -64.83
CA LEU C 144 -26.71 -5.10 -65.57
C LEU C 144 -26.56 -4.81 -67.06
N ASP C 145 -26.66 -5.86 -67.87
CA ASP C 145 -26.59 -5.69 -69.32
C ASP C 145 -27.74 -4.84 -69.81
N ARG C 146 -27.43 -3.90 -70.69
CA ARG C 146 -28.42 -2.97 -71.24
C ARG C 146 -29.23 -3.61 -72.36
N TYR C 147 -28.78 -4.75 -72.89
CA TYR C 147 -29.51 -5.43 -73.96
C TYR C 147 -30.91 -5.85 -73.53
N GLN C 148 -31.13 -6.02 -72.22
CA GLN C 148 -32.45 -6.41 -71.74
C GLN C 148 -33.51 -5.37 -72.09
N LEU C 149 -33.18 -4.08 -71.95
CA LEU C 149 -34.09 -3.04 -72.38
C LEU C 149 -34.38 -3.13 -73.88
N GLU C 150 -33.40 -3.61 -74.66
CA GLU C 150 -33.60 -3.82 -76.08
C GLU C 150 -34.44 -5.07 -76.38
N ALA C 151 -34.66 -5.93 -75.39
CA ALA C 151 -35.49 -7.11 -75.57
C ALA C 151 -36.95 -6.88 -75.19
N VAL C 152 -37.24 -5.84 -74.41
CA VAL C 152 -38.60 -5.49 -74.04
C VAL C 152 -39.12 -4.27 -74.79
N LYS C 153 -38.31 -3.71 -75.70
CA LYS C 153 -38.73 -2.57 -76.50
C LYS C 153 -38.97 -2.92 -77.97
N GLY C 154 -38.39 -4.03 -78.46
CA GLY C 154 -38.61 -4.46 -79.82
C GLY C 154 -39.56 -5.63 -79.91
N THR C 155 -39.40 -6.59 -79.00
CA THR C 155 -40.30 -7.75 -78.92
C THR C 155 -41.38 -7.43 -77.88
N SER C 156 -42.32 -6.58 -78.28
CA SER C 156 -43.35 -6.07 -77.39
C SER C 156 -44.59 -6.94 -77.52
N ASP C 157 -44.77 -7.86 -76.58
CA ASP C 157 -45.97 -8.68 -76.50
C ASP C 157 -46.33 -8.85 -75.03
N PRO C 158 -47.39 -8.18 -74.57
CA PRO C 158 -47.65 -8.07 -73.11
C PRO C 158 -47.85 -9.41 -72.42
N ALA C 159 -48.28 -10.44 -73.17
CA ALA C 159 -48.41 -11.75 -72.56
C ALA C 159 -47.06 -12.31 -72.16
N MET C 160 -46.01 -12.04 -72.92
CA MET C 160 -44.66 -12.48 -72.60
C MET C 160 -43.78 -11.36 -72.09
N LEU C 161 -44.21 -10.10 -72.17
CA LEU C 161 -43.41 -9.00 -71.64
C LEU C 161 -43.28 -9.08 -70.12
N ALA C 162 -44.35 -9.47 -69.42
CA ALA C 162 -44.25 -9.67 -67.98
C ALA C 162 -43.25 -10.78 -67.65
N ASP C 163 -43.31 -11.87 -68.40
CA ASP C 163 -42.36 -12.97 -68.20
C ASP C 163 -40.93 -12.52 -68.43
N THR C 164 -40.70 -11.77 -69.52
CA THR C 164 -39.36 -11.31 -69.84
C THR C 164 -38.84 -10.34 -68.78
N ILE C 165 -39.69 -9.44 -68.31
CA ILE C 165 -39.27 -8.48 -67.29
C ILE C 165 -38.98 -9.20 -65.98
N ALA C 166 -39.77 -10.22 -65.63
CA ALA C 166 -39.47 -11.02 -64.45
C ALA C 166 -38.13 -11.75 -64.61
N TYR C 167 -37.86 -12.28 -65.80
CA TYR C 167 -36.55 -12.90 -66.05
C TYR C 167 -35.43 -11.87 -65.97
N HIS C 168 -35.63 -10.68 -66.53
CA HIS C 168 -34.61 -9.65 -66.56
C HIS C 168 -34.39 -8.99 -65.20
N ALA C 169 -35.25 -9.26 -64.22
CA ALA C 169 -35.12 -8.71 -62.88
C ALA C 169 -34.68 -9.80 -61.92
N THR C 170 -33.89 -9.42 -60.93
CA THR C 170 -33.28 -10.35 -59.99
C THR C 170 -33.91 -10.21 -58.61
N TRP C 171 -34.41 -11.32 -58.08
CA TRP C 171 -34.86 -11.42 -56.70
C TRP C 171 -34.79 -12.89 -56.30
N THR C 172 -35.42 -13.22 -55.17
CA THR C 172 -35.45 -14.60 -54.70
C THR C 172 -36.26 -15.46 -55.68
N VAL C 173 -35.79 -16.68 -55.90
CA VAL C 173 -36.42 -17.59 -56.85
C VAL C 173 -37.85 -17.92 -56.45
N ALA C 174 -38.17 -17.85 -55.16
CA ALA C 174 -39.52 -18.13 -54.71
C ALA C 174 -40.54 -17.16 -55.30
N GLU C 175 -40.18 -15.88 -55.47
CA GLU C 175 -41.07 -14.95 -56.14
C GLU C 175 -41.32 -15.35 -57.59
N LYS C 176 -40.25 -15.76 -58.30
CA LYS C 176 -40.41 -16.25 -59.65
C LYS C 176 -41.26 -17.51 -59.72
N GLN C 177 -41.24 -18.33 -58.67
CA GLN C 177 -42.10 -19.51 -58.62
C GLN C 177 -43.57 -19.10 -58.71
N GLU C 178 -43.99 -18.17 -57.86
CA GLU C 178 -45.38 -17.71 -57.88
C GLU C 178 -45.68 -16.91 -59.14
N ILE C 179 -44.70 -16.19 -59.66
CA ILE C 179 -44.90 -15.44 -60.91
C ILE C 179 -45.19 -16.40 -62.06
N LEU C 180 -44.46 -17.50 -62.15
CA LEU C 180 -44.72 -18.51 -63.17
C LEU C 180 -45.96 -19.33 -62.86
N GLU C 181 -46.38 -19.39 -61.59
CA GLU C 181 -47.63 -20.05 -61.25
C GLU C 181 -48.82 -19.35 -61.89
N LEU C 182 -48.82 -18.02 -61.88
CA LEU C 182 -49.92 -17.25 -62.43
C LEU C 182 -49.94 -17.35 -63.95
N THR C 183 -50.87 -18.14 -64.49
CA THR C 183 -51.09 -18.15 -65.93
C THR C 183 -51.69 -16.84 -66.41
N ASP C 184 -52.40 -16.13 -65.54
CA ASP C 184 -52.95 -14.82 -65.89
C ASP C 184 -51.81 -13.83 -66.10
N LEU C 185 -51.95 -12.98 -67.13
CA LEU C 185 -50.90 -12.03 -67.45
C LEU C 185 -51.02 -10.73 -66.68
N GLU C 186 -52.24 -10.29 -66.35
CA GLU C 186 -52.42 -9.01 -65.69
C GLU C 186 -52.01 -9.07 -64.22
N ALA C 187 -52.36 -10.15 -63.53
CA ALA C 187 -51.91 -10.33 -62.15
C ALA C 187 -50.39 -10.44 -62.10
N ARG C 188 -49.79 -11.15 -63.06
CA ARG C 188 -48.33 -11.22 -63.13
C ARG C 188 -47.73 -9.84 -63.38
N LEU C 189 -48.35 -9.05 -64.26
CA LEU C 189 -47.87 -7.70 -64.53
C LEU C 189 -47.88 -6.86 -63.26
N LYS C 190 -48.99 -6.88 -62.52
CA LYS C 190 -49.06 -6.05 -61.32
C LYS C 190 -48.12 -6.56 -60.22
N LYS C 191 -47.95 -7.88 -60.11
CA LYS C 191 -47.01 -8.42 -59.14
C LYS C 191 -45.58 -8.00 -59.45
N VAL C 192 -45.19 -8.10 -60.73
CA VAL C 192 -43.84 -7.68 -61.14
C VAL C 192 -43.66 -6.19 -60.90
N LEU C 193 -44.69 -5.39 -61.22
CA LEU C 193 -44.60 -3.95 -60.99
C LEU C 193 -44.41 -3.64 -59.51
N GLY C 194 -45.15 -4.32 -58.64
CA GLY C 194 -45.00 -4.09 -57.21
C GLY C 194 -43.64 -4.49 -56.69
N LEU C 195 -43.13 -5.64 -57.12
CA LEU C 195 -41.82 -6.09 -56.67
C LEU C 195 -40.72 -5.14 -57.16
N LEU C 196 -40.81 -4.71 -58.42
CA LEU C 196 -39.83 -3.75 -58.93
C LEU C 196 -39.93 -2.42 -58.21
N SER C 197 -41.15 -2.01 -57.84
CA SER C 197 -41.31 -0.77 -57.07
C SER C 197 -40.67 -0.89 -55.70
N ARG C 198 -40.82 -2.04 -55.04
CA ARG C 198 -40.17 -2.24 -53.75
C ARG C 198 -38.66 -2.20 -53.89
N ASP C 199 -38.13 -2.83 -54.95
CA ASP C 199 -36.69 -2.79 -55.19
C ASP C 199 -36.21 -1.37 -55.46
N LEU C 200 -36.98 -0.58 -56.22
CA LEU C 200 -36.62 0.81 -56.46
C LEU C 200 -36.64 1.61 -55.17
N GLU C 201 -37.63 1.36 -54.31
CA GLU C 201 -37.71 2.06 -53.02
C GLU C 201 -36.48 1.77 -52.16
N ARG C 202 -36.11 0.49 -52.07
CA ARG C 202 -34.93 0.17 -51.26
C ARG C 202 -33.65 0.72 -51.88
N PHE C 203 -33.53 0.71 -53.22
CA PHE C 203 -32.36 1.29 -53.87
C PHE C 203 -32.26 2.78 -53.57
N GLU C 204 -33.38 3.50 -53.67
CA GLU C 204 -33.37 4.94 -53.40
C GLU C 204 -33.08 5.23 -51.93
N LEU C 205 -33.60 4.41 -51.01
CA LEU C 205 -33.28 4.58 -49.60
C LEU C 205 -31.79 4.40 -49.36
N ASP C 206 -31.20 3.37 -49.99
CA ASP C 206 -29.76 3.16 -49.86
C ASP C 206 -28.97 4.33 -50.44
N LYS C 207 -29.40 4.86 -51.57
CA LYS C 207 -28.72 6.02 -52.16
C LYS C 207 -28.78 7.22 -51.24
N ARG C 208 -29.96 7.47 -50.65
CA ARG C 208 -30.09 8.60 -49.71
C ARG C 208 -29.21 8.40 -48.49
N VAL C 209 -29.15 7.18 -47.95
CA VAL C 209 -28.30 6.92 -46.80
C VAL C 209 -26.83 7.11 -47.16
N ALA C 210 -26.41 6.67 -48.35
CA ALA C 210 -25.04 6.87 -48.77
C ALA C 210 -24.70 8.34 -48.92
N GLN C 211 -25.60 9.13 -49.51
CA GLN C 211 -25.37 10.56 -49.62
C GLN C 211 -25.30 11.21 -48.24
N ARG C 212 -26.17 10.78 -47.31
CA ARG C 212 -26.16 11.36 -45.98
C ARG C 212 -24.87 11.02 -45.24
N VAL C 213 -24.35 9.80 -45.40
CA VAL C 213 -23.11 9.45 -44.71
C VAL C 213 -21.92 10.14 -45.37
N LYS C 214 -21.98 10.40 -46.68
CA LYS C 214 -20.96 11.22 -47.31
C LYS C 214 -20.98 12.64 -46.74
N GLU C 215 -22.17 13.20 -46.54
CA GLU C 215 -22.27 14.50 -45.88
C GLU C 215 -21.78 14.44 -44.44
N GLN C 216 -21.98 13.29 -43.78
CA GLN C 216 -21.41 13.09 -42.45
C GLN C 216 -19.88 13.16 -42.51
N MET C 217 -19.28 12.52 -43.52
CA MET C 217 -17.83 12.61 -43.70
C MET C 217 -17.39 14.05 -43.88
N ASP C 218 -18.10 14.79 -44.74
CA ASP C 218 -17.73 16.17 -45.02
C ASP C 218 -17.84 17.04 -43.76
N THR C 219 -18.95 16.90 -43.02
CA THR C 219 -19.12 17.68 -41.81
C THR C 219 -18.08 17.31 -40.76
N ASN C 220 -17.75 16.02 -40.65
CA ASN C 220 -16.77 15.60 -39.66
C ASN C 220 -15.38 16.11 -39.98
N GLN C 221 -14.97 16.08 -41.26
CA GLN C 221 -13.67 16.65 -41.60
C GLN C 221 -13.66 18.17 -41.41
N ARG C 222 -14.78 18.83 -41.71
CA ARG C 222 -14.89 20.26 -41.46
C ARG C 222 -14.71 20.58 -39.98
N GLU C 223 -15.44 19.88 -39.12
CA GLU C 223 -15.35 20.16 -37.68
C GLU C 223 -14.00 19.74 -37.13
N TYR C 224 -13.38 18.71 -37.72
CA TYR C 224 -12.03 18.34 -37.32
C TYR C 224 -11.04 19.46 -37.62
N TYR C 225 -11.12 20.03 -38.82
CA TYR C 225 -10.22 21.15 -39.13
C TYR C 225 -10.52 22.35 -38.26
N LEU C 226 -11.79 22.57 -37.93
CA LEU C 226 -12.15 23.69 -37.05
C LEU C 226 -11.57 23.49 -35.64
N ARG C 227 -11.66 22.26 -35.12
CA ARG C 227 -11.07 21.96 -33.82
C ARG C 227 -9.56 22.13 -33.86
N GLU C 228 -8.93 21.74 -34.97
CA GLU C 228 -7.51 21.96 -35.12
C GLU C 228 -7.17 23.44 -35.17
N GLN C 229 -8.01 24.25 -35.81
CA GLN C 229 -7.83 25.70 -35.77
C GLN C 229 -7.90 26.21 -34.34
N MET C 230 -8.88 25.72 -33.57
CA MET C 230 -9.01 26.12 -32.17
C MET C 230 -7.75 25.75 -31.38
N LYS C 231 -7.26 24.52 -31.57
CA LYS C 231 -6.05 24.11 -30.86
C LYS C 231 -4.85 24.94 -31.26
N ALA C 232 -4.67 25.19 -32.56
CA ALA C 232 -3.52 25.96 -33.03
C ALA C 232 -3.56 27.39 -32.51
N ILE C 233 -4.75 28.00 -32.49
CA ILE C 233 -4.85 29.37 -31.98
C ILE C 233 -4.71 29.37 -30.47
N GLN C 234 -5.04 28.25 -29.81
CA GLN C 234 -4.97 28.20 -28.35
C GLN C 234 -3.55 28.34 -27.85
N LYS C 235 -2.60 27.68 -28.54
CA LYS C 235 -1.17 27.77 -28.13
C LYS C 235 -0.70 29.21 -28.35
N GLU C 236 -1.35 29.93 -29.26
CA GLU C 236 -0.94 31.34 -29.57
C GLU C 236 -1.88 32.33 -28.87
N LEU C 237 -2.79 31.86 -28.02
CA LEU C 237 -3.78 32.77 -27.37
C LEU C 237 -3.15 33.39 -26.12
N GLY C 238 -2.01 34.09 -26.28
CA GLY C 238 -1.38 34.80 -25.14
C GLY C 238 -0.61 33.87 -24.23
N GLY C 239 -0.56 32.57 -24.53
CA GLY C 239 0.11 31.60 -23.64
C GLY C 239 -0.43 31.72 -22.22
N GLU C 240 -1.75 31.83 -22.05
CA GLU C 240 -2.33 32.08 -20.71
C GLU C 240 -2.01 30.91 -19.76
N ASP C 241 -2.15 29.67 -20.21
CA ASP C 241 -1.89 28.49 -19.34
C ASP C 241 -0.41 28.48 -18.95
N GLY C 242 0.47 28.80 -19.90
CA GLY C 242 1.93 28.78 -19.64
C GLY C 242 2.38 29.94 -18.76
N LEU C 243 3.47 29.76 -18.00
CA LEU C 243 4.06 30.84 -17.15
C LEU C 243 3.20 31.14 -15.91
N SER C 244 1.97 31.62 -16.09
CA SER C 244 1.14 32.02 -14.94
C SER C 244 0.76 30.81 -14.07
N ASP C 245 0.39 29.70 -14.69
CA ASP C 245 -0.08 28.52 -13.91
C ASP C 245 1.00 27.44 -13.80
N LEU C 246 2.21 27.68 -14.31
CA LEU C 246 3.22 26.59 -14.30
C LEU C 246 4.61 27.16 -14.04
N GLU C 247 5.07 28.13 -14.84
CA GLU C 247 6.46 28.62 -14.70
C GLU C 247 6.66 29.32 -13.35
N ALA C 248 5.58 29.69 -12.65
CA ALA C 248 5.81 30.24 -11.29
C ALA C 248 6.57 29.21 -10.45
N LEU C 249 6.23 27.94 -10.58
CA LEU C 249 6.99 26.88 -9.85
C LEU C 249 8.40 26.80 -10.43
N ARG C 250 8.53 26.98 -11.76
CA ARG C 250 9.86 26.99 -12.41
C ARG C 250 10.75 28.05 -11.76
N LYS C 251 10.23 29.25 -11.47
CA LYS C 251 11.21 30.17 -10.90
C LYS C 251 11.68 29.70 -9.52
N LYS C 252 10.76 29.21 -8.70
CA LYS C 252 11.12 28.87 -7.32
C LYS C 252 12.21 27.80 -7.26
N ILE C 253 12.25 26.91 -8.25
CA ILE C 253 13.35 25.94 -8.32
C ILE C 253 14.67 26.65 -8.56
N GLU C 254 14.65 27.71 -9.37
CA GLU C 254 15.86 28.38 -9.83
C GLU C 254 16.32 29.48 -8.89
N GLU C 255 15.66 29.64 -7.74
CA GLU C 255 16.04 30.73 -6.83
C GLU C 255 16.21 30.28 -5.38
N VAL C 256 16.49 29.00 -5.11
CA VAL C 256 16.73 28.50 -3.76
C VAL C 256 18.11 27.87 -3.73
N GLY C 257 18.92 28.25 -2.75
CA GLY C 257 20.22 27.64 -2.57
C GLY C 257 20.09 26.16 -2.30
N MET C 258 20.45 25.34 -3.28
CA MET C 258 20.04 23.94 -3.27
C MET C 258 21.19 23.05 -3.72
N PRO C 259 21.28 21.81 -3.21
CA PRO C 259 22.31 20.90 -3.68
C PRO C 259 22.14 20.56 -5.15
N GLU C 260 23.27 20.25 -5.80
CA GLU C 260 23.28 20.04 -7.25
C GLU C 260 22.40 18.88 -7.66
N ALA C 261 22.49 17.76 -6.94
CA ALA C 261 21.64 16.61 -7.27
C ALA C 261 20.16 16.93 -7.11
N VAL C 262 19.81 17.78 -6.15
CA VAL C 262 18.40 18.16 -5.99
C VAL C 262 17.91 18.93 -7.20
N LYS C 263 18.73 19.86 -7.70
CA LYS C 263 18.36 20.58 -8.91
C LYS C 263 18.28 19.66 -10.11
N THR C 264 19.18 18.68 -10.20
CA THR C 264 19.11 17.70 -11.29
C THR C 264 17.79 16.93 -11.25
N LYS C 265 17.41 16.45 -10.06
CA LYS C 265 16.14 15.75 -9.91
C LYS C 265 14.96 16.66 -10.21
N ALA C 266 15.03 17.92 -9.79
CA ALA C 266 13.96 18.86 -10.06
C ALA C 266 13.79 19.09 -11.55
N LEU C 267 14.89 19.26 -12.27
CA LEU C 267 14.80 19.42 -13.72
C LEU C 267 14.31 18.15 -14.40
N LYS C 268 14.73 16.99 -13.90
CA LYS C 268 14.22 15.73 -14.46
C LYS C 268 12.71 15.62 -14.30
N GLU C 269 12.19 15.96 -13.13
CA GLU C 269 10.75 15.91 -12.91
C GLU C 269 10.02 17.08 -13.58
N LEU C 270 10.72 18.16 -13.89
CA LEU C 270 10.16 19.26 -14.66
C LEU C 270 10.00 18.91 -16.12
N ASP C 271 10.94 18.16 -16.68
CA ASP C 271 10.82 17.69 -18.06
C ASP C 271 9.80 16.59 -18.22
N ARG C 272 9.44 15.89 -17.14
CA ARG C 272 8.36 14.91 -17.17
C ARG C 272 7.01 15.56 -17.42
N LEU C 273 6.89 16.86 -17.17
CA LEU C 273 5.66 17.59 -17.42
C LEU C 273 5.55 17.96 -18.90
N GLU C 274 4.67 18.90 -19.22
CA GLU C 274 4.20 19.31 -20.54
C GLU C 274 3.10 18.40 -21.05
N ARG C 275 2.62 17.45 -20.25
CA ARG C 275 1.39 16.73 -20.55
C ARG C 275 0.31 17.16 -19.55
N MET C 276 -0.91 17.32 -20.04
CA MET C 276 -1.96 17.95 -19.26
C MET C 276 -2.38 17.06 -18.09
N GLN C 277 -1.87 17.37 -16.91
CA GLN C 277 -2.37 16.75 -15.69
C GLN C 277 -3.76 17.23 -15.35
N GLN C 278 -4.22 18.31 -15.98
CA GLN C 278 -5.56 18.84 -15.75
C GLN C 278 -6.65 17.84 -16.15
N GLY C 279 -6.30 16.84 -16.94
CA GLY C 279 -7.20 15.73 -17.20
C GLY C 279 -6.55 14.39 -16.92
N SER C 280 -5.30 14.42 -16.44
CA SER C 280 -4.53 13.21 -16.23
C SER C 280 -3.99 13.18 -14.80
N PRO C 281 -4.31 12.14 -14.03
CA PRO C 281 -3.75 12.05 -12.67
C PRO C 281 -2.27 11.73 -12.64
N GLU C 282 -1.66 11.39 -13.77
CA GLU C 282 -0.27 10.96 -13.80
C GLU C 282 0.72 12.10 -13.59
N ALA C 283 0.29 13.36 -13.60
CA ALA C 283 1.21 14.46 -13.37
C ALA C 283 0.76 15.42 -12.27
N THR C 284 -0.42 15.21 -11.69
CA THR C 284 -0.75 15.92 -10.46
C THR C 284 0.23 15.54 -9.35
N VAL C 285 0.67 14.28 -9.34
CA VAL C 285 1.70 13.86 -8.41
C VAL C 285 3.00 14.60 -8.70
N ALA C 286 3.30 14.87 -9.97
CA ALA C 286 4.49 15.65 -10.31
C ALA C 286 4.37 17.08 -9.80
N ARG C 287 3.22 17.71 -10.01
CA ARG C 287 3.05 19.08 -9.55
C ARG C 287 3.17 19.17 -8.03
N THR C 288 2.53 18.25 -7.30
CA THR C 288 2.66 18.25 -5.85
C THR C 288 4.08 17.90 -5.40
N TYR C 289 4.77 17.01 -6.13
CA TYR C 289 6.15 16.71 -5.81
C TYR C 289 7.02 17.96 -5.88
N LEU C 290 6.89 18.72 -6.97
CA LEU C 290 7.69 19.93 -7.11
C LEU C 290 7.26 21.00 -6.11
N ASP C 291 5.97 21.09 -5.78
CA ASP C 291 5.53 22.02 -4.75
C ASP C 291 6.14 21.69 -3.40
N TRP C 292 6.16 20.40 -3.02
CA TRP C 292 6.83 20.01 -1.78
C TRP C 292 8.32 20.32 -1.86
N LEU C 293 8.94 20.01 -2.99
CA LEU C 293 10.38 20.17 -3.12
C LEU C 293 10.80 21.64 -3.01
N THR C 294 9.98 22.55 -3.52
CA THR C 294 10.38 23.95 -3.52
C THR C 294 10.03 24.68 -2.23
N GLU C 295 9.25 24.07 -1.34
CA GLU C 295 8.78 24.76 -0.14
C GLU C 295 9.18 23.97 1.11
N VAL C 296 10.44 23.56 1.16
CA VAL C 296 11.05 22.96 2.34
C VAL C 296 12.49 23.44 2.32
N PRO C 297 13.01 24.04 3.40
CA PRO C 297 14.22 24.85 3.30
C PRO C 297 15.47 24.05 3.00
N TRP C 298 16.30 24.62 2.13
CA TRP C 298 17.61 24.09 1.75
C TRP C 298 18.64 25.15 2.11
N SER C 299 19.37 24.91 3.20
CA SER C 299 20.46 25.79 3.66
C SER C 299 19.97 27.20 3.99
N LYS C 300 18.67 27.38 4.20
CA LYS C 300 18.11 28.64 4.65
C LYS C 300 17.83 28.55 6.14
N ALA C 301 18.67 29.20 6.95
CA ALA C 301 18.64 29.02 8.39
C ALA C 301 18.39 30.34 9.09
N ASP C 302 18.29 30.27 10.42
CA ASP C 302 18.06 31.38 11.32
C ASP C 302 19.27 31.59 12.22
N PRO C 303 19.41 32.76 12.84
CA PRO C 303 20.51 32.96 13.78
C PRO C 303 20.41 32.02 14.97
N GLU C 304 21.57 31.67 15.51
CA GLU C 304 21.68 30.79 16.65
C GLU C 304 22.26 31.54 17.84
N VAL C 305 22.04 30.99 19.04
CA VAL C 305 22.56 31.57 20.27
C VAL C 305 23.60 30.62 20.84
N LEU C 306 24.84 31.08 20.90
CA LEU C 306 25.96 30.31 21.44
C LEU C 306 26.28 30.69 22.87
N ASP C 307 25.26 31.02 23.69
CA ASP C 307 25.46 31.36 25.09
C ASP C 307 24.54 30.51 25.94
N ILE C 308 25.12 29.79 26.91
CA ILE C 308 24.32 28.96 27.81
C ILE C 308 23.63 29.81 28.86
N ASN C 309 24.30 30.87 29.34
CA ASN C 309 23.72 31.71 30.38
C ASN C 309 22.43 32.37 29.92
N HIS C 310 22.33 32.70 28.63
CA HIS C 310 21.05 33.16 28.09
C HIS C 310 19.98 32.10 28.29
N THR C 311 20.31 30.83 28.06
CA THR C 311 19.38 29.76 28.33
C THR C 311 19.04 29.64 29.80
N ARG C 312 20.02 29.85 30.69
CA ARG C 312 19.72 29.85 32.11
C ARG C 312 18.68 30.92 32.45
N GLN C 313 18.88 32.13 31.94
CA GLN C 313 17.92 33.20 32.19
C GLN C 313 16.54 32.88 31.60
N VAL C 314 16.52 32.40 30.35
CA VAL C 314 15.24 32.13 29.69
C VAL C 314 14.48 31.02 30.41
N LEU C 315 15.18 29.94 30.78
CA LEU C 315 14.55 28.86 31.50
C LEU C 315 14.18 29.30 32.92
N ASP C 316 14.78 30.39 33.40
CA ASP C 316 14.42 30.90 34.72
C ASP C 316 13.12 31.70 34.66
N GLU C 317 12.95 32.52 33.62
CA GLU C 317 11.76 33.36 33.53
C GLU C 317 10.50 32.52 33.27
N ASP C 318 10.55 31.64 32.28
CA ASP C 318 9.34 30.95 31.84
C ASP C 318 8.81 30.00 32.89
N HIS C 319 9.68 29.18 33.46
CA HIS C 319 9.29 28.12 34.38
C HIS C 319 9.69 28.47 35.80
N TYR C 320 8.87 28.05 36.76
CA TYR C 320 9.19 28.31 38.16
C TYR C 320 10.54 27.70 38.51
N GLY C 321 10.74 26.45 38.13
CA GLY C 321 12.05 25.84 38.29
C GLY C 321 12.05 24.55 39.07
N LEU C 322 12.60 23.50 38.48
CA LEU C 322 12.91 22.29 39.22
C LEU C 322 14.35 22.28 39.73
N LYS C 323 15.21 23.12 39.18
CA LYS C 323 16.57 23.34 39.66
C LYS C 323 17.42 22.08 39.58
N ASP C 324 16.85 20.99 39.10
CA ASP C 324 17.57 19.74 38.86
C ASP C 324 17.67 19.42 37.39
N VAL C 325 16.53 19.35 36.70
CA VAL C 325 16.54 19.13 35.27
C VAL C 325 17.01 20.36 34.50
N LYS C 326 16.86 21.56 35.08
CA LYS C 326 17.39 22.75 34.43
C LYS C 326 18.89 22.59 34.18
N GLU C 327 19.62 22.13 35.20
CA GLU C 327 21.04 21.90 35.03
C GLU C 327 21.31 20.79 34.01
N ARG C 328 20.38 19.84 33.87
CA ARG C 328 20.59 18.77 32.91
C ARG C 328 20.49 19.27 31.47
N ILE C 329 19.44 20.03 31.16
CA ILE C 329 19.39 20.62 29.82
C ILE C 329 20.53 21.62 29.63
N LEU C 330 20.97 22.29 30.69
CA LEU C 330 22.16 23.13 30.54
C LEU C 330 23.42 22.32 30.25
N GLU C 331 23.55 21.13 30.84
CA GLU C 331 24.67 20.25 30.53
C GLU C 331 24.66 19.86 29.07
N TYR C 332 23.51 19.39 28.58
CA TYR C 332 23.42 18.97 27.20
C TYR C 332 23.66 20.14 26.25
N LEU C 333 23.16 21.33 26.60
CA LEU C 333 23.39 22.49 25.74
C LEU C 333 24.83 22.96 25.81
N ALA C 334 25.50 22.82 26.95
CA ALA C 334 26.92 23.13 27.03
C ALA C 334 27.72 22.21 26.12
N VAL C 335 27.35 20.92 26.08
CA VAL C 335 27.95 20.02 25.11
C VAL C 335 27.65 20.49 23.69
N ARG C 336 26.42 20.92 23.43
CA ARG C 336 26.02 21.39 22.11
C ARG C 336 26.72 22.67 21.71
N GLN C 337 27.24 23.46 22.64
CA GLN C 337 27.94 24.69 22.32
C GLN C 337 29.41 24.47 21.98
N LEU C 338 29.94 23.29 22.27
CA LEU C 338 31.33 22.97 21.98
C LEU C 338 31.43 22.05 20.76
N THR C 339 30.60 22.31 19.75
CA THR C 339 30.57 21.50 18.54
C THR C 339 31.84 21.77 17.73
N GLN C 340 32.93 21.15 18.17
CA GLN C 340 34.21 21.31 17.50
C GLN C 340 34.20 20.63 16.13
N GLY C 341 35.33 20.73 15.45
CA GLY C 341 35.37 20.43 14.04
C GLY C 341 34.75 21.52 13.19
N LEU C 342 34.41 22.67 13.78
CA LEU C 342 33.76 23.78 13.10
C LEU C 342 32.44 23.34 12.47
N ASP C 343 31.81 22.34 13.07
CA ASP C 343 30.54 21.82 12.61
C ASP C 343 29.88 21.07 13.75
N VAL C 344 28.59 20.79 13.58
CA VAL C 344 27.81 20.08 14.61
C VAL C 344 27.93 18.59 14.28
N ARG C 345 29.02 17.99 14.74
CA ARG C 345 29.16 16.54 14.72
C ARG C 345 28.90 16.03 16.13
N ASN C 346 27.90 15.17 16.27
CA ASN C 346 27.53 14.76 17.62
C ASN C 346 28.03 13.36 17.97
N LYS C 347 27.56 12.36 17.22
CA LYS C 347 27.65 10.97 17.65
C LYS C 347 27.28 10.88 19.13
N ALA C 348 26.22 11.61 19.49
CA ALA C 348 25.85 11.93 20.85
C ALA C 348 24.34 11.78 21.01
N PRO C 349 23.82 11.64 22.24
CA PRO C 349 22.39 11.40 22.40
C PRO C 349 21.52 12.55 21.90
N ILE C 350 20.20 12.38 21.96
CA ILE C 350 19.28 13.32 21.33
C ILE C 350 18.28 13.87 22.34
N LEU C 351 18.65 13.91 23.62
CA LEU C 351 17.90 14.63 24.64
C LEU C 351 16.46 14.14 24.74
N VAL C 352 16.32 12.90 25.22
CA VAL C 352 15.00 12.37 25.48
C VAL C 352 14.47 12.91 26.80
N LEU C 353 13.22 13.34 26.80
CA LEU C 353 12.52 13.76 28.01
C LEU C 353 11.44 12.73 28.34
N VAL C 354 11.41 12.29 29.58
CA VAL C 354 10.43 11.30 30.02
C VAL C 354 9.77 11.82 31.28
N GLY C 355 8.45 11.64 31.38
CA GLY C 355 7.70 12.11 32.52
C GLY C 355 6.21 12.10 32.29
N PRO C 356 5.46 12.53 33.28
CA PRO C 356 3.99 12.43 33.22
C PRO C 356 3.42 13.26 32.08
N PRO C 357 2.12 13.13 31.82
CA PRO C 357 1.51 13.92 30.74
C PRO C 357 1.69 15.42 30.87
N GLY C 358 1.26 15.99 31.99
CA GLY C 358 1.14 17.43 32.09
C GLY C 358 2.28 18.14 32.79
N VAL C 359 3.49 17.61 32.65
CA VAL C 359 4.68 18.28 33.15
C VAL C 359 5.30 19.05 31.99
N GLY C 360 5.97 20.15 32.30
CA GLY C 360 6.28 21.13 31.29
C GLY C 360 7.28 20.69 30.25
N LYS C 361 6.90 19.72 29.42
CA LYS C 361 7.79 19.20 28.40
C LYS C 361 7.85 20.11 27.19
N THR C 362 6.71 20.34 26.53
CA THR C 362 6.67 21.22 25.37
C THR C 362 7.01 22.66 25.72
N SER C 363 6.67 23.13 26.92
CA SER C 363 7.16 24.45 27.33
C SER C 363 8.67 24.46 27.49
N LEU C 364 9.25 23.35 27.96
CA LEU C 364 10.71 23.25 28.00
C LEU C 364 11.28 23.31 26.59
N GLY C 365 10.65 22.63 25.63
CA GLY C 365 11.11 22.74 24.26
C GLY C 365 11.02 24.15 23.72
N ARG C 366 9.90 24.83 24.00
CA ARG C 366 9.73 26.19 23.54
C ARG C 366 10.75 27.13 24.17
N SER C 367 11.02 26.98 25.45
CA SER C 367 12.01 27.83 26.12
C SER C 367 13.42 27.55 25.63
N ILE C 368 13.74 26.27 25.38
CA ILE C 368 15.03 25.95 24.78
C ILE C 368 15.16 26.61 23.42
N ALA C 369 14.11 26.54 22.61
CA ALA C 369 14.15 27.15 21.28
C ALA C 369 14.27 28.67 21.38
N ARG C 370 13.53 29.28 22.30
CA ARG C 370 13.58 30.73 22.48
C ARG C 370 14.93 31.19 23.01
N SER C 371 15.62 30.34 23.77
CA SER C 371 16.95 30.63 24.25
C SER C 371 18.01 30.41 23.19
N MET C 372 17.62 29.88 22.02
CA MET C 372 18.52 29.76 20.89
C MET C 372 17.97 30.40 19.63
N ASN C 373 16.84 31.10 19.72
CA ASN C 373 16.23 31.79 18.57
C ASN C 373 15.97 30.81 17.43
N ARG C 374 15.33 29.70 17.76
CA ARG C 374 14.98 28.67 16.79
C ARG C 374 13.49 28.42 16.84
N LYS C 375 12.91 28.08 15.70
CA LYS C 375 11.47 27.91 15.60
C LYS C 375 11.06 26.54 16.11
N PHE C 376 10.32 26.51 17.21
CA PHE C 376 9.84 25.26 17.77
C PHE C 376 8.78 24.65 16.86
N HIS C 377 8.57 23.34 17.03
CA HIS C 377 7.52 22.62 16.35
C HIS C 377 7.22 21.36 17.16
N ARG C 378 6.17 20.64 16.76
CA ARG C 378 5.85 19.38 17.41
C ARG C 378 5.10 18.49 16.42
N ILE C 379 5.41 17.20 16.49
CA ILE C 379 4.78 16.19 15.65
C ILE C 379 4.48 14.96 16.48
N SER C 380 3.21 14.74 16.81
CA SER C 380 2.83 13.67 17.72
C SER C 380 2.91 12.33 17.02
N LEU C 381 3.76 11.44 17.51
CA LEU C 381 3.90 10.09 16.97
C LEU C 381 3.13 9.06 17.78
N GLY C 382 1.98 9.44 18.30
CA GLY C 382 1.17 8.48 19.04
C GLY C 382 0.24 7.71 18.11
N GLY C 383 0.33 6.38 18.18
CA GLY C 383 -0.49 5.51 17.38
C GLY C 383 0.02 5.25 15.98
N VAL C 384 1.15 5.87 15.59
CA VAL C 384 1.69 5.66 14.25
C VAL C 384 2.02 4.19 14.05
N ARG C 385 1.60 3.65 12.89
CA ARG C 385 1.79 2.24 12.57
C ARG C 385 2.39 2.02 11.19
N ASP C 386 2.76 3.09 10.48
CA ASP C 386 3.23 2.96 9.10
C ASP C 386 4.53 3.71 8.93
N GLU C 387 5.54 3.04 8.36
CA GLU C 387 6.76 3.73 7.97
C GLU C 387 6.48 4.78 6.91
N ALA C 388 5.45 4.57 6.10
CA ALA C 388 5.13 5.49 5.00
C ALA C 388 4.61 6.83 5.47
N GLU C 389 4.31 6.99 6.76
CA GLU C 389 3.91 8.27 7.31
C GLU C 389 4.96 8.90 8.20
N ILE C 390 5.98 8.15 8.60
CA ILE C 390 7.21 8.72 9.16
C ILE C 390 8.24 8.97 8.07
N ARG C 391 8.56 7.93 7.30
CA ARG C 391 9.19 8.15 6.01
C ARG C 391 8.11 8.58 5.02
N GLY C 392 8.52 8.86 3.79
CA GLY C 392 7.54 9.18 2.77
C GLY C 392 6.65 8.00 2.45
N HIS C 393 5.49 8.30 1.88
CA HIS C 393 4.62 7.24 1.43
C HIS C 393 5.11 6.68 0.10
N ARG C 394 4.66 5.47 -0.22
CA ARG C 394 5.21 4.73 -1.36
C ARG C 394 4.78 5.43 -2.64
N ARG C 395 5.40 6.58 -2.92
CA ARG C 395 4.94 7.45 -4.00
C ARG C 395 5.21 6.80 -5.35
N THR C 396 4.14 6.31 -5.96
CA THR C 396 4.09 6.14 -7.41
C THR C 396 2.72 6.48 -7.94
N TYR C 397 1.84 7.06 -7.12
CA TYR C 397 0.43 7.19 -7.45
C TYR C 397 -0.16 8.35 -6.66
N ILE C 398 -1.49 8.44 -6.69
CA ILE C 398 -2.23 9.57 -6.13
C ILE C 398 -2.50 9.32 -4.65
N GLY C 399 -2.52 10.41 -3.88
CA GLY C 399 -2.76 10.32 -2.45
C GLY C 399 -1.54 10.05 -1.62
N ALA C 400 -0.36 9.99 -2.22
CA ALA C 400 0.88 9.76 -1.49
C ALA C 400 1.36 11.07 -0.88
N MET C 401 1.66 11.06 0.41
CA MET C 401 2.18 12.22 1.11
C MET C 401 3.47 11.86 1.82
N PRO C 402 4.41 12.80 1.93
CA PRO C 402 5.67 12.51 2.62
C PRO C 402 5.49 12.28 4.11
N GLY C 403 6.58 12.00 4.81
CA GLY C 403 6.49 11.67 6.22
C GLY C 403 6.16 12.87 7.08
N LYS C 404 5.75 12.57 8.31
CA LYS C 404 5.43 13.63 9.27
C LYS C 404 6.60 14.56 9.49
N LEU C 405 7.83 14.04 9.41
CA LEU C 405 9.00 14.89 9.51
C LEU C 405 9.07 15.90 8.39
N ILE C 406 8.75 15.49 7.16
CA ILE C 406 8.71 16.44 6.06
C ILE C 406 7.58 17.44 6.22
N HIS C 407 6.45 17.04 6.81
CA HIS C 407 5.44 18.02 7.19
C HIS C 407 6.01 19.03 8.18
N ALA C 408 6.78 18.55 9.15
CA ALA C 408 7.34 19.44 10.16
C ALA C 408 8.26 20.48 9.54
N MET C 409 9.23 20.02 8.75
CA MET C 409 10.11 20.96 8.06
C MET C 409 9.41 21.66 6.90
N LYS C 410 8.17 21.28 6.58
CA LYS C 410 7.32 22.08 5.71
C LYS C 410 6.81 23.31 6.46
N GLN C 411 6.27 23.09 7.65
CA GLN C 411 5.68 24.19 8.42
C GLN C 411 6.75 25.16 8.93
N VAL C 412 7.81 24.64 9.53
CA VAL C 412 8.95 25.48 9.88
C VAL C 412 9.75 25.75 8.61
N GLY C 413 10.16 27.00 8.42
CA GLY C 413 10.80 27.38 7.18
C GLY C 413 12.31 27.47 7.22
N VAL C 414 12.93 26.94 8.28
CA VAL C 414 14.37 27.00 8.43
C VAL C 414 14.91 25.60 8.66
N ILE C 415 16.17 25.38 8.26
CA ILE C 415 16.76 24.05 8.32
C ILE C 415 17.24 23.67 9.70
N ASN C 416 17.12 24.54 10.69
CA ASN C 416 17.59 24.22 12.03
C ASN C 416 16.52 24.46 13.08
N PRO C 417 15.39 23.77 13.01
CA PRO C 417 14.34 23.95 14.03
C PRO C 417 14.62 23.14 15.27
N VAL C 418 13.69 23.15 16.22
CA VAL C 418 13.78 22.30 17.40
C VAL C 418 12.54 21.42 17.41
N ILE C 419 12.61 20.27 16.76
CA ILE C 419 11.43 19.44 16.55
C ILE C 419 11.25 18.52 17.75
N LEU C 420 10.27 18.84 18.59
CA LEU C 420 9.88 17.90 19.62
C LEU C 420 9.20 16.70 18.97
N LEU C 421 9.21 15.55 19.65
CA LEU C 421 8.65 14.32 19.12
C LEU C 421 7.73 13.75 20.19
N ASP C 422 6.49 14.23 20.20
CA ASP C 422 5.57 13.92 21.28
C ASP C 422 5.27 12.43 21.36
N GLU C 423 5.40 11.90 22.57
CA GLU C 423 4.95 10.55 22.91
C GLU C 423 5.54 9.52 21.94
N ILE C 424 6.86 9.56 21.83
CA ILE C 424 7.55 8.68 20.89
C ILE C 424 7.44 7.21 21.25
N ASP C 425 7.21 6.87 22.53
CA ASP C 425 7.25 5.46 22.90
C ASP C 425 5.92 4.74 22.67
N LYS C 426 4.82 5.48 22.47
CA LYS C 426 3.53 4.86 22.18
C LYS C 426 3.31 4.73 20.68
N MET C 427 4.18 3.96 20.03
CA MET C 427 3.95 3.46 18.68
C MET C 427 3.75 1.96 18.76
N SER C 428 2.64 1.49 18.18
CA SER C 428 2.28 0.08 18.29
C SER C 428 2.08 -0.45 16.87
N SER C 429 3.11 -1.09 16.32
CA SER C 429 3.10 -1.50 14.93
C SER C 429 2.28 -2.76 14.74
N ASP C 430 1.39 -2.72 13.75
CA ASP C 430 0.63 -3.87 13.27
C ASP C 430 0.82 -4.00 11.77
N TRP C 431 2.06 -3.83 11.33
CA TRP C 431 2.37 -3.70 9.92
C TRP C 431 3.62 -4.50 9.60
N ARG C 432 3.75 -4.89 8.34
CA ARG C 432 4.99 -5.48 7.84
C ARG C 432 6.02 -4.36 7.72
N GLY C 433 6.94 -4.31 8.67
CA GLY C 433 7.92 -3.24 8.72
C GLY C 433 7.57 -2.20 9.75
N ASP C 434 8.19 -2.29 10.92
CA ASP C 434 7.87 -1.40 12.02
C ASP C 434 8.46 -0.01 11.79
N PRO C 435 7.79 1.04 12.27
CA PRO C 435 8.31 2.40 12.10
C PRO C 435 9.56 2.68 12.89
N ALA C 436 9.97 1.79 13.79
CA ALA C 436 11.13 2.04 14.63
C ALA C 436 12.40 2.21 13.81
N SER C 437 12.56 1.39 12.76
CA SER C 437 13.72 1.53 11.89
C SER C 437 13.71 2.88 11.18
N ALA C 438 12.54 3.29 10.68
CA ALA C 438 12.44 4.59 10.02
C ALA C 438 12.78 5.72 10.97
N MET C 439 12.35 5.62 12.22
CA MET C 439 12.59 6.69 13.19
C MET C 439 14.06 6.72 13.60
N LEU C 440 14.68 5.54 13.74
CA LEU C 440 16.11 5.45 13.99
C LEU C 440 16.91 5.99 12.81
N GLU C 441 16.35 5.96 11.61
CA GLU C 441 17.02 6.56 10.46
C GLU C 441 17.21 8.06 10.62
N VAL C 442 16.24 8.75 11.22
CA VAL C 442 16.31 10.20 11.35
C VAL C 442 16.99 10.63 12.65
N LEU C 443 16.70 9.94 13.75
CA LEU C 443 17.18 10.45 15.05
C LEU C 443 18.71 10.49 15.11
N ASP C 444 19.38 9.43 14.69
CA ASP C 444 20.84 9.41 14.74
C ASP C 444 21.42 10.45 13.78
N PRO C 445 22.46 11.18 14.20
CA PRO C 445 23.17 12.06 13.27
C PRO C 445 24.06 11.33 12.28
N GLU C 446 24.08 10.00 12.30
CA GLU C 446 24.87 9.20 11.38
C GLU C 446 24.05 8.75 10.18
N GLN C 447 22.84 8.25 10.43
CA GLN C 447 21.97 7.71 9.39
C GLN C 447 21.00 8.74 8.83
N ASN C 448 21.08 10.00 9.27
CA ASN C 448 20.15 11.02 8.82
C ASN C 448 20.69 11.91 7.72
N ASN C 449 22.00 12.08 7.63
CA ASN C 449 22.56 12.94 6.59
C ASN C 449 22.20 12.48 5.19
N THR C 450 21.70 11.25 5.04
CA THR C 450 21.15 10.78 3.78
C THR C 450 19.70 10.35 3.98
N PHE C 451 18.92 11.14 4.72
CA PHE C 451 17.54 10.79 4.99
C PHE C 451 16.73 10.88 3.70
N THR C 452 16.18 9.75 3.27
CA THR C 452 15.38 9.68 2.06
C THR C 452 13.99 9.15 2.41
N ASP C 453 12.99 9.76 1.78
CA ASP C 453 11.61 9.35 1.96
C ASP C 453 11.22 8.34 0.88
N HIS C 454 9.97 7.91 0.91
CA HIS C 454 9.40 7.21 -0.24
C HIS C 454 8.55 8.13 -1.12
N TYR C 455 8.16 9.30 -0.62
CA TYR C 455 7.56 10.31 -1.49
C TYR C 455 8.64 11.18 -2.12
N LEU C 456 9.39 11.89 -1.29
CA LEU C 456 10.63 12.46 -1.78
C LEU C 456 11.67 11.36 -1.97
N ASP C 457 12.63 11.60 -2.85
CA ASP C 457 13.71 10.65 -3.04
C ASP C 457 15.07 11.28 -2.88
N VAL C 458 15.15 12.61 -2.75
CA VAL C 458 16.41 13.29 -2.48
C VAL C 458 16.82 13.01 -1.04
N PRO C 459 18.11 12.81 -0.75
CA PRO C 459 18.56 12.75 0.65
C PRO C 459 18.51 14.13 1.27
N TYR C 460 17.74 14.26 2.35
CA TYR C 460 17.57 15.52 3.07
C TYR C 460 18.29 15.44 4.40
N ASP C 461 19.11 16.45 4.69
CA ASP C 461 20.03 16.42 5.82
C ASP C 461 19.30 16.89 7.08
N LEU C 462 18.91 15.93 7.92
CA LEU C 462 18.31 16.22 9.22
C LEU C 462 19.32 16.10 10.35
N SER C 463 20.57 16.48 10.09
CA SER C 463 21.60 16.51 11.11
C SER C 463 21.65 17.85 11.82
N LYS C 464 21.53 18.94 11.07
CA LYS C 464 21.58 20.28 11.64
C LYS C 464 20.36 20.60 12.50
N VAL C 465 19.31 19.79 12.42
CA VAL C 465 18.11 20.04 13.20
C VAL C 465 18.34 19.60 14.63
N PHE C 466 18.16 20.52 15.57
CA PHE C 466 18.24 20.17 16.98
C PHE C 466 17.02 19.34 17.33
N PHE C 467 17.12 18.03 17.22
CA PHE C 467 16.00 17.19 17.59
C PHE C 467 15.87 17.15 19.10
N ILE C 468 14.72 16.67 19.55
CA ILE C 468 14.44 16.47 20.96
C ILE C 468 13.20 15.59 21.02
N THR C 469 13.17 14.64 21.94
CA THR C 469 12.05 13.71 21.98
C THR C 469 11.28 13.95 23.28
N THR C 470 10.22 13.19 23.47
CA THR C 470 9.33 13.35 24.60
C THR C 470 8.55 12.07 24.77
N ALA C 471 8.64 11.45 25.93
CA ALA C 471 8.01 10.16 26.12
C ALA C 471 7.33 10.10 27.48
N ASN C 472 6.54 9.05 27.69
CA ASN C 472 6.02 8.75 29.02
C ASN C 472 6.67 7.54 29.65
N THR C 473 7.20 6.62 28.84
CA THR C 473 7.80 5.39 29.31
C THR C 473 9.17 5.23 28.66
N LEU C 474 10.21 5.20 29.47
CA LEU C 474 11.54 4.91 28.96
C LEU C 474 11.79 3.42 28.82
N GLN C 475 10.78 2.61 29.06
CA GLN C 475 10.85 1.16 28.90
C GLN C 475 10.36 0.68 27.53
N THR C 476 9.36 1.35 26.95
CA THR C 476 8.72 0.90 25.72
C THR C 476 9.42 1.46 24.49
N ILE C 477 10.38 2.37 24.67
CA ILE C 477 11.11 2.91 23.52
C ILE C 477 11.89 1.78 22.86
N PRO C 478 11.93 1.71 21.52
CA PRO C 478 12.63 0.62 20.85
C PRO C 478 14.10 0.54 21.28
N ARG C 479 14.57 -0.69 21.50
CA ARG C 479 15.94 -0.96 21.90
C ARG C 479 16.97 -0.40 20.92
N PRO C 480 16.76 -0.49 19.59
CA PRO C 480 17.67 0.22 18.68
C PRO C 480 17.67 1.72 18.88
N LEU C 481 16.59 2.27 19.43
CA LEU C 481 16.53 3.70 19.73
C LEU C 481 17.04 4.06 21.11
N LEU C 482 16.92 3.14 22.09
CA LEU C 482 17.29 3.47 23.46
C LEU C 482 18.75 3.80 23.65
N ASP C 483 19.61 3.48 22.68
CA ASP C 483 20.98 3.98 22.66
C ASP C 483 21.00 5.26 21.83
N ARG C 484 21.95 6.13 22.16
CA ARG C 484 21.97 7.51 21.68
C ARG C 484 20.77 8.28 22.25
N MET C 485 20.55 8.09 23.56
CA MET C 485 19.53 8.80 24.30
C MET C 485 20.13 9.30 25.59
N GLU C 486 19.80 10.53 25.96
CA GLU C 486 20.19 11.09 27.24
C GLU C 486 18.93 11.30 28.05
N VAL C 487 18.66 10.39 28.99
CA VAL C 487 17.38 10.38 29.68
C VAL C 487 17.37 11.55 30.66
N ILE C 488 16.73 12.64 30.26
CA ILE C 488 16.53 13.81 31.12
C ILE C 488 15.14 13.66 31.71
N GLU C 489 15.05 12.96 32.84
CA GLU C 489 13.78 12.58 33.42
C GLU C 489 13.19 13.75 34.20
N ILE C 490 11.91 14.03 33.95
CA ILE C 490 11.20 15.11 34.63
C ILE C 490 10.12 14.47 35.51
N PRO C 491 10.29 14.44 36.82
CA PRO C 491 9.18 14.05 37.70
C PRO C 491 8.16 15.17 37.80
N GLY C 492 7.21 15.05 38.72
CA GLY C 492 6.15 16.03 38.88
C GLY C 492 6.65 17.37 39.39
N TYR C 493 5.75 18.09 40.06
CA TYR C 493 6.02 19.48 40.42
C TYR C 493 5.90 19.80 41.90
N THR C 494 5.14 19.03 42.67
CA THR C 494 4.89 19.28 44.10
C THR C 494 3.97 20.47 44.31
N ASN C 495 3.29 20.51 45.46
CA ASN C 495 2.24 21.49 45.70
C ASN C 495 2.76 22.92 45.73
N MET C 496 3.92 23.16 46.32
CA MET C 496 4.40 24.53 46.45
C MET C 496 4.78 25.13 45.10
N GLU C 497 5.53 24.39 44.28
CA GLU C 497 5.72 24.85 42.91
C GLU C 497 4.41 24.95 42.16
N LYS C 498 3.41 24.16 42.54
CA LYS C 498 2.10 24.28 41.90
C LYS C 498 1.44 25.62 42.23
N GLN C 499 1.52 26.06 43.49
CA GLN C 499 1.04 27.39 43.83
C GLN C 499 1.81 28.47 43.10
N ALA C 500 3.14 28.43 43.20
CA ALA C 500 3.99 29.47 42.62
C ALA C 500 3.99 29.45 41.10
N ILE C 501 3.48 28.37 40.50
CA ILE C 501 3.30 28.30 39.05
C ILE C 501 1.92 28.75 38.64
N ALA C 502 0.90 28.53 39.48
CA ALA C 502 -0.42 29.07 39.23
C ALA C 502 -0.39 30.60 39.30
N ARG C 503 0.27 31.14 40.31
CA ARG C 503 0.22 32.59 40.49
C ARG C 503 1.20 33.34 39.61
N GLN C 504 1.85 32.66 38.69
CA GLN C 504 2.67 33.40 37.74
C GLN C 504 2.40 33.04 36.29
N TYR C 505 2.14 31.77 35.99
CA TYR C 505 2.06 31.32 34.60
C TYR C 505 0.76 30.62 34.27
N LEU C 506 0.12 29.98 35.25
CA LEU C 506 -1.17 29.36 34.98
C LEU C 506 -2.31 30.38 35.09
N TRP C 507 -2.53 30.90 36.29
CA TRP C 507 -3.70 31.74 36.54
C TRP C 507 -3.68 33.04 35.74
N PRO C 508 -2.56 33.76 35.61
CA PRO C 508 -2.58 34.94 34.74
C PRO C 508 -2.95 34.64 33.30
N LYS C 509 -2.27 33.68 32.67
CA LYS C 509 -2.65 33.30 31.32
C LYS C 509 -4.06 32.72 31.28
N GLN C 510 -4.45 32.00 32.33
CA GLN C 510 -5.81 31.46 32.40
C GLN C 510 -6.85 32.57 32.31
N VAL C 511 -6.71 33.58 33.17
CA VAL C 511 -7.67 34.68 33.18
C VAL C 511 -7.60 35.46 31.88
N ARG C 512 -6.41 35.69 31.34
CA ARG C 512 -6.32 36.38 30.07
C ARG C 512 -6.86 35.57 28.90
N GLU C 513 -7.05 34.26 29.10
CA GLU C 513 -7.61 33.42 28.04
C GLU C 513 -9.13 33.49 27.98
N SER C 514 -9.81 33.41 29.12
CA SER C 514 -11.27 33.47 29.15
C SER C 514 -11.77 34.91 29.12
N GLY C 515 -11.35 35.69 28.14
CA GLY C 515 -11.95 36.99 27.89
C GLY C 515 -11.65 38.06 28.93
N MET C 516 -12.00 37.79 30.19
CA MET C 516 -11.93 38.79 31.23
C MET C 516 -10.49 39.24 31.46
N GLU C 517 -10.36 40.36 32.17
CA GLU C 517 -9.04 40.96 32.41
C GLU C 517 -9.14 41.85 33.65
N GLY C 518 -8.46 41.46 34.72
CA GLY C 518 -8.43 42.26 35.93
C GLY C 518 -9.75 42.38 36.65
N ARG C 519 -10.74 41.55 36.32
CA ARG C 519 -12.05 41.62 36.95
C ARG C 519 -12.20 40.70 38.15
N ILE C 520 -11.42 39.63 38.24
CA ILE C 520 -11.39 38.79 39.43
C ILE C 520 -9.95 38.52 39.80
N GLU C 521 -9.61 38.69 41.07
CA GLU C 521 -8.35 38.24 41.62
C GLU C 521 -8.58 36.85 42.22
N VAL C 522 -7.62 36.36 43.00
CA VAL C 522 -7.77 35.10 43.71
C VAL C 522 -6.79 35.11 44.89
N THR C 523 -7.19 34.44 45.97
CA THR C 523 -6.35 34.32 47.15
C THR C 523 -5.82 32.90 47.22
N ASP C 524 -4.53 32.75 47.48
CA ASP C 524 -3.84 31.47 47.32
C ASP C 524 -4.27 30.43 48.33
N ALA C 525 -5.26 30.73 49.17
CA ALA C 525 -6.02 29.64 49.77
C ALA C 525 -6.80 28.91 48.69
N ALA C 526 -7.31 29.64 47.70
CA ALA C 526 -8.11 29.02 46.64
C ALA C 526 -7.25 28.17 45.73
N ILE C 527 -6.06 28.63 45.34
CA ILE C 527 -5.21 27.85 44.46
C ILE C 527 -4.79 26.54 45.12
N LEU C 528 -4.35 26.61 46.38
CA LEU C 528 -4.01 25.40 47.10
C LEU C 528 -5.21 24.50 47.29
N ARG C 529 -6.39 25.06 47.55
CA ARG C 529 -7.58 24.24 47.68
C ARG C 529 -7.92 23.54 46.37
N VAL C 530 -7.79 24.24 45.23
CA VAL C 530 -7.99 23.61 43.94
C VAL C 530 -6.99 22.50 43.70
N ILE C 531 -5.72 22.74 44.01
CA ILE C 531 -4.67 21.74 43.78
C ILE C 531 -4.89 20.51 44.62
N SER C 532 -5.16 20.70 45.91
CA SER C 532 -5.32 19.57 46.81
C SER C 532 -6.71 18.94 46.73
N GLU C 533 -7.64 19.55 46.00
CA GLU C 533 -9.00 19.04 46.03
C GLU C 533 -9.61 18.78 44.65
N TYR C 534 -9.14 19.48 43.61
CA TYR C 534 -9.80 19.37 42.31
C TYR C 534 -8.90 18.83 41.21
N THR C 535 -7.70 18.38 41.54
CA THR C 535 -6.83 17.72 40.58
C THR C 535 -5.71 16.96 41.27
N ARG C 536 -5.64 15.64 41.08
CA ARG C 536 -4.50 14.92 41.63
C ARG C 536 -3.39 14.85 40.61
N GLU C 537 -3.63 14.11 39.51
CA GLU C 537 -2.76 14.04 38.35
C GLU C 537 -1.31 13.83 38.79
N ALA C 538 -0.33 14.23 37.98
CA ALA C 538 1.06 14.29 38.40
C ALA C 538 1.77 15.49 37.80
N GLY C 539 1.01 16.45 37.26
CA GLY C 539 1.58 17.67 36.72
C GLY C 539 0.49 18.71 36.61
N VAL C 540 0.87 19.90 36.15
CA VAL C 540 -0.11 20.96 35.99
C VAL C 540 -0.71 20.92 34.59
N ARG C 541 -1.70 20.05 34.40
CA ARG C 541 -2.64 20.16 33.29
C ARG C 541 -4.09 20.17 33.76
N GLY C 542 -4.45 19.24 34.63
CA GLY C 542 -5.75 19.25 35.26
C GLY C 542 -5.93 20.51 36.09
N LEU C 543 -4.83 21.01 36.66
CA LEU C 543 -4.87 22.29 37.33
C LEU C 543 -5.24 23.40 36.35
N GLU C 544 -4.67 23.34 35.15
CA GLU C 544 -5.05 24.30 34.12
C GLU C 544 -6.53 24.17 33.78
N ARG C 545 -7.04 22.94 33.70
CA ARG C 545 -8.45 22.75 33.39
C ARG C 545 -9.36 23.30 34.49
N GLU C 546 -8.99 23.06 35.75
CA GLU C 546 -9.82 23.56 36.86
C GLU C 546 -9.80 25.07 36.92
N LEU C 547 -8.63 25.69 36.72
CA LEU C 547 -8.61 27.14 36.62
C LEU C 547 -9.37 27.62 35.40
N GLY C 548 -9.45 26.82 34.34
CA GLY C 548 -10.31 27.16 33.22
C GLY C 548 -11.77 27.20 33.62
N LYS C 549 -12.19 26.22 34.43
CA LYS C 549 -13.58 26.22 34.91
C LYS C 549 -13.84 27.41 35.83
N ILE C 550 -12.86 27.75 36.68
CA ILE C 550 -12.97 28.96 37.48
C ILE C 550 -13.18 30.17 36.58
N ALA C 551 -12.38 30.28 35.53
CA ALA C 551 -12.50 31.40 34.61
C ALA C 551 -13.84 31.42 33.88
N ARG C 552 -14.32 30.24 33.45
CA ARG C 552 -15.62 30.14 32.81
C ARG C 552 -16.73 30.66 33.69
N LYS C 553 -16.80 30.17 34.94
CA LYS C 553 -17.86 30.59 35.85
C LYS C 553 -17.72 32.06 36.21
N GLY C 554 -16.48 32.56 36.39
CA GLY C 554 -16.31 33.98 36.61
C GLY C 554 -16.80 34.81 35.46
N ALA C 555 -16.54 34.36 34.23
CA ALA C 555 -17.01 35.08 33.05
C ALA C 555 -18.53 35.11 33.00
N LYS C 556 -19.16 33.95 33.19
CA LYS C 556 -20.61 33.87 33.14
C LYS C 556 -21.23 34.77 34.19
N PHE C 557 -20.72 34.73 35.42
CA PHE C 557 -21.27 35.57 36.47
C PHE C 557 -21.05 37.05 36.20
N TRP C 558 -19.88 37.43 35.67
CA TRP C 558 -19.61 38.82 35.40
C TRP C 558 -20.42 39.34 34.22
N LEU C 559 -20.85 38.44 33.33
CA LEU C 559 -21.53 38.89 32.11
C LEU C 559 -22.92 39.42 32.40
N GLU C 560 -23.62 38.85 33.36
CA GLU C 560 -24.97 39.29 33.71
C GLU C 560 -24.99 40.65 34.39
N GLY C 561 -23.85 41.33 34.50
CA GLY C 561 -23.78 42.63 35.14
C GLY C 561 -22.62 42.74 36.10
N ALA C 562 -21.78 43.75 35.87
CA ALA C 562 -20.58 43.94 36.68
C ALA C 562 -20.95 44.68 37.96
N TRP C 563 -21.08 43.95 39.07
CA TRP C 563 -21.41 44.59 40.33
C TRP C 563 -20.20 45.09 41.10
N GLU C 564 -18.99 44.75 40.66
CA GLU C 564 -17.77 45.24 41.29
C GLU C 564 -16.68 45.26 40.22
N GLY C 565 -15.62 46.04 40.48
CA GLY C 565 -14.51 46.11 39.55
C GLY C 565 -13.43 45.09 39.83
N LEU C 566 -13.50 44.43 40.99
CA LEU C 566 -12.55 43.38 41.34
C LEU C 566 -13.17 42.52 42.43
N ARG C 567 -13.39 41.25 42.13
CA ARG C 567 -13.96 40.31 43.08
C ARG C 567 -12.80 39.61 43.79
N THR C 568 -13.09 38.63 44.64
CA THR C 568 -12.04 37.93 45.36
C THR C 568 -12.45 36.46 45.51
N ILE C 569 -11.97 35.62 44.59
CA ILE C 569 -12.20 34.19 44.68
C ILE C 569 -11.25 33.61 45.72
N ASP C 570 -11.79 32.91 46.70
CA ASP C 570 -10.97 32.32 47.75
C ASP C 570 -11.62 31.04 48.25
N ALA C 571 -11.06 30.48 49.31
CA ALA C 571 -11.55 29.22 49.85
C ALA C 571 -12.98 29.37 50.35
N SER C 572 -13.73 28.27 50.34
CA SER C 572 -15.14 28.22 50.71
C SER C 572 -15.97 28.95 49.67
N ASP C 573 -15.31 29.58 48.70
CA ASP C 573 -15.97 30.23 47.58
C ASP C 573 -15.65 29.54 46.26
N ILE C 574 -14.97 28.39 46.32
CA ILE C 574 -14.64 27.60 45.14
C ILE C 574 -15.83 26.76 44.69
N PRO C 575 -16.48 25.97 45.57
CA PRO C 575 -17.61 25.15 45.10
C PRO C 575 -18.77 25.96 44.55
N THR C 576 -18.90 27.23 44.92
CA THR C 576 -19.83 28.11 44.22
C THR C 576 -19.36 28.35 42.79
N TYR C 577 -18.06 28.28 42.55
CA TYR C 577 -17.48 28.53 41.24
C TYR C 577 -17.01 27.26 40.55
N LEU C 578 -16.36 26.36 41.28
CA LEU C 578 -16.03 25.05 40.74
C LEU C 578 -17.17 24.08 41.08
N GLY C 579 -17.06 22.86 40.59
CA GLY C 579 -18.08 21.87 40.88
C GLY C 579 -17.95 21.34 42.29
N ILE C 580 -18.34 20.08 42.48
CA ILE C 580 -18.17 19.40 43.77
C ILE C 580 -16.67 19.25 44.02
N PRO C 581 -16.20 19.26 45.27
CA PRO C 581 -14.80 18.89 45.53
C PRO C 581 -14.55 17.46 45.09
N ARG C 582 -13.79 17.31 44.00
CA ARG C 582 -13.67 16.02 43.35
C ARG C 582 -12.74 15.08 44.10
N TYR C 583 -11.65 15.61 44.65
CA TYR C 583 -10.71 14.82 45.41
C TYR C 583 -10.72 15.27 46.86
N ARG C 584 -10.48 14.32 47.76
CA ARG C 584 -10.57 14.59 49.18
C ARG C 584 -9.58 15.69 49.58
N PRO C 585 -9.95 16.53 50.55
CA PRO C 585 -9.00 17.51 51.08
C PRO C 585 -7.79 16.81 51.70
N ASP C 586 -6.84 17.63 52.18
CA ASP C 586 -5.53 17.16 52.62
C ASP C 586 -5.60 15.84 53.37
N LYS C 587 -4.88 14.83 52.88
CA LYS C 587 -4.94 13.50 53.46
C LYS C 587 -4.09 13.44 54.73
N ALA C 588 -4.65 13.89 55.84
CA ALA C 588 -4.08 13.64 57.16
C ALA C 588 -5.08 12.91 58.06
N GLU C 589 -6.25 12.56 57.53
CA GLU C 589 -7.33 11.97 58.31
C GLU C 589 -8.09 10.91 57.50
N THR C 590 -7.40 10.17 56.64
CA THR C 590 -8.14 9.37 55.64
C THR C 590 -8.98 8.29 56.30
N GLU C 591 -8.33 7.28 56.90
CA GLU C 591 -8.70 6.44 58.03
C GLU C 591 -7.67 5.34 58.26
N PRO C 592 -7.66 4.72 59.43
CA PRO C 592 -7.06 3.39 59.54
C PRO C 592 -8.00 2.29 59.07
N GLN C 593 -7.75 1.72 57.89
CA GLN C 593 -8.58 0.63 57.36
C GLN C 593 -8.02 -0.70 57.82
N VAL C 594 -8.91 -1.69 57.91
CA VAL C 594 -8.59 -2.95 58.61
C VAL C 594 -7.37 -3.63 58.02
N GLY C 595 -7.29 -3.75 56.69
CA GLY C 595 -6.32 -4.66 56.13
C GLY C 595 -5.30 -4.13 55.16
N THR C 596 -5.57 -3.00 54.51
CA THR C 596 -4.82 -2.62 53.32
C THR C 596 -3.94 -1.40 53.61
N ALA C 597 -2.87 -1.28 52.83
CA ALA C 597 -1.97 -0.14 52.90
C ALA C 597 -1.64 0.30 51.49
N GLN C 598 -1.19 1.54 51.36
CA GLN C 598 -0.96 2.16 50.05
C GLN C 598 0.51 2.43 49.87
N GLY C 599 1.10 1.85 48.83
CA GLY C 599 2.46 2.16 48.46
C GLY C 599 2.53 3.18 47.35
N LEU C 600 3.75 3.52 46.99
CA LEU C 600 4.02 4.51 45.95
C LEU C 600 4.59 3.82 44.73
N ALA C 601 4.35 4.42 43.57
CA ALA C 601 4.87 3.89 42.32
C ALA C 601 4.80 4.99 41.27
N TRP C 602 5.51 4.76 40.17
CA TRP C 602 5.50 5.68 39.04
C TRP C 602 4.83 4.98 37.86
N THR C 603 3.52 5.04 37.82
CA THR C 603 2.83 4.71 36.58
C THR C 603 3.28 5.72 35.54
N PRO C 604 3.73 5.29 34.39
CA PRO C 604 4.38 6.24 33.45
C PRO C 604 3.41 7.26 32.88
N VAL C 605 2.16 7.24 33.35
CA VAL C 605 1.19 8.27 33.04
C VAL C 605 1.09 9.21 34.23
N GLY C 606 2.13 9.22 35.06
CA GLY C 606 2.15 10.07 36.23
C GLY C 606 2.13 9.30 37.54
N GLY C 607 2.99 9.69 38.47
CA GLY C 607 3.09 9.02 39.75
C GLY C 607 1.78 9.00 40.52
N THR C 608 1.49 7.90 41.20
CA THR C 608 0.22 7.76 41.91
C THR C 608 0.35 6.74 43.02
N LEU C 609 -0.55 6.84 43.99
CA LEU C 609 -0.64 5.84 45.03
C LEU C 609 -1.16 4.52 44.47
N LEU C 610 -0.87 3.44 45.18
CA LEU C 610 -1.39 2.12 44.82
C LEU C 610 -1.71 1.41 46.13
N THR C 611 -3.00 1.29 46.43
CA THR C 611 -3.43 0.57 47.63
C THR C 611 -3.41 -0.91 47.33
N ILE C 612 -2.45 -1.62 47.91
CA ILE C 612 -2.21 -3.02 47.58
C ILE C 612 -2.99 -3.84 48.61
N GLU C 613 -4.16 -4.31 48.20
CA GLU C 613 -5.12 -4.90 49.12
C GLU C 613 -4.83 -6.38 49.32
N VAL C 614 -5.15 -6.87 50.50
CA VAL C 614 -4.98 -8.29 50.81
C VAL C 614 -6.16 -8.74 51.64
N ALA C 615 -6.54 -10.00 51.50
CA ALA C 615 -7.61 -10.60 52.29
C ALA C 615 -7.07 -11.85 52.97
N ALA C 616 -7.22 -11.89 54.30
CA ALA C 616 -6.77 -13.03 55.10
C ALA C 616 -7.95 -13.99 55.28
N VAL C 617 -8.45 -14.48 54.14
CA VAL C 617 -9.56 -15.41 54.14
C VAL C 617 -9.11 -16.74 54.73
N PRO C 618 -9.97 -17.45 55.46
CA PRO C 618 -9.56 -18.76 55.99
C PRO C 618 -9.60 -19.84 54.93
N GLY C 619 -8.48 -20.51 54.71
CA GLY C 619 -8.39 -21.54 53.70
C GLY C 619 -7.35 -22.58 54.02
N SER C 620 -6.94 -23.34 53.01
CA SER C 620 -5.99 -24.42 53.18
C SER C 620 -4.54 -23.95 53.23
N GLY C 621 -4.28 -22.70 52.87
CA GLY C 621 -2.94 -22.16 52.86
C GLY C 621 -2.36 -22.11 51.46
N LYS C 622 -2.47 -20.94 50.83
CA LYS C 622 -2.01 -20.73 49.47
C LYS C 622 -1.61 -19.26 49.36
N LEU C 623 -1.46 -18.78 48.12
CA LEU C 623 -1.29 -17.35 47.90
C LEU C 623 -1.66 -17.07 46.45
N SER C 624 -2.80 -16.42 46.25
CA SER C 624 -3.20 -15.96 44.93
C SER C 624 -2.72 -14.54 44.69
N LEU C 625 -2.93 -14.06 43.47
CA LEU C 625 -2.63 -12.66 43.12
C LEU C 625 -3.77 -12.18 42.23
N THR C 626 -4.82 -11.65 42.87
CA THR C 626 -5.97 -11.12 42.15
C THR C 626 -5.54 -9.86 41.41
N GLY C 627 -5.22 -10.00 40.13
CA GLY C 627 -4.67 -8.89 39.38
C GLY C 627 -3.63 -9.32 38.35
N GLN C 628 -3.36 -10.63 38.28
CA GLN C 628 -2.48 -11.21 37.27
C GLN C 628 -1.07 -10.59 37.34
N LEU C 629 -0.42 -10.82 38.47
CA LEU C 629 0.87 -10.21 38.77
C LEU C 629 2.01 -11.14 38.43
N GLY C 630 3.06 -10.58 37.84
CA GLY C 630 4.32 -11.30 37.77
C GLY C 630 4.79 -11.67 39.16
N GLU C 631 5.33 -12.88 39.29
CA GLU C 631 5.60 -13.47 40.59
C GLU C 631 6.64 -12.69 41.39
N VAL C 632 7.22 -11.63 40.83
CA VAL C 632 8.01 -10.70 41.63
C VAL C 632 7.15 -10.13 42.75
N MET C 633 5.90 -9.79 42.43
CA MET C 633 4.96 -9.42 43.47
C MET C 633 4.73 -10.59 44.41
N LYS C 634 4.61 -11.81 43.87
CA LYS C 634 4.39 -12.98 44.71
C LYS C 634 5.59 -13.28 45.59
N GLU C 635 6.81 -13.15 45.06
CA GLU C 635 7.98 -13.43 45.88
C GLU C 635 8.15 -12.36 46.96
N SER C 636 7.77 -11.12 46.66
CA SER C 636 7.74 -10.11 47.70
C SER C 636 6.71 -10.45 48.78
N ALA C 637 5.56 -10.97 48.37
CA ALA C 637 4.56 -11.42 49.34
C ALA C 637 5.10 -12.56 50.20
N GLN C 638 5.82 -13.49 49.57
CA GLN C 638 6.43 -14.59 50.32
C GLN C 638 7.50 -14.09 51.29
N ALA C 639 8.29 -13.09 50.89
CA ALA C 639 9.29 -12.53 51.80
C ALA C 639 8.63 -11.86 52.99
N ALA C 640 7.56 -11.08 52.75
CA ALA C 640 6.84 -10.48 53.86
C ALA C 640 6.24 -11.54 54.77
N LEU C 641 5.60 -12.55 54.16
CA LEU C 641 5.00 -13.64 54.94
C LEU C 641 6.07 -14.38 55.74
N THR C 642 7.26 -14.50 55.17
CA THR C 642 8.41 -15.08 55.86
C THR C 642 8.78 -14.27 57.10
N TYR C 643 8.93 -12.95 56.94
CA TYR C 643 9.30 -12.13 58.08
C TYR C 643 8.26 -12.23 59.19
N LEU C 644 6.98 -12.21 58.81
CA LEU C 644 5.94 -12.41 59.81
C LEU C 644 6.03 -13.78 60.46
N ARG C 645 6.36 -14.83 59.69
CA ARG C 645 6.50 -16.15 60.26
C ARG C 645 7.63 -16.22 61.28
N ALA C 646 8.74 -15.56 61.01
CA ALA C 646 9.83 -15.51 61.98
C ALA C 646 9.51 -14.65 63.19
N HIS C 647 8.43 -13.86 63.13
CA HIS C 647 8.08 -12.92 64.18
C HIS C 647 6.62 -13.08 64.57
N THR C 648 6.20 -14.33 64.78
CA THR C 648 4.79 -14.62 65.02
C THR C 648 4.30 -13.96 66.31
N GLN C 649 5.15 -13.91 67.34
CA GLN C 649 4.78 -13.36 68.63
C GLN C 649 4.97 -11.84 68.70
N ASP C 650 5.63 -11.26 67.69
CA ASP C 650 5.86 -9.83 67.70
C ASP C 650 4.60 -9.04 67.32
N TYR C 651 3.77 -9.61 66.44
CA TYR C 651 2.61 -8.91 65.91
C TYR C 651 1.32 -9.65 66.26
N GLY C 652 1.30 -10.32 67.40
CA GLY C 652 0.12 -11.02 67.87
C GLY C 652 -0.38 -12.13 66.96
N LEU C 653 0.40 -12.53 65.97
CA LEU C 653 -0.03 -13.54 65.02
C LEU C 653 -0.06 -14.91 65.66
N PRO C 654 -0.85 -15.83 65.14
CA PRO C 654 -0.84 -17.22 65.61
C PRO C 654 0.44 -17.92 65.17
N GLU C 655 0.70 -19.07 65.78
CA GLU C 655 1.95 -19.78 65.52
C GLU C 655 2.06 -20.25 64.08
N ASP C 656 0.97 -20.77 63.50
CA ASP C 656 0.97 -21.26 62.14
C ASP C 656 -0.04 -20.47 61.31
N PHE C 657 0.46 -19.70 60.35
CA PHE C 657 -0.39 -18.91 59.47
C PHE C 657 0.10 -18.96 58.02
N TYR C 658 1.07 -19.82 57.72
CA TYR C 658 1.40 -20.15 56.34
C TYR C 658 0.48 -21.22 55.77
N ASN C 659 -0.13 -22.04 56.63
CA ASN C 659 -1.03 -23.10 56.20
C ASN C 659 -2.47 -22.80 56.61
N LYS C 660 -2.66 -22.31 57.83
CA LYS C 660 -4.00 -22.18 58.40
C LYS C 660 -4.87 -21.18 57.64
N VAL C 661 -4.29 -20.11 57.11
CA VAL C 661 -5.04 -19.04 56.47
C VAL C 661 -4.47 -18.79 55.09
N ASP C 662 -5.35 -18.60 54.11
CA ASP C 662 -4.93 -18.19 52.78
C ASP C 662 -4.54 -16.72 52.80
N LEU C 663 -4.19 -16.19 51.63
CA LEU C 663 -3.96 -14.75 51.45
C LEU C 663 -4.32 -14.40 50.01
N HIS C 664 -5.54 -13.92 49.81
CA HIS C 664 -5.92 -13.44 48.49
C HIS C 664 -5.41 -12.01 48.31
N VAL C 665 -4.36 -11.85 47.53
CA VAL C 665 -3.71 -10.56 47.35
C VAL C 665 -4.20 -9.94 46.06
N HIS C 666 -4.33 -8.61 46.06
CA HIS C 666 -4.84 -7.86 44.93
C HIS C 666 -4.02 -6.59 44.77
N VAL C 667 -3.62 -6.30 43.54
CA VAL C 667 -2.86 -5.09 43.24
C VAL C 667 -3.57 -4.33 42.13
N PRO C 668 -3.74 -3.01 42.26
CA PRO C 668 -4.45 -2.24 41.23
C PRO C 668 -3.73 -2.17 39.89
N ASP C 669 -2.48 -2.61 39.80
CA ASP C 669 -1.77 -2.66 38.53
C ASP C 669 -1.34 -4.09 38.23
N GLY C 670 -1.82 -4.61 37.10
CA GLY C 670 -1.55 -6.00 36.77
C GLY C 670 -0.08 -6.27 36.48
N ALA C 671 0.56 -5.40 35.71
CA ALA C 671 1.96 -5.55 35.37
C ALA C 671 2.82 -4.82 36.40
N THR C 672 4.10 -4.63 36.11
CA THR C 672 4.96 -3.86 37.01
C THR C 672 4.91 -2.39 36.61
N PRO C 673 4.27 -1.52 37.41
CA PRO C 673 4.29 -0.09 37.10
C PRO C 673 5.71 0.44 37.11
N LYS C 674 6.47 0.05 38.14
CA LYS C 674 7.91 0.21 38.17
C LYS C 674 8.54 -1.17 38.32
N ASP C 675 9.47 -1.48 37.42
CA ASP C 675 10.00 -2.84 37.31
C ASP C 675 10.64 -3.29 38.61
N GLY C 676 10.41 -4.56 38.93
CA GLY C 676 10.83 -5.11 40.20
C GLY C 676 9.88 -4.66 41.30
N PRO C 677 9.94 -5.32 42.46
CA PRO C 677 9.08 -4.88 43.56
C PRO C 677 9.58 -3.57 44.14
N SER C 678 8.92 -2.48 43.77
CA SER C 678 9.19 -1.18 44.36
C SER C 678 8.27 -0.92 45.54
N ALA C 679 7.42 -1.87 45.88
CA ALA C 679 6.47 -1.75 46.98
C ALA C 679 6.50 -3.03 47.80
N GLY C 680 7.69 -3.53 48.09
CA GLY C 680 7.80 -4.72 48.91
C GLY C 680 7.30 -4.50 50.32
N ILE C 681 7.73 -3.41 50.96
CA ILE C 681 7.24 -3.12 52.30
C ILE C 681 5.79 -2.65 52.28
N THR C 682 5.28 -2.22 51.13
CA THR C 682 3.84 -2.01 51.00
C THR C 682 3.09 -3.29 51.31
N MET C 683 3.46 -4.39 50.65
CA MET C 683 2.84 -5.67 50.95
C MET C 683 3.22 -6.17 52.33
N ALA C 684 4.42 -5.87 52.82
CA ALA C 684 4.73 -6.22 54.18
C ALA C 684 3.72 -5.62 55.16
N THR C 685 3.48 -4.31 55.03
CA THR C 685 2.52 -3.64 55.90
C THR C 685 1.10 -4.18 55.68
N ALA C 686 0.71 -4.35 54.41
CA ALA C 686 -0.64 -4.79 54.11
C ALA C 686 -0.91 -6.17 54.70
N ILE C 687 0.02 -7.11 54.48
CA ILE C 687 -0.16 -8.47 54.98
C ILE C 687 -0.10 -8.50 56.50
N ALA C 688 0.80 -7.71 57.12
CA ALA C 688 0.84 -7.67 58.57
C ALA C 688 -0.46 -7.14 59.14
N SER C 689 -0.99 -6.07 58.54
CA SER C 689 -2.24 -5.49 59.02
C SER C 689 -3.39 -6.47 58.86
N ALA C 690 -3.49 -7.12 57.71
CA ALA C 690 -4.63 -7.99 57.46
C ALA C 690 -4.54 -9.31 58.19
N LEU C 691 -3.34 -9.71 58.62
CA LEU C 691 -3.20 -10.96 59.37
C LEU C 691 -3.21 -10.77 60.87
N SER C 692 -2.81 -9.61 61.36
CA SER C 692 -2.94 -9.30 62.78
C SER C 692 -4.28 -8.63 63.09
N ARG C 693 -5.11 -8.40 62.09
CA ARG C 693 -6.42 -7.77 62.25
C ARG C 693 -6.31 -6.38 62.88
N ARG C 694 -5.21 -5.68 62.62
CA ARG C 694 -5.06 -4.32 63.10
C ARG C 694 -4.87 -3.37 61.92
N PRO C 695 -5.46 -2.19 61.96
CA PRO C 695 -5.53 -1.34 60.77
C PRO C 695 -4.16 -0.81 60.37
N ALA C 696 -4.11 -0.24 59.16
CA ALA C 696 -2.87 0.29 58.60
C ALA C 696 -3.05 1.77 58.36
N ARG C 697 -2.16 2.58 58.91
CA ARG C 697 -2.28 4.02 58.87
C ARG C 697 -2.02 4.60 57.48
N MET C 698 -3.08 4.91 56.75
CA MET C 698 -2.91 5.77 55.60
C MET C 698 -2.72 7.21 56.05
N ASP C 699 -2.32 8.05 55.09
CA ASP C 699 -1.71 9.38 55.16
C ASP C 699 -0.22 9.25 55.42
N ILE C 700 0.31 8.04 55.53
CA ILE C 700 1.75 7.79 55.65
C ILE C 700 2.10 6.76 54.58
N ALA C 701 2.58 7.23 53.43
CA ALA C 701 2.94 6.36 52.33
C ALA C 701 4.18 5.53 52.68
N MET C 702 4.52 4.59 51.80
CA MET C 702 5.68 3.74 52.00
C MET C 702 6.29 3.44 50.64
N THR C 703 7.51 2.90 50.65
CA THR C 703 8.12 2.31 49.46
C THR C 703 9.44 1.66 49.89
N GLY C 704 9.81 0.63 49.15
CA GLY C 704 11.06 -0.05 49.42
C GLY C 704 11.13 -1.38 48.74
N GLU C 705 12.02 -2.24 49.25
CA GLU C 705 12.11 -3.63 48.84
C GLU C 705 12.38 -4.48 50.07
N VAL C 706 11.87 -5.71 50.06
CA VAL C 706 11.99 -6.60 51.20
C VAL C 706 12.94 -7.75 50.85
N SER C 707 13.79 -8.10 51.80
CA SER C 707 14.65 -9.27 51.70
C SER C 707 14.36 -10.17 52.90
N LEU C 708 14.43 -11.47 52.68
CA LEU C 708 13.88 -12.45 53.61
C LEU C 708 14.47 -12.36 55.01
N ARG C 709 15.66 -11.81 55.16
CA ARG C 709 16.21 -11.59 56.50
C ARG C 709 15.45 -10.53 57.28
N GLY C 710 14.60 -9.75 56.61
CA GLY C 710 13.91 -8.66 57.25
C GLY C 710 14.68 -7.36 57.12
N LYS C 711 15.18 -7.08 55.92
CA LYS C 711 16.01 -5.91 55.67
C LYS C 711 15.45 -5.16 54.46
N VAL C 712 15.29 -3.85 54.61
CA VAL C 712 14.71 -3.01 53.57
C VAL C 712 15.82 -2.56 52.61
N MET C 713 15.99 -3.30 51.53
CA MET C 713 16.99 -2.93 50.52
C MET C 713 16.59 -1.65 49.81
N PRO C 714 17.57 -0.89 49.33
CA PRO C 714 17.26 0.39 48.69
C PRO C 714 16.47 0.22 47.41
N ILE C 715 15.85 1.31 46.99
CA ILE C 715 15.05 1.36 45.77
C ILE C 715 15.50 2.53 44.92
N GLY C 716 15.36 2.38 43.61
CA GLY C 716 15.67 3.46 42.71
C GLY C 716 14.55 4.47 42.62
N GLY C 717 14.89 5.62 42.04
CA GLY C 717 13.92 6.69 41.86
C GLY C 717 13.29 7.17 43.16
N VAL C 718 14.12 7.51 44.15
CA VAL C 718 13.59 8.08 45.38
C VAL C 718 12.88 9.39 45.09
N LYS C 719 13.42 10.19 44.16
CA LYS C 719 12.76 11.43 43.77
C LYS C 719 11.35 11.17 43.30
N GLU C 720 11.17 10.15 42.44
CA GLU C 720 9.84 9.90 41.90
C GLU C 720 8.88 9.35 42.95
N LYS C 721 9.35 8.52 43.88
CA LYS C 721 8.49 8.09 44.98
C LYS C 721 8.05 9.27 45.82
N LEU C 722 8.97 10.20 46.11
CA LEU C 722 8.59 11.39 46.87
C LEU C 722 7.59 12.24 46.12
N LEU C 723 7.78 12.39 44.80
CA LEU C 723 6.79 13.11 43.99
C LEU C 723 5.43 12.43 44.02
N ALA C 724 5.40 11.11 43.92
CA ALA C 724 4.14 10.37 43.92
C ALA C 724 3.47 10.37 45.29
N ALA C 725 4.21 10.64 46.35
CA ALA C 725 3.60 10.83 47.66
C ALA C 725 3.29 12.29 47.95
N HIS C 726 3.88 13.21 47.19
CA HIS C 726 3.69 14.64 47.37
C HIS C 726 2.50 15.17 46.59
N GLN C 727 2.24 14.60 45.41
CA GLN C 727 1.07 14.97 44.63
C GLN C 727 -0.20 14.36 45.18
N ALA C 728 -0.11 13.18 45.79
CA ALA C 728 -1.27 12.47 46.31
C ALA C 728 -1.66 12.94 47.70
N GLY C 729 -1.18 14.10 48.12
CA GLY C 729 -1.60 14.66 49.41
C GLY C 729 -1.16 13.87 50.61
N ILE C 730 -0.12 13.06 50.48
CA ILE C 730 0.45 12.31 51.59
C ILE C 730 1.65 13.07 52.11
N HIS C 731 1.85 13.04 53.43
CA HIS C 731 2.88 13.87 54.05
C HIS C 731 4.03 13.03 54.61
N LYS C 732 3.77 12.13 55.56
CA LYS C 732 4.85 11.38 56.19
C LYS C 732 5.18 10.17 55.34
N ILE C 733 6.36 10.16 54.74
CA ILE C 733 6.73 9.10 53.81
C ILE C 733 7.74 8.18 54.48
N VAL C 734 7.85 6.95 53.97
CA VAL C 734 8.77 5.96 54.51
C VAL C 734 9.70 5.50 53.38
N LEU C 735 10.99 5.72 53.57
CA LEU C 735 12.03 5.38 52.60
C LEU C 735 13.13 4.61 53.32
N PRO C 736 13.88 3.79 52.60
CA PRO C 736 14.98 3.04 53.24
C PRO C 736 16.19 3.92 53.47
N LYS C 737 16.81 3.74 54.65
CA LYS C 737 17.93 4.59 55.03
C LYS C 737 19.11 4.43 54.09
N ASP C 738 19.12 3.37 53.28
CA ASP C 738 20.17 3.18 52.29
C ASP C 738 20.08 4.27 51.23
N ASN C 739 18.98 5.03 51.24
CA ASN C 739 18.81 6.17 50.35
C ASN C 739 19.04 7.49 51.07
N GLU C 740 19.54 7.45 52.30
CA GLU C 740 19.81 8.70 53.02
C GLU C 740 20.85 9.55 52.30
N ALA C 741 21.93 8.92 51.83
CA ALA C 741 22.89 9.63 50.99
C ALA C 741 22.28 10.00 49.66
N GLN C 742 21.28 9.25 49.20
CA GLN C 742 20.54 9.57 48.00
C GLN C 742 19.47 10.63 48.26
N LEU C 743 19.17 10.90 49.53
CA LEU C 743 18.18 11.92 49.87
C LEU C 743 18.70 13.32 49.63
N GLU C 744 19.98 13.57 49.95
CA GLU C 744 20.55 14.89 49.78
C GLU C 744 20.60 15.32 48.32
N GLU C 745 20.44 14.38 47.39
CA GLU C 745 20.26 14.73 45.98
C GLU C 745 19.04 15.61 45.81
N LEU C 746 18.01 15.36 46.62
CA LEU C 746 16.73 16.05 46.45
C LEU C 746 16.89 17.54 46.71
N PRO C 747 16.21 18.39 45.95
CA PRO C 747 16.27 19.82 46.19
C PRO C 747 15.45 20.21 47.40
N LYS C 748 15.59 21.46 47.81
CA LYS C 748 14.91 21.96 48.99
C LYS C 748 13.42 22.26 48.73
N GLU C 749 12.95 22.05 47.49
CA GLU C 749 11.53 22.23 47.19
C GLU C 749 10.75 20.92 47.20
N VAL C 750 11.38 19.81 46.80
CA VAL C 750 10.71 18.52 46.88
C VAL C 750 10.52 18.08 48.32
N LEU C 751 11.46 18.41 49.20
CA LEU C 751 11.35 18.09 50.62
C LEU C 751 10.53 19.12 51.39
N GLU C 752 9.67 19.87 50.70
CA GLU C 752 8.82 20.87 51.35
C GLU C 752 7.52 20.20 51.77
N GLY C 753 7.41 19.88 53.06
CA GLY C 753 6.19 19.34 53.61
C GLY C 753 6.18 17.84 53.77
N LEU C 754 7.35 17.26 54.05
CA LEU C 754 7.49 15.82 54.25
C LEU C 754 8.16 15.56 55.59
N GLU C 755 8.04 14.32 56.06
CA GLU C 755 8.77 13.88 57.25
C GLU C 755 9.06 12.39 57.05
N ILE C 756 10.23 12.09 56.52
CA ILE C 756 10.57 10.73 56.13
C ILE C 756 10.95 9.93 57.37
N LYS C 757 10.27 8.81 57.58
CA LYS C 757 10.59 7.91 58.68
C LYS C 757 11.68 6.94 58.23
N LEU C 758 12.89 7.48 58.09
CA LEU C 758 14.05 6.71 57.64
C LEU C 758 14.16 5.40 58.38
N VAL C 759 14.10 4.30 57.65
CA VAL C 759 13.99 2.98 58.23
C VAL C 759 14.96 2.05 57.50
N GLU C 760 15.34 0.95 58.13
CA GLU C 760 16.09 -0.10 57.45
C GLU C 760 15.53 -1.48 57.69
N ASP C 761 14.75 -1.70 58.75
CA ASP C 761 14.19 -3.00 59.06
C ASP C 761 12.68 -2.93 58.88
N VAL C 762 12.10 -3.96 58.27
CA VAL C 762 10.65 -4.01 58.09
C VAL C 762 9.95 -3.92 59.43
N GLY C 763 10.57 -4.45 60.50
CA GLY C 763 9.96 -4.37 61.82
C GLY C 763 9.64 -2.96 62.26
N GLU C 764 10.49 -1.99 61.93
CA GLU C 764 10.25 -0.61 62.29
C GLU C 764 9.18 0.06 61.43
N VAL C 765 9.11 -0.27 60.13
CA VAL C 765 7.99 0.19 59.31
C VAL C 765 6.67 -0.26 59.93
N LEU C 766 6.59 -1.55 60.28
CA LEU C 766 5.38 -2.08 60.90
C LEU C 766 5.17 -1.55 62.31
N GLU C 767 6.22 -1.07 62.98
CA GLU C 767 6.02 -0.45 64.28
C GLU C 767 5.41 0.94 64.14
N TYR C 768 5.87 1.70 63.14
CA TYR C 768 5.38 3.06 62.95
C TYR C 768 4.22 3.18 61.99
N LEU C 769 3.65 2.06 61.54
CA LEU C 769 2.51 2.07 60.64
C LEU C 769 1.37 1.17 61.07
N LEU C 770 1.65 0.11 61.83
CA LEU C 770 0.61 -0.61 62.55
C LEU C 770 0.42 0.00 63.93
N LEU C 771 0.71 1.30 64.07
CA LEU C 771 0.62 1.93 65.38
C LEU C 771 -0.71 1.71 66.07
N PRO C 772 -1.88 1.76 65.41
CA PRO C 772 -3.11 1.35 66.11
C PRO C 772 -3.19 -0.17 66.25
N GLU C 773 -2.17 -0.74 66.90
CA GLU C 773 -2.13 -2.17 67.15
C GLU C 773 -3.09 -2.55 68.27
N PRO C 774 -3.05 -1.88 69.43
CA PRO C 774 -4.05 -2.28 70.42
C PRO C 774 -5.41 -1.63 70.17
N ARG D 2 0.96 113.06 -11.47
CA ARG D 2 1.86 113.03 -12.62
C ARG D 2 1.06 112.97 -13.92
N LEU D 3 0.63 111.77 -14.28
CA LEU D 3 -0.16 111.58 -15.50
C LEU D 3 -1.03 110.35 -15.30
N GLU D 4 -2.35 110.54 -15.29
CA GLU D 4 -3.30 109.44 -15.10
C GLU D 4 -3.96 109.11 -16.44
N LEU D 5 -4.02 107.83 -16.75
CA LEU D 5 -4.54 107.33 -18.01
C LEU D 5 -5.55 106.23 -17.77
N PRO D 6 -6.54 106.07 -18.67
CA PRO D 6 -7.57 105.06 -18.46
C PRO D 6 -7.02 103.64 -18.57
N VAL D 7 -7.73 102.73 -17.92
CA VAL D 7 -7.36 101.31 -17.88
C VAL D 7 -8.52 100.49 -18.41
N ILE D 8 -8.24 99.67 -19.41
CA ILE D 8 -9.19 98.67 -19.91
C ILE D 8 -8.63 97.29 -19.53
N PRO D 9 -9.27 96.57 -18.60
CA PRO D 9 -8.70 95.30 -18.16
C PRO D 9 -8.69 94.26 -19.27
N LEU D 10 -7.63 93.45 -19.29
CA LEU D 10 -7.55 92.34 -20.22
C LEU D 10 -8.43 91.19 -19.77
N ARG D 11 -8.99 90.48 -20.74
CA ARG D 11 -9.91 89.38 -20.41
C ARG D 11 -9.15 88.16 -19.93
N ASN D 12 -8.31 87.59 -20.79
CA ASN D 12 -7.49 86.45 -20.41
C ASN D 12 -6.09 86.47 -21.01
N THR D 13 -5.72 87.53 -21.72
CA THR D 13 -4.41 87.59 -22.36
C THR D 13 -3.40 88.28 -21.44
N VAL D 14 -2.13 87.96 -21.65
CA VAL D 14 -1.02 88.63 -20.99
C VAL D 14 -0.20 89.30 -22.09
N ILE D 15 -0.48 90.58 -22.34
CA ILE D 15 0.07 91.29 -23.49
C ILE D 15 1.39 91.93 -23.11
N LEU D 16 2.46 91.51 -23.79
CA LEU D 16 3.75 92.16 -23.66
C LEU D 16 3.78 93.40 -24.55
N PRO D 17 4.69 94.35 -24.26
CA PRO D 17 4.78 95.55 -25.11
C PRO D 17 5.16 95.22 -26.55
N HIS D 18 5.02 96.20 -27.44
CA HIS D 18 5.36 96.06 -28.86
C HIS D 18 4.52 94.99 -29.53
N THR D 19 3.20 95.07 -29.34
CA THR D 19 2.25 94.13 -29.93
C THR D 19 1.04 94.89 -30.44
N THR D 20 0.67 94.65 -31.69
CA THR D 20 -0.52 95.24 -32.28
C THR D 20 -1.70 94.27 -32.10
N THR D 21 -2.74 94.73 -31.42
CA THR D 21 -3.86 93.87 -31.05
C THR D 21 -5.18 94.52 -31.41
N PRO D 22 -6.01 93.88 -32.24
CA PRO D 22 -7.40 94.30 -32.36
C PRO D 22 -8.27 93.70 -31.26
N VAL D 23 -8.76 94.53 -30.34
CA VAL D 23 -9.58 94.08 -29.23
C VAL D 23 -10.94 94.75 -29.32
N ASP D 24 -12.00 93.95 -29.27
CA ASP D 24 -13.36 94.46 -29.31
C ASP D 24 -13.83 94.81 -27.90
N VAL D 25 -14.46 95.97 -27.78
CA VAL D 25 -15.02 96.43 -26.50
C VAL D 25 -16.53 96.27 -26.61
N GLY D 26 -17.03 95.12 -26.17
CA GLY D 26 -18.46 94.86 -26.19
C GLY D 26 -19.21 95.22 -24.93
N ARG D 27 -18.49 95.55 -23.86
CA ARG D 27 -19.12 95.87 -22.59
C ARG D 27 -19.53 97.34 -22.55
N ALA D 28 -20.56 97.62 -21.76
CA ALA D 28 -21.00 98.99 -21.52
C ALA D 28 -20.27 99.65 -20.35
N LYS D 29 -19.40 98.91 -19.67
CA LYS D 29 -18.62 99.45 -18.57
C LYS D 29 -17.24 99.93 -19.01
N SER D 30 -16.74 99.44 -20.14
CA SER D 30 -15.43 99.81 -20.65
C SER D 30 -15.48 100.85 -21.76
N LYS D 31 -16.66 101.13 -22.32
CA LYS D 31 -16.76 102.15 -23.36
C LYS D 31 -16.56 103.55 -22.82
N ARG D 32 -16.80 103.77 -21.52
CA ARG D 32 -16.46 105.05 -20.91
C ARG D 32 -14.95 105.28 -20.96
N ALA D 33 -14.17 104.22 -20.76
CA ALA D 33 -12.72 104.33 -20.89
C ALA D 33 -12.33 104.69 -22.33
N VAL D 34 -13.01 104.13 -23.32
CA VAL D 34 -12.74 104.50 -24.71
C VAL D 34 -13.08 105.96 -24.95
N GLU D 35 -14.21 106.42 -24.42
CA GLU D 35 -14.59 107.82 -24.57
C GLU D 35 -13.56 108.74 -23.94
N GLU D 36 -13.06 108.40 -22.76
CA GLU D 36 -12.01 109.20 -22.12
C GLU D 36 -10.71 109.15 -22.94
N ALA D 37 -10.34 107.97 -23.44
CA ALA D 37 -9.12 107.83 -24.22
C ALA D 37 -9.18 108.60 -25.52
N MET D 38 -10.37 108.82 -26.08
CA MET D 38 -10.50 109.68 -27.25
C MET D 38 -10.07 111.10 -26.95
N GLY D 39 -10.16 111.54 -25.70
CA GLY D 39 -9.65 112.84 -25.31
C GLY D 39 -8.35 112.76 -24.54
N ALA D 40 -7.89 111.54 -24.25
CA ALA D 40 -6.66 111.30 -23.51
C ALA D 40 -5.51 110.88 -24.41
N ASP D 41 -5.53 111.33 -25.67
CA ASP D 41 -4.45 111.04 -26.63
C ASP D 41 -4.27 109.54 -26.85
N ARG D 42 -5.39 108.80 -26.79
CA ARG D 42 -5.44 107.39 -27.16
C ARG D 42 -4.50 106.52 -26.30
N LEU D 43 -4.26 106.91 -25.06
CA LEU D 43 -3.35 106.19 -24.17
C LEU D 43 -4.17 105.32 -23.22
N ILE D 44 -3.80 104.05 -23.12
CA ILE D 44 -4.51 103.09 -22.27
C ILE D 44 -3.49 102.24 -21.53
N PHE D 45 -3.81 101.91 -20.27
CA PHE D 45 -3.00 100.97 -19.49
C PHE D 45 -3.67 99.61 -19.53
N LEU D 46 -2.94 98.60 -20.00
CA LEU D 46 -3.43 97.23 -20.07
C LEU D 46 -2.74 96.42 -18.97
N VAL D 47 -3.56 95.75 -18.15
CA VAL D 47 -3.07 94.90 -17.07
C VAL D 47 -3.67 93.52 -17.25
N ALA D 48 -2.82 92.49 -17.21
CA ALA D 48 -3.26 91.13 -17.42
C ALA D 48 -3.83 90.52 -16.14
N GLN D 49 -4.92 89.77 -16.28
CA GLN D 49 -5.53 89.07 -15.17
C GLN D 49 -5.18 87.58 -15.22
N ARG D 50 -5.65 86.83 -14.21
CA ARG D 50 -5.52 85.39 -14.22
C ARG D 50 -6.84 84.67 -13.97
N ASP D 51 -7.94 85.40 -13.90
CA ASP D 51 -9.29 84.86 -13.77
C ASP D 51 -10.23 85.66 -14.65
N PRO D 52 -11.37 85.09 -15.04
CA PRO D 52 -12.31 85.83 -15.89
C PRO D 52 -12.79 87.11 -15.22
N GLU D 53 -13.03 88.11 -16.07
CA GLU D 53 -13.35 89.45 -15.60
C GLU D 53 -14.66 89.48 -14.83
N VAL D 54 -14.69 90.29 -13.77
CA VAL D 54 -15.94 90.56 -13.06
C VAL D 54 -16.72 91.63 -13.83
N ASP D 55 -18.04 91.63 -13.65
CA ASP D 55 -18.89 92.58 -14.36
C ASP D 55 -18.51 94.03 -14.05
N ASP D 56 -17.91 94.27 -12.89
CA ASP D 56 -17.38 95.58 -12.54
C ASP D 56 -15.88 95.52 -12.32
N PRO D 57 -15.13 96.54 -12.72
CA PRO D 57 -13.70 96.54 -12.49
C PRO D 57 -13.34 96.67 -11.02
N ALA D 58 -12.20 96.08 -10.66
CA ALA D 58 -11.72 96.09 -9.29
C ALA D 58 -10.25 96.45 -9.25
N PRO D 59 -9.78 97.06 -8.16
CA PRO D 59 -8.35 97.41 -8.06
C PRO D 59 -7.48 96.23 -7.68
N ASP D 60 -8.03 95.28 -6.92
CA ASP D 60 -7.28 94.13 -6.44
C ASP D 60 -7.32 92.95 -7.41
N ASP D 61 -8.07 93.05 -8.50
CA ASP D 61 -8.15 91.98 -9.49
C ASP D 61 -7.09 92.09 -10.58
N LEU D 62 -6.00 92.81 -10.31
CA LEU D 62 -4.97 93.04 -11.30
C LEU D 62 -3.59 92.84 -10.67
N TYR D 63 -2.61 92.50 -11.52
CA TYR D 63 -1.23 92.48 -11.10
C TYR D 63 -0.73 93.90 -10.86
N THR D 64 0.40 94.01 -10.18
CA THR D 64 1.07 95.30 -10.00
C THR D 64 2.06 95.58 -11.13
N TRP D 65 1.59 95.38 -12.37
CA TRP D 65 2.41 95.58 -13.56
C TRP D 65 1.47 95.83 -14.73
N GLY D 66 1.83 96.75 -15.61
CA GLY D 66 1.00 97.08 -16.74
C GLY D 66 1.82 97.50 -17.95
N VAL D 67 1.13 97.59 -19.09
CA VAL D 67 1.74 98.02 -20.33
C VAL D 67 0.97 99.22 -20.87
N GLN D 68 1.66 100.03 -21.68
CA GLN D 68 1.09 101.25 -22.23
C GLN D 68 0.76 101.03 -23.70
N ALA D 69 -0.52 100.98 -24.03
CA ALA D 69 -0.99 100.77 -25.39
C ALA D 69 -1.54 102.09 -25.94
N VAL D 70 -1.04 102.49 -27.10
CA VAL D 70 -1.58 103.63 -27.84
C VAL D 70 -2.50 103.10 -28.92
N VAL D 71 -3.59 103.81 -29.16
CA VAL D 71 -4.55 103.43 -30.19
C VAL D 71 -4.07 103.94 -31.54
N LYS D 72 -4.01 103.03 -32.52
CA LYS D 72 -3.71 103.42 -33.89
C LYS D 72 -4.92 104.04 -34.58
N GLN D 73 -6.07 103.37 -34.47
CA GLN D 73 -7.33 103.93 -34.98
C GLN D 73 -8.49 103.25 -34.27
N ALA D 74 -9.66 103.88 -34.39
CA ALA D 74 -10.85 103.48 -33.64
C ALA D 74 -12.07 103.88 -34.46
N MET D 75 -12.82 102.90 -34.94
CA MET D 75 -13.99 103.17 -35.79
C MET D 75 -15.21 102.48 -35.20
N ARG D 76 -16.37 103.13 -35.36
CA ARG D 76 -17.61 102.62 -34.79
C ARG D 76 -18.22 101.57 -35.71
N LEU D 77 -18.70 100.49 -35.11
CA LEU D 77 -19.46 99.47 -35.84
C LEU D 77 -20.92 99.58 -35.47
N PRO D 78 -21.82 99.88 -36.41
CA PRO D 78 -23.25 100.05 -36.09
C PRO D 78 -23.95 98.72 -35.79
N ASP D 79 -23.40 97.97 -34.84
CA ASP D 79 -24.02 96.72 -34.40
C ASP D 79 -24.08 96.56 -32.89
N GLY D 80 -23.25 97.25 -32.11
CA GLY D 80 -23.26 97.10 -30.66
C GLY D 80 -21.92 96.73 -30.08
N THR D 81 -20.84 96.94 -30.83
CA THR D 81 -19.49 96.60 -30.40
C THR D 81 -18.55 97.75 -30.75
N LEU D 82 -17.70 98.13 -29.79
CA LEU D 82 -16.72 99.17 -30.01
C LEU D 82 -15.46 98.56 -30.62
N GLN D 83 -15.06 99.09 -31.79
CA GLN D 83 -13.98 98.50 -32.58
C GLN D 83 -12.81 99.48 -32.56
N VAL D 84 -11.75 99.10 -31.84
CA VAL D 84 -10.61 99.97 -31.56
C VAL D 84 -9.34 99.12 -31.62
N MET D 85 -8.40 99.48 -32.51
CA MET D 85 -7.13 98.77 -32.60
C MET D 85 -6.12 99.41 -31.66
N VAL D 86 -5.46 98.59 -30.84
CA VAL D 86 -4.46 99.08 -29.90
C VAL D 86 -3.10 98.54 -30.30
N GLU D 87 -2.05 99.15 -29.75
CA GLU D 87 -0.70 98.67 -29.94
C GLU D 87 0.14 99.14 -28.76
N ALA D 88 0.74 98.20 -28.03
CA ALA D 88 1.58 98.53 -26.90
C ALA D 88 2.93 99.04 -27.37
N ARG D 89 3.46 100.04 -26.66
CA ARG D 89 4.74 100.64 -26.99
C ARG D 89 5.83 100.31 -25.98
N ALA D 90 5.55 100.49 -24.69
CA ALA D 90 6.52 100.18 -23.65
C ALA D 90 5.79 99.88 -22.35
N ARG D 91 6.40 99.04 -21.52
CA ARG D 91 5.82 98.68 -20.24
C ARG D 91 6.10 99.76 -19.20
N ALA D 92 5.11 100.00 -18.34
CA ALA D 92 5.21 101.01 -17.30
C ALA D 92 4.94 100.38 -15.94
N GLN D 93 5.66 100.87 -14.93
CA GLN D 93 5.50 100.38 -13.57
C GLN D 93 4.24 100.95 -12.94
N VAL D 94 3.65 100.16 -12.05
CA VAL D 94 2.38 100.50 -11.41
C VAL D 94 2.65 100.83 -9.94
N THR D 95 2.12 101.97 -9.49
CA THR D 95 2.32 102.41 -8.12
C THR D 95 1.09 102.13 -7.25
N ASP D 96 -0.07 102.62 -7.66
CA ASP D 96 -1.29 102.45 -6.88
C ASP D 96 -2.48 102.52 -7.82
N TYR D 97 -3.63 102.05 -7.33
CA TYR D 97 -4.84 101.95 -8.12
C TYR D 97 -5.83 103.06 -7.77
N ILE D 98 -6.71 103.34 -8.71
CA ILE D 98 -7.80 104.30 -8.53
C ILE D 98 -9.11 103.54 -8.53
N PRO D 99 -9.97 103.72 -7.52
CA PRO D 99 -11.23 102.96 -7.47
C PRO D 99 -12.11 103.25 -8.66
N GLY D 100 -12.84 102.22 -9.09
CA GLY D 100 -13.73 102.34 -10.22
C GLY D 100 -15.16 101.98 -9.89
N PRO D 101 -16.01 101.86 -10.92
CA PRO D 101 -15.67 102.03 -12.34
C PRO D 101 -15.58 103.50 -12.77
N TYR D 102 -14.67 103.81 -13.68
CA TYR D 102 -13.74 102.82 -14.23
C TYR D 102 -12.35 102.96 -13.62
N LEU D 103 -11.40 102.19 -14.12
CA LEU D 103 -10.06 102.12 -13.56
C LEU D 103 -9.12 103.08 -14.29
N ARG D 104 -8.26 103.74 -13.52
CA ARG D 104 -7.21 104.60 -14.02
C ARG D 104 -5.87 104.13 -13.49
N ALA D 105 -4.79 104.67 -14.06
CA ALA D 105 -3.46 104.30 -13.60
C ALA D 105 -2.49 105.46 -13.86
N ARG D 106 -1.54 105.62 -12.94
CA ARG D 106 -0.51 106.64 -13.08
C ARG D 106 0.72 106.05 -13.75
N GLY D 107 1.22 106.74 -14.77
CA GLY D 107 2.40 106.28 -15.47
C GLY D 107 3.66 106.97 -14.98
N GLU D 108 4.46 106.27 -14.18
CA GLU D 108 5.67 106.87 -13.61
C GLU D 108 6.78 106.93 -14.65
N VAL D 109 7.23 105.78 -15.14
CA VAL D 109 8.25 105.69 -16.17
C VAL D 109 7.86 104.60 -17.15
N PHE D 110 8.45 104.66 -18.34
CA PHE D 110 8.28 103.65 -19.39
C PHE D 110 9.64 103.00 -19.60
N SER D 111 9.92 101.96 -18.84
CA SER D 111 11.23 101.32 -18.84
C SER D 111 11.29 100.24 -19.90
N GLU D 112 12.22 100.37 -20.84
CA GLU D 112 12.44 99.37 -21.88
C GLU D 112 13.86 99.54 -22.39
N ILE D 113 14.74 98.57 -22.08
CA ILE D 113 16.16 98.72 -22.39
C ILE D 113 16.38 98.64 -23.89
N PHE D 114 17.32 99.44 -24.39
CA PHE D 114 17.73 99.38 -25.78
C PHE D 114 18.73 98.23 -25.97
N PRO D 115 18.81 97.64 -27.17
CA PRO D 115 19.79 96.58 -27.41
C PRO D 115 21.22 97.11 -27.32
N ILE D 116 21.99 96.55 -26.41
CA ILE D 116 23.36 96.97 -26.16
C ILE D 116 24.29 95.82 -26.54
N ASP D 117 25.27 96.10 -27.40
CA ASP D 117 26.20 95.11 -27.92
C ASP D 117 25.44 93.94 -28.56
N GLU D 118 24.74 94.29 -29.63
CA GLU D 118 23.75 93.45 -30.30
C GLU D 118 24.31 92.15 -30.88
N ALA D 119 25.59 91.79 -30.82
CA ALA D 119 26.02 90.53 -31.42
C ALA D 119 25.39 89.34 -30.70
N VAL D 120 25.54 89.27 -29.38
CA VAL D 120 24.94 88.18 -28.61
C VAL D 120 23.42 88.24 -28.70
N VAL D 121 22.86 89.45 -28.64
CA VAL D 121 21.41 89.61 -28.69
C VAL D 121 20.86 89.06 -30.01
N ARG D 122 21.51 89.37 -31.12
CA ARG D 122 21.04 88.88 -32.42
C ARG D 122 21.33 87.40 -32.62
N VAL D 123 22.40 86.86 -32.01
CA VAL D 123 22.60 85.41 -32.06
C VAL D 123 21.45 84.69 -31.34
N LEU D 124 21.09 85.16 -30.15
CA LEU D 124 19.95 84.58 -29.46
C LEU D 124 18.64 84.85 -30.20
N VAL D 125 18.54 85.96 -30.91
CA VAL D 125 17.34 86.22 -31.72
C VAL D 125 17.23 85.20 -32.84
N GLU D 126 18.34 84.91 -33.53
CA GLU D 126 18.34 83.89 -34.57
C GLU D 126 17.98 82.53 -34.01
N GLU D 127 18.55 82.18 -32.86
CA GLU D 127 18.22 80.90 -32.23
C GLU D 127 16.75 80.85 -31.81
N LEU D 128 16.22 81.95 -31.28
CA LEU D 128 14.82 82.01 -30.89
C LEU D 128 13.90 81.86 -32.09
N LYS D 129 14.25 82.50 -33.21
CA LYS D 129 13.44 82.36 -34.42
C LYS D 129 13.50 80.94 -34.98
N GLU D 130 14.67 80.31 -34.93
CA GLU D 130 14.77 78.91 -35.36
C GLU D 130 13.92 78.00 -34.47
N ALA D 131 13.97 78.24 -33.15
CA ALA D 131 13.16 77.45 -32.23
C ALA D 131 11.67 77.66 -32.47
N PHE D 132 11.26 78.90 -32.75
CA PHE D 132 9.85 79.14 -33.05
C PHE D 132 9.43 78.51 -34.38
N GLU D 133 10.33 78.50 -35.36
CA GLU D 133 10.03 77.81 -36.62
C GLU D 133 9.83 76.32 -36.39
N LYS D 134 10.71 75.70 -35.59
CA LYS D 134 10.52 74.30 -35.22
C LYS D 134 9.24 74.08 -34.42
N TYR D 135 8.88 75.04 -33.56
CA TYR D 135 7.61 74.98 -32.83
C TYR D 135 6.42 74.98 -33.78
N VAL D 136 6.47 75.83 -34.81
CA VAL D 136 5.38 75.89 -35.78
C VAL D 136 5.32 74.61 -36.60
N ALA D 137 6.48 74.09 -36.99
CA ALA D 137 6.54 72.91 -37.86
C ALA D 137 6.19 71.60 -37.16
N ASN D 138 5.66 71.60 -35.93
CA ASN D 138 5.33 70.37 -35.22
C ASN D 138 3.88 70.35 -34.73
N HIS D 139 2.94 70.79 -35.56
CA HIS D 139 1.53 70.83 -35.17
C HIS D 139 0.80 69.61 -35.72
N LYS D 140 0.07 68.93 -34.83
CA LYS D 140 -0.76 67.79 -35.23
C LYS D 140 -2.21 67.90 -34.77
N SER D 141 -2.51 68.73 -33.76
CA SER D 141 -3.88 68.96 -33.35
C SER D 141 -4.14 70.44 -33.06
N LEU D 142 -3.27 71.33 -33.53
CA LEU D 142 -3.39 72.76 -33.29
C LEU D 142 -3.46 73.48 -34.63
N ARG D 143 -3.73 74.79 -34.57
CA ARG D 143 -3.88 75.61 -35.77
C ARG D 143 -3.16 76.93 -35.55
N LEU D 144 -2.04 77.13 -36.23
CA LEU D 144 -1.30 78.39 -36.20
C LEU D 144 -0.90 78.75 -37.61
N ASP D 145 -1.27 79.97 -38.04
CA ASP D 145 -1.09 80.39 -39.41
C ASP D 145 0.39 80.49 -39.78
N ARG D 146 0.71 80.08 -41.01
CA ARG D 146 2.06 80.16 -41.56
C ARG D 146 2.35 81.51 -42.19
N TYR D 147 1.57 82.54 -41.87
CA TYR D 147 1.74 83.86 -42.46
C TYR D 147 2.54 84.81 -41.57
N GLN D 148 2.55 84.60 -40.26
CA GLN D 148 3.38 85.40 -39.37
C GLN D 148 4.85 84.99 -39.43
N LEU D 149 5.17 83.86 -40.06
CA LEU D 149 6.57 83.47 -40.21
C LEU D 149 7.36 84.47 -41.05
N GLU D 150 6.76 84.97 -42.13
CA GLU D 150 7.38 86.03 -42.92
C GLU D 150 6.88 87.42 -42.56
N ALA D 151 5.99 87.53 -41.57
CA ALA D 151 5.53 88.82 -41.08
C ALA D 151 6.46 89.42 -40.03
N VAL D 152 7.55 88.72 -39.70
CA VAL D 152 8.55 89.23 -38.77
C VAL D 152 9.43 90.23 -39.49
N LYS D 153 9.14 90.47 -40.77
CA LYS D 153 9.85 91.50 -41.53
C LYS D 153 9.58 92.89 -40.96
N GLY D 154 8.39 93.12 -40.39
CA GLY D 154 8.09 94.40 -39.80
C GLY D 154 8.80 94.66 -38.48
N THR D 155 9.29 93.61 -37.83
CA THR D 155 10.05 93.73 -36.59
C THR D 155 11.53 93.57 -36.93
N SER D 156 12.31 94.62 -36.67
CA SER D 156 13.73 94.61 -36.96
C SER D 156 14.62 94.61 -35.72
N ASP D 157 14.25 95.34 -34.67
CA ASP D 157 15.03 95.31 -33.43
C ASP D 157 14.65 94.07 -32.62
N PRO D 158 15.57 93.56 -31.79
CA PRO D 158 15.30 92.31 -31.07
C PRO D 158 14.10 92.36 -30.14
N ALA D 159 13.84 93.51 -29.51
CA ALA D 159 12.82 93.58 -28.47
C ALA D 159 11.43 93.31 -29.02
N MET D 160 11.02 94.02 -30.08
CA MET D 160 9.67 93.85 -30.61
C MET D 160 9.48 92.46 -31.19
N LEU D 161 10.48 91.97 -31.92
CA LEU D 161 10.37 90.62 -32.49
C LEU D 161 10.26 89.57 -31.40
N ALA D 162 11.07 89.67 -30.36
CA ALA D 162 11.02 88.70 -29.27
C ALA D 162 9.68 88.76 -28.55
N ASP D 163 9.17 89.97 -28.28
CA ASP D 163 7.88 90.09 -27.61
C ASP D 163 6.74 89.53 -28.47
N THR D 164 6.76 89.80 -29.78
CA THR D 164 5.73 89.29 -30.66
C THR D 164 5.79 87.77 -30.73
N ILE D 165 6.99 87.19 -30.81
CA ILE D 165 7.11 85.74 -30.86
C ILE D 165 6.61 85.12 -29.56
N ALA D 166 6.99 85.71 -28.42
CA ALA D 166 6.58 85.16 -27.13
C ALA D 166 5.07 85.31 -26.89
N TYR D 167 4.45 86.36 -27.40
CA TYR D 167 3.02 86.57 -27.19
C TYR D 167 2.15 85.75 -28.15
N HIS D 168 2.49 85.74 -29.43
CA HIS D 168 1.69 85.04 -30.42
C HIS D 168 1.74 83.52 -30.28
N ALA D 169 2.66 83.00 -29.46
CA ALA D 169 2.69 81.60 -29.10
C ALA D 169 2.02 81.46 -27.74
N THR D 170 0.93 80.70 -27.69
CA THR D 170 0.05 80.66 -26.52
C THR D 170 0.54 79.62 -25.53
N TRP D 171 0.70 80.03 -24.28
CA TRP D 171 0.97 79.12 -23.17
C TRP D 171 0.35 79.70 -21.91
N THR D 172 0.77 79.21 -20.75
CA THR D 172 0.10 79.50 -19.50
C THR D 172 0.22 80.98 -19.14
N VAL D 173 -0.68 81.43 -18.26
CA VAL D 173 -0.74 82.83 -17.88
C VAL D 173 0.46 83.22 -17.03
N ALA D 174 0.84 82.36 -16.08
CA ALA D 174 1.95 82.69 -15.18
C ALA D 174 3.27 82.83 -15.92
N GLU D 175 3.54 81.96 -16.89
CA GLU D 175 4.77 82.06 -17.66
C GLU D 175 4.84 83.36 -18.44
N LYS D 176 3.72 83.76 -19.06
CA LYS D 176 3.67 85.03 -19.77
C LYS D 176 3.82 86.21 -18.83
N GLN D 177 3.21 86.16 -17.65
CA GLN D 177 3.28 87.27 -16.70
C GLN D 177 4.67 87.41 -16.07
N GLU D 178 5.40 86.30 -15.88
CA GLU D 178 6.75 86.40 -15.35
C GLU D 178 7.69 87.16 -16.28
N ILE D 179 7.45 87.10 -17.60
CA ILE D 179 8.28 87.84 -18.54
C ILE D 179 8.11 89.35 -18.34
N LEU D 180 6.87 89.80 -18.15
CA LEU D 180 6.60 91.22 -17.95
C LEU D 180 7.25 91.77 -16.69
N GLU D 181 7.48 90.91 -15.69
CA GLU D 181 8.13 91.32 -14.44
C GLU D 181 9.64 91.39 -14.55
N LEU D 182 10.19 91.38 -15.76
CA LEU D 182 11.63 91.40 -15.97
C LEU D 182 12.01 92.63 -16.79
N THR D 183 13.12 93.26 -16.40
CA THR D 183 13.62 94.44 -17.08
C THR D 183 15.02 94.24 -17.67
N ASP D 184 15.58 93.04 -17.57
CA ASP D 184 16.88 92.71 -18.13
C ASP D 184 16.70 91.84 -19.37
N LEU D 185 17.36 92.24 -20.45
CA LEU D 185 17.18 91.62 -21.75
C LEU D 185 17.76 90.20 -21.81
N GLU D 186 18.99 90.01 -21.33
CA GLU D 186 19.65 88.73 -21.47
C GLU D 186 18.93 87.63 -20.69
N ALA D 187 18.51 87.94 -19.47
CA ALA D 187 17.86 86.92 -18.63
C ALA D 187 16.55 86.46 -19.26
N ARG D 188 15.71 87.40 -19.69
CA ARG D 188 14.44 87.00 -20.29
C ARG D 188 14.61 86.37 -21.66
N LEU D 189 15.64 86.77 -22.43
CA LEU D 189 15.92 86.09 -23.68
C LEU D 189 16.30 84.64 -23.43
N LYS D 190 17.14 84.38 -22.43
CA LYS D 190 17.48 83.02 -22.08
C LYS D 190 16.25 82.24 -21.60
N LYS D 191 15.39 82.91 -20.84
CA LYS D 191 14.16 82.27 -20.37
C LYS D 191 13.28 81.84 -21.53
N VAL D 192 13.10 82.73 -22.51
CA VAL D 192 12.25 82.41 -23.66
C VAL D 192 12.90 81.33 -24.52
N LEU D 193 14.22 81.37 -24.68
CA LEU D 193 14.91 80.32 -25.43
C LEU D 193 14.73 78.96 -24.76
N GLY D 194 14.85 78.92 -23.43
CA GLY D 194 14.59 77.68 -22.72
C GLY D 194 13.15 77.22 -22.83
N LEU D 195 12.20 78.15 -22.79
CA LEU D 195 10.80 77.79 -22.97
C LEU D 195 10.58 77.15 -24.33
N LEU D 196 11.14 77.75 -25.38
CA LEU D 196 10.97 77.22 -26.73
C LEU D 196 11.65 75.85 -26.87
N SER D 197 12.83 75.68 -26.27
CA SER D 197 13.51 74.40 -26.34
C SER D 197 12.71 73.31 -25.61
N ARG D 198 12.16 73.64 -24.43
CA ARG D 198 11.35 72.67 -23.70
C ARG D 198 10.08 72.32 -24.46
N ASP D 199 9.45 73.31 -25.10
CA ASP D 199 8.26 73.04 -25.90
C ASP D 199 8.57 72.15 -27.10
N LEU D 200 9.70 72.39 -27.78
CA LEU D 200 10.09 71.53 -28.88
C LEU D 200 10.35 70.11 -28.40
N GLU D 201 11.04 69.96 -27.27
CA GLU D 201 11.29 68.64 -26.72
C GLU D 201 9.98 67.95 -26.36
N ARG D 202 9.03 68.68 -25.79
CA ARG D 202 7.74 68.09 -25.45
C ARG D 202 6.98 67.67 -26.70
N PHE D 203 7.03 68.47 -27.77
CA PHE D 203 6.38 68.08 -29.02
C PHE D 203 6.98 66.79 -29.56
N GLU D 204 8.31 66.70 -29.59
CA GLU D 204 8.94 65.49 -30.11
C GLU D 204 8.62 64.28 -29.23
N LEU D 205 8.64 64.45 -27.91
CA LEU D 205 8.32 63.35 -27.01
C LEU D 205 6.88 62.90 -27.19
N ASP D 206 5.95 63.83 -27.35
CA ASP D 206 4.56 63.47 -27.58
C ASP D 206 4.38 62.74 -28.91
N LYS D 207 5.09 63.17 -29.95
CA LYS D 207 5.02 62.45 -31.22
C LYS D 207 5.53 61.02 -31.08
N ARG D 208 6.66 60.83 -30.39
CA ARG D 208 7.17 59.47 -30.19
C ARG D 208 6.23 58.64 -29.33
N VAL D 209 5.62 59.25 -28.31
CA VAL D 209 4.67 58.54 -27.46
C VAL D 209 3.47 58.10 -28.26
N ALA D 210 2.95 58.98 -29.13
CA ALA D 210 1.83 58.59 -29.99
C ALA D 210 2.21 57.46 -30.94
N GLN D 211 3.42 57.52 -31.50
CA GLN D 211 3.87 56.45 -32.38
C GLN D 211 3.97 55.11 -31.66
N ARG D 212 4.47 55.09 -30.43
CA ARG D 212 4.53 53.85 -29.66
C ARG D 212 3.14 53.39 -29.20
N VAL D 213 2.25 54.33 -28.91
CA VAL D 213 0.87 53.98 -28.54
C VAL D 213 0.16 53.32 -29.71
N LYS D 214 0.48 53.75 -30.93
CA LYS D 214 -0.11 53.11 -32.11
C LYS D 214 0.31 51.64 -32.20
N GLU D 215 1.58 51.34 -31.95
CA GLU D 215 2.01 49.94 -31.91
C GLU D 215 1.34 49.18 -30.77
N GLN D 216 1.19 49.82 -29.61
CA GLN D 216 0.54 49.17 -28.48
C GLN D 216 -0.91 48.82 -28.81
N MET D 217 -1.63 49.74 -29.44
CA MET D 217 -3.02 49.45 -29.80
C MET D 217 -3.10 48.46 -30.96
N ASP D 218 -2.06 48.41 -31.81
CA ASP D 218 -2.00 47.34 -32.80
C ASP D 218 -1.90 45.98 -32.13
N THR D 219 -1.07 45.87 -31.09
CA THR D 219 -1.00 44.61 -30.34
C THR D 219 -2.31 44.32 -29.60
N ASN D 220 -2.96 45.37 -29.09
CA ASN D 220 -4.24 45.18 -28.42
C ASN D 220 -5.29 44.65 -29.38
N GLN D 221 -5.37 45.22 -30.59
CA GLN D 221 -6.30 44.70 -31.60
C GLN D 221 -5.87 43.33 -32.11
N ARG D 222 -4.57 43.03 -32.05
CA ARG D 222 -4.13 41.67 -32.29
C ARG D 222 -4.77 40.69 -31.32
N GLU D 223 -4.67 40.99 -30.02
CA GLU D 223 -5.33 40.13 -29.03
C GLU D 223 -6.85 40.15 -29.23
N TYR D 224 -7.39 41.28 -29.69
CA TYR D 224 -8.83 41.37 -29.92
C TYR D 224 -9.30 40.45 -31.03
N TYR D 225 -8.59 40.40 -32.17
CA TYR D 225 -9.00 39.49 -33.23
C TYR D 225 -8.68 38.05 -32.85
N LEU D 226 -7.67 37.86 -32.00
CA LEU D 226 -7.43 36.55 -31.40
C LEU D 226 -8.68 36.07 -30.68
N ARG D 227 -9.21 36.92 -29.80
CA ARG D 227 -10.48 36.64 -29.13
C ARG D 227 -11.62 36.48 -30.12
N GLU D 228 -11.62 37.27 -31.19
CA GLU D 228 -12.70 37.19 -32.17
C GLU D 228 -12.76 35.81 -32.79
N GLN D 229 -11.61 35.29 -33.24
CA GLN D 229 -11.58 33.96 -33.83
C GLN D 229 -11.95 32.88 -32.81
N MET D 230 -11.41 32.96 -31.59
CA MET D 230 -11.75 31.93 -30.61
C MET D 230 -13.23 31.95 -30.25
N LYS D 231 -13.81 33.15 -30.09
CA LYS D 231 -15.22 33.22 -29.71
C LYS D 231 -16.12 32.80 -30.87
N ALA D 232 -15.72 33.12 -32.11
CA ALA D 232 -16.50 32.64 -33.25
C ALA D 232 -16.51 31.12 -33.30
N ILE D 233 -15.35 30.49 -33.09
CA ILE D 233 -15.29 29.03 -33.07
C ILE D 233 -16.15 28.48 -31.92
N GLN D 234 -16.07 29.11 -30.74
CA GLN D 234 -16.98 28.66 -29.64
C GLN D 234 -18.43 28.83 -30.10
N LYS D 235 -18.75 29.96 -30.74
CA LYS D 235 -20.12 30.24 -31.24
C LYS D 235 -20.53 29.25 -32.34
N GLU D 236 -19.60 28.85 -33.22
CA GLU D 236 -19.98 27.99 -34.37
C GLU D 236 -20.57 26.66 -33.86
N LEU D 237 -19.93 26.04 -32.87
CA LEU D 237 -20.46 24.78 -32.30
C LEU D 237 -21.81 25.02 -31.61
N GLY D 238 -21.92 26.08 -30.81
CA GLY D 238 -23.21 26.42 -30.18
C GLY D 238 -23.38 27.94 -30.05
N GLY D 239 -24.58 28.46 -30.31
CA GLY D 239 -24.76 29.93 -30.29
C GLY D 239 -24.51 30.49 -28.90
N GLU D 240 -23.74 31.57 -28.80
CA GLU D 240 -23.37 32.17 -27.47
C GLU D 240 -22.74 31.09 -26.60
N ASP D 241 -21.85 30.26 -27.16
CA ASP D 241 -21.17 29.14 -26.42
C ASP D 241 -22.09 27.91 -26.43
N GLY D 242 -21.60 26.75 -25.95
CA GLY D 242 -22.42 25.53 -26.04
C GLY D 242 -23.72 25.62 -25.25
N LEU D 243 -23.64 26.12 -24.00
CA LEU D 243 -24.85 26.18 -23.14
C LEU D 243 -25.08 27.62 -22.65
N SER D 244 -24.28 28.59 -23.14
CA SER D 244 -24.37 29.99 -22.65
C SER D 244 -24.17 30.02 -21.13
N ASP D 245 -22.95 29.80 -20.66
CA ASP D 245 -22.69 29.72 -19.23
C ASP D 245 -21.51 30.60 -18.82
N LEU D 246 -20.53 30.77 -19.71
CA LEU D 246 -19.29 31.44 -19.35
C LEU D 246 -19.51 32.86 -18.87
N GLU D 247 -20.37 33.62 -19.55
CA GLU D 247 -20.65 34.99 -19.15
C GLU D 247 -21.24 35.03 -17.74
N ALA D 248 -22.20 34.15 -17.47
CA ALA D 248 -22.80 34.10 -16.14
C ALA D 248 -21.77 33.70 -15.08
N LEU D 249 -20.90 32.74 -15.39
CA LEU D 249 -19.90 32.31 -14.43
C LEU D 249 -18.93 33.44 -14.11
N ARG D 250 -18.47 34.17 -15.13
CA ARG D 250 -17.60 35.31 -14.89
C ARG D 250 -18.30 36.45 -14.18
N LYS D 251 -19.59 36.66 -14.43
CA LYS D 251 -20.34 37.66 -13.68
C LYS D 251 -20.46 37.27 -12.22
N LYS D 252 -20.71 35.99 -11.93
CA LYS D 252 -20.79 35.53 -10.56
C LYS D 252 -19.44 35.58 -9.86
N ILE D 253 -18.34 35.38 -10.59
CA ILE D 253 -17.01 35.55 -10.00
C ILE D 253 -16.84 36.98 -9.50
N GLU D 254 -17.26 37.95 -10.31
CA GLU D 254 -17.10 39.36 -9.93
C GLU D 254 -18.05 39.73 -8.79
N GLU D 255 -19.32 39.35 -8.91
CA GLU D 255 -20.34 39.80 -7.98
C GLU D 255 -20.32 39.06 -6.64
N VAL D 256 -19.63 37.93 -6.55
CA VAL D 256 -19.42 37.23 -5.30
C VAL D 256 -18.03 37.63 -4.82
N GLY D 257 -17.97 38.32 -3.69
CA GLY D 257 -16.70 38.83 -3.18
C GLY D 257 -15.79 37.73 -2.69
N MET D 258 -14.73 37.45 -3.46
CA MET D 258 -13.75 36.43 -3.11
C MET D 258 -12.43 37.11 -2.80
N PRO D 259 -11.52 36.47 -2.07
CA PRO D 259 -10.20 37.06 -1.84
C PRO D 259 -9.44 37.24 -3.14
N GLU D 260 -8.52 38.21 -3.12
CA GLU D 260 -7.80 38.60 -4.34
C GLU D 260 -7.01 37.46 -4.94
N ALA D 261 -6.27 36.71 -4.11
CA ALA D 261 -5.59 35.52 -4.61
C ALA D 261 -6.59 34.46 -5.06
N VAL D 262 -7.67 34.27 -4.29
CA VAL D 262 -8.73 33.36 -4.72
C VAL D 262 -9.33 33.85 -6.02
N LYS D 263 -9.45 35.17 -6.18
CA LYS D 263 -9.87 35.74 -7.45
C LYS D 263 -8.91 35.37 -8.58
N THR D 264 -7.60 35.38 -8.30
CA THR D 264 -6.63 35.00 -9.32
C THR D 264 -6.80 33.55 -9.74
N LYS D 265 -6.96 32.64 -8.77
CA LYS D 265 -7.24 31.25 -9.15
C LYS D 265 -8.55 31.14 -9.93
N ALA D 266 -9.57 31.93 -9.56
CA ALA D 266 -10.82 31.89 -10.30
C ALA D 266 -10.63 32.28 -11.75
N LEU D 267 -9.94 33.40 -12.00
CA LEU D 267 -9.70 33.82 -13.39
C LEU D 267 -8.81 32.83 -14.13
N LYS D 268 -7.84 32.22 -13.45
CA LYS D 268 -7.00 31.25 -14.13
C LYS D 268 -7.79 30.02 -14.54
N GLU D 269 -8.57 29.45 -13.63
CA GLU D 269 -9.41 28.30 -13.97
C GLU D 269 -10.57 28.67 -14.88
N LEU D 270 -10.87 29.95 -15.04
CA LEU D 270 -11.87 30.40 -16.02
C LEU D 270 -11.26 30.55 -17.40
N ASP D 271 -10.03 31.06 -17.49
CA ASP D 271 -9.30 31.07 -18.75
C ASP D 271 -8.89 29.68 -19.18
N ARG D 272 -8.83 28.74 -18.24
CA ARG D 272 -8.68 27.33 -18.56
C ARG D 272 -9.84 26.81 -19.40
N LEU D 273 -10.98 27.49 -19.36
CA LEU D 273 -12.08 27.28 -20.28
C LEU D 273 -11.76 27.96 -21.60
N GLU D 274 -12.78 28.13 -22.44
CA GLU D 274 -12.69 28.79 -23.75
C GLU D 274 -11.96 27.93 -24.77
N ARG D 275 -11.48 26.76 -24.36
CA ARG D 275 -10.82 25.81 -25.25
C ARG D 275 -11.43 24.42 -25.21
N MET D 276 -12.51 24.22 -24.45
CA MET D 276 -13.29 23.00 -24.51
C MET D 276 -14.66 23.33 -23.92
N GLN D 277 -15.70 22.72 -24.47
CA GLN D 277 -17.04 22.94 -23.92
C GLN D 277 -17.93 21.70 -23.95
N GLN D 278 -17.44 20.54 -24.38
CA GLN D 278 -18.33 19.40 -24.58
C GLN D 278 -17.96 18.11 -23.85
N GLY D 279 -16.70 17.71 -23.81
CA GLY D 279 -16.36 16.32 -23.57
C GLY D 279 -15.92 15.98 -22.15
N SER D 280 -15.11 14.92 -22.09
CA SER D 280 -14.45 14.38 -20.90
C SER D 280 -13.71 15.51 -20.20
N PRO D 281 -13.23 15.35 -18.95
CA PRO D 281 -13.02 16.53 -18.11
C PRO D 281 -11.91 17.43 -18.65
N GLU D 282 -12.36 18.46 -19.34
CA GLU D 282 -11.56 19.62 -19.73
C GLU D 282 -12.34 20.92 -19.57
N ALA D 283 -13.67 20.87 -19.60
CA ALA D 283 -14.53 22.00 -19.33
C ALA D 283 -15.44 21.69 -18.15
N THR D 284 -16.06 20.51 -18.18
CA THR D 284 -17.01 20.13 -17.15
C THR D 284 -16.38 20.08 -15.76
N VAL D 285 -15.17 19.55 -15.64
CA VAL D 285 -14.51 19.59 -14.33
C VAL D 285 -14.27 21.02 -13.88
N ALA D 286 -13.80 21.88 -14.78
CA ALA D 286 -13.55 23.26 -14.39
C ALA D 286 -14.84 24.06 -14.23
N ARG D 287 -15.85 23.80 -15.06
CA ARG D 287 -17.14 24.45 -14.86
C ARG D 287 -17.73 24.08 -13.51
N THR D 288 -17.65 22.80 -13.14
CA THR D 288 -18.12 22.35 -11.84
C THR D 288 -17.31 23.00 -10.71
N TYR D 289 -16.00 23.10 -10.91
CA TYR D 289 -15.16 23.72 -9.89
C TYR D 289 -15.53 25.18 -9.67
N LEU D 290 -15.74 25.93 -10.75
CA LEU D 290 -16.18 27.31 -10.59
C LEU D 290 -17.59 27.43 -10.03
N ASP D 291 -18.49 26.51 -10.38
CA ASP D 291 -19.79 26.50 -9.73
C ASP D 291 -19.65 26.31 -8.22
N TRP D 292 -18.77 25.41 -7.82
CA TRP D 292 -18.51 25.22 -6.40
C TRP D 292 -17.95 26.48 -5.76
N LEU D 293 -16.98 27.10 -6.41
CA LEU D 293 -16.41 28.35 -5.89
C LEU D 293 -17.42 29.49 -5.87
N THR D 294 -18.52 29.38 -6.61
CA THR D 294 -19.59 30.36 -6.53
C THR D 294 -20.68 30.01 -5.53
N GLU D 295 -20.85 28.73 -5.20
CA GLU D 295 -21.85 28.30 -4.22
C GLU D 295 -21.23 27.91 -2.89
N VAL D 296 -20.14 28.57 -2.51
CA VAL D 296 -19.55 28.43 -1.19
C VAL D 296 -19.53 29.82 -0.56
N PRO D 297 -19.94 29.98 0.69
CA PRO D 297 -20.11 31.31 1.26
C PRO D 297 -18.79 32.07 1.35
N TRP D 298 -18.73 33.23 0.72
CA TRP D 298 -17.57 34.11 0.73
C TRP D 298 -17.97 35.40 1.45
N SER D 299 -17.66 35.47 2.74
CA SER D 299 -17.92 36.65 3.56
C SER D 299 -19.40 37.03 3.59
N LYS D 300 -20.28 36.04 3.69
CA LYS D 300 -21.71 36.31 3.86
C LYS D 300 -22.00 36.49 5.34
N ALA D 301 -22.06 37.75 5.78
CA ALA D 301 -22.24 38.07 7.19
C ALA D 301 -23.65 37.76 7.65
N ASP D 302 -23.77 37.41 8.93
CA ASP D 302 -25.06 37.20 9.58
C ASP D 302 -25.11 38.03 10.85
N PRO D 303 -26.16 38.83 11.07
CA PRO D 303 -26.35 39.45 12.39
C PRO D 303 -26.41 38.38 13.45
N GLU D 304 -25.71 38.64 14.56
CA GLU D 304 -25.49 37.61 15.56
C GLU D 304 -25.51 38.23 16.95
N VAL D 305 -26.22 37.57 17.87
CA VAL D 305 -26.24 37.95 19.27
C VAL D 305 -25.83 36.75 20.10
N LEU D 306 -24.87 36.95 20.99
CA LEU D 306 -24.38 35.88 21.85
C LEU D 306 -24.81 36.08 23.29
N ASP D 307 -25.75 36.96 23.56
CA ASP D 307 -26.18 37.26 24.91
C ASP D 307 -26.63 35.98 25.61
N ILE D 308 -26.14 35.77 26.83
CA ILE D 308 -26.57 34.61 27.60
C ILE D 308 -27.95 34.80 28.21
N ASN D 309 -28.47 36.02 28.26
CA ASN D 309 -29.87 36.22 28.62
C ASN D 309 -30.79 35.75 27.49
N HIS D 310 -30.48 36.15 26.26
CA HIS D 310 -31.25 35.73 25.10
C HIS D 310 -31.19 34.21 24.89
N THR D 311 -30.01 33.62 25.02
CA THR D 311 -29.88 32.17 24.97
C THR D 311 -30.52 31.49 26.17
N ARG D 312 -30.46 32.09 27.35
CA ARG D 312 -31.20 31.56 28.49
C ARG D 312 -32.69 31.48 28.19
N GLN D 313 -33.22 32.51 27.53
CA GLN D 313 -34.59 32.48 27.04
C GLN D 313 -34.80 31.31 26.09
N VAL D 314 -34.06 31.32 24.98
CA VAL D 314 -34.28 30.39 23.88
C VAL D 314 -34.18 28.94 24.32
N LEU D 315 -33.13 28.60 25.06
CA LEU D 315 -32.96 27.22 25.51
C LEU D 315 -34.10 26.77 26.41
N ASP D 316 -34.84 27.72 27.00
CA ASP D 316 -35.95 27.34 27.86
C ASP D 316 -37.24 27.20 27.07
N GLU D 317 -37.39 27.96 25.99
CA GLU D 317 -38.63 27.92 25.21
C GLU D 317 -38.85 26.57 24.54
N ASP D 318 -37.86 26.08 23.80
CA ASP D 318 -38.09 24.90 22.97
C ASP D 318 -37.76 23.57 23.64
N HIS D 319 -36.63 23.49 24.33
CA HIS D 319 -36.14 22.20 24.81
C HIS D 319 -36.63 21.86 26.21
N TYR D 320 -37.79 22.35 26.61
CA TYR D 320 -38.34 22.03 27.93
C TYR D 320 -37.39 22.54 29.00
N GLY D 321 -36.33 21.77 29.24
CA GLY D 321 -35.29 22.23 30.14
C GLY D 321 -34.57 21.11 30.86
N LEU D 322 -33.24 21.21 30.89
CA LEU D 322 -32.42 20.39 31.75
C LEU D 322 -31.69 21.20 32.82
N LYS D 323 -31.48 22.49 32.58
CA LYS D 323 -30.91 23.43 33.56
C LYS D 323 -29.61 22.90 34.17
N ASP D 324 -28.96 21.98 33.47
CA ASP D 324 -27.66 21.49 33.87
C ASP D 324 -26.66 21.45 32.72
N VAL D 325 -27.13 21.40 31.47
CA VAL D 325 -26.27 21.60 30.31
C VAL D 325 -26.58 22.90 29.58
N LYS D 326 -27.79 23.44 29.73
CA LYS D 326 -28.08 24.77 29.22
C LYS D 326 -27.18 25.79 29.90
N GLU D 327 -26.92 25.60 31.19
CA GLU D 327 -26.08 26.51 31.95
C GLU D 327 -24.62 26.42 31.49
N ARG D 328 -24.16 25.22 31.15
CA ARG D 328 -22.81 25.03 30.60
C ARG D 328 -22.67 25.67 29.22
N ILE D 329 -23.70 25.54 28.38
CA ILE D 329 -23.65 26.21 27.08
C ILE D 329 -23.62 27.71 27.29
N LEU D 330 -24.33 28.20 28.31
CA LEU D 330 -24.23 29.60 28.68
C LEU D 330 -22.81 29.97 29.08
N GLU D 331 -22.12 29.09 29.80
CA GLU D 331 -20.72 29.35 30.11
C GLU D 331 -19.91 29.53 28.83
N TYR D 332 -20.02 28.55 27.93
CA TYR D 332 -19.20 28.56 26.72
C TYR D 332 -19.55 29.70 25.78
N LEU D 333 -20.76 30.23 25.88
CA LEU D 333 -21.11 31.43 25.11
C LEU D 333 -20.66 32.70 25.83
N ALA D 334 -20.72 32.73 27.15
CA ALA D 334 -20.22 33.86 27.91
C ALA D 334 -18.74 34.10 27.66
N VAL D 335 -17.96 33.03 27.52
CA VAL D 335 -16.58 33.20 27.09
C VAL D 335 -16.53 33.83 25.70
N ARG D 336 -17.36 33.33 24.78
CA ARG D 336 -17.34 33.85 23.42
C ARG D 336 -17.85 35.29 23.32
N GLN D 337 -18.64 35.76 24.29
CA GLN D 337 -19.14 37.14 24.22
C GLN D 337 -18.06 38.13 24.61
N LEU D 338 -17.22 37.79 25.58
CA LEU D 338 -16.26 38.73 26.13
C LEU D 338 -15.19 39.08 25.09
N THR D 339 -14.95 40.38 24.93
CA THR D 339 -14.03 40.90 23.92
C THR D 339 -12.65 41.06 24.55
N GLN D 340 -11.66 40.35 23.99
CA GLN D 340 -10.27 40.43 24.45
C GLN D 340 -9.37 40.32 23.22
N GLY D 341 -8.98 41.47 22.68
CA GLY D 341 -8.14 41.53 21.50
C GLY D 341 -8.84 41.19 20.20
N LEU D 342 -9.93 40.43 20.25
CA LEU D 342 -10.75 40.06 19.11
C LEU D 342 -12.17 39.93 19.62
N ASP D 343 -13.04 39.25 18.84
CA ASP D 343 -14.28 38.76 19.43
C ASP D 343 -13.96 37.90 20.64
N VAL D 344 -13.10 36.88 20.44
CA VAL D 344 -12.33 36.22 21.48
C VAL D 344 -10.98 35.83 20.90
N ARG D 345 -10.05 35.48 21.79
CA ARG D 345 -8.79 34.94 21.34
C ARG D 345 -8.98 33.52 20.83
N ASN D 346 -7.92 32.97 20.24
CA ASN D 346 -7.95 31.61 19.74
C ASN D 346 -7.75 30.63 20.90
N LYS D 347 -7.46 29.38 20.53
CA LYS D 347 -7.24 28.25 21.44
C LYS D 347 -8.31 28.22 22.54
N ALA D 348 -9.54 27.99 22.08
CA ALA D 348 -10.68 27.68 22.94
C ALA D 348 -11.39 26.45 22.38
N PRO D 349 -11.94 25.60 23.24
CA PRO D 349 -12.54 24.35 22.75
C PRO D 349 -13.78 24.59 21.89
N ILE D 350 -14.30 23.54 21.25
CA ILE D 350 -15.46 23.71 20.38
C ILE D 350 -16.58 22.75 20.76
N LEU D 351 -16.71 22.45 22.06
CA LEU D 351 -17.98 22.00 22.63
C LEU D 351 -18.46 20.68 22.02
N VAL D 352 -17.74 19.61 22.35
CA VAL D 352 -18.22 18.27 22.04
C VAL D 352 -19.39 17.93 22.95
N LEU D 353 -20.60 17.86 22.41
CA LEU D 353 -21.71 17.24 23.12
C LEU D 353 -21.57 15.72 23.06
N VAL D 354 -22.20 15.05 24.02
CA VAL D 354 -22.18 13.60 24.10
C VAL D 354 -23.55 13.15 24.59
N GLY D 355 -23.98 11.97 24.15
CA GLY D 355 -25.22 11.40 24.63
C GLY D 355 -25.82 10.39 23.69
N PRO D 356 -26.70 9.56 24.22
CA PRO D 356 -27.32 8.50 23.42
C PRO D 356 -28.28 9.09 22.41
N PRO D 357 -28.77 8.29 21.46
CA PRO D 357 -29.69 8.82 20.45
C PRO D 357 -30.98 9.33 21.07
N GLY D 358 -31.47 10.44 20.52
CA GLY D 358 -32.77 10.97 20.87
C GLY D 358 -32.87 11.79 22.14
N VAL D 359 -31.76 12.39 22.58
CA VAL D 359 -31.76 13.20 23.79
C VAL D 359 -31.92 14.69 23.47
N GLY D 360 -32.02 15.04 22.20
CA GLY D 360 -32.13 16.43 21.80
C GLY D 360 -30.82 17.08 21.39
N LYS D 361 -29.79 16.29 21.10
CA LYS D 361 -28.48 16.85 20.80
C LYS D 361 -28.51 17.74 19.57
N THR D 362 -29.09 17.25 18.47
CA THR D 362 -29.05 18.01 17.23
C THR D 362 -30.26 18.93 17.06
N SER D 363 -31.16 18.98 18.04
CA SER D 363 -32.09 20.09 18.16
C SER D 363 -31.55 21.19 19.07
N LEU D 364 -30.67 20.82 20.01
CA LEU D 364 -29.96 21.83 20.78
C LEU D 364 -29.09 22.69 19.89
N GLY D 365 -28.57 22.13 18.81
CA GLY D 365 -27.90 22.95 17.81
C GLY D 365 -28.81 24.00 17.22
N ARG D 366 -30.04 23.62 16.88
CA ARG D 366 -30.99 24.59 16.37
C ARG D 366 -31.32 25.65 17.40
N SER D 367 -31.45 25.25 18.67
CA SER D 367 -31.73 26.22 19.73
C SER D 367 -30.61 27.25 19.84
N ILE D 368 -29.36 26.79 19.87
CA ILE D 368 -28.23 27.73 19.93
C ILE D 368 -28.20 28.59 18.68
N ALA D 369 -28.49 28.01 17.52
CA ALA D 369 -28.47 28.77 16.28
C ALA D 369 -29.50 29.89 16.30
N ARG D 370 -30.71 29.61 16.78
CA ARG D 370 -31.71 30.67 16.94
C ARG D 370 -31.21 31.72 17.93
N SER D 371 -30.66 31.28 19.07
CA SER D 371 -30.13 32.21 20.04
C SER D 371 -29.02 33.08 19.49
N MET D 372 -28.36 32.63 18.42
CA MET D 372 -27.29 33.39 17.79
C MET D 372 -27.68 33.94 16.42
N ASN D 373 -28.91 33.68 15.97
CA ASN D 373 -29.38 34.14 14.66
C ASN D 373 -28.49 33.64 13.53
N ARG D 374 -27.95 32.44 13.69
CA ARG D 374 -27.11 31.82 12.69
C ARG D 374 -27.92 30.74 11.96
N LYS D 375 -27.25 29.97 11.10
CA LYS D 375 -27.87 28.82 10.45
C LYS D 375 -27.56 27.57 11.28
N PHE D 376 -27.89 26.39 10.75
CA PHE D 376 -27.58 25.14 11.42
C PHE D 376 -27.64 24.02 10.42
N HIS D 377 -26.58 23.21 10.33
CA HIS D 377 -26.53 22.16 9.32
C HIS D 377 -25.65 21.04 9.81
N ARG D 378 -26.25 19.96 10.30
CA ARG D 378 -25.48 18.81 10.74
C ARG D 378 -24.86 18.10 9.54
N ILE D 379 -23.75 17.40 9.80
CA ILE D 379 -23.14 16.53 8.80
C ILE D 379 -22.78 15.19 9.45
N SER D 380 -23.62 14.19 9.20
CA SER D 380 -23.44 12.89 9.83
C SER D 380 -22.17 12.23 9.30
N LEU D 381 -21.20 12.04 10.18
CA LEU D 381 -19.98 11.33 9.85
C LEU D 381 -20.12 9.83 10.04
N GLY D 382 -21.32 9.34 10.35
CA GLY D 382 -21.52 7.91 10.52
C GLY D 382 -21.37 7.16 9.21
N GLY D 383 -20.34 6.34 9.12
CA GLY D 383 -20.03 5.64 7.88
C GLY D 383 -18.96 6.35 7.09
N VAL D 384 -17.92 6.79 7.77
CA VAL D 384 -16.77 7.44 7.14
C VAL D 384 -15.51 6.72 7.62
N ARG D 385 -14.72 6.22 6.67
CA ARG D 385 -13.51 5.46 7.00
C ARG D 385 -12.32 5.86 6.15
N ASP D 386 -12.23 7.13 5.76
CA ASP D 386 -11.11 7.64 4.97
C ASP D 386 -11.12 9.16 5.00
N GLU D 387 -10.02 9.76 4.56
CA GLU D 387 -9.96 11.20 4.36
C GLU D 387 -10.61 11.62 3.05
N ALA D 388 -11.04 10.69 2.22
CA ALA D 388 -11.70 10.99 0.96
C ALA D 388 -13.15 11.44 1.15
N GLU D 389 -13.58 11.62 2.39
CA GLU D 389 -14.93 12.06 2.67
C GLU D 389 -14.99 13.24 3.63
N ILE D 390 -13.93 13.52 4.38
CA ILE D 390 -13.79 14.77 5.12
C ILE D 390 -12.97 15.78 4.33
N ARG D 391 -11.83 15.37 3.81
CA ARG D 391 -11.28 16.04 2.64
C ARG D 391 -11.79 15.33 1.39
N GLY D 392 -11.44 15.87 0.22
CA GLY D 392 -11.86 15.29 -1.03
C GLY D 392 -10.78 14.39 -1.62
N HIS D 393 -11.16 13.72 -2.72
CA HIS D 393 -10.18 13.06 -3.54
C HIS D 393 -9.30 14.12 -4.20
N ARG D 394 -8.01 13.80 -4.37
CA ARG D 394 -7.13 14.72 -5.09
C ARG D 394 -7.70 14.92 -6.49
N ARG D 395 -8.19 16.13 -6.78
CA ARG D 395 -9.01 16.34 -7.96
C ARG D 395 -8.21 16.09 -9.23
N THR D 396 -8.59 15.03 -9.95
CA THR D 396 -7.94 14.68 -11.20
C THR D 396 -8.91 14.31 -12.30
N TYR D 397 -10.22 14.32 -12.03
CA TYR D 397 -11.23 13.95 -13.01
C TYR D 397 -12.58 14.39 -12.47
N ILE D 398 -13.44 14.90 -13.36
CA ILE D 398 -14.82 15.15 -12.97
C ILE D 398 -15.47 13.82 -12.61
N GLY D 399 -16.31 13.84 -11.59
CA GLY D 399 -16.74 12.62 -10.94
C GLY D 399 -16.04 12.32 -9.65
N ALA D 400 -15.77 13.33 -8.82
CA ALA D 400 -15.27 13.17 -7.47
C ALA D 400 -15.54 14.48 -6.73
N MET D 401 -15.99 14.37 -5.48
CA MET D 401 -16.42 15.53 -4.71
C MET D 401 -15.32 15.91 -3.75
N PRO D 402 -15.42 17.09 -3.13
CA PRO D 402 -14.63 17.38 -1.93
C PRO D 402 -15.16 16.59 -0.75
N GLY D 403 -14.68 16.87 0.45
CA GLY D 403 -15.16 16.11 1.59
C GLY D 403 -16.58 16.47 1.97
N LYS D 404 -16.92 16.38 3.26
CA LYS D 404 -18.26 16.70 3.69
C LYS D 404 -18.42 18.15 4.11
N LEU D 405 -17.38 18.77 4.66
CA LEU D 405 -17.53 20.11 5.20
C LEU D 405 -17.80 21.15 4.11
N ILE D 406 -17.20 20.98 2.94
CA ILE D 406 -17.50 21.91 1.85
C ILE D 406 -18.91 21.73 1.31
N HIS D 407 -19.42 20.50 1.25
CA HIS D 407 -20.84 20.32 0.98
C HIS D 407 -21.70 21.01 2.03
N ALA D 408 -21.31 20.89 3.30
CA ALA D 408 -22.06 21.56 4.37
C ALA D 408 -22.12 23.06 4.13
N MET D 409 -20.95 23.67 3.93
CA MET D 409 -20.93 25.10 3.67
C MET D 409 -21.68 25.47 2.40
N LYS D 410 -21.74 24.56 1.43
CA LYS D 410 -22.53 24.80 0.22
C LYS D 410 -24.02 24.83 0.53
N GLN D 411 -24.48 23.93 1.40
CA GLN D 411 -25.90 23.86 1.72
C GLN D 411 -26.38 25.16 2.36
N VAL D 412 -25.66 25.64 3.38
CA VAL D 412 -25.95 26.93 3.98
C VAL D 412 -25.39 28.00 3.06
N GLY D 413 -25.73 29.26 3.31
CA GLY D 413 -25.24 30.36 2.51
C GLY D 413 -24.42 31.39 3.25
N VAL D 414 -23.90 31.08 4.44
CA VAL D 414 -23.22 32.06 5.27
C VAL D 414 -21.95 31.45 5.84
N ILE D 415 -21.02 32.31 6.23
CA ILE D 415 -19.69 31.89 6.69
C ILE D 415 -19.69 31.65 8.19
N ASN D 416 -20.84 31.80 8.83
CA ASN D 416 -20.96 31.62 10.28
C ASN D 416 -22.13 30.72 10.64
N PRO D 417 -22.12 29.46 10.20
CA PRO D 417 -23.17 28.53 10.61
C PRO D 417 -22.86 27.90 11.96
N VAL D 418 -23.70 26.96 12.38
CA VAL D 418 -23.41 26.16 13.55
C VAL D 418 -23.32 24.71 13.11
N ILE D 419 -22.13 24.29 12.69
CA ILE D 419 -21.98 22.94 12.16
C ILE D 419 -22.04 21.94 13.31
N LEU D 420 -22.74 20.83 13.10
CA LEU D 420 -22.88 19.81 14.11
C LEU D 420 -22.34 18.50 13.54
N LEU D 421 -21.13 18.13 13.97
CA LEU D 421 -20.43 16.95 13.45
C LEU D 421 -21.00 15.69 14.10
N ASP D 422 -22.23 15.38 13.73
CA ASP D 422 -22.94 14.28 14.38
C ASP D 422 -22.23 12.96 14.14
N GLU D 423 -22.39 12.04 15.09
CA GLU D 423 -21.88 10.68 14.99
C GLU D 423 -20.38 10.64 14.72
N ILE D 424 -19.62 11.43 15.49
CA ILE D 424 -18.17 11.50 15.29
C ILE D 424 -17.43 10.27 15.81
N ASP D 425 -18.08 9.45 16.62
CA ASP D 425 -17.43 8.25 17.12
C ASP D 425 -17.31 7.15 16.06
N LYS D 426 -18.31 7.01 15.18
CA LYS D 426 -18.21 6.05 14.08
C LYS D 426 -17.17 6.42 13.04
N MET D 427 -16.60 7.62 13.10
CA MET D 427 -15.47 7.95 12.24
C MET D 427 -14.35 6.98 12.49
N SER D 428 -14.07 6.11 11.51
CA SER D 428 -13.13 5.01 11.69
C SER D 428 -12.10 5.06 10.58
N SER D 429 -11.21 4.06 10.56
CA SER D 429 -10.19 3.96 9.53
C SER D 429 -9.86 2.47 9.34
N ASP D 430 -10.48 1.85 8.34
CA ASP D 430 -10.13 0.50 7.93
C ASP D 430 -9.32 0.49 6.63
N TRP D 431 -8.97 1.67 6.11
CA TRP D 431 -8.38 1.79 4.79
C TRP D 431 -7.17 2.71 4.88
N ARG D 432 -6.33 2.67 3.83
CA ARG D 432 -5.16 3.54 3.74
C ARG D 432 -5.55 5.01 3.88
N GLY D 433 -5.11 5.63 4.97
CA GLY D 433 -5.50 7.00 5.25
C GLY D 433 -6.35 7.09 6.51
N ASP D 434 -5.90 7.85 7.49
CA ASP D 434 -6.61 8.00 8.76
C ASP D 434 -7.34 9.34 8.73
N PRO D 435 -8.68 9.35 8.77
CA PRO D 435 -9.42 10.62 8.74
C PRO D 435 -9.30 11.46 9.99
N ALA D 436 -8.62 10.96 11.03
CA ALA D 436 -8.47 11.72 12.26
C ALA D 436 -7.72 13.02 12.03
N SER D 437 -6.67 12.98 11.22
CA SER D 437 -5.83 14.14 10.99
C SER D 437 -6.58 15.29 10.33
N ALA D 438 -7.38 15.01 9.30
CA ALA D 438 -8.12 16.07 8.63
C ALA D 438 -9.11 16.74 9.57
N MET D 439 -9.84 15.94 10.34
CA MET D 439 -10.81 16.51 11.26
C MET D 439 -10.11 17.25 12.40
N LEU D 440 -8.92 16.80 12.77
CA LEU D 440 -8.09 17.55 13.71
C LEU D 440 -7.69 18.90 13.14
N GLU D 441 -7.34 18.94 11.86
CA GLU D 441 -7.04 20.22 11.22
C GLU D 441 -8.26 21.13 11.25
N VAL D 442 -9.45 20.57 11.06
CA VAL D 442 -10.67 21.35 11.22
C VAL D 442 -10.79 21.87 12.64
N LEU D 443 -10.52 21.02 13.62
CA LEU D 443 -10.69 21.30 15.05
C LEU D 443 -10.15 22.66 15.49
N ASP D 444 -8.83 22.79 15.46
CA ASP D 444 -8.13 23.87 16.14
C ASP D 444 -8.23 25.16 15.35
N PRO D 445 -8.58 26.28 15.97
CA PRO D 445 -8.90 27.49 15.21
C PRO D 445 -7.71 28.16 14.52
N GLU D 446 -6.55 27.51 14.47
CA GLU D 446 -5.38 28.17 13.89
C GLU D 446 -4.72 27.42 12.73
N GLN D 447 -5.14 26.19 12.43
CA GLN D 447 -4.77 25.57 11.17
C GLN D 447 -5.97 25.32 10.26
N ASN D 448 -7.18 25.48 10.80
CA ASN D 448 -8.37 25.55 9.96
C ASN D 448 -8.64 26.98 9.48
N ASN D 449 -7.83 27.95 9.92
CA ASN D 449 -7.99 29.31 9.46
C ASN D 449 -7.76 29.45 7.96
N THR D 450 -7.06 28.49 7.35
CA THR D 450 -6.88 28.43 5.90
C THR D 450 -7.11 27.00 5.43
N PHE D 451 -8.21 26.41 5.90
CA PHE D 451 -8.51 25.02 5.56
C PHE D 451 -8.63 24.86 4.05
N THR D 452 -8.04 23.77 3.55
CA THR D 452 -8.03 23.50 2.12
C THR D 452 -8.18 22.00 1.91
N ASP D 453 -9.06 21.61 0.99
CA ASP D 453 -9.28 20.21 0.70
C ASP D 453 -8.24 19.69 -0.29
N HIS D 454 -8.33 18.41 -0.62
CA HIS D 454 -7.62 17.86 -1.77
C HIS D 454 -8.40 18.06 -3.06
N TYR D 455 -9.65 18.51 -2.97
CA TYR D 455 -10.42 18.94 -4.13
C TYR D 455 -10.24 20.43 -4.39
N LEU D 456 -10.60 21.26 -3.43
CA LEU D 456 -10.35 22.68 -3.55
C LEU D 456 -8.87 22.98 -3.32
N ASP D 457 -8.37 23.96 -4.04
CA ASP D 457 -7.05 24.52 -3.78
C ASP D 457 -7.11 25.82 -2.98
N VAL D 458 -8.25 26.48 -2.98
CA VAL D 458 -8.40 27.78 -2.30
C VAL D 458 -8.33 27.57 -0.79
N PRO D 459 -7.61 28.41 -0.05
CA PRO D 459 -7.68 28.34 1.41
C PRO D 459 -9.01 28.87 1.93
N TYR D 460 -9.79 28.03 2.59
CA TYR D 460 -11.07 28.41 3.16
C TYR D 460 -10.96 28.50 4.68
N ASP D 461 -11.53 29.56 5.24
CA ASP D 461 -11.40 29.84 6.66
C ASP D 461 -12.63 29.33 7.41
N LEU D 462 -12.40 28.58 8.48
CA LEU D 462 -13.44 28.12 9.38
C LEU D 462 -13.31 28.78 10.74
N SER D 463 -12.73 29.98 10.78
CA SER D 463 -12.57 30.69 12.04
C SER D 463 -13.91 31.14 12.59
N LYS D 464 -14.72 31.78 11.76
CA LYS D 464 -16.02 32.27 12.20
C LYS D 464 -17.01 31.14 12.43
N VAL D 465 -16.81 29.99 11.80
CA VAL D 465 -17.81 28.92 11.83
C VAL D 465 -17.86 28.33 13.22
N PHE D 466 -18.93 28.62 13.95
CA PHE D 466 -19.22 27.94 15.20
C PHE D 466 -19.23 26.43 14.97
N PHE D 467 -18.80 25.67 15.96
CA PHE D 467 -18.82 24.23 15.87
C PHE D 467 -19.40 23.61 17.12
N ILE D 468 -20.22 22.59 16.92
CA ILE D 468 -20.67 21.69 17.98
C ILE D 468 -20.07 20.35 17.60
N THR D 469 -20.25 19.33 18.42
CA THR D 469 -19.80 18.00 18.04
C THR D 469 -20.56 16.94 18.81
N THR D 470 -21.48 16.26 18.14
CA THR D 470 -22.20 15.16 18.74
C THR D 470 -21.32 13.92 18.76
N ALA D 471 -21.70 12.97 19.60
CA ALA D 471 -21.02 11.68 19.68
C ALA D 471 -21.95 10.73 20.41
N ASN D 472 -21.43 9.57 20.80
CA ASN D 472 -22.08 8.71 21.77
C ASN D 472 -21.21 8.36 22.95
N THR D 473 -19.92 8.11 22.73
CA THR D 473 -18.93 8.01 23.80
C THR D 473 -17.63 8.58 23.28
N LEU D 474 -16.78 9.01 24.21
CA LEU D 474 -15.47 9.55 23.84
C LEU D 474 -14.44 8.45 23.64
N GLN D 475 -14.78 7.20 23.95
CA GLN D 475 -13.82 6.11 23.96
C GLN D 475 -13.41 5.67 22.57
N THR D 476 -13.92 6.31 21.51
CA THR D 476 -13.46 6.01 20.16
C THR D 476 -13.07 7.27 19.39
N ILE D 477 -13.27 8.46 19.94
CA ILE D 477 -12.78 9.69 19.35
C ILE D 477 -11.26 9.65 19.42
N PRO D 478 -10.54 10.02 18.36
CA PRO D 478 -9.08 10.04 18.43
C PRO D 478 -8.60 10.96 19.54
N ARG D 479 -7.59 10.50 20.28
CA ARG D 479 -7.09 11.19 21.46
C ARG D 479 -6.66 12.63 21.17
N PRO D 480 -5.97 12.92 20.05
CA PRO D 480 -5.69 14.34 19.76
C PRO D 480 -6.94 15.19 19.65
N LEU D 481 -8.03 14.65 19.09
CA LEU D 481 -9.30 15.37 19.07
C LEU D 481 -9.84 15.55 20.49
N LEU D 482 -9.82 14.48 21.28
CA LEU D 482 -10.35 14.53 22.63
C LEU D 482 -9.58 15.51 23.52
N ASP D 483 -8.35 15.84 23.16
CA ASP D 483 -7.62 16.89 23.83
C ASP D 483 -8.07 18.25 23.33
N ARG D 484 -8.11 19.22 24.23
CA ARG D 484 -8.62 20.56 23.95
C ARG D 484 -10.09 20.48 23.49
N MET D 485 -10.91 19.99 24.42
CA MET D 485 -12.36 19.93 24.22
C MET D 485 -13.07 20.30 25.52
N GLU D 486 -14.37 20.55 25.40
CA GLU D 486 -15.22 20.85 26.53
C GLU D 486 -16.39 19.88 26.48
N VAL D 487 -16.22 18.71 27.11
CA VAL D 487 -17.27 17.70 27.13
C VAL D 487 -18.48 18.24 27.88
N ILE D 488 -19.66 18.07 27.30
CA ILE D 488 -20.91 18.38 27.96
C ILE D 488 -21.79 17.14 27.84
N GLU D 489 -21.78 16.31 28.87
CA GLU D 489 -22.55 15.08 28.87
C GLU D 489 -24.04 15.41 28.83
N ILE D 490 -24.76 14.80 27.90
CA ILE D 490 -26.21 14.91 27.84
C ILE D 490 -26.79 13.50 27.90
N PRO D 491 -26.98 12.93 29.07
CA PRO D 491 -27.61 11.63 29.16
C PRO D 491 -29.11 11.73 28.90
N GLY D 492 -29.84 10.64 29.09
CA GLY D 492 -31.23 10.56 28.71
C GLY D 492 -32.14 11.43 29.57
N TYR D 493 -33.38 10.97 29.68
CA TYR D 493 -34.42 11.68 30.40
C TYR D 493 -35.12 10.71 31.36
N THR D 494 -35.66 11.24 32.45
CA THR D 494 -36.50 10.43 33.32
C THR D 494 -37.89 10.30 32.72
N ASN D 495 -38.76 9.54 33.40
CA ASN D 495 -40.11 9.36 32.90
C ASN D 495 -40.88 10.67 32.89
N MET D 496 -40.83 11.43 33.98
CA MET D 496 -41.54 12.70 34.03
C MET D 496 -41.00 13.70 33.02
N GLU D 497 -39.69 13.74 32.79
CA GLU D 497 -39.14 14.61 31.76
C GLU D 497 -39.71 14.25 30.40
N LYS D 498 -39.79 12.95 30.09
CA LYS D 498 -40.36 12.54 28.82
C LYS D 498 -41.85 12.87 28.74
N GLN D 499 -42.57 12.75 29.86
CA GLN D 499 -43.97 13.16 29.90
C GLN D 499 -44.14 14.62 29.55
N ALA D 500 -43.35 15.49 30.18
CA ALA D 500 -43.43 16.92 29.90
C ALA D 500 -43.00 17.27 28.47
N ILE D 501 -41.94 16.64 27.97
CA ILE D 501 -41.54 16.84 26.58
C ILE D 501 -42.67 16.45 25.64
N ALA D 502 -43.30 15.31 25.90
CA ALA D 502 -44.39 14.85 25.04
C ALA D 502 -45.56 15.83 25.08
N ARG D 503 -46.04 16.16 26.28
CA ARG D 503 -47.21 17.02 26.38
C ARG D 503 -46.96 18.40 25.80
N GLN D 504 -45.75 18.94 25.95
CA GLN D 504 -45.54 20.32 25.54
C GLN D 504 -44.91 20.44 24.16
N TYR D 505 -44.06 19.50 23.76
CA TYR D 505 -43.26 19.67 22.55
C TYR D 505 -43.35 18.53 21.55
N LEU D 506 -43.69 17.31 21.96
CA LEU D 506 -43.70 16.18 21.05
C LEU D 506 -45.09 15.87 20.51
N TRP D 507 -46.03 15.60 21.38
CA TRP D 507 -47.40 15.29 21.00
C TRP D 507 -48.03 16.45 20.22
N PRO D 508 -47.85 17.72 20.61
CA PRO D 508 -48.36 18.81 19.78
C PRO D 508 -47.63 18.99 18.46
N LYS D 509 -46.54 18.28 18.23
CA LYS D 509 -45.93 18.20 16.92
C LYS D 509 -46.50 17.05 16.09
N GLN D 510 -46.68 15.88 16.71
CA GLN D 510 -47.23 14.74 15.99
C GLN D 510 -48.67 14.97 15.59
N VAL D 511 -49.48 15.55 16.48
CA VAL D 511 -50.90 15.73 16.17
C VAL D 511 -51.05 16.93 15.25
N ARG D 512 -49.94 17.56 14.90
CA ARG D 512 -49.91 18.56 13.84
C ARG D 512 -49.29 18.02 12.57
N GLU D 513 -48.54 16.92 12.65
CA GLU D 513 -48.07 16.24 11.45
C GLU D 513 -49.23 15.68 10.65
N SER D 514 -50.23 15.12 11.34
CA SER D 514 -51.35 14.43 10.70
C SER D 514 -52.62 15.27 10.69
N GLY D 515 -52.51 16.59 10.86
CA GLY D 515 -53.67 17.45 10.78
C GLY D 515 -54.75 17.17 11.81
N MET D 516 -54.35 16.89 13.05
CA MET D 516 -55.30 16.67 14.15
C MET D 516 -55.51 17.91 14.99
N GLU D 517 -55.49 19.09 14.37
CA GLU D 517 -55.67 20.34 15.10
C GLU D 517 -57.05 20.38 15.74
N GLY D 518 -57.09 20.36 17.07
CA GLY D 518 -58.33 20.43 17.79
C GLY D 518 -59.26 19.26 17.53
N ARG D 519 -58.69 18.06 17.40
CA ARG D 519 -59.49 16.86 17.20
C ARG D 519 -59.18 15.72 18.17
N ILE D 520 -57.92 15.52 18.55
CA ILE D 520 -57.51 14.40 19.40
C ILE D 520 -56.86 14.98 20.66
N GLU D 521 -57.29 14.50 21.82
CA GLU D 521 -56.63 14.84 23.07
C GLU D 521 -56.15 13.58 23.76
N VAL D 522 -55.05 13.72 24.50
CA VAL D 522 -54.42 12.60 25.20
C VAL D 522 -54.11 13.04 26.61
N THR D 523 -54.41 12.15 27.57
CA THR D 523 -54.21 12.40 28.98
C THR D 523 -52.79 12.00 29.39
N ASP D 524 -52.44 12.30 30.64
CA ASP D 524 -51.11 11.98 31.16
C ASP D 524 -50.88 10.47 31.19
N ALA D 525 -51.89 9.72 31.60
CA ALA D 525 -51.77 8.27 31.71
C ALA D 525 -51.46 7.61 30.38
N ALA D 526 -52.05 8.09 29.27
CA ALA D 526 -51.77 7.50 27.97
C ALA D 526 -50.34 7.75 27.54
N ILE D 527 -49.83 8.96 27.75
CA ILE D 527 -48.44 9.24 27.42
C ILE D 527 -47.51 8.38 28.27
N LEU D 528 -47.83 8.22 29.56
CA LEU D 528 -47.02 7.33 30.39
C LEU D 528 -47.08 5.88 29.92
N ARG D 529 -48.24 5.43 29.43
CA ARG D 529 -48.32 4.09 28.87
C ARG D 529 -47.45 3.97 27.64
N VAL D 530 -47.46 4.99 26.77
CA VAL D 530 -46.60 4.96 25.59
C VAL D 530 -45.13 4.97 25.99
N ILE D 531 -44.80 5.66 27.09
CA ILE D 531 -43.41 5.76 27.53
C ILE D 531 -42.93 4.43 28.08
N SER D 532 -43.68 3.85 29.01
CA SER D 532 -43.20 2.71 29.77
C SER D 532 -43.66 1.36 29.21
N GLU D 533 -44.46 1.35 28.15
CA GLU D 533 -44.98 0.09 27.63
C GLU D 533 -44.70 -0.13 26.15
N TYR D 534 -44.22 0.89 25.43
CA TYR D 534 -44.02 0.72 24.00
C TYR D 534 -42.66 1.17 23.49
N THR D 535 -41.81 1.78 24.31
CA THR D 535 -40.46 2.10 23.90
C THR D 535 -39.56 2.16 25.12
N ARG D 536 -38.33 1.68 24.95
CA ARG D 536 -37.33 1.67 26.02
C ARG D 536 -36.00 2.11 25.42
N GLU D 537 -35.73 3.42 25.47
CA GLU D 537 -34.44 3.95 25.06
C GLU D 537 -34.18 5.21 25.86
N ALA D 538 -32.90 5.57 25.96
CA ALA D 538 -32.50 6.69 26.80
C ALA D 538 -33.03 8.01 26.28
N GLY D 539 -33.11 8.19 24.97
CA GLY D 539 -33.62 9.42 24.39
C GLY D 539 -35.13 9.44 24.30
N VAL D 540 -35.64 10.38 23.51
CA VAL D 540 -37.06 10.47 23.27
C VAL D 540 -37.33 10.32 21.79
N ARG D 541 -36.39 9.71 21.05
CA ARG D 541 -36.62 9.46 19.64
C ARG D 541 -37.76 8.47 19.43
N GLY D 542 -37.81 7.43 20.26
CA GLY D 542 -38.87 6.44 20.12
C GLY D 542 -40.25 7.00 20.33
N LEU D 543 -40.42 7.87 21.33
CA LEU D 543 -41.73 8.48 21.56
C LEU D 543 -42.19 9.32 20.38
N GLU D 544 -41.26 9.91 19.63
CA GLU D 544 -41.66 10.66 18.45
C GLU D 544 -42.42 9.77 17.47
N ARG D 545 -41.83 8.62 17.12
CA ARG D 545 -42.49 7.72 16.18
C ARG D 545 -43.70 7.04 16.78
N GLU D 546 -43.68 6.75 18.08
CA GLU D 546 -44.86 6.15 18.70
C GLU D 546 -46.05 7.10 18.67
N LEU D 547 -45.86 8.35 19.06
CA LEU D 547 -46.93 9.32 18.97
C LEU D 547 -47.29 9.62 17.52
N GLY D 548 -46.35 9.50 16.60
CA GLY D 548 -46.70 9.61 15.19
C GLY D 548 -47.64 8.51 14.74
N LYS D 549 -47.36 7.28 15.15
CA LYS D 549 -48.25 6.17 14.81
C LYS D 549 -49.61 6.33 15.46
N ILE D 550 -49.65 6.83 16.70
CA ILE D 550 -50.93 7.13 17.33
C ILE D 550 -51.69 8.17 16.51
N ALA D 551 -50.99 9.20 16.03
CA ALA D 551 -51.63 10.22 15.20
C ALA D 551 -52.16 9.63 13.90
N ARG D 552 -51.39 8.76 13.26
CA ARG D 552 -51.84 8.18 11.99
C ARG D 552 -53.04 7.27 12.18
N LYS D 553 -53.02 6.43 13.23
CA LYS D 553 -54.19 5.61 13.51
C LYS D 553 -55.40 6.46 13.87
N GLY D 554 -55.18 7.56 14.60
CA GLY D 554 -56.29 8.46 14.90
C GLY D 554 -56.87 9.09 13.65
N ALA D 555 -56.00 9.49 12.72
CA ALA D 555 -56.48 10.02 11.45
C ALA D 555 -57.25 8.96 10.66
N LYS D 556 -56.77 7.72 10.67
CA LYS D 556 -57.50 6.63 10.01
C LYS D 556 -58.89 6.48 10.60
N PHE D 557 -58.96 6.24 11.92
CA PHE D 557 -60.24 6.04 12.58
C PHE D 557 -61.16 7.24 12.44
N TRP D 558 -60.61 8.46 12.35
CA TRP D 558 -61.43 9.64 12.14
C TRP D 558 -61.94 9.72 10.72
N LEU D 559 -61.13 9.27 9.75
CA LEU D 559 -61.49 9.40 8.35
C LEU D 559 -62.64 8.46 7.96
N GLU D 560 -62.80 7.35 8.68
CA GLU D 560 -63.96 6.47 8.50
C GLU D 560 -65.14 6.87 9.36
N GLY D 561 -65.22 8.14 9.74
CA GLY D 561 -66.32 8.66 10.53
C GLY D 561 -65.85 9.55 11.66
N ALA D 562 -66.30 10.80 11.67
CA ALA D 562 -65.95 11.77 12.70
C ALA D 562 -67.02 11.84 13.78
N TRP D 563 -67.31 10.71 14.43
CA TRP D 563 -68.43 10.66 15.38
C TRP D 563 -68.18 11.58 16.58
N GLU D 564 -66.96 11.57 17.11
CA GLU D 564 -66.71 12.28 18.35
C GLU D 564 -66.08 13.64 18.07
N GLY D 565 -66.55 14.65 18.80
CA GLY D 565 -66.06 16.00 18.64
C GLY D 565 -64.61 16.16 19.05
N LEU D 566 -64.25 15.60 20.21
CA LEU D 566 -62.88 15.60 20.70
C LEU D 566 -62.61 14.24 21.33
N ARG D 567 -61.80 13.43 20.66
CA ARG D 567 -61.56 12.05 21.08
C ARG D 567 -60.48 12.04 22.15
N THR D 568 -60.83 11.56 23.35
CA THR D 568 -59.89 11.43 24.44
C THR D 568 -59.25 10.06 24.40
N ILE D 569 -57.94 10.01 24.28
CA ILE D 569 -57.19 8.76 24.24
C ILE D 569 -56.54 8.57 25.61
N ASP D 570 -57.07 7.65 26.41
CA ASP D 570 -56.54 7.39 27.73
C ASP D 570 -55.59 6.20 27.69
N ALA D 571 -55.20 5.70 28.86
CA ALA D 571 -54.32 4.54 28.96
C ALA D 571 -55.05 3.24 28.66
N SER D 572 -56.28 3.29 28.16
CA SER D 572 -57.06 2.11 27.83
C SER D 572 -57.14 1.84 26.34
N ASP D 573 -57.35 2.87 25.53
CA ASP D 573 -57.50 2.71 24.09
C ASP D 573 -56.18 2.86 23.35
N ILE D 574 -55.07 3.05 24.06
CA ILE D 574 -53.75 3.08 23.40
C ILE D 574 -53.50 1.84 22.55
N PRO D 575 -53.70 0.61 23.03
CA PRO D 575 -53.41 -0.55 22.19
C PRO D 575 -54.17 -0.57 20.88
N THR D 576 -55.39 -0.02 20.84
CA THR D 576 -56.14 0.02 19.60
C THR D 576 -55.37 0.71 18.49
N TYR D 577 -54.52 1.67 18.84
CA TYR D 577 -53.68 2.34 17.86
C TYR D 577 -52.28 1.75 17.75
N LEU D 578 -51.88 0.90 18.70
CA LEU D 578 -50.51 0.41 18.70
C LEU D 578 -50.42 -1.11 18.75
N GLY D 579 -51.31 -1.75 19.51
CA GLY D 579 -51.31 -3.20 19.57
C GLY D 579 -50.93 -3.80 20.91
N ILE D 580 -49.77 -4.41 20.98
CA ILE D 580 -49.34 -5.17 22.16
C ILE D 580 -48.21 -4.40 22.83
N PRO D 581 -48.28 -4.18 24.15
CA PRO D 581 -47.14 -3.58 24.85
C PRO D 581 -45.89 -4.43 24.71
N ARG D 582 -44.87 -3.88 24.05
CA ARG D 582 -43.65 -4.65 23.82
C ARG D 582 -42.85 -4.83 25.11
N TYR D 583 -43.08 -3.99 26.11
CA TYR D 583 -42.31 -4.02 27.34
C TYR D 583 -43.26 -3.98 28.54
N ARG D 584 -42.77 -4.48 29.66
CA ARG D 584 -43.57 -4.49 30.87
C ARG D 584 -43.88 -3.06 31.31
N PRO D 585 -45.11 -2.79 31.77
CA PRO D 585 -45.44 -1.43 32.22
C PRO D 585 -44.54 -0.97 33.35
N ASP D 586 -44.49 -1.76 34.42
CA ASP D 586 -43.57 -1.53 35.52
C ASP D 586 -42.71 -2.77 35.72
N LYS D 587 -41.42 -2.55 35.93
CA LYS D 587 -40.49 -3.64 36.15
C LYS D 587 -40.66 -4.30 37.50
N ALA D 588 -41.55 -3.78 38.35
CA ALA D 588 -41.82 -4.36 39.66
C ALA D 588 -42.83 -5.49 39.61
N GLU D 589 -43.03 -6.12 38.45
CA GLU D 589 -44.08 -7.12 38.29
C GLU D 589 -43.60 -8.45 37.74
N THR D 590 -42.30 -8.65 37.53
CA THR D 590 -41.85 -9.84 36.80
C THR D 590 -41.78 -11.08 37.70
N GLU D 591 -40.74 -11.15 38.57
CA GLU D 591 -40.49 -12.18 39.60
C GLU D 591 -39.15 -11.91 40.29
N PRO D 592 -38.93 -12.43 41.49
CA PRO D 592 -37.56 -12.55 42.00
C PRO D 592 -36.92 -13.84 41.49
N GLN D 593 -35.72 -13.73 40.94
CA GLN D 593 -35.06 -14.86 40.32
C GLN D 593 -33.84 -15.29 41.12
N VAL D 594 -33.41 -16.54 40.87
CA VAL D 594 -32.36 -17.14 41.69
C VAL D 594 -31.00 -16.54 41.36
N GLY D 595 -30.60 -16.56 40.09
CA GLY D 595 -29.27 -16.10 39.73
C GLY D 595 -29.26 -14.82 38.92
N THR D 596 -30.17 -13.90 39.25
CA THR D 596 -30.34 -12.68 38.47
C THR D 596 -29.97 -11.46 39.33
N ALA D 597 -29.15 -10.58 38.77
CA ALA D 597 -28.83 -9.30 39.40
C ALA D 597 -28.95 -8.23 38.35
N GLN D 598 -29.93 -7.34 38.51
CA GLN D 598 -30.15 -6.28 37.53
C GLN D 598 -29.06 -5.23 37.69
N GLY D 599 -28.03 -5.31 36.85
CA GLY D 599 -26.94 -4.35 36.89
C GLY D 599 -27.37 -3.01 36.33
N LEU D 600 -26.39 -2.11 36.23
CA LEU D 600 -26.58 -0.81 35.59
C LEU D 600 -25.36 -0.49 34.76
N ALA D 601 -25.59 0.13 33.61
CA ALA D 601 -24.51 0.47 32.71
C ALA D 601 -24.96 1.59 31.80
N TRP D 602 -24.02 2.14 31.04
CA TRP D 602 -24.32 3.20 30.09
C TRP D 602 -23.74 2.79 28.74
N THR D 603 -24.52 2.03 27.98
CA THR D 603 -24.14 1.70 26.62
C THR D 603 -24.30 2.93 25.75
N PRO D 604 -23.36 3.24 24.87
CA PRO D 604 -23.46 4.45 24.05
C PRO D 604 -24.72 4.52 23.19
N VAL D 605 -25.55 3.49 23.20
CA VAL D 605 -26.80 3.49 22.47
C VAL D 605 -27.99 3.59 23.44
N GLY D 606 -27.75 4.10 24.64
CA GLY D 606 -28.81 4.19 25.63
C GLY D 606 -28.56 3.29 26.81
N GLY D 607 -28.87 3.78 28.01
CA GLY D 607 -28.66 2.99 29.20
C GLY D 607 -29.53 1.74 29.23
N THR D 608 -28.98 0.69 29.83
CA THR D 608 -29.67 -0.58 29.96
C THR D 608 -29.07 -1.35 31.12
N LEU D 609 -29.87 -2.24 31.69
CA LEU D 609 -29.45 -3.03 32.84
C LEU D 609 -28.85 -4.34 32.36
N LEU D 610 -27.58 -4.59 32.73
CA LEU D 610 -26.88 -5.82 32.39
C LEU D 610 -27.38 -6.92 33.32
N THR D 611 -28.23 -7.79 32.78
CA THR D 611 -28.72 -8.90 33.58
C THR D 611 -27.62 -9.95 33.69
N ILE D 612 -26.68 -9.73 34.62
CA ILE D 612 -25.59 -10.68 34.80
C ILE D 612 -26.15 -11.93 35.46
N GLU D 613 -25.94 -13.08 34.83
CA GLU D 613 -26.49 -14.34 35.31
C GLU D 613 -25.37 -15.30 35.66
N VAL D 614 -25.38 -15.80 36.89
CA VAL D 614 -24.34 -16.68 37.38
C VAL D 614 -24.99 -17.94 37.92
N ALA D 615 -24.45 -19.09 37.51
CA ALA D 615 -24.96 -20.38 37.93
C ALA D 615 -23.88 -21.15 38.67
N ALA D 616 -24.24 -21.72 39.81
CA ALA D 616 -23.32 -22.48 40.64
C ALA D 616 -23.58 -23.97 40.46
N VAL D 617 -22.53 -24.72 40.11
CA VAL D 617 -22.66 -26.16 39.92
C VAL D 617 -21.61 -26.88 40.76
N PRO D 618 -22.00 -27.88 41.55
CA PRO D 618 -21.00 -28.63 42.32
C PRO D 618 -20.01 -29.31 41.40
N GLY D 619 -18.75 -29.31 41.80
CA GLY D 619 -17.72 -29.90 40.98
C GLY D 619 -16.29 -29.66 41.45
N SER D 620 -15.41 -29.31 40.52
CA SER D 620 -14.00 -29.14 40.84
C SER D 620 -13.76 -27.95 41.77
N GLY D 621 -14.36 -26.82 41.47
CA GLY D 621 -14.13 -25.61 42.21
C GLY D 621 -13.20 -24.69 41.45
N LYS D 622 -13.78 -23.73 40.73
CA LYS D 622 -13.05 -22.79 39.88
C LYS D 622 -14.08 -21.82 39.32
N LEU D 623 -13.59 -20.89 38.50
CA LEU D 623 -14.44 -19.87 37.91
C LEU D 623 -14.54 -20.09 36.41
N SER D 624 -15.71 -20.54 35.95
CA SER D 624 -15.99 -20.59 34.53
C SER D 624 -16.39 -19.20 34.05
N LEU D 625 -15.78 -18.75 32.96
CA LEU D 625 -15.79 -17.34 32.60
C LEU D 625 -16.39 -17.20 31.19
N THR D 626 -17.72 -17.10 31.13
CA THR D 626 -18.41 -17.03 29.86
C THR D 626 -18.83 -15.58 29.58
N GLY D 627 -19.54 -15.38 28.47
CA GLY D 627 -20.13 -14.09 28.18
C GLY D 627 -19.17 -12.97 27.87
N GLN D 628 -17.96 -13.28 27.40
CA GLN D 628 -16.96 -12.29 27.01
C GLN D 628 -16.65 -11.33 28.16
N LEU D 629 -16.10 -11.91 29.22
CA LEU D 629 -15.61 -11.09 30.30
C LEU D 629 -14.31 -10.38 29.90
N GLY D 630 -14.00 -9.30 30.60
CA GLY D 630 -12.70 -8.69 30.56
C GLY D 630 -11.86 -9.15 31.73
N GLU D 631 -10.67 -8.56 31.84
CA GLU D 631 -9.83 -8.83 33.00
C GLU D 631 -10.49 -8.30 34.27
N VAL D 632 -10.95 -7.05 34.24
CA VAL D 632 -11.52 -6.40 35.41
C VAL D 632 -12.78 -7.11 35.86
N MET D 633 -13.55 -7.66 34.92
CA MET D 633 -14.77 -8.36 35.28
C MET D 633 -14.45 -9.62 36.10
N LYS D 634 -13.44 -10.37 35.66
CA LYS D 634 -12.99 -11.52 36.44
C LYS D 634 -12.45 -11.10 37.80
N GLU D 635 -11.69 -10.00 37.85
CA GLU D 635 -11.18 -9.53 39.13
C GLU D 635 -12.31 -9.15 40.07
N SER D 636 -13.37 -8.55 39.54
CA SER D 636 -14.53 -8.22 40.36
C SER D 636 -15.21 -9.48 40.90
N ALA D 637 -15.35 -10.50 40.05
CA ALA D 637 -15.90 -11.77 40.52
C ALA D 637 -15.04 -12.35 41.63
N GLN D 638 -13.73 -12.31 41.45
CA GLN D 638 -12.80 -12.80 42.46
C GLN D 638 -12.94 -12.01 43.76
N ALA D 639 -13.08 -10.69 43.65
CA ALA D 639 -13.25 -9.86 44.84
C ALA D 639 -14.54 -10.20 45.58
N ALA D 640 -15.63 -10.41 44.83
CA ALA D 640 -16.88 -10.80 45.47
C ALA D 640 -16.75 -12.13 46.18
N LEU D 641 -16.10 -13.11 45.54
CA LEU D 641 -15.88 -14.39 46.22
C LEU D 641 -14.99 -14.22 47.46
N THR D 642 -13.96 -13.38 47.36
CA THR D 642 -13.06 -13.20 48.50
C THR D 642 -13.80 -12.60 49.69
N TYR D 643 -14.65 -11.61 49.45
CA TYR D 643 -15.44 -11.09 50.57
C TYR D 643 -16.41 -12.14 51.09
N LEU D 644 -17.08 -12.86 50.19
CA LEU D 644 -18.05 -13.85 50.63
C LEU D 644 -17.37 -14.97 51.41
N ARG D 645 -16.06 -15.19 51.20
CA ARG D 645 -15.33 -16.19 51.96
C ARG D 645 -15.03 -15.74 53.38
N ALA D 646 -14.91 -14.42 53.60
CA ALA D 646 -14.69 -13.92 54.95
C ALA D 646 -15.90 -14.20 55.83
N HIS D 647 -17.10 -14.04 55.29
CA HIS D 647 -18.35 -14.32 56.01
C HIS D 647 -19.18 -15.27 55.16
N THR D 648 -19.19 -16.54 55.54
CA THR D 648 -19.97 -17.57 54.85
C THR D 648 -21.13 -18.11 55.66
N GLN D 649 -20.96 -18.33 56.96
CA GLN D 649 -22.03 -18.90 57.77
C GLN D 649 -23.17 -17.92 57.98
N ASP D 650 -22.97 -16.64 57.67
CA ASP D 650 -24.01 -15.63 57.78
C ASP D 650 -24.80 -15.50 56.48
N TYR D 651 -24.50 -16.33 55.48
CA TYR D 651 -25.24 -16.38 54.23
C TYR D 651 -25.74 -17.78 53.92
N GLY D 652 -25.66 -18.69 54.90
CA GLY D 652 -26.11 -20.05 54.73
C GLY D 652 -25.20 -20.94 53.92
N LEU D 653 -24.10 -20.40 53.38
CA LEU D 653 -23.22 -21.20 52.54
C LEU D 653 -22.41 -22.18 53.37
N PRO D 654 -22.03 -23.31 52.79
CA PRO D 654 -21.02 -24.16 53.43
C PRO D 654 -19.62 -23.58 53.22
N GLU D 655 -18.79 -23.72 54.26
CA GLU D 655 -17.48 -23.08 54.24
C GLU D 655 -16.54 -23.64 53.19
N ASP D 656 -16.87 -24.77 52.57
CA ASP D 656 -16.03 -25.39 51.55
C ASP D 656 -16.56 -25.16 50.14
N PHE D 657 -17.37 -24.11 49.95
CA PHE D 657 -17.97 -23.87 48.64
C PHE D 657 -16.92 -23.55 47.58
N TYR D 658 -15.90 -22.78 47.92
CA TYR D 658 -14.86 -22.44 46.95
C TYR D 658 -14.08 -23.67 46.52
N ASN D 659 -13.97 -24.68 47.39
CA ASN D 659 -13.23 -25.88 47.06
C ASN D 659 -13.93 -26.78 46.05
N LYS D 660 -15.25 -26.64 45.89
CA LYS D 660 -15.99 -27.65 45.16
C LYS D 660 -17.07 -27.12 44.23
N VAL D 661 -17.21 -25.82 44.05
CA VAL D 661 -18.31 -25.26 43.26
C VAL D 661 -17.72 -24.45 42.11
N ASP D 662 -18.12 -24.78 40.89
CA ASP D 662 -17.78 -23.99 39.72
C ASP D 662 -18.88 -22.96 39.47
N LEU D 663 -18.46 -21.79 39.00
CA LEU D 663 -19.38 -20.68 38.75
C LEU D 663 -19.34 -20.34 37.27
N HIS D 664 -20.48 -20.44 36.60
CA HIS D 664 -20.62 -20.02 35.22
C HIS D 664 -21.19 -18.61 35.23
N VAL D 665 -20.45 -17.65 34.69
CA VAL D 665 -20.80 -16.24 34.76
C VAL D 665 -21.08 -15.76 33.34
N HIS D 666 -22.24 -15.14 33.13
CA HIS D 666 -22.63 -14.61 31.84
C HIS D 666 -22.94 -13.12 31.98
N VAL D 667 -22.19 -12.30 31.28
CA VAL D 667 -22.35 -10.85 31.25
C VAL D 667 -22.77 -10.46 29.83
N PRO D 668 -23.94 -9.85 29.65
CA PRO D 668 -24.37 -9.48 28.30
C PRO D 668 -23.55 -8.36 27.69
N ASP D 669 -23.96 -7.90 26.51
CA ASP D 669 -23.27 -6.84 25.77
C ASP D 669 -21.84 -7.25 25.39
N GLY D 670 -21.63 -8.55 25.19
CA GLY D 670 -20.31 -9.04 24.85
C GLY D 670 -19.28 -8.72 25.90
N ALA D 671 -18.34 -7.85 25.57
CA ALA D 671 -17.33 -7.39 26.52
C ALA D 671 -17.97 -6.40 27.48
N THR D 672 -17.17 -5.75 28.30
CA THR D 672 -17.69 -4.77 29.25
C THR D 672 -18.21 -3.55 28.48
N PRO D 673 -19.46 -3.13 28.73
CA PRO D 673 -20.01 -2.00 27.95
C PRO D 673 -19.45 -0.66 28.37
N LYS D 674 -19.17 -0.47 29.65
CA LYS D 674 -18.64 0.79 30.15
C LYS D 674 -17.14 0.91 29.97
N ASP D 675 -16.49 -0.11 29.41
CA ASP D 675 -15.04 -0.16 29.26
C ASP D 675 -14.37 0.05 30.63
N GLY D 676 -14.92 -0.66 31.61
CA GLY D 676 -14.45 -0.56 32.98
C GLY D 676 -15.44 -1.19 33.95
N PRO D 677 -14.94 -1.69 35.07
CA PRO D 677 -15.84 -2.31 36.06
C PRO D 677 -16.72 -1.26 36.71
N SER D 678 -18.03 -1.50 36.66
CA SER D 678 -18.99 -0.64 37.33
C SER D 678 -20.10 -1.43 37.97
N ALA D 679 -20.00 -2.76 38.01
CA ALA D 679 -21.03 -3.65 38.53
C ALA D 679 -20.44 -4.56 39.59
N GLY D 680 -19.70 -3.97 40.53
CA GLY D 680 -19.11 -4.74 41.60
C GLY D 680 -20.13 -5.40 42.49
N ILE D 681 -20.91 -4.60 43.21
CA ILE D 681 -21.95 -5.16 44.07
C ILE D 681 -23.01 -5.89 43.28
N THR D 682 -23.19 -5.56 41.99
CA THR D 682 -24.06 -6.35 41.13
C THR D 682 -23.60 -7.81 41.09
N MET D 683 -22.32 -8.03 40.79
CA MET D 683 -21.80 -9.38 40.80
C MET D 683 -21.73 -9.96 42.20
N ALA D 684 -21.51 -9.13 43.21
CA ALA D 684 -21.51 -9.62 44.59
C ALA D 684 -22.86 -10.26 44.92
N THR D 685 -23.95 -9.53 44.67
CA THR D 685 -25.27 -10.10 44.97
C THR D 685 -25.62 -11.24 44.04
N ALA D 686 -25.21 -11.16 42.77
CA ALA D 686 -25.47 -12.25 41.85
C ALA D 686 -24.84 -13.55 42.36
N ILE D 687 -23.55 -13.49 42.69
CA ILE D 687 -22.85 -14.67 43.19
C ILE D 687 -23.35 -15.11 44.55
N ALA D 688 -23.71 -14.17 45.43
CA ALA D 688 -24.26 -14.57 46.73
C ALA D 688 -25.58 -15.32 46.58
N SER D 689 -26.46 -14.83 45.72
CA SER D 689 -27.71 -15.54 45.47
C SER D 689 -27.45 -16.89 44.83
N ALA D 690 -26.57 -16.93 43.82
CA ALA D 690 -26.31 -18.19 43.12
C ALA D 690 -25.75 -19.24 44.06
N LEU D 691 -24.80 -18.86 44.91
CA LEU D 691 -24.23 -19.78 45.87
C LEU D 691 -25.24 -20.20 46.94
N SER D 692 -26.09 -19.27 47.38
CA SER D 692 -27.13 -19.57 48.34
C SER D 692 -28.39 -20.13 47.69
N ARG D 693 -28.53 -20.00 46.37
CA ARG D 693 -29.67 -20.54 45.62
C ARG D 693 -30.99 -20.02 46.20
N ARG D 694 -31.06 -18.71 46.39
CA ARG D 694 -32.27 -18.02 46.81
C ARG D 694 -32.59 -16.91 45.83
N PRO D 695 -33.87 -16.58 45.66
CA PRO D 695 -34.25 -15.56 44.69
C PRO D 695 -33.69 -14.20 45.07
N ALA D 696 -32.81 -13.67 44.22
CA ALA D 696 -32.38 -12.29 44.34
C ALA D 696 -33.55 -11.37 44.00
N ARG D 697 -33.46 -10.13 44.45
CA ARG D 697 -34.58 -9.20 44.32
C ARG D 697 -34.55 -8.51 42.97
N MET D 698 -35.68 -8.59 42.28
CA MET D 698 -36.02 -7.77 41.14
C MET D 698 -36.21 -6.32 41.60
N ASP D 699 -36.60 -5.46 40.67
CA ASP D 699 -37.08 -4.11 40.97
C ASP D 699 -36.02 -3.21 41.59
N ILE D 700 -34.84 -3.73 41.92
CA ILE D 700 -33.76 -2.90 42.46
C ILE D 700 -32.52 -3.09 41.61
N ALA D 701 -32.11 -2.05 40.90
CA ALA D 701 -30.84 -2.04 40.21
C ALA D 701 -29.74 -1.58 41.16
N MET D 702 -28.49 -1.86 40.79
CA MET D 702 -27.37 -1.47 41.64
C MET D 702 -26.13 -1.27 40.80
N THR D 703 -25.18 -0.56 41.38
CA THR D 703 -23.86 -0.35 40.78
C THR D 703 -22.90 0.05 41.90
N GLY D 704 -21.62 -0.19 41.67
CA GLY D 704 -20.63 0.16 42.67
C GLY D 704 -19.28 -0.41 42.30
N GLU D 705 -18.35 -0.32 43.26
CA GLU D 705 -17.11 -1.06 43.18
C GLU D 705 -16.93 -1.85 44.46
N VAL D 706 -16.47 -3.10 44.34
CA VAL D 706 -16.23 -3.93 45.50
C VAL D 706 -14.72 -4.08 45.70
N SER D 707 -14.31 -3.92 46.96
CA SER D 707 -12.92 -4.05 47.35
C SER D 707 -12.81 -5.13 48.41
N LEU D 708 -11.72 -5.89 48.34
CA LEU D 708 -11.61 -7.20 48.99
C LEU D 708 -11.88 -7.16 50.48
N ARG D 709 -11.60 -6.04 51.15
CA ARG D 709 -12.03 -5.89 52.53
C ARG D 709 -13.54 -5.78 52.65
N GLY D 710 -14.26 -5.77 51.53
CA GLY D 710 -15.70 -5.64 51.52
C GLY D 710 -16.12 -4.19 51.57
N LYS D 711 -15.53 -3.36 50.71
CA LYS D 711 -15.85 -1.95 50.73
C LYS D 711 -16.36 -1.51 49.37
N VAL D 712 -17.39 -0.67 49.36
CA VAL D 712 -18.00 -0.21 48.12
C VAL D 712 -17.33 1.09 47.71
N MET D 713 -16.29 0.98 46.89
CA MET D 713 -15.68 2.14 46.30
C MET D 713 -16.65 2.81 45.33
N PRO D 714 -16.58 4.14 45.22
CA PRO D 714 -17.58 4.88 44.45
C PRO D 714 -17.42 4.71 42.94
N ILE D 715 -18.48 5.07 42.23
CA ILE D 715 -18.55 4.98 40.79
C ILE D 715 -18.33 6.36 40.19
N GLY D 716 -18.09 6.39 38.88
CA GLY D 716 -17.97 7.63 38.15
C GLY D 716 -19.23 7.88 37.34
N GLY D 717 -19.66 9.14 37.33
CA GLY D 717 -20.86 9.51 36.61
C GLY D 717 -22.12 8.95 37.22
N VAL D 718 -22.47 9.42 38.42
CA VAL D 718 -23.68 8.96 39.08
C VAL D 718 -24.93 9.33 38.29
N LYS D 719 -24.87 10.40 37.50
CA LYS D 719 -26.03 10.79 36.71
C LYS D 719 -26.45 9.70 35.73
N GLU D 720 -25.49 9.09 35.04
CA GLU D 720 -25.80 8.01 34.11
C GLU D 720 -26.36 6.78 34.81
N LYS D 721 -25.80 6.41 35.97
CA LYS D 721 -26.31 5.26 36.71
C LYS D 721 -27.62 5.55 37.42
N LEU D 722 -28.03 6.82 37.51
CA LEU D 722 -29.36 7.17 37.99
C LEU D 722 -30.35 7.36 36.86
N LEU D 723 -29.89 7.58 35.64
CA LEU D 723 -30.80 7.64 34.50
C LEU D 723 -31.09 6.26 33.93
N ALA D 724 -30.05 5.49 33.66
CA ALA D 724 -30.19 4.17 33.06
C ALA D 724 -30.97 3.20 33.92
N ALA D 725 -31.43 3.65 35.09
CA ALA D 725 -32.42 2.90 35.85
C ALA D 725 -33.82 3.47 35.72
N HIS D 726 -33.95 4.77 35.44
CA HIS D 726 -35.25 5.30 35.09
C HIS D 726 -35.70 4.80 33.72
N GLN D 727 -34.80 4.82 32.73
CA GLN D 727 -35.17 4.31 31.42
C GLN D 727 -35.51 2.84 31.47
N ALA D 728 -34.74 2.05 32.21
CA ALA D 728 -35.05 0.64 32.38
C ALA D 728 -36.28 0.42 33.24
N GLY D 729 -36.82 1.45 33.88
CA GLY D 729 -37.99 1.29 34.70
C GLY D 729 -37.74 0.83 36.12
N ILE D 730 -36.48 0.79 36.55
CA ILE D 730 -36.15 0.41 37.92
C ILE D 730 -36.27 1.65 38.80
N HIS D 731 -37.05 1.56 39.87
CA HIS D 731 -37.35 2.72 40.70
C HIS D 731 -36.72 2.63 42.09
N LYS D 732 -35.77 1.73 42.30
CA LYS D 732 -35.00 1.67 43.55
C LYS D 732 -33.56 1.32 43.20
N ILE D 733 -32.66 2.26 43.41
CA ILE D 733 -31.27 2.11 43.00
C ILE D 733 -30.37 2.04 44.22
N VAL D 734 -29.26 1.34 44.09
CA VAL D 734 -28.26 1.21 45.14
C VAL D 734 -26.99 1.89 44.68
N LEU D 735 -26.45 2.77 45.51
CA LEU D 735 -25.29 3.60 45.18
C LEU D 735 -24.27 3.55 46.32
N PRO D 736 -23.01 3.83 46.02
CA PRO D 736 -22.00 3.90 47.07
C PRO D 736 -22.18 5.15 47.93
N LYS D 737 -21.87 5.00 49.21
CA LYS D 737 -21.99 6.13 50.13
C LYS D 737 -21.01 7.24 49.79
N ASP D 738 -19.88 6.90 49.17
CA ASP D 738 -18.88 7.89 48.80
C ASP D 738 -19.40 8.83 47.73
N ASN D 739 -20.61 8.58 47.23
CA ASN D 739 -21.27 9.46 46.28
C ASN D 739 -22.44 10.20 46.91
N GLU D 740 -22.44 10.35 48.24
CA GLU D 740 -23.49 11.12 48.88
C GLU D 740 -23.51 12.56 48.41
N ALA D 741 -22.34 13.19 48.29
CA ALA D 741 -22.24 14.55 47.79
C ALA D 741 -22.40 14.62 46.28
N GLN D 742 -22.34 13.48 45.59
CA GLN D 742 -22.66 13.41 44.18
C GLN D 742 -24.14 13.53 43.89
N LEU D 743 -24.98 13.53 44.93
CA LEU D 743 -26.41 13.73 44.79
C LEU D 743 -26.83 15.15 45.12
N GLU D 744 -25.87 16.07 45.24
CA GLU D 744 -26.18 17.46 45.58
C GLU D 744 -25.97 18.40 44.40
N GLU D 745 -25.70 17.87 43.20
CA GLU D 745 -25.65 18.67 42.00
C GLU D 745 -26.61 18.19 40.92
N LEU D 746 -27.17 16.98 41.06
CA LEU D 746 -28.10 16.47 40.08
C LEU D 746 -29.40 17.28 40.12
N PRO D 747 -30.04 17.47 38.97
CA PRO D 747 -31.34 18.15 38.96
C PRO D 747 -32.38 17.34 39.72
N LYS D 748 -33.39 18.07 40.22
CA LYS D 748 -34.42 17.41 41.02
C LYS D 748 -35.22 16.41 40.21
N GLU D 749 -35.34 16.60 38.90
CA GLU D 749 -36.11 15.67 38.08
C GLU D 749 -35.50 14.27 38.12
N VAL D 750 -34.17 14.18 38.08
CA VAL D 750 -33.50 12.88 38.08
C VAL D 750 -33.78 12.13 39.38
N LEU D 751 -33.86 12.85 40.50
CA LEU D 751 -34.07 12.21 41.79
C LEU D 751 -35.54 11.88 42.06
N GLU D 752 -36.45 12.23 41.15
CA GLU D 752 -37.86 12.00 41.38
C GLU D 752 -38.21 10.53 41.21
N GLY D 753 -38.93 9.97 42.18
CA GLY D 753 -39.41 8.60 42.11
C GLY D 753 -38.46 7.55 42.63
N LEU D 754 -37.26 7.93 43.05
CA LEU D 754 -36.23 6.97 43.45
C LEU D 754 -36.20 6.80 44.96
N GLU D 755 -36.00 5.55 45.39
CA GLU D 755 -35.67 5.22 46.77
C GLU D 755 -34.23 4.73 46.75
N ILE D 756 -33.29 5.67 46.82
CA ILE D 756 -31.87 5.36 46.67
C ILE D 756 -31.31 4.92 48.02
N LYS D 757 -30.65 3.78 48.03
CA LYS D 757 -29.98 3.25 49.22
C LYS D 757 -28.50 3.51 49.11
N LEU D 758 -28.07 4.64 49.67
CA LEU D 758 -26.63 4.95 49.74
C LEU D 758 -25.97 3.96 50.67
N VAL D 759 -25.00 3.22 50.15
CA VAL D 759 -24.40 2.11 50.86
C VAL D 759 -22.87 2.27 50.85
N GLU D 760 -22.22 1.64 51.83
CA GLU D 760 -20.78 1.61 51.87
C GLU D 760 -20.19 0.21 51.99
N ASP D 761 -20.89 -0.73 52.61
CA ASP D 761 -20.43 -2.10 52.69
C ASP D 761 -21.14 -2.97 51.66
N VAL D 762 -20.69 -4.22 51.54
CA VAL D 762 -21.37 -5.20 50.71
C VAL D 762 -22.10 -6.12 51.68
N GLY D 763 -22.26 -5.65 52.91
CA GLY D 763 -23.09 -6.33 53.89
C GLY D 763 -24.44 -5.67 54.01
N GLU D 764 -24.58 -4.51 53.38
CA GLU D 764 -25.83 -3.76 53.39
C GLU D 764 -26.47 -3.61 52.02
N VAL D 765 -25.74 -3.87 50.94
CA VAL D 765 -26.37 -4.14 49.65
C VAL D 765 -27.13 -5.45 49.69
N LEU D 766 -26.58 -6.46 50.36
CA LEU D 766 -27.21 -7.77 50.49
C LEU D 766 -28.31 -7.81 51.53
N GLU D 767 -28.48 -6.74 52.33
CA GLU D 767 -29.65 -6.64 53.18
C GLU D 767 -30.91 -6.52 52.35
N TYR D 768 -30.85 -5.78 51.25
CA TYR D 768 -32.03 -5.58 50.41
C TYR D 768 -32.35 -6.84 49.61
N LEU D 769 -31.44 -7.22 48.70
CA LEU D 769 -31.73 -8.27 47.73
C LEU D 769 -31.95 -9.63 48.40
N LEU D 770 -31.06 -10.01 49.31
CA LEU D 770 -31.18 -11.29 49.97
C LEU D 770 -32.21 -11.24 51.09
N LEU D 771 -33.49 -11.30 50.74
CA LEU D 771 -34.51 -11.47 51.77
C LEU D 771 -34.49 -12.93 52.21
N PRO D 772 -34.47 -13.92 51.28
CA PRO D 772 -34.12 -15.27 51.71
C PRO D 772 -32.61 -15.48 51.75
N GLU D 773 -32.07 -15.62 52.96
CA GLU D 773 -30.63 -15.84 53.13
C GLU D 773 -30.23 -17.30 52.93
N PRO D 774 -30.89 -18.28 53.57
CA PRO D 774 -30.33 -19.63 53.45
C PRO D 774 -30.64 -20.32 52.13
N ARG E 2 57.24 -4.68 -43.41
CA ARG E 2 57.97 -4.21 -42.25
C ARG E 2 58.55 -2.82 -42.50
N LEU E 3 57.78 -1.80 -42.12
CA LEU E 3 58.19 -0.41 -42.34
C LEU E 3 57.40 0.49 -41.41
N GLU E 4 58.03 1.57 -40.97
CA GLU E 4 57.36 2.58 -40.15
C GLU E 4 56.40 3.37 -41.01
N LEU E 5 55.10 3.14 -40.84
CA LEU E 5 54.08 3.81 -41.63
C LEU E 5 53.24 4.71 -40.74
N PRO E 6 53.07 5.98 -41.10
CA PRO E 6 52.20 6.88 -40.32
C PRO E 6 50.75 6.45 -40.44
N VAL E 7 50.11 6.19 -39.31
CA VAL E 7 48.74 5.72 -39.27
C VAL E 7 47.81 6.91 -39.10
N ILE E 8 46.76 6.97 -39.92
CA ILE E 8 45.73 8.00 -39.80
C ILE E 8 44.62 7.45 -38.90
N PRO E 9 44.43 7.98 -37.70
CA PRO E 9 43.33 7.52 -36.85
C PRO E 9 41.98 7.85 -37.47
N LEU E 10 41.02 6.96 -37.25
CA LEU E 10 39.63 7.17 -37.62
C LEU E 10 38.78 7.27 -36.37
N ARG E 11 37.50 7.57 -36.54
CA ARG E 11 36.63 7.71 -35.38
C ARG E 11 36.38 6.34 -34.77
N ASN E 12 35.69 5.47 -35.48
CA ASN E 12 35.66 4.05 -35.15
C ASN E 12 35.60 3.15 -36.37
N THR E 13 35.61 3.69 -37.58
CA THR E 13 35.36 2.92 -38.79
C THR E 13 36.65 2.24 -39.25
N VAL E 14 36.59 0.92 -39.40
CA VAL E 14 37.74 0.13 -39.83
C VAL E 14 37.68 -0.04 -41.34
N ILE E 15 38.73 0.40 -42.03
CA ILE E 15 38.77 0.32 -43.48
C ILE E 15 39.07 -1.11 -43.89
N LEU E 16 38.23 -1.66 -44.74
CA LEU E 16 38.42 -3.00 -45.28
C LEU E 16 39.19 -2.92 -46.60
N PRO E 17 39.91 -3.99 -46.97
CA PRO E 17 40.71 -3.94 -48.20
C PRO E 17 39.84 -3.71 -49.43
N HIS E 18 40.38 -2.92 -50.36
CA HIS E 18 39.70 -2.57 -51.61
C HIS E 18 38.31 -1.99 -51.35
N THR E 19 38.27 -1.01 -50.44
CA THR E 19 37.05 -0.27 -50.12
C THR E 19 37.40 1.21 -50.14
N THR E 20 37.01 1.91 -51.21
CA THR E 20 37.26 3.34 -51.31
C THR E 20 36.37 4.07 -50.30
N THR E 21 37.00 4.85 -49.43
CA THR E 21 36.30 5.55 -48.35
C THR E 21 36.79 6.98 -48.27
N PRO E 22 35.89 7.98 -48.33
CA PRO E 22 36.27 9.32 -47.88
C PRO E 22 36.19 9.45 -46.37
N VAL E 23 37.34 9.47 -45.71
CA VAL E 23 37.41 9.55 -44.25
C VAL E 23 37.50 11.01 -43.86
N ASP E 24 36.61 11.42 -42.95
CA ASP E 24 36.57 12.80 -42.44
C ASP E 24 37.27 12.82 -41.08
N VAL E 25 38.55 13.17 -41.08
CA VAL E 25 39.34 13.31 -39.87
C VAL E 25 39.31 14.78 -39.49
N GLY E 26 38.45 15.14 -38.54
CA GLY E 26 38.37 16.50 -38.06
C GLY E 26 39.31 16.84 -36.92
N ARG E 27 40.03 15.86 -36.40
CA ARG E 27 40.94 16.10 -35.28
C ARG E 27 42.10 16.98 -35.70
N ALA E 28 42.43 17.95 -34.85
CA ALA E 28 43.61 18.78 -35.07
C ALA E 28 44.91 18.04 -34.81
N LYS E 29 44.85 16.86 -34.20
CA LYS E 29 46.03 16.07 -33.90
C LYS E 29 46.27 14.94 -34.89
N SER E 30 45.30 14.61 -35.74
CA SER E 30 45.44 13.54 -36.71
C SER E 30 45.49 14.04 -38.15
N LYS E 31 45.30 15.34 -38.37
CA LYS E 31 45.51 15.90 -39.70
C LYS E 31 46.98 15.78 -40.11
N ARG E 32 47.88 16.02 -39.16
CA ARG E 32 49.31 15.84 -39.42
C ARG E 32 49.64 14.39 -39.78
N ALA E 33 48.89 13.43 -39.25
CA ALA E 33 49.06 12.05 -39.67
C ALA E 33 48.73 11.88 -41.15
N VAL E 34 47.67 12.54 -41.62
CA VAL E 34 47.33 12.48 -43.04
C VAL E 34 48.41 13.17 -43.86
N GLU E 35 48.93 14.30 -43.38
CA GLU E 35 49.99 14.99 -44.11
C GLU E 35 51.25 14.13 -44.22
N GLU E 36 51.62 13.44 -43.14
CA GLU E 36 52.75 12.52 -43.20
C GLU E 36 52.46 11.27 -44.01
N ALA E 37 51.20 10.85 -44.11
CA ALA E 37 50.84 9.79 -45.04
C ALA E 37 51.05 10.21 -46.49
N MET E 38 50.71 11.47 -46.81
CA MET E 38 51.10 12.01 -48.10
C MET E 38 52.61 12.06 -48.26
N GLY E 39 53.32 12.48 -47.21
CA GLY E 39 54.76 12.62 -47.25
C GLY E 39 55.55 11.33 -47.19
N ALA E 40 54.88 10.20 -46.97
CA ALA E 40 55.55 8.90 -46.89
C ALA E 40 55.46 8.13 -48.20
N ASP E 41 55.56 8.84 -49.33
CA ASP E 41 55.44 8.24 -50.67
C ASP E 41 54.07 7.57 -50.84
N ARG E 42 53.05 8.15 -50.22
CA ARG E 42 51.66 7.76 -50.42
C ARG E 42 51.44 6.27 -50.12
N LEU E 43 51.85 5.86 -48.92
CA LEU E 43 51.61 4.51 -48.41
C LEU E 43 50.97 4.62 -47.04
N ILE E 44 49.66 4.38 -46.97
CA ILE E 44 48.90 4.56 -45.75
C ILE E 44 48.68 3.20 -45.09
N PHE E 45 48.74 3.18 -43.76
CA PHE E 45 48.50 1.97 -42.98
C PHE E 45 47.34 2.27 -42.03
N LEU E 46 46.13 1.96 -42.47
CA LEU E 46 44.91 2.35 -41.75
C LEU E 46 44.50 1.27 -40.77
N VAL E 47 45.02 1.38 -39.55
CA VAL E 47 44.47 0.65 -38.41
C VAL E 47 43.54 1.61 -37.67
N ALA E 48 42.25 1.32 -37.68
CA ALA E 48 41.29 2.21 -37.07
C ALA E 48 41.43 2.21 -35.56
N GLN E 49 40.83 3.22 -34.93
CA GLN E 49 40.93 3.37 -33.48
C GLN E 49 40.00 2.41 -32.77
N ARG E 50 39.79 2.62 -31.47
CA ARG E 50 39.05 1.68 -30.66
C ARG E 50 37.60 1.55 -31.11
N ASP E 51 37.00 0.42 -30.75
CA ASP E 51 35.55 0.28 -30.76
C ASP E 51 34.98 1.27 -29.73
N PRO E 52 33.62 1.36 -29.57
CA PRO E 52 32.96 2.68 -29.52
C PRO E 52 33.79 3.83 -28.96
N GLU E 53 33.74 4.93 -29.71
CA GLU E 53 34.84 5.88 -29.85
C GLU E 53 35.37 6.38 -28.50
N VAL E 54 36.69 6.46 -28.42
CA VAL E 54 37.40 7.22 -27.40
C VAL E 54 38.21 8.30 -28.11
N ASP E 55 38.10 9.54 -27.64
CA ASP E 55 38.62 10.70 -28.35
C ASP E 55 40.11 10.90 -28.17
N ASP E 56 40.84 9.89 -27.71
CA ASP E 56 42.28 9.96 -27.51
C ASP E 56 42.95 8.89 -28.35
N PRO E 57 43.34 9.21 -29.59
CA PRO E 57 44.06 8.23 -30.43
C PRO E 57 45.38 7.84 -29.78
N ALA E 58 45.51 6.56 -29.47
CA ALA E 58 46.67 6.02 -28.77
C ALA E 58 47.19 4.80 -29.50
N PRO E 59 48.48 4.50 -29.39
CA PRO E 59 49.00 3.28 -30.05
C PRO E 59 48.34 2.01 -29.56
N ASP E 60 48.03 1.91 -28.27
CA ASP E 60 47.38 0.72 -27.73
C ASP E 60 45.92 0.61 -28.12
N ASP E 61 45.34 1.67 -28.69
CA ASP E 61 43.96 1.64 -29.16
C ASP E 61 43.81 0.90 -30.47
N LEU E 62 44.91 0.50 -31.11
CA LEU E 62 44.87 -0.16 -32.40
C LEU E 62 45.01 -1.67 -32.22
N TYR E 63 44.24 -2.42 -33.01
CA TYR E 63 44.32 -3.88 -32.97
C TYR E 63 45.59 -4.37 -33.66
N THR E 64 45.79 -5.69 -33.62
CA THR E 64 46.95 -6.32 -34.23
C THR E 64 46.76 -6.55 -35.73
N TRP E 65 45.58 -6.26 -36.27
CA TRP E 65 45.31 -6.37 -37.70
C TRP E 65 44.89 -5.01 -38.23
N GLY E 66 45.53 -4.59 -39.32
CA GLY E 66 45.14 -3.37 -40.00
C GLY E 66 45.13 -3.58 -41.50
N VAL E 67 45.08 -2.51 -42.28
CA VAL E 67 45.16 -2.59 -43.73
C VAL E 67 46.22 -1.63 -44.22
N GLN E 68 46.85 -1.99 -45.34
CA GLN E 68 47.89 -1.17 -45.96
C GLN E 68 47.26 -0.47 -47.16
N ALA E 69 46.91 0.80 -46.98
CA ALA E 69 46.18 1.56 -47.99
C ALA E 69 47.15 2.34 -48.86
N VAL E 70 46.59 3.12 -49.79
CA VAL E 70 47.38 3.95 -50.70
C VAL E 70 46.58 5.21 -50.99
N VAL E 71 47.28 6.33 -51.14
CA VAL E 71 46.63 7.63 -51.35
C VAL E 71 45.97 7.63 -52.72
N LYS E 72 44.65 7.80 -52.76
CA LYS E 72 43.93 7.77 -54.02
C LYS E 72 43.71 9.17 -54.58
N GLN E 73 43.19 10.08 -53.76
CA GLN E 73 42.86 11.43 -54.20
C GLN E 73 43.37 12.43 -53.18
N ALA E 74 44.42 13.16 -53.54
CA ALA E 74 45.07 14.11 -52.62
C ALA E 74 44.62 15.55 -52.85
N MET E 75 43.33 15.83 -52.71
CA MET E 75 42.86 17.21 -52.78
C MET E 75 42.96 17.86 -51.41
N ARG E 76 42.93 19.20 -51.39
CA ARG E 76 43.17 19.98 -50.19
C ARG E 76 41.86 20.53 -49.64
N LEU E 77 41.59 20.24 -48.38
CA LEU E 77 40.42 20.78 -47.67
C LEU E 77 40.86 21.34 -46.32
N PRO E 78 41.37 22.57 -46.27
CA PRO E 78 41.80 23.17 -45.00
C PRO E 78 40.66 23.88 -44.28
N ASP E 79 39.62 23.12 -43.94
CA ASP E 79 38.45 23.67 -43.25
C ASP E 79 38.27 23.12 -41.85
N GLY E 80 39.21 22.32 -41.36
CA GLY E 80 39.11 21.76 -40.03
C GLY E 80 38.80 20.27 -40.02
N THR E 81 37.92 19.85 -40.93
CA THR E 81 37.55 18.45 -41.09
C THR E 81 38.20 17.95 -42.37
N LEU E 82 39.42 17.42 -42.25
CA LEU E 82 40.19 17.02 -43.41
C LEU E 82 39.60 15.75 -44.02
N GLN E 83 39.30 15.80 -45.31
CA GLN E 83 38.76 14.63 -46.01
C GLN E 83 39.88 13.96 -46.78
N VAL E 84 40.14 12.69 -46.47
CA VAL E 84 41.15 11.90 -47.15
C VAL E 84 40.47 10.71 -47.84
N MET E 85 40.71 10.56 -49.13
CA MET E 85 40.10 9.48 -49.91
C MET E 85 41.08 8.31 -49.99
N VAL E 86 40.72 7.21 -49.34
CA VAL E 86 41.62 6.06 -49.21
C VAL E 86 40.98 4.85 -49.86
N GLU E 87 41.80 3.85 -50.16
CA GLU E 87 41.32 2.54 -50.58
C GLU E 87 42.37 1.51 -50.22
N ALA E 88 42.09 0.70 -49.21
CA ALA E 88 43.08 -0.23 -48.70
C ALA E 88 43.41 -1.31 -49.73
N ARG E 89 44.71 -1.60 -49.85
CA ARG E 89 45.14 -2.66 -50.75
C ARG E 89 44.77 -4.03 -50.18
N ALA E 90 45.31 -4.35 -49.01
CA ALA E 90 45.00 -5.61 -48.34
C ALA E 90 45.30 -5.50 -46.86
N ARG E 91 44.77 -6.46 -46.11
CA ARG E 91 45.00 -6.49 -44.68
C ARG E 91 46.39 -7.02 -44.35
N ALA E 92 46.84 -6.74 -43.14
CA ALA E 92 48.15 -7.16 -42.66
C ALA E 92 48.13 -7.17 -41.14
N GLN E 93 49.16 -7.77 -40.56
CA GLN E 93 49.29 -7.81 -39.11
C GLN E 93 50.21 -6.70 -38.61
N VAL E 94 50.03 -6.32 -37.35
CA VAL E 94 50.73 -5.20 -36.75
C VAL E 94 51.67 -5.75 -35.67
N THR E 95 52.93 -5.30 -35.70
CA THR E 95 53.93 -5.78 -34.76
C THR E 95 54.25 -4.74 -33.69
N ASP E 96 54.62 -3.52 -34.09
CA ASP E 96 55.05 -2.50 -33.14
C ASP E 96 54.28 -1.21 -33.37
N TYR E 97 54.23 -0.39 -32.32
CA TYR E 97 53.52 0.89 -32.35
C TYR E 97 54.46 2.01 -31.93
N ILE E 98 54.15 3.23 -32.35
CA ILE E 98 54.95 4.41 -32.04
C ILE E 98 54.04 5.40 -31.31
N PRO E 99 54.45 5.95 -30.18
CA PRO E 99 53.58 6.85 -29.42
C PRO E 99 53.27 8.14 -30.18
N GLY E 100 52.08 8.66 -29.91
CA GLY E 100 51.62 9.90 -30.50
C GLY E 100 50.71 10.66 -29.54
N PRO E 101 49.71 11.36 -30.08
CA PRO E 101 49.42 11.57 -31.51
C PRO E 101 50.39 12.57 -32.17
N TYR E 102 50.62 12.46 -33.47
CA TYR E 102 49.97 11.46 -34.33
C TYR E 102 50.65 10.09 -34.23
N LEU E 103 49.92 9.07 -34.66
CA LEU E 103 50.35 7.69 -34.46
C LEU E 103 51.09 7.15 -35.68
N ARG E 104 51.98 6.19 -35.42
CA ARG E 104 52.70 5.47 -36.45
C ARG E 104 52.78 4.00 -36.04
N ALA E 105 52.92 3.12 -37.03
CA ALA E 105 52.98 1.69 -36.75
C ALA E 105 54.13 1.06 -37.51
N ARG E 106 54.89 0.21 -36.82
CA ARG E 106 55.86 -0.67 -37.46
C ARG E 106 55.16 -2.00 -37.70
N GLY E 107 54.44 -2.06 -38.81
CA GLY E 107 53.71 -3.24 -39.21
C GLY E 107 54.58 -4.23 -39.95
N GLU E 108 53.94 -5.06 -40.74
CA GLU E 108 54.62 -6.09 -41.51
C GLU E 108 54.20 -5.99 -42.98
N VAL E 109 54.64 -6.97 -43.77
CA VAL E 109 54.31 -7.05 -45.19
C VAL E 109 52.90 -7.58 -45.34
N PHE E 110 52.36 -7.51 -46.56
CA PHE E 110 51.01 -7.98 -46.84
C PHE E 110 50.83 -9.44 -46.45
N SER E 111 50.01 -9.69 -45.42
CA SER E 111 49.67 -11.04 -44.98
C SER E 111 48.18 -11.24 -45.24
N GLU E 112 47.86 -12.02 -46.26
CA GLU E 112 46.50 -12.20 -46.73
C GLU E 112 46.06 -13.64 -46.54
N ILE E 113 44.82 -13.93 -46.91
CA ILE E 113 44.34 -15.29 -47.08
C ILE E 113 44.22 -15.56 -48.58
N PHE E 114 44.91 -16.59 -49.04
CA PHE E 114 45.03 -16.81 -50.47
C PHE E 114 43.82 -17.56 -51.03
N PRO E 115 43.52 -17.39 -52.31
CA PRO E 115 42.38 -18.11 -52.89
C PRO E 115 42.63 -19.61 -52.97
N ILE E 116 41.93 -20.37 -52.12
CA ILE E 116 42.13 -21.80 -52.00
C ILE E 116 40.73 -22.43 -51.98
N ASP E 117 40.64 -23.68 -52.45
CA ASP E 117 39.37 -24.41 -52.54
C ASP E 117 38.39 -23.67 -53.44
N GLU E 118 38.76 -23.62 -54.74
CA GLU E 118 38.03 -22.79 -55.69
C GLU E 118 36.56 -23.16 -55.80
N ALA E 119 36.23 -24.45 -55.83
CA ALA E 119 34.85 -24.85 -56.05
C ALA E 119 33.95 -24.42 -54.89
N VAL E 120 34.33 -24.77 -53.66
CA VAL E 120 33.48 -24.48 -52.51
C VAL E 120 33.46 -22.98 -52.24
N VAL E 121 34.61 -22.31 -52.36
CA VAL E 121 34.66 -20.87 -52.14
C VAL E 121 33.81 -20.15 -53.17
N ARG E 122 33.87 -20.59 -54.43
CA ARG E 122 33.05 -19.98 -55.46
C ARG E 122 31.57 -20.23 -55.23
N VAL E 123 31.20 -21.43 -54.75
CA VAL E 123 29.80 -21.69 -54.44
C VAL E 123 29.30 -20.75 -53.34
N LEU E 124 30.10 -20.61 -52.28
CA LEU E 124 29.71 -19.72 -51.18
C LEU E 124 29.70 -18.27 -51.61
N VAL E 125 30.63 -17.88 -52.49
CA VAL E 125 30.65 -16.51 -53.00
C VAL E 125 29.44 -16.24 -53.87
N GLU E 126 29.01 -17.23 -54.66
CA GLU E 126 27.79 -17.08 -55.43
C GLU E 126 26.58 -16.93 -54.52
N GLU E 127 26.52 -17.72 -53.45
CA GLU E 127 25.42 -17.59 -52.50
C GLU E 127 25.40 -16.21 -51.86
N LEU E 128 26.56 -15.74 -51.41
CA LEU E 128 26.64 -14.44 -50.75
C LEU E 128 26.41 -13.29 -51.71
N LYS E 129 26.83 -13.42 -52.97
CA LYS E 129 26.56 -12.40 -53.97
C LYS E 129 25.10 -12.34 -54.34
N GLU E 130 24.42 -13.50 -54.42
CA GLU E 130 22.98 -13.50 -54.60
C GLU E 130 22.28 -12.84 -53.41
N ALA E 131 22.75 -13.12 -52.19
CA ALA E 131 22.19 -12.48 -51.02
C ALA E 131 22.38 -10.97 -51.06
N PHE E 132 23.57 -10.51 -51.44
CA PHE E 132 23.82 -9.08 -51.56
C PHE E 132 23.01 -8.45 -52.68
N GLU E 133 22.81 -9.17 -53.79
CA GLU E 133 22.01 -8.63 -54.89
C GLU E 133 20.56 -8.45 -54.48
N LYS E 134 19.97 -9.43 -53.80
CA LYS E 134 18.60 -9.23 -53.33
C LYS E 134 18.54 -8.25 -52.17
N TYR E 135 19.63 -8.09 -51.42
CA TYR E 135 19.72 -7.02 -50.42
C TYR E 135 19.65 -5.66 -51.08
N VAL E 136 20.37 -5.48 -52.19
CA VAL E 136 20.37 -4.20 -52.90
C VAL E 136 19.01 -3.98 -53.56
N ALA E 137 18.41 -5.04 -54.11
CA ALA E 137 17.17 -4.89 -54.85
C ALA E 137 15.93 -4.90 -53.94
N ASN E 138 16.10 -5.21 -52.66
CA ASN E 138 14.97 -5.33 -51.74
C ASN E 138 15.00 -4.27 -50.65
N HIS E 139 16.11 -4.11 -49.95
CA HIS E 139 16.20 -3.17 -48.84
C HIS E 139 16.07 -1.74 -49.35
N LYS E 140 14.97 -1.08 -48.99
CA LYS E 140 14.65 0.26 -49.46
C LYS E 140 15.51 1.34 -48.80
N SER E 141 16.33 0.99 -47.82
CA SER E 141 17.02 1.98 -47.00
C SER E 141 18.45 2.25 -47.44
N LEU E 142 19.04 1.43 -48.32
CA LEU E 142 20.41 1.63 -48.76
C LEU E 142 20.48 2.04 -50.23
N ARG E 143 19.94 1.23 -51.14
CA ARG E 143 19.98 1.50 -52.58
C ARG E 143 21.40 1.82 -53.06
N LEU E 144 22.31 0.88 -52.80
CA LEU E 144 23.71 1.06 -53.15
C LEU E 144 24.00 0.38 -54.48
N ASP E 145 24.60 1.13 -55.40
CA ASP E 145 24.95 0.60 -56.71
C ASP E 145 26.34 -0.03 -56.68
N ARG E 146 26.60 -0.88 -57.67
CA ARG E 146 27.89 -1.57 -57.77
C ARG E 146 28.89 -0.67 -58.50
N TYR E 147 29.50 0.25 -57.75
CA TYR E 147 30.62 1.02 -58.28
C TYR E 147 31.84 0.92 -57.37
N GLN E 148 31.76 0.13 -56.30
CA GLN E 148 32.91 -0.18 -55.46
C GLN E 148 33.37 -1.62 -55.58
N LEU E 149 32.58 -2.49 -56.22
CA LEU E 149 32.97 -3.87 -56.48
C LEU E 149 33.24 -4.15 -57.94
N GLU E 150 32.52 -3.49 -58.85
CA GLU E 150 32.67 -3.72 -60.28
C GLU E 150 33.90 -3.05 -60.85
N ALA E 151 34.39 -1.98 -60.22
CA ALA E 151 35.53 -1.24 -60.75
C ALA E 151 36.82 -2.03 -60.68
N VAL E 152 36.95 -2.96 -59.74
CA VAL E 152 38.15 -3.77 -59.58
C VAL E 152 37.87 -5.18 -60.05
N LYS E 153 38.74 -5.71 -60.91
CA LYS E 153 38.61 -7.08 -61.40
C LYS E 153 39.89 -7.88 -61.36
N GLY E 154 41.06 -7.24 -61.30
CA GLY E 154 42.30 -7.99 -61.20
C GLY E 154 42.52 -8.63 -59.84
N THR E 155 41.92 -8.06 -58.80
CA THR E 155 41.98 -8.62 -57.46
C THR E 155 40.73 -9.46 -57.25
N SER E 156 40.81 -10.74 -57.60
CA SER E 156 39.69 -11.67 -57.49
C SER E 156 39.79 -12.48 -56.21
N ASP E 157 40.37 -11.90 -55.17
CA ASP E 157 40.45 -12.57 -53.88
C ASP E 157 39.07 -12.59 -53.24
N PRO E 158 38.49 -13.76 -52.95
CA PRO E 158 37.14 -13.79 -52.37
C PRO E 158 37.03 -13.13 -51.00
N ALA E 159 38.14 -13.01 -50.26
CA ALA E 159 38.09 -12.24 -49.02
C ALA E 159 37.82 -10.77 -49.30
N MET E 160 38.39 -10.25 -50.39
CA MET E 160 38.07 -8.88 -50.81
C MET E 160 36.58 -8.74 -51.09
N LEU E 161 35.99 -9.71 -51.78
CA LEU E 161 34.55 -9.67 -52.05
C LEU E 161 33.73 -9.76 -50.76
N ALA E 162 34.14 -10.61 -49.83
CA ALA E 162 33.43 -10.73 -48.57
C ALA E 162 33.46 -9.43 -47.78
N ASP E 163 34.64 -8.78 -47.73
CA ASP E 163 34.73 -7.48 -47.09
C ASP E 163 33.91 -6.43 -47.83
N THR E 164 33.90 -6.48 -49.16
CA THR E 164 33.11 -5.53 -49.94
C THR E 164 31.62 -5.64 -49.61
N ILE E 165 31.11 -6.87 -49.53
CA ILE E 165 29.73 -7.07 -49.10
C ILE E 165 29.54 -6.70 -47.63
N ALA E 166 30.55 -6.97 -46.79
CA ALA E 166 30.47 -6.57 -45.39
C ALA E 166 30.54 -5.06 -45.22
N TYR E 167 31.39 -4.40 -46.00
CA TYR E 167 31.56 -2.96 -45.89
C TYR E 167 30.36 -2.18 -46.43
N HIS E 168 29.62 -2.77 -47.37
CA HIS E 168 28.52 -2.08 -48.02
C HIS E 168 27.21 -2.18 -47.24
N ALA E 169 27.22 -2.81 -46.07
CA ALA E 169 26.07 -2.86 -45.19
C ALA E 169 26.35 -2.05 -43.93
N THR E 170 25.28 -1.72 -43.22
CA THR E 170 25.33 -0.72 -42.14
C THR E 170 25.14 -1.33 -40.76
N TRP E 171 25.70 -2.51 -40.52
CA TRP E 171 25.76 -3.03 -39.16
C TRP E 171 26.95 -2.39 -38.43
N THR E 172 27.22 -2.85 -37.21
CA THR E 172 28.29 -2.27 -36.41
C THR E 172 29.65 -2.52 -37.06
N VAL E 173 30.53 -1.52 -36.97
CA VAL E 173 31.85 -1.60 -37.58
C VAL E 173 32.82 -2.45 -36.77
N ALA E 174 32.52 -2.73 -35.50
CA ALA E 174 33.33 -3.69 -34.76
C ALA E 174 33.28 -5.07 -35.41
N GLU E 175 32.15 -5.42 -36.01
CA GLU E 175 32.07 -6.66 -36.78
C GLU E 175 32.98 -6.59 -38.01
N LYS E 176 33.10 -5.41 -38.62
CA LYS E 176 34.04 -5.25 -39.72
C LYS E 176 35.48 -5.42 -39.26
N GLN E 177 35.82 -4.88 -38.08
CA GLN E 177 37.16 -5.10 -37.54
C GLN E 177 37.40 -6.57 -37.27
N GLU E 178 36.41 -7.26 -36.70
CA GLU E 178 36.57 -8.69 -36.42
C GLU E 178 36.73 -9.51 -37.70
N ILE E 179 35.94 -9.22 -38.73
CA ILE E 179 36.04 -9.96 -39.98
C ILE E 179 37.36 -9.63 -40.68
N LEU E 180 37.90 -8.43 -40.44
CA LEU E 180 39.22 -8.10 -40.95
C LEU E 180 40.30 -8.97 -40.30
N GLU E 181 40.11 -9.35 -39.04
CA GLU E 181 41.07 -10.19 -38.33
C GLU E 181 40.94 -11.67 -38.66
N LEU E 182 39.88 -12.08 -39.35
CA LEU E 182 39.64 -13.49 -39.61
C LEU E 182 40.72 -14.05 -40.52
N THR E 183 41.23 -15.24 -40.17
CA THR E 183 42.23 -15.94 -40.96
C THR E 183 41.61 -16.98 -41.90
N ASP E 184 40.30 -17.12 -41.90
CA ASP E 184 39.60 -18.08 -42.74
C ASP E 184 38.95 -17.38 -43.92
N LEU E 185 39.02 -18.02 -45.09
CA LEU E 185 38.46 -17.42 -46.30
C LEU E 185 36.94 -17.50 -46.34
N GLU E 186 36.35 -18.60 -45.86
CA GLU E 186 34.91 -18.79 -45.93
C GLU E 186 34.19 -18.42 -44.64
N ALA E 187 34.90 -18.24 -43.53
CA ALA E 187 34.24 -17.74 -42.31
C ALA E 187 33.72 -16.34 -42.52
N ARG E 188 34.48 -15.50 -43.22
CA ARG E 188 34.00 -14.17 -43.58
C ARG E 188 32.71 -14.24 -44.39
N LEU E 189 32.70 -15.11 -45.41
CA LEU E 189 31.54 -15.22 -46.29
C LEU E 189 30.32 -15.68 -45.52
N LYS E 190 30.48 -16.69 -44.66
CA LYS E 190 29.34 -17.21 -43.91
C LYS E 190 28.85 -16.22 -42.87
N LYS E 191 29.77 -15.49 -42.22
CA LYS E 191 29.35 -14.46 -41.26
C LYS E 191 28.55 -13.37 -41.96
N VAL E 192 29.02 -12.92 -43.13
CA VAL E 192 28.28 -11.91 -43.89
C VAL E 192 26.95 -12.47 -44.36
N LEU E 193 26.90 -13.74 -44.74
CA LEU E 193 25.65 -14.36 -45.15
C LEU E 193 24.64 -14.36 -44.00
N GLY E 194 25.10 -14.71 -42.80
CA GLY E 194 24.22 -14.69 -41.65
C GLY E 194 23.73 -13.28 -41.32
N LEU E 195 24.63 -12.30 -41.38
CA LEU E 195 24.23 -10.92 -41.11
C LEU E 195 23.22 -10.43 -42.14
N LEU E 196 23.43 -10.75 -43.42
CA LEU E 196 22.47 -10.36 -44.44
C LEU E 196 21.15 -11.09 -44.28
N SER E 197 21.17 -12.35 -43.84
CA SER E 197 19.93 -13.07 -43.58
C SER E 197 19.15 -12.41 -42.44
N ARG E 198 19.85 -12.00 -41.38
CA ARG E 198 19.18 -11.28 -40.30
C ARG E 198 18.63 -9.94 -40.77
N ASP E 199 19.39 -9.25 -41.64
CA ASP E 199 18.90 -7.99 -42.19
C ASP E 199 17.65 -8.20 -43.05
N LEU E 200 17.63 -9.26 -43.85
CA LEU E 200 16.45 -9.56 -44.64
C LEU E 200 15.27 -9.98 -43.76
N GLU E 201 15.54 -10.65 -42.64
CA GLU E 201 14.50 -10.92 -41.67
C GLU E 201 13.94 -9.62 -41.08
N ARG E 202 14.81 -8.64 -40.84
CA ARG E 202 14.33 -7.32 -40.41
C ARG E 202 13.47 -6.67 -41.48
N PHE E 203 13.88 -6.80 -42.75
CA PHE E 203 13.09 -6.24 -43.85
C PHE E 203 11.71 -6.90 -43.93
N GLU E 204 11.66 -8.23 -43.80
CA GLU E 204 10.37 -8.92 -43.78
C GLU E 204 9.55 -8.53 -42.55
N LEU E 205 10.21 -8.29 -41.41
CA LEU E 205 9.50 -7.79 -40.25
C LEU E 205 8.89 -6.41 -40.51
N ASP E 206 9.63 -5.56 -41.22
CA ASP E 206 9.08 -4.26 -41.61
C ASP E 206 7.87 -4.43 -42.52
N LYS E 207 7.94 -5.36 -43.47
CA LYS E 207 6.78 -5.64 -44.31
C LYS E 207 5.60 -6.13 -43.48
N ARG E 208 5.86 -7.01 -42.52
CA ARG E 208 4.80 -7.54 -41.67
C ARG E 208 4.16 -6.45 -40.82
N VAL E 209 4.98 -5.56 -40.25
CA VAL E 209 4.42 -4.49 -39.43
C VAL E 209 3.68 -3.48 -40.31
N ALA E 210 4.12 -3.29 -41.55
CA ALA E 210 3.34 -2.48 -42.48
C ALA E 210 1.98 -3.11 -42.76
N GLN E 211 1.93 -4.43 -42.91
CA GLN E 211 0.66 -5.12 -43.06
C GLN E 211 -0.21 -4.97 -41.82
N ARG E 212 0.40 -5.06 -40.64
CA ARG E 212 -0.35 -4.86 -39.40
C ARG E 212 -0.93 -3.46 -39.32
N VAL E 213 -0.14 -2.45 -39.69
CA VAL E 213 -0.63 -1.07 -39.70
C VAL E 213 -1.76 -0.92 -40.71
N LYS E 214 -1.61 -1.55 -41.88
CA LYS E 214 -2.65 -1.49 -42.90
C LYS E 214 -3.96 -2.07 -42.38
N GLU E 215 -3.89 -3.25 -41.74
CA GLU E 215 -5.13 -3.87 -41.28
C GLU E 215 -5.73 -3.10 -40.10
N GLN E 216 -4.89 -2.53 -39.24
CA GLN E 216 -5.40 -1.70 -38.16
C GLN E 216 -6.09 -0.45 -38.70
N MET E 217 -5.49 0.20 -39.70
CA MET E 217 -6.11 1.37 -40.32
C MET E 217 -7.41 1.00 -41.00
N ASP E 218 -7.44 -0.15 -41.68
CA ASP E 218 -8.68 -0.60 -42.31
C ASP E 218 -9.77 -0.84 -41.29
N THR E 219 -9.43 -1.48 -40.16
CA THR E 219 -10.42 -1.71 -39.11
C THR E 219 -10.92 -0.39 -38.52
N ASN E 220 -10.01 0.56 -38.27
CA ASN E 220 -10.42 1.85 -37.73
C ASN E 220 -11.33 2.59 -38.70
N GLN E 221 -10.98 2.60 -39.99
CA GLN E 221 -11.82 3.27 -40.98
C GLN E 221 -13.16 2.57 -41.12
N ARG E 222 -13.19 1.23 -41.05
CA ARG E 222 -14.44 0.49 -41.13
C ARG E 222 -15.35 0.81 -39.95
N GLU E 223 -14.79 0.88 -38.74
CA GLU E 223 -15.58 1.25 -37.58
C GLU E 223 -16.07 2.69 -37.67
N TYR E 224 -15.23 3.59 -38.19
CA TYR E 224 -15.65 4.97 -38.40
C TYR E 224 -16.80 5.06 -39.39
N TYR E 225 -16.72 4.33 -40.51
CA TYR E 225 -17.81 4.28 -41.46
C TYR E 225 -19.05 3.64 -40.86
N LEU E 226 -18.87 2.65 -39.99
CA LEU E 226 -20.01 2.02 -39.33
C LEU E 226 -20.76 3.01 -38.45
N ARG E 227 -20.03 3.76 -37.61
CA ARG E 227 -20.69 4.74 -36.75
C ARG E 227 -21.29 5.88 -37.55
N GLU E 228 -20.63 6.32 -38.63
CA GLU E 228 -21.21 7.35 -39.46
C GLU E 228 -22.45 6.88 -40.22
N GLN E 229 -22.46 5.63 -40.67
CA GLN E 229 -23.65 5.10 -41.31
C GLN E 229 -24.78 4.90 -40.30
N MET E 230 -24.45 4.56 -39.05
CA MET E 230 -25.46 4.52 -38.01
C MET E 230 -26.06 5.91 -37.78
N LYS E 231 -25.20 6.93 -37.77
CA LYS E 231 -25.69 8.31 -37.67
C LYS E 231 -26.59 8.67 -38.85
N ALA E 232 -26.20 8.27 -40.06
CA ALA E 232 -27.03 8.54 -41.24
C ALA E 232 -28.38 7.82 -41.15
N ILE E 233 -28.36 6.53 -40.81
CA ILE E 233 -29.62 5.73 -40.88
C ILE E 233 -30.62 6.14 -39.78
N GLN E 234 -30.36 7.24 -39.07
CA GLN E 234 -31.39 7.72 -38.10
C GLN E 234 -32.39 8.58 -38.87
N LYS E 235 -33.08 7.99 -39.86
CA LYS E 235 -34.04 8.72 -40.70
C LYS E 235 -35.24 9.19 -39.86
N GLU E 236 -35.72 8.35 -38.95
CA GLU E 236 -36.94 8.71 -38.16
C GLU E 236 -36.65 9.96 -37.33
N LEU E 237 -35.47 10.02 -36.70
CA LEU E 237 -35.08 11.23 -35.92
C LEU E 237 -34.95 12.42 -36.88
N GLY E 238 -34.36 12.19 -38.05
CA GLY E 238 -34.15 13.28 -39.04
C GLY E 238 -35.47 13.87 -39.52
N GLY E 239 -36.48 13.02 -39.75
CA GLY E 239 -37.80 13.50 -40.20
C GLY E 239 -38.44 14.40 -39.16
N GLU E 240 -38.34 14.04 -37.88
CA GLU E 240 -38.88 14.89 -36.79
C GLU E 240 -38.13 16.23 -36.78
N ASP E 241 -36.81 16.19 -36.96
CA ASP E 241 -35.99 17.44 -36.94
C ASP E 241 -36.41 18.34 -38.12
N GLY E 242 -36.67 17.75 -39.29
CA GLY E 242 -37.00 18.56 -40.48
C GLY E 242 -38.29 19.34 -40.35
N LEU E 243 -39.34 18.73 -39.80
CA LEU E 243 -40.66 19.44 -39.76
C LEU E 243 -41.10 19.74 -38.34
N SER E 244 -41.19 18.72 -37.47
CA SER E 244 -41.72 18.93 -36.10
C SER E 244 -40.80 19.86 -35.30
N ASP E 245 -39.48 19.69 -35.44
CA ASP E 245 -38.53 20.49 -34.61
C ASP E 245 -38.39 21.91 -35.16
N LEU E 246 -38.51 22.93 -34.30
CA LEU E 246 -38.28 24.36 -34.67
C LEU E 246 -39.51 24.97 -35.37
N GLU E 247 -40.53 24.15 -35.67
CA GLU E 247 -41.71 24.67 -36.41
C GLU E 247 -42.99 24.32 -35.65
N ALA E 248 -43.33 23.03 -35.59
CA ALA E 248 -44.52 22.60 -34.82
C ALA E 248 -44.30 22.91 -33.35
N LEU E 249 -43.09 22.66 -32.83
CA LEU E 249 -42.78 22.90 -31.40
C LEU E 249 -42.91 24.40 -31.08
N ARG E 250 -42.51 25.26 -32.02
CA ARG E 250 -42.59 26.72 -31.82
C ARG E 250 -44.07 27.12 -31.62
N LYS E 251 -44.98 26.52 -32.40
CA LYS E 251 -46.43 26.82 -32.27
C LYS E 251 -47.00 26.09 -31.06
N LYS E 252 -46.43 24.93 -30.71
CA LYS E 252 -46.90 24.16 -29.56
C LYS E 252 -46.93 24.97 -28.28
N ILE E 253 -46.12 26.03 -28.19
CA ILE E 253 -46.15 26.88 -27.00
C ILE E 253 -47.51 27.55 -26.86
N GLU E 254 -48.02 28.13 -27.95
CA GLU E 254 -49.30 28.83 -27.91
C GLU E 254 -50.49 27.88 -27.88
N GLU E 255 -50.34 26.66 -28.41
CA GLU E 255 -51.46 25.74 -28.49
C GLU E 255 -51.86 25.19 -27.12
N VAL E 256 -50.88 24.91 -26.27
CA VAL E 256 -51.13 24.31 -24.98
C VAL E 256 -50.83 25.32 -23.88
N GLY E 257 -51.44 25.09 -22.71
CA GLY E 257 -51.22 25.95 -21.56
C GLY E 257 -49.93 25.59 -20.86
N MET E 258 -49.10 26.60 -20.60
CA MET E 258 -47.77 26.41 -20.06
C MET E 258 -47.42 27.66 -19.27
N PRO E 259 -46.61 27.55 -18.23
CA PRO E 259 -46.18 28.74 -17.48
C PRO E 259 -45.40 29.71 -18.35
N GLU E 260 -45.52 30.99 -18.01
CA GLU E 260 -44.88 32.05 -18.78
C GLU E 260 -43.37 31.87 -18.85
N ALA E 261 -42.73 31.66 -17.69
CA ALA E 261 -41.29 31.46 -17.67
C ALA E 261 -40.89 30.19 -18.43
N VAL E 262 -41.69 29.13 -18.29
CA VAL E 262 -41.40 27.90 -19.03
C VAL E 262 -41.57 28.13 -20.53
N LYS E 263 -42.58 28.91 -20.91
CA LYS E 263 -42.78 29.22 -22.32
C LYS E 263 -41.58 29.99 -22.88
N THR E 264 -41.09 30.97 -22.12
CA THR E 264 -40.00 31.81 -22.62
C THR E 264 -38.69 31.01 -22.66
N LYS E 265 -38.46 30.13 -21.67
CA LYS E 265 -37.29 29.27 -21.75
C LYS E 265 -37.40 28.26 -22.87
N ALA E 266 -38.61 27.82 -23.21
CA ALA E 266 -38.79 27.01 -24.41
C ALA E 266 -38.49 27.83 -25.66
N LEU E 267 -38.77 29.13 -25.61
CA LEU E 267 -38.41 30.00 -26.73
C LEU E 267 -36.89 30.06 -26.89
N LYS E 268 -36.14 30.18 -25.79
CA LYS E 268 -34.68 30.07 -25.92
C LYS E 268 -34.27 28.70 -26.42
N GLU E 269 -34.92 27.64 -25.95
CA GLU E 269 -34.59 26.30 -26.43
C GLU E 269 -34.80 26.19 -27.93
N LEU E 270 -35.84 26.83 -28.45
CA LEU E 270 -36.01 26.96 -29.90
C LEU E 270 -34.85 27.73 -30.51
N ASP E 271 -34.41 28.80 -29.84
CA ASP E 271 -33.23 29.53 -30.30
C ASP E 271 -31.96 28.69 -30.20
N ARG E 272 -31.92 27.72 -29.29
CA ARG E 272 -30.82 26.77 -29.25
C ARG E 272 -30.81 25.83 -30.44
N LEU E 273 -31.92 25.77 -31.18
CA LEU E 273 -32.03 25.01 -32.41
C LEU E 273 -31.53 25.86 -33.57
N GLU E 274 -31.90 25.49 -34.81
CA GLU E 274 -31.39 26.04 -36.07
C GLU E 274 -30.04 25.44 -36.45
N ARG E 275 -29.66 24.33 -35.79
CA ARG E 275 -28.52 23.54 -36.18
C ARG E 275 -28.91 22.07 -36.11
N MET E 276 -28.19 21.23 -36.83
CA MET E 276 -28.51 19.81 -36.88
C MET E 276 -28.36 19.17 -35.51
N GLN E 277 -29.28 18.27 -35.17
CA GLN E 277 -29.32 17.65 -33.87
C GLN E 277 -28.32 16.51 -33.71
N GLN E 278 -27.75 16.01 -34.80
CA GLN E 278 -26.71 15.00 -34.75
C GLN E 278 -25.31 15.59 -34.86
N GLY E 279 -25.19 16.90 -34.74
CA GLY E 279 -23.89 17.55 -34.78
C GLY E 279 -23.39 17.86 -33.38
N SER E 280 -23.50 19.12 -32.95
CA SER E 280 -23.09 19.48 -31.61
C SER E 280 -24.06 18.89 -30.59
N PRO E 281 -23.56 18.08 -29.66
CA PRO E 281 -24.47 17.43 -28.69
C PRO E 281 -25.18 18.39 -27.77
N GLU E 282 -24.69 19.63 -27.63
CA GLU E 282 -25.43 20.64 -26.86
C GLU E 282 -26.80 20.88 -27.48
N ALA E 283 -26.85 21.00 -28.81
CA ALA E 283 -28.14 21.14 -29.49
C ALA E 283 -29.00 19.90 -29.33
N THR E 284 -28.40 18.72 -29.35
CA THR E 284 -29.17 17.49 -29.17
C THR E 284 -29.84 17.46 -27.80
N VAL E 285 -29.07 17.73 -26.74
CA VAL E 285 -29.63 17.71 -25.41
C VAL E 285 -30.60 18.88 -25.19
N ALA E 286 -30.38 20.02 -25.86
CA ALA E 286 -31.36 21.10 -25.80
C ALA E 286 -32.68 20.68 -26.44
N ARG E 287 -32.63 19.96 -27.57
CA ARG E 287 -33.85 19.46 -28.17
C ARG E 287 -34.51 18.41 -27.30
N THR E 288 -33.73 17.59 -26.59
CA THR E 288 -34.32 16.67 -25.63
C THR E 288 -35.03 17.43 -24.51
N TYR E 289 -34.43 18.52 -24.03
CA TYR E 289 -35.10 19.36 -23.04
C TYR E 289 -36.40 19.92 -23.61
N LEU E 290 -36.38 20.39 -24.85
CA LEU E 290 -37.60 20.93 -25.46
C LEU E 290 -38.67 19.86 -25.62
N ASP E 291 -38.28 18.63 -25.98
CA ASP E 291 -39.25 17.55 -26.15
C ASP E 291 -39.81 17.09 -24.81
N TRP E 292 -39.01 17.12 -23.75
CA TRP E 292 -39.51 16.82 -22.42
C TRP E 292 -40.17 18.02 -21.75
N LEU E 293 -40.14 19.18 -22.40
CA LEU E 293 -40.86 20.35 -21.92
C LEU E 293 -42.25 20.46 -22.56
N THR E 294 -42.30 20.48 -23.90
CA THR E 294 -43.55 20.70 -24.60
C THR E 294 -44.54 19.55 -24.41
N GLU E 295 -44.06 18.36 -24.08
CA GLU E 295 -44.92 17.21 -23.81
C GLU E 295 -45.16 17.00 -22.32
N VAL E 296 -45.14 18.06 -21.53
CA VAL E 296 -45.57 18.02 -20.14
C VAL E 296 -46.61 19.11 -19.94
N PRO E 297 -47.89 18.83 -20.19
CA PRO E 297 -48.92 19.87 -20.01
C PRO E 297 -49.27 20.09 -18.55
N TRP E 298 -50.23 20.96 -18.29
CA TRP E 298 -50.60 21.32 -16.93
C TRP E 298 -52.12 21.48 -16.86
N SER E 299 -52.60 22.03 -15.74
CA SER E 299 -54.01 22.34 -15.54
C SER E 299 -54.88 21.08 -15.61
N LYS E 300 -54.32 19.95 -15.18
CA LYS E 300 -55.06 18.69 -15.15
C LYS E 300 -54.46 17.82 -14.06
N ALA E 301 -55.33 17.03 -13.43
CA ALA E 301 -54.90 16.20 -12.31
C ALA E 301 -55.82 14.99 -12.19
N ASP E 302 -55.25 13.88 -11.70
CA ASP E 302 -56.04 12.69 -11.45
C ASP E 302 -56.98 12.92 -10.26
N PRO E 303 -58.25 12.57 -10.39
CA PRO E 303 -59.20 12.81 -9.30
C PRO E 303 -58.85 12.01 -8.06
N GLU E 304 -59.14 12.61 -6.91
CA GLU E 304 -58.95 11.96 -5.62
C GLU E 304 -60.17 11.13 -5.24
N VAL E 305 -59.91 10.04 -4.52
CA VAL E 305 -60.94 9.31 -3.80
C VAL E 305 -60.61 9.46 -2.32
N LEU E 306 -61.27 10.40 -1.66
CA LEU E 306 -60.98 10.73 -0.27
C LEU E 306 -61.58 9.73 0.72
N ASP E 307 -62.00 8.56 0.24
CA ASP E 307 -62.58 7.52 1.08
C ASP E 307 -61.59 6.38 1.23
N ILE E 308 -61.14 6.13 2.46
CA ILE E 308 -60.31 4.96 2.76
C ILE E 308 -61.07 3.66 2.59
N ASN E 309 -62.39 3.68 2.68
CA ASN E 309 -63.18 2.46 2.51
C ASN E 309 -63.13 1.98 1.07
N HIS E 310 -63.23 2.89 0.10
CA HIS E 310 -63.10 2.50 -1.30
C HIS E 310 -61.71 1.95 -1.60
N THR E 311 -60.67 2.57 -1.02
CA THR E 311 -59.32 2.07 -1.19
C THR E 311 -59.17 0.68 -0.59
N ARG E 312 -59.77 0.42 0.58
CA ARG E 312 -59.76 -0.92 1.13
C ARG E 312 -60.52 -1.91 0.24
N GLN E 313 -61.64 -1.47 -0.34
CA GLN E 313 -62.38 -2.35 -1.25
C GLN E 313 -61.53 -2.76 -2.43
N VAL E 314 -60.79 -1.81 -3.02
CA VAL E 314 -59.89 -2.17 -4.12
C VAL E 314 -58.73 -3.02 -3.63
N LEU E 315 -58.21 -2.74 -2.43
CA LEU E 315 -57.15 -3.55 -1.85
C LEU E 315 -57.58 -5.00 -1.62
N ASP E 316 -58.88 -5.24 -1.48
CA ASP E 316 -59.38 -6.58 -1.20
C ASP E 316 -59.00 -7.60 -2.26
N GLU E 317 -58.66 -7.16 -3.48
CA GLU E 317 -58.41 -8.10 -4.57
C GLU E 317 -56.99 -8.08 -5.12
N ASP E 318 -55.99 -7.63 -4.35
CA ASP E 318 -54.62 -7.77 -4.81
C ASP E 318 -54.16 -9.22 -4.66
N HIS E 319 -54.04 -9.70 -3.42
CA HIS E 319 -54.19 -11.12 -3.11
C HIS E 319 -55.39 -11.28 -2.19
N TYR E 320 -55.35 -10.68 -1.01
CA TYR E 320 -56.55 -10.43 -0.21
C TYR E 320 -56.47 -9.11 0.55
N GLY E 321 -55.38 -8.36 0.45
CA GLY E 321 -55.12 -7.19 1.26
C GLY E 321 -53.96 -7.35 2.22
N LEU E 322 -53.52 -8.58 2.48
CA LEU E 322 -52.39 -8.94 3.33
C LEU E 322 -52.70 -8.73 4.80
N LYS E 323 -53.84 -8.08 5.09
CA LYS E 323 -54.41 -7.94 6.41
C LYS E 323 -53.54 -7.10 7.35
N ASP E 324 -52.32 -6.77 6.92
CA ASP E 324 -51.43 -5.91 7.68
C ASP E 324 -50.98 -4.69 6.91
N VAL E 325 -50.41 -4.88 5.71
CA VAL E 325 -49.86 -3.78 4.94
C VAL E 325 -50.96 -2.84 4.45
N LYS E 326 -52.15 -3.36 4.18
CA LYS E 326 -53.27 -2.51 3.80
C LYS E 326 -53.56 -1.48 4.89
N GLU E 327 -53.46 -1.90 6.16
CA GLU E 327 -53.70 -0.98 7.27
C GLU E 327 -52.62 0.09 7.38
N ARG E 328 -51.35 -0.28 7.17
CA ARG E 328 -50.29 0.72 7.18
C ARG E 328 -50.47 1.72 6.04
N ILE E 329 -50.84 1.22 4.86
CA ILE E 329 -51.10 2.13 3.74
C ILE E 329 -52.29 3.01 4.06
N LEU E 330 -53.29 2.49 4.77
CA LEU E 330 -54.40 3.33 5.22
C LEU E 330 -53.97 4.38 6.22
N GLU E 331 -53.03 4.06 7.11
CA GLU E 331 -52.39 5.09 7.93
C GLU E 331 -51.82 6.19 7.05
N TYR E 332 -51.03 5.79 6.05
CA TYR E 332 -50.34 6.76 5.22
C TYR E 332 -51.33 7.61 4.41
N LEU E 333 -52.44 7.01 4.00
CA LEU E 333 -53.46 7.74 3.24
C LEU E 333 -54.25 8.69 4.14
N ALA E 334 -54.62 8.24 5.33
CA ALA E 334 -55.32 9.11 6.26
C ALA E 334 -54.48 10.30 6.68
N VAL E 335 -53.16 10.12 6.81
CA VAL E 335 -52.28 11.27 6.95
C VAL E 335 -52.19 12.07 5.65
N ARG E 336 -52.21 11.39 4.50
CA ARG E 336 -52.08 12.07 3.21
C ARG E 336 -53.20 13.07 2.99
N GLN E 337 -54.44 12.71 3.32
CA GLN E 337 -55.58 13.59 3.17
C GLN E 337 -55.69 14.59 4.31
N LEU E 338 -54.95 14.38 5.40
CA LEU E 338 -55.04 15.25 6.58
C LEU E 338 -53.65 15.84 6.83
N THR E 339 -53.39 16.98 6.20
CA THR E 339 -52.10 17.66 6.33
C THR E 339 -52.29 19.13 6.68
N GLN E 340 -51.21 19.91 6.63
CA GLN E 340 -51.30 21.35 6.90
C GLN E 340 -52.26 22.04 5.94
N GLY E 341 -52.18 21.74 4.65
CA GLY E 341 -53.16 22.16 3.68
C GLY E 341 -54.30 21.18 3.50
N LEU E 342 -54.32 20.09 4.26
CA LEU E 342 -55.34 19.05 4.14
C LEU E 342 -55.43 18.53 2.70
N ASP E 343 -54.26 18.31 2.11
CA ASP E 343 -54.15 17.92 0.72
C ASP E 343 -52.93 17.02 0.56
N VAL E 344 -52.61 16.70 -0.69
CA VAL E 344 -51.45 15.86 -0.95
C VAL E 344 -50.20 16.72 -0.87
N ARG E 345 -49.63 16.80 0.32
CA ARG E 345 -48.32 17.39 0.55
C ARG E 345 -47.62 16.49 1.56
N ASN E 346 -46.36 16.14 1.26
CA ASN E 346 -45.74 15.03 1.98
C ASN E 346 -45.39 15.42 3.42
N LYS E 347 -44.44 16.34 3.59
CA LYS E 347 -43.94 16.75 4.91
C LYS E 347 -43.67 15.56 5.82
N ALA E 348 -43.43 14.39 5.22
CA ALA E 348 -43.43 13.11 5.92
C ALA E 348 -42.90 12.04 4.96
N PRO E 349 -42.60 10.82 5.44
CA PRO E 349 -42.08 9.79 4.53
C PRO E 349 -43.08 9.36 3.47
N ILE E 350 -42.62 8.58 2.49
CA ILE E 350 -43.49 7.88 1.55
C ILE E 350 -43.47 6.38 1.79
N LEU E 351 -42.73 5.92 2.80
CA LEU E 351 -42.87 4.57 3.36
C LEU E 351 -42.59 3.49 2.29
N VAL E 352 -41.32 3.42 1.90
CA VAL E 352 -40.84 2.35 1.04
C VAL E 352 -41.29 0.99 1.58
N LEU E 353 -41.59 0.07 0.68
CA LEU E 353 -41.93 -1.28 1.07
C LEU E 353 -40.66 -2.10 1.31
N VAL E 354 -40.74 -2.99 2.29
CA VAL E 354 -39.61 -3.84 2.65
C VAL E 354 -40.09 -5.28 2.76
N GLY E 355 -39.44 -6.19 2.04
CA GLY E 355 -39.78 -7.59 2.09
C GLY E 355 -39.00 -8.40 1.07
N PRO E 356 -39.30 -9.70 0.99
CA PRO E 356 -38.64 -10.56 -0.01
C PRO E 356 -38.98 -10.10 -1.41
N PRO E 357 -38.06 -10.31 -2.36
CA PRO E 357 -38.31 -9.85 -3.75
C PRO E 357 -39.38 -10.63 -4.49
N GLY E 358 -39.72 -11.83 -4.05
CA GLY E 358 -40.71 -12.63 -4.72
C GLY E 358 -42.16 -12.32 -4.36
N VAL E 359 -42.39 -11.40 -3.43
CA VAL E 359 -43.75 -11.08 -3.00
C VAL E 359 -44.40 -10.12 -3.97
N GLY E 360 -45.71 -9.95 -3.85
CA GLY E 360 -46.45 -9.08 -4.74
C GLY E 360 -46.22 -7.60 -4.47
N LYS E 361 -44.96 -7.16 -4.55
CA LYS E 361 -44.64 -5.76 -4.34
C LYS E 361 -45.31 -4.86 -5.37
N THR E 362 -45.42 -5.33 -6.61
CA THR E 362 -46.08 -4.54 -7.66
C THR E 362 -47.57 -4.41 -7.38
N SER E 363 -48.18 -5.47 -6.82
CA SER E 363 -49.62 -5.50 -6.60
C SER E 363 -50.09 -4.41 -5.65
N LEU E 364 -49.32 -4.10 -4.60
CA LEU E 364 -49.74 -3.07 -3.65
C LEU E 364 -49.86 -1.72 -4.34
N GLY E 365 -48.80 -1.31 -5.05
CA GLY E 365 -48.84 -0.05 -5.77
C GLY E 365 -49.91 -0.01 -6.83
N ARG E 366 -50.09 -1.12 -7.57
CA ARG E 366 -51.11 -1.14 -8.61
C ARG E 366 -52.51 -1.02 -8.02
N SER E 367 -52.78 -1.72 -6.91
CA SER E 367 -54.09 -1.62 -6.28
C SER E 367 -54.34 -0.24 -5.71
N ILE E 368 -53.33 0.36 -5.09
CA ILE E 368 -53.51 1.72 -4.55
C ILE E 368 -53.76 2.71 -5.68
N ALA E 369 -53.03 2.59 -6.78
CA ALA E 369 -53.30 3.46 -7.92
C ALA E 369 -54.71 3.24 -8.48
N ARG E 370 -55.15 1.97 -8.52
CA ARG E 370 -56.50 1.67 -8.99
C ARG E 370 -57.55 2.34 -8.12
N SER E 371 -57.40 2.22 -6.79
CA SER E 371 -58.37 2.79 -5.87
C SER E 371 -58.34 4.31 -5.91
N MET E 372 -57.15 4.89 -5.82
CA MET E 372 -56.98 6.32 -5.63
C MET E 372 -57.11 7.07 -6.94
N ASN E 373 -57.31 6.33 -8.03
CA ASN E 373 -57.45 6.90 -9.37
C ASN E 373 -56.24 7.77 -9.73
N ARG E 374 -55.07 7.16 -9.75
CA ARG E 374 -53.86 7.78 -10.27
C ARG E 374 -53.35 6.93 -11.43
N LYS E 375 -52.89 7.60 -12.48
CA LYS E 375 -52.24 6.91 -13.60
C LYS E 375 -50.88 6.40 -13.15
N PHE E 376 -50.83 5.14 -12.73
CA PHE E 376 -49.62 4.58 -12.13
C PHE E 376 -48.45 4.62 -13.11
N HIS E 377 -47.28 5.00 -12.60
CA HIS E 377 -46.03 4.95 -13.34
C HIS E 377 -45.01 4.14 -12.55
N ARG E 378 -43.81 4.03 -13.12
CA ARG E 378 -42.64 3.50 -12.43
C ARG E 378 -41.41 3.79 -13.27
N ILE E 379 -40.28 4.00 -12.60
CA ILE E 379 -39.03 4.34 -13.25
C ILE E 379 -37.92 3.45 -12.70
N SER E 380 -36.85 3.34 -13.47
CA SER E 380 -35.73 2.44 -13.16
C SER E 380 -34.74 3.18 -12.26
N LEU E 381 -34.78 2.90 -10.97
CA LEU E 381 -33.84 3.47 -10.02
C LEU E 381 -32.99 2.43 -9.30
N GLY E 382 -33.31 1.14 -9.44
CA GLY E 382 -32.59 0.09 -8.75
C GLY E 382 -31.58 -0.63 -9.61
N GLY E 383 -30.33 -0.69 -9.13
CA GLY E 383 -29.26 -1.33 -9.87
C GLY E 383 -28.55 -0.44 -10.87
N VAL E 384 -29.01 0.80 -11.05
CA VAL E 384 -28.37 1.70 -11.99
C VAL E 384 -26.98 2.08 -11.49
N ARG E 385 -26.15 2.57 -12.41
CA ARG E 385 -24.79 2.95 -12.07
C ARG E 385 -24.37 4.29 -12.68
N ASP E 386 -25.26 4.96 -13.40
CA ASP E 386 -24.99 6.29 -13.93
C ASP E 386 -26.17 7.19 -13.62
N GLU E 387 -25.90 8.50 -13.51
CA GLU E 387 -26.92 9.47 -13.16
C GLU E 387 -27.39 10.21 -14.42
N ALA E 388 -28.18 9.51 -15.22
CA ALA E 388 -29.04 10.13 -16.22
C ALA E 388 -30.43 9.53 -16.17
N GLU E 389 -30.62 8.43 -15.45
CA GLU E 389 -31.92 7.84 -15.17
C GLU E 389 -32.44 8.25 -13.80
N ILE E 390 -31.69 9.05 -13.05
CA ILE E 390 -32.08 9.54 -11.74
C ILE E 390 -32.16 11.06 -11.70
N ARG E 391 -31.07 11.71 -12.08
CA ARG E 391 -30.94 13.16 -12.10
C ARG E 391 -30.69 13.72 -13.49
N GLY E 392 -29.77 13.12 -14.25
CA GLY E 392 -29.26 13.74 -15.44
C GLY E 392 -28.19 14.76 -15.13
N HIS E 393 -27.59 15.30 -16.18
CA HIS E 393 -26.55 16.31 -16.01
C HIS E 393 -26.81 17.43 -17.02
N ARG E 394 -26.32 18.63 -16.69
CA ARG E 394 -26.75 19.85 -17.36
C ARG E 394 -26.61 19.73 -18.87
N ARG E 395 -27.56 20.36 -19.57
CA ARG E 395 -27.70 20.19 -21.02
C ARG E 395 -26.56 20.92 -21.74
N THR E 396 -25.37 20.34 -21.62
CA THR E 396 -24.19 20.80 -22.35
C THR E 396 -23.41 19.67 -22.99
N TYR E 397 -23.87 18.42 -22.88
CA TYR E 397 -23.22 17.30 -23.54
C TYR E 397 -24.17 16.12 -23.60
N ILE E 398 -24.02 15.31 -24.64
CA ILE E 398 -24.82 14.10 -24.81
C ILE E 398 -24.33 13.06 -23.82
N GLY E 399 -25.15 12.04 -23.56
CA GLY E 399 -24.93 11.15 -22.45
C GLY E 399 -25.53 11.64 -21.15
N ALA E 400 -25.93 12.91 -21.10
CA ALA E 400 -26.68 13.47 -19.98
C ALA E 400 -28.10 13.71 -20.46
N MET E 401 -29.06 13.05 -19.81
CA MET E 401 -30.40 12.94 -20.34
C MET E 401 -31.38 13.42 -19.27
N PRO E 402 -32.56 13.91 -19.65
CA PRO E 402 -33.58 14.18 -18.64
C PRO E 402 -33.87 12.96 -17.79
N GLY E 403 -33.99 13.18 -16.49
CA GLY E 403 -34.17 12.08 -15.57
C GLY E 403 -35.46 11.32 -15.80
N LYS E 404 -35.50 10.10 -15.28
CA LYS E 404 -36.67 9.25 -15.46
C LYS E 404 -37.92 9.84 -14.82
N LEU E 405 -37.77 10.66 -13.78
CA LEU E 405 -38.91 11.38 -13.24
C LEU E 405 -39.48 12.36 -14.27
N ILE E 406 -38.60 13.04 -14.99
CA ILE E 406 -39.07 13.92 -16.07
C ILE E 406 -39.75 13.10 -17.16
N HIS E 407 -39.22 11.91 -17.47
CA HIS E 407 -39.87 11.05 -18.46
C HIS E 407 -41.26 10.62 -17.99
N ALA E 408 -41.41 10.27 -16.72
CA ALA E 408 -42.72 9.90 -16.20
C ALA E 408 -43.69 11.08 -16.21
N MET E 409 -43.21 12.28 -15.86
CA MET E 409 -44.03 13.48 -15.98
C MET E 409 -44.40 13.78 -17.43
N LYS E 410 -43.56 13.36 -18.38
CA LYS E 410 -43.90 13.45 -19.79
C LYS E 410 -44.93 12.38 -20.19
N GLN E 411 -44.94 11.25 -19.47
CA GLN E 411 -45.84 10.17 -19.83
C GLN E 411 -47.30 10.58 -19.72
N VAL E 412 -47.63 11.48 -18.80
CA VAL E 412 -49.00 11.94 -18.62
C VAL E 412 -48.98 13.36 -18.08
N GLY E 413 -50.02 14.13 -18.43
CA GLY E 413 -50.09 15.52 -18.04
C GLY E 413 -50.68 15.82 -16.69
N VAL E 414 -51.33 14.84 -16.05
CA VAL E 414 -51.93 15.06 -14.74
C VAL E 414 -50.83 15.22 -13.71
N ILE E 415 -50.94 16.27 -12.89
CA ILE E 415 -49.85 16.69 -12.02
C ILE E 415 -49.89 15.95 -10.70
N ASN E 416 -50.71 14.91 -10.61
CA ASN E 416 -50.66 14.07 -9.42
C ASN E 416 -50.50 12.60 -9.78
N PRO E 417 -49.40 12.21 -10.42
CA PRO E 417 -49.18 10.80 -10.74
C PRO E 417 -48.64 10.06 -9.52
N VAL E 418 -48.28 8.81 -9.74
CA VAL E 418 -47.66 7.96 -8.72
C VAL E 418 -46.38 7.41 -9.34
N ILE E 419 -45.27 8.09 -9.08
CA ILE E 419 -43.98 7.70 -9.65
C ILE E 419 -43.33 6.65 -8.76
N LEU E 420 -43.66 5.38 -8.97
CA LEU E 420 -43.08 4.32 -8.18
C LEU E 420 -41.58 4.23 -8.43
N LEU E 421 -40.79 4.24 -7.36
CA LEU E 421 -39.34 4.12 -7.45
C LEU E 421 -38.98 2.68 -7.11
N ASP E 422 -38.38 1.99 -8.07
CA ASP E 422 -38.19 0.54 -7.97
C ASP E 422 -36.80 0.22 -7.43
N GLU E 423 -36.77 -0.64 -6.40
CA GLU E 423 -35.51 -1.17 -5.86
C GLU E 423 -34.56 -0.05 -5.43
N ILE E 424 -35.09 0.90 -4.66
CA ILE E 424 -34.28 2.01 -4.18
C ILE E 424 -33.09 1.56 -3.35
N ASP E 425 -33.19 0.40 -2.70
CA ASP E 425 -32.10 -0.10 -1.88
C ASP E 425 -30.85 -0.45 -2.68
N LYS E 426 -30.96 -0.58 -4.00
CA LYS E 426 -29.82 -0.87 -4.86
C LYS E 426 -29.41 0.34 -5.69
N MET E 427 -29.84 1.53 -5.30
CA MET E 427 -29.48 2.73 -6.05
C MET E 427 -28.04 3.12 -5.77
N SER E 428 -27.26 3.31 -6.84
CA SER E 428 -25.87 3.72 -6.74
C SER E 428 -25.46 4.31 -8.09
N SER E 429 -24.22 4.77 -8.17
CA SER E 429 -23.75 5.36 -9.41
C SER E 429 -22.23 5.49 -9.38
N ASP E 430 -21.61 5.30 -10.55
CA ASP E 430 -20.20 5.64 -10.73
C ASP E 430 -19.99 7.14 -10.83
N TRP E 431 -21.01 7.88 -11.26
CA TRP E 431 -20.96 9.33 -11.21
C TRP E 431 -20.95 9.76 -9.75
N ARG E 432 -19.77 10.14 -9.26
CA ARG E 432 -19.65 10.70 -7.94
C ARG E 432 -20.40 12.03 -7.87
N GLY E 433 -20.84 12.39 -6.67
CA GLY E 433 -21.84 13.41 -6.49
C GLY E 433 -23.15 12.72 -6.20
N ASP E 434 -23.51 12.64 -4.94
CA ASP E 434 -24.52 11.69 -4.51
C ASP E 434 -25.91 12.07 -5.01
N PRO E 435 -26.59 11.12 -5.66
CA PRO E 435 -28.01 11.36 -6.01
C PRO E 435 -28.92 11.45 -4.80
N ALA E 436 -28.45 11.02 -3.63
CA ALA E 436 -29.26 11.14 -2.41
C ALA E 436 -29.65 12.58 -2.12
N SER E 437 -28.85 13.55 -2.58
CA SER E 437 -29.26 14.94 -2.50
C SER E 437 -30.52 15.18 -3.32
N ALA E 438 -30.60 14.59 -4.52
CA ALA E 438 -31.82 14.68 -5.30
C ALA E 438 -32.98 13.95 -4.64
N MET E 439 -32.70 12.86 -3.92
CA MET E 439 -33.74 12.20 -3.14
C MET E 439 -34.28 13.11 -2.06
N LEU E 440 -33.41 13.80 -1.33
CA LEU E 440 -33.88 14.77 -0.34
C LEU E 440 -34.64 15.91 -0.99
N GLU E 441 -34.20 16.34 -2.17
CA GLU E 441 -34.85 17.43 -2.88
C GLU E 441 -36.25 17.06 -3.33
N VAL E 442 -36.41 15.88 -3.94
CA VAL E 442 -37.69 15.45 -4.47
C VAL E 442 -38.63 14.97 -3.37
N LEU E 443 -38.08 14.47 -2.25
CA LEU E 443 -38.93 13.96 -1.18
C LEU E 443 -39.44 15.08 -0.27
N ASP E 444 -38.86 16.26 -0.37
CA ASP E 444 -39.34 17.40 0.41
C ASP E 444 -40.33 18.20 -0.42
N PRO E 445 -41.61 18.26 -0.05
CA PRO E 445 -42.59 19.01 -0.85
C PRO E 445 -42.28 20.49 -0.96
N GLU E 446 -41.66 21.09 0.06
CA GLU E 446 -41.16 22.46 -0.03
C GLU E 446 -39.93 22.56 -0.92
N GLN E 447 -39.33 21.43 -1.28
CA GLN E 447 -38.17 21.41 -2.16
C GLN E 447 -38.42 20.62 -3.44
N ASN E 448 -39.48 19.80 -3.47
CA ASN E 448 -39.85 19.09 -4.69
C ASN E 448 -40.51 20.01 -5.71
N ASN E 449 -41.20 21.06 -5.26
CA ASN E 449 -41.64 22.09 -6.18
C ASN E 449 -40.44 22.76 -6.85
N THR E 450 -39.34 22.90 -6.10
CA THR E 450 -38.09 23.43 -6.61
C THR E 450 -37.07 22.33 -6.86
N PHE E 451 -37.52 21.16 -7.31
CA PHE E 451 -36.66 20.01 -7.51
C PHE E 451 -35.80 20.24 -8.75
N THR E 452 -34.51 20.45 -8.52
CA THR E 452 -33.53 20.56 -9.58
C THR E 452 -32.54 19.41 -9.48
N ASP E 453 -31.76 19.22 -10.54
CA ASP E 453 -30.72 18.21 -10.59
C ASP E 453 -29.49 18.87 -11.21
N HIS E 454 -28.51 18.05 -11.59
CA HIS E 454 -27.46 18.57 -12.46
C HIS E 454 -28.05 19.02 -13.78
N TYR E 455 -29.03 18.27 -14.30
CA TYR E 455 -29.65 18.57 -15.58
C TYR E 455 -30.68 19.68 -15.47
N LEU E 456 -31.53 19.63 -14.45
CA LEU E 456 -32.65 20.56 -14.32
C LEU E 456 -32.11 21.95 -14.01
N ASP E 457 -31.98 22.78 -15.04
CA ASP E 457 -31.45 24.13 -14.88
C ASP E 457 -32.48 25.12 -14.37
N VAL E 458 -33.77 24.76 -14.38
CA VAL E 458 -34.84 25.62 -13.88
C VAL E 458 -35.59 24.84 -12.81
N PRO E 459 -36.02 25.48 -11.71
CA PRO E 459 -36.84 24.75 -10.74
C PRO E 459 -38.18 24.37 -11.34
N TYR E 460 -38.34 23.08 -11.62
CA TYR E 460 -39.49 22.58 -12.36
C TYR E 460 -40.62 22.31 -11.38
N ASP E 461 -41.77 22.94 -11.62
CA ASP E 461 -42.88 22.94 -10.65
C ASP E 461 -43.49 21.54 -10.55
N LEU E 462 -43.17 20.84 -9.46
CA LEU E 462 -43.75 19.53 -9.13
C LEU E 462 -44.37 19.70 -7.75
N SER E 463 -45.66 20.03 -7.72
CA SER E 463 -46.34 20.35 -6.47
C SER E 463 -47.25 19.24 -5.96
N LYS E 464 -48.14 18.72 -6.81
CA LYS E 464 -49.14 17.76 -6.38
C LYS E 464 -48.74 16.32 -6.67
N VAL E 465 -47.47 16.07 -6.98
CA VAL E 465 -47.02 14.74 -7.40
C VAL E 465 -46.92 13.85 -6.16
N PHE E 466 -47.69 12.76 -6.16
CA PHE E 466 -47.57 11.73 -5.15
C PHE E 466 -46.34 10.87 -5.43
N PHE E 467 -45.93 10.10 -4.43
CA PHE E 467 -44.74 9.27 -4.56
C PHE E 467 -44.91 7.97 -3.80
N ILE E 468 -44.12 6.97 -4.18
CA ILE E 468 -44.10 5.68 -3.50
C ILE E 468 -42.81 4.98 -3.92
N THR E 469 -42.37 4.02 -3.11
CA THR E 469 -41.09 3.35 -3.38
C THR E 469 -41.14 1.94 -2.81
N THR E 470 -40.31 1.06 -3.37
CA THR E 470 -40.18 -0.32 -2.93
C THR E 470 -38.71 -0.66 -2.73
N ALA E 471 -38.47 -1.65 -1.87
CA ALA E 471 -37.12 -2.13 -1.59
C ALA E 471 -37.22 -3.54 -1.02
N ASN E 472 -36.07 -4.22 -0.95
CA ASN E 472 -36.08 -5.62 -0.52
C ASN E 472 -34.94 -5.95 0.45
N THR E 473 -34.39 -4.96 1.15
CA THR E 473 -33.30 -5.21 2.08
C THR E 473 -33.32 -4.14 3.17
N LEU E 474 -33.00 -4.53 4.40
CA LEU E 474 -33.00 -3.63 5.54
C LEU E 474 -31.65 -2.98 5.80
N GLN E 475 -30.65 -3.23 4.97
CA GLN E 475 -29.31 -2.72 5.21
C GLN E 475 -28.80 -1.77 4.12
N THR E 476 -28.96 -2.13 2.85
CA THR E 476 -28.41 -1.32 1.75
C THR E 476 -29.31 -0.11 1.52
N ILE E 477 -29.09 0.92 2.32
CA ILE E 477 -29.81 2.19 2.15
C ILE E 477 -29.00 3.31 2.77
N PRO E 478 -28.79 4.42 2.06
CA PRO E 478 -28.09 5.56 2.66
C PRO E 478 -28.90 6.16 3.80
N ARG E 479 -28.20 6.68 4.80
CA ARG E 479 -28.84 7.30 5.96
C ARG E 479 -29.63 8.56 5.61
N PRO E 480 -29.19 9.37 4.61
CA PRO E 480 -30.06 10.47 4.16
C PRO E 480 -31.37 9.98 3.54
N LEU E 481 -31.57 8.67 3.51
CA LEU E 481 -32.83 8.07 3.11
C LEU E 481 -33.51 7.37 4.28
N LEU E 482 -33.28 7.87 5.49
CA LEU E 482 -34.01 7.43 6.67
C LEU E 482 -34.98 8.47 7.20
N ASP E 483 -34.72 9.75 6.97
CA ASP E 483 -35.70 10.79 7.23
C ASP E 483 -36.37 11.11 5.89
N ARG E 484 -37.65 11.51 5.97
CA ARG E 484 -38.52 11.56 4.78
C ARG E 484 -38.64 10.19 4.12
N MET E 485 -38.48 9.12 4.90
CA MET E 485 -38.57 7.78 4.36
C MET E 485 -38.72 6.83 5.54
N GLU E 486 -39.53 5.78 5.37
CA GLU E 486 -39.79 4.87 6.48
C GLU E 486 -40.12 3.48 5.96
N VAL E 487 -40.10 2.51 6.87
CA VAL E 487 -40.21 1.11 6.49
C VAL E 487 -41.67 0.67 6.51
N ILE E 488 -42.07 -0.05 5.47
CA ILE E 488 -43.25 -0.91 5.51
C ILE E 488 -42.76 -2.33 5.29
N GLU E 489 -43.00 -3.20 6.27
CA GLU E 489 -42.58 -4.59 6.17
C GLU E 489 -43.63 -5.38 5.37
N ILE E 490 -43.16 -6.14 4.39
CA ILE E 490 -44.01 -6.95 3.54
C ILE E 490 -43.76 -8.41 3.88
N PRO E 491 -44.64 -9.07 4.64
CA PRO E 491 -44.39 -10.47 5.00
C PRO E 491 -44.41 -11.37 3.79
N GLY E 492 -43.61 -12.42 3.84
CA GLY E 492 -43.64 -13.44 2.82
C GLY E 492 -44.90 -14.27 2.88
N TYR E 493 -45.17 -14.97 1.79
CA TYR E 493 -46.35 -15.83 1.71
C TYR E 493 -46.01 -17.24 2.16
N THR E 494 -47.04 -17.94 2.63
CA THR E 494 -46.92 -19.30 3.09
C THR E 494 -47.55 -20.26 2.10
N ASN E 495 -47.28 -21.56 2.30
CA ASN E 495 -47.83 -22.56 1.40
C ASN E 495 -49.35 -22.56 1.39
N MET E 496 -49.97 -22.25 2.52
CA MET E 496 -51.42 -22.08 2.54
C MET E 496 -51.84 -20.77 1.87
N GLU E 497 -51.13 -19.68 2.17
CA GLU E 497 -51.38 -18.42 1.49
C GLU E 497 -51.11 -18.55 0.00
N LYS E 498 -50.01 -19.21 -0.36
CA LYS E 498 -49.73 -19.45 -1.77
C LYS E 498 -50.79 -20.34 -2.40
N GLN E 499 -51.29 -21.32 -1.67
CA GLN E 499 -52.38 -22.16 -2.16
C GLN E 499 -53.61 -21.33 -2.50
N ALA E 500 -54.05 -20.49 -1.56
CA ALA E 500 -55.24 -19.69 -1.79
C ALA E 500 -55.04 -18.71 -2.94
N ILE E 501 -53.92 -17.98 -2.94
CA ILE E 501 -53.71 -16.99 -3.98
C ILE E 501 -53.57 -17.66 -5.34
N ALA E 502 -52.88 -18.80 -5.39
CA ALA E 502 -52.81 -19.57 -6.63
C ALA E 502 -54.20 -19.91 -7.13
N ARG E 503 -54.94 -20.71 -6.36
CA ARG E 503 -56.25 -21.20 -6.77
C ARG E 503 -57.15 -20.07 -7.23
N GLN E 504 -57.16 -18.95 -6.50
CA GLN E 504 -58.13 -17.90 -6.80
C GLN E 504 -57.68 -16.94 -7.89
N TYR E 505 -56.39 -16.62 -7.99
CA TYR E 505 -56.00 -15.59 -8.95
C TYR E 505 -54.85 -16.01 -9.86
N LEU E 506 -53.90 -16.82 -9.37
CA LEU E 506 -52.68 -17.04 -10.14
C LEU E 506 -52.90 -17.97 -11.31
N TRP E 507 -53.74 -18.99 -11.14
CA TRP E 507 -54.05 -19.89 -12.25
C TRP E 507 -54.72 -19.14 -13.41
N PRO E 508 -55.70 -18.26 -13.17
CA PRO E 508 -56.21 -17.44 -14.27
C PRO E 508 -55.14 -16.62 -14.96
N LYS E 509 -54.13 -16.14 -14.23
CA LYS E 509 -53.03 -15.41 -14.87
C LYS E 509 -52.30 -16.31 -15.87
N GLN E 510 -51.94 -17.51 -15.44
CA GLN E 510 -51.25 -18.44 -16.33
C GLN E 510 -52.15 -18.98 -17.44
N VAL E 511 -53.47 -18.88 -17.28
CA VAL E 511 -54.37 -19.23 -18.38
C VAL E 511 -54.11 -18.34 -19.58
N ARG E 512 -53.99 -17.04 -19.36
CA ARG E 512 -53.62 -16.12 -20.42
C ARG E 512 -52.14 -16.18 -20.76
N GLU E 513 -51.28 -16.49 -19.78
CA GLU E 513 -49.86 -16.64 -20.03
C GLU E 513 -49.53 -17.88 -20.85
N SER E 514 -50.48 -18.81 -21.00
CA SER E 514 -50.26 -19.98 -21.85
C SER E 514 -50.89 -19.83 -23.23
N GLY E 515 -51.71 -18.81 -23.45
CA GLY E 515 -52.35 -18.59 -24.72
C GLY E 515 -53.60 -19.42 -24.96
N MET E 516 -53.99 -20.27 -24.01
CA MET E 516 -55.15 -21.14 -24.15
C MET E 516 -56.11 -20.86 -22.99
N GLU E 517 -57.26 -20.26 -23.33
CA GLU E 517 -58.27 -19.91 -22.35
C GLU E 517 -59.26 -21.04 -22.21
N GLY E 518 -59.50 -21.49 -20.97
CA GLY E 518 -60.46 -22.53 -20.72
C GLY E 518 -60.00 -23.93 -21.10
N ARG E 519 -58.73 -24.09 -21.48
CA ARG E 519 -58.20 -25.39 -21.86
C ARG E 519 -57.47 -26.10 -20.72
N ILE E 520 -57.31 -25.45 -19.57
CA ILE E 520 -56.55 -25.99 -18.46
C ILE E 520 -57.51 -26.29 -17.31
N GLU E 521 -57.13 -27.26 -16.48
CA GLU E 521 -57.88 -27.56 -15.25
C GLU E 521 -56.87 -28.04 -14.21
N VAL E 522 -56.39 -27.11 -13.39
CA VAL E 522 -55.44 -27.39 -12.32
C VAL E 522 -56.24 -27.44 -11.01
N THR E 523 -56.22 -28.58 -10.35
CA THR E 523 -57.01 -28.76 -9.14
C THR E 523 -56.23 -28.24 -7.93
N ASP E 524 -56.77 -28.46 -6.74
CA ASP E 524 -56.11 -28.07 -5.50
C ASP E 524 -54.98 -29.00 -5.11
N ALA E 525 -55.15 -30.30 -5.34
CA ALA E 525 -54.08 -31.26 -5.01
C ALA E 525 -52.87 -31.10 -5.92
N ALA E 526 -53.09 -30.71 -7.19
CA ALA E 526 -51.98 -30.41 -8.07
C ALA E 526 -51.13 -29.28 -7.49
N ILE E 527 -51.78 -28.23 -6.99
CA ILE E 527 -51.04 -27.15 -6.34
C ILE E 527 -50.42 -27.64 -5.04
N LEU E 528 -51.03 -28.63 -4.39
CA LEU E 528 -50.42 -29.21 -3.19
C LEU E 528 -49.06 -29.85 -3.51
N ARG E 529 -48.98 -30.66 -4.57
CA ARG E 529 -47.67 -31.14 -5.01
C ARG E 529 -46.76 -30.05 -5.58
N VAL E 530 -47.32 -29.01 -6.20
CA VAL E 530 -46.46 -27.90 -6.59
C VAL E 530 -45.78 -27.30 -5.36
N ILE E 531 -46.52 -27.22 -4.26
CA ILE E 531 -45.97 -26.75 -3.00
C ILE E 531 -44.91 -27.72 -2.48
N SER E 532 -45.24 -29.02 -2.46
CA SER E 532 -44.42 -29.97 -1.71
C SER E 532 -43.14 -30.32 -2.46
N GLU E 533 -43.25 -30.65 -3.74
CA GLU E 533 -42.13 -31.19 -4.50
C GLU E 533 -41.45 -30.17 -5.40
N TYR E 534 -42.02 -28.97 -5.55
CA TYR E 534 -41.50 -28.07 -6.57
C TYR E 534 -41.34 -26.61 -6.16
N THR E 535 -41.93 -26.14 -5.08
CA THR E 535 -41.81 -24.74 -4.71
C THR E 535 -41.52 -24.61 -3.22
N ARG E 536 -40.46 -23.87 -2.88
CA ARG E 536 -40.10 -23.56 -1.50
C ARG E 536 -39.41 -22.20 -1.45
N GLU E 537 -40.18 -21.16 -1.18
CA GLU E 537 -39.64 -19.82 -1.00
C GLU E 537 -40.72 -18.95 -0.37
N ALA E 538 -40.38 -17.68 -0.14
CA ALA E 538 -41.28 -16.71 0.47
C ALA E 538 -41.98 -15.84 -0.56
N GLY E 539 -41.88 -16.19 -1.84
CA GLY E 539 -42.47 -15.39 -2.89
C GLY E 539 -43.39 -16.17 -3.81
N VAL E 540 -43.73 -15.58 -4.96
CA VAL E 540 -44.62 -16.19 -5.93
C VAL E 540 -43.97 -16.37 -7.28
N ARG E 541 -42.73 -15.89 -7.47
CA ARG E 541 -42.06 -16.04 -8.76
C ARG E 541 -41.85 -17.51 -9.10
N GLY E 542 -41.45 -18.32 -8.11
CA GLY E 542 -41.35 -19.76 -8.34
C GLY E 542 -42.71 -20.39 -8.65
N LEU E 543 -43.77 -19.91 -8.00
CA LEU E 543 -45.10 -20.36 -8.35
C LEU E 543 -45.42 -20.05 -9.80
N GLU E 544 -45.09 -18.85 -10.26
CA GLU E 544 -45.33 -18.49 -11.65
C GLU E 544 -44.52 -19.36 -12.60
N ARG E 545 -43.25 -19.62 -12.28
CA ARG E 545 -42.44 -20.45 -13.15
C ARG E 545 -42.99 -21.87 -13.24
N GLU E 546 -43.40 -22.45 -12.12
CA GLU E 546 -43.88 -23.82 -12.15
C GLU E 546 -45.25 -23.91 -12.82
N LEU E 547 -46.12 -22.94 -12.56
CA LEU E 547 -47.39 -22.89 -13.27
C LEU E 547 -47.19 -22.72 -14.76
N GLY E 548 -46.18 -21.94 -15.16
CA GLY E 548 -45.84 -21.83 -16.57
C GLY E 548 -45.32 -23.13 -17.15
N LYS E 549 -44.53 -23.87 -16.38
CA LYS E 549 -44.10 -25.21 -16.82
C LYS E 549 -45.32 -26.09 -17.10
N ILE E 550 -46.24 -26.14 -16.14
CA ILE E 550 -47.43 -26.97 -16.30
C ILE E 550 -48.27 -26.52 -17.48
N ALA E 551 -48.46 -25.21 -17.62
CA ALA E 551 -49.27 -24.68 -18.72
C ALA E 551 -48.61 -24.93 -20.07
N ARG E 552 -47.29 -24.76 -20.16
CA ARG E 552 -46.59 -25.01 -21.41
C ARG E 552 -46.67 -26.47 -21.81
N LYS E 553 -46.51 -27.40 -20.86
CA LYS E 553 -46.65 -28.80 -21.21
C LYS E 553 -48.09 -29.16 -21.57
N GLY E 554 -49.07 -28.61 -20.87
CA GLY E 554 -50.45 -28.84 -21.25
C GLY E 554 -50.76 -28.32 -22.64
N ALA E 555 -50.21 -27.16 -22.99
CA ALA E 555 -50.37 -26.62 -24.33
C ALA E 555 -49.61 -27.44 -25.36
N LYS E 556 -48.50 -28.07 -24.97
CA LYS E 556 -47.81 -28.99 -25.87
C LYS E 556 -48.68 -30.21 -26.18
N PHE E 557 -49.33 -30.77 -25.16
CA PHE E 557 -50.25 -31.88 -25.40
C PHE E 557 -51.48 -31.45 -26.21
N TRP E 558 -52.02 -30.27 -25.93
CA TRP E 558 -53.24 -29.83 -26.62
C TRP E 558 -52.98 -29.40 -28.06
N LEU E 559 -51.86 -28.71 -28.31
CA LEU E 559 -51.59 -28.16 -29.63
C LEU E 559 -51.44 -29.26 -30.68
N GLU E 560 -50.96 -30.43 -30.29
CA GLU E 560 -50.80 -31.56 -31.19
C GLU E 560 -52.04 -32.46 -31.21
N GLY E 561 -53.13 -32.01 -30.63
CA GLY E 561 -54.36 -32.77 -30.60
C GLY E 561 -55.10 -32.67 -29.27
N ALA E 562 -56.41 -32.88 -29.30
CA ALA E 562 -57.24 -32.82 -28.10
C ALA E 562 -58.17 -34.01 -28.06
N TRP E 563 -58.38 -34.54 -26.86
CA TRP E 563 -59.26 -35.69 -26.66
C TRP E 563 -60.16 -35.55 -25.44
N GLU E 564 -60.15 -34.39 -24.77
CA GLU E 564 -60.97 -34.15 -23.60
C GLU E 564 -61.66 -32.80 -23.74
N GLY E 565 -62.84 -32.70 -23.14
CA GLY E 565 -63.50 -31.40 -23.06
C GLY E 565 -62.76 -30.41 -22.21
N LEU E 566 -61.91 -30.89 -21.31
CA LEU E 566 -61.08 -30.03 -20.46
C LEU E 566 -59.98 -30.89 -19.86
N ARG E 567 -58.74 -30.46 -20.02
CA ARG E 567 -57.60 -31.24 -19.56
C ARG E 567 -57.42 -31.04 -18.05
N THR E 568 -57.72 -32.07 -17.28
CA THR E 568 -57.62 -32.02 -15.82
C THR E 568 -56.19 -32.38 -15.40
N ILE E 569 -55.65 -31.64 -14.45
CA ILE E 569 -54.29 -31.85 -13.95
C ILE E 569 -54.36 -32.19 -12.48
N ASP E 570 -54.11 -33.45 -12.14
CA ASP E 570 -54.23 -33.92 -10.76
C ASP E 570 -53.02 -34.80 -10.42
N ALA E 571 -53.16 -35.64 -9.39
CA ALA E 571 -52.06 -36.48 -8.95
C ALA E 571 -51.63 -37.50 -9.99
N SER E 572 -52.52 -37.88 -10.89
CA SER E 572 -52.17 -38.87 -11.91
C SER E 572 -51.17 -38.31 -12.91
N ASP E 573 -51.18 -36.99 -13.14
CA ASP E 573 -50.34 -36.39 -14.17
C ASP E 573 -49.45 -35.28 -13.64
N ILE E 574 -49.27 -35.18 -12.32
CA ILE E 574 -48.34 -34.20 -11.75
C ILE E 574 -46.88 -34.61 -11.96
N PRO E 575 -46.52 -35.91 -12.04
CA PRO E 575 -45.14 -36.24 -12.44
C PRO E 575 -44.92 -36.20 -13.94
N THR E 576 -45.98 -36.29 -14.74
CA THR E 576 -45.83 -36.24 -16.19
C THR E 576 -45.83 -34.80 -16.70
N TYR E 577 -46.74 -33.97 -16.19
CA TYR E 577 -46.80 -32.57 -16.58
C TYR E 577 -45.70 -31.73 -15.96
N LEU E 578 -44.76 -32.36 -15.25
CA LEU E 578 -43.61 -31.66 -14.69
C LEU E 578 -42.37 -32.52 -14.90
N GLY E 579 -41.20 -31.88 -14.85
CA GLY E 579 -39.96 -32.57 -15.07
C GLY E 579 -39.26 -33.00 -13.80
N ILE E 580 -37.97 -32.73 -13.70
CA ILE E 580 -37.19 -33.10 -12.52
C ILE E 580 -37.58 -32.17 -11.37
N PRO E 581 -37.93 -32.70 -10.20
CA PRO E 581 -38.29 -31.84 -9.07
C PRO E 581 -37.12 -30.97 -8.62
N ARG E 582 -37.24 -29.66 -8.81
CA ARG E 582 -36.20 -28.74 -8.37
C ARG E 582 -36.14 -28.63 -6.86
N TYR E 583 -37.24 -28.88 -6.16
CA TYR E 583 -37.31 -28.75 -4.72
C TYR E 583 -37.59 -30.11 -4.10
N ARG E 584 -37.34 -30.20 -2.80
CA ARG E 584 -37.45 -31.46 -2.08
C ARG E 584 -38.28 -31.27 -0.82
N PRO E 585 -38.99 -32.32 -0.39
CA PRO E 585 -39.67 -32.27 0.92
C PRO E 585 -38.79 -32.66 2.10
N ASP E 586 -37.47 -32.70 1.93
CA ASP E 586 -36.55 -33.12 2.97
C ASP E 586 -36.28 -32.04 4.00
N LYS E 587 -36.82 -30.83 3.80
CA LYS E 587 -36.74 -29.77 4.78
C LYS E 587 -37.98 -29.69 5.64
N ALA E 588 -38.87 -30.69 5.53
CA ALA E 588 -40.03 -30.83 6.38
C ALA E 588 -39.81 -31.87 7.47
N GLU E 589 -38.57 -32.30 7.68
CA GLU E 589 -38.26 -33.42 8.55
C GLU E 589 -37.17 -33.04 9.54
N THR E 590 -37.16 -33.74 10.67
CA THR E 590 -36.17 -33.51 11.73
C THR E 590 -35.00 -34.49 11.64
N GLU E 591 -35.12 -35.55 10.83
CA GLU E 591 -34.10 -36.58 10.68
C GLU E 591 -33.82 -37.23 12.03
N PRO E 592 -34.74 -38.08 12.52
CA PRO E 592 -34.65 -38.56 13.90
C PRO E 592 -33.46 -39.46 14.17
N GLN E 593 -32.27 -38.86 14.26
CA GLN E 593 -31.06 -39.55 14.66
C GLN E 593 -30.42 -38.76 15.79
N VAL E 594 -29.60 -39.45 16.59
CA VAL E 594 -29.08 -38.87 17.82
C VAL E 594 -28.14 -37.70 17.51
N GLY E 595 -28.42 -36.57 18.15
CA GLY E 595 -27.61 -35.39 17.95
C GLY E 595 -28.17 -34.44 16.91
N THR E 596 -29.08 -34.93 16.07
CA THR E 596 -29.66 -34.12 15.01
C THR E 596 -30.78 -33.24 15.56
N ALA E 597 -30.79 -31.99 15.14
CA ALA E 597 -31.80 -31.05 15.58
C ALA E 597 -32.03 -29.98 14.52
N GLN E 598 -33.24 -29.43 14.50
CA GLN E 598 -33.69 -28.49 13.47
C GLN E 598 -33.80 -27.09 14.05
N GLY E 599 -33.02 -26.17 13.50
CA GLY E 599 -33.07 -24.78 13.91
C GLY E 599 -33.74 -23.89 12.89
N LEU E 600 -34.78 -23.18 13.31
CA LEU E 600 -35.52 -22.30 12.41
C LEU E 600 -34.73 -21.00 12.22
N ALA E 601 -34.42 -20.67 10.98
CA ALA E 601 -33.73 -19.45 10.63
C ALA E 601 -34.47 -18.78 9.48
N TRP E 602 -34.10 -17.53 9.18
CA TRP E 602 -34.78 -16.77 8.16
C TRP E 602 -33.81 -15.82 7.48
N THR E 603 -34.18 -15.41 6.27
CA THR E 603 -33.51 -14.35 5.52
C THR E 603 -34.55 -13.39 4.97
N PRO E 604 -34.21 -12.10 4.85
CA PRO E 604 -35.19 -11.12 4.36
C PRO E 604 -35.47 -11.20 2.87
N VAL E 605 -34.97 -12.23 2.17
CA VAL E 605 -35.19 -12.39 0.74
C VAL E 605 -35.74 -13.76 0.38
N GLY E 606 -35.92 -14.65 1.33
CA GLY E 606 -36.39 -15.99 1.07
C GLY E 606 -36.39 -16.83 2.32
N GLY E 607 -36.95 -18.04 2.20
CA GLY E 607 -37.07 -18.92 3.33
C GLY E 607 -36.07 -20.06 3.32
N THR E 608 -35.58 -20.41 4.51
CA THR E 608 -34.64 -21.50 4.69
C THR E 608 -34.73 -21.98 6.13
N LEU E 609 -33.95 -23.01 6.45
CA LEU E 609 -33.89 -23.57 7.80
C LEU E 609 -32.42 -23.88 8.11
N LEU E 610 -32.20 -24.67 9.16
CA LEU E 610 -30.85 -25.11 9.48
C LEU E 610 -30.95 -26.43 10.24
N THR E 611 -29.89 -27.22 10.15
CA THR E 611 -29.78 -28.46 10.90
C THR E 611 -28.46 -28.46 11.65
N ILE E 612 -28.41 -29.24 12.72
CA ILE E 612 -27.22 -29.40 13.54
C ILE E 612 -27.09 -30.86 13.93
N GLU E 613 -25.86 -31.36 13.97
CA GLU E 613 -25.62 -32.68 14.54
C GLU E 613 -24.43 -32.57 15.48
N VAL E 614 -24.53 -33.21 16.64
CA VAL E 614 -23.50 -33.13 17.67
C VAL E 614 -23.04 -34.56 17.95
N ALA E 615 -21.75 -34.82 17.73
CA ALA E 615 -21.16 -36.10 18.06
C ALA E 615 -20.45 -35.99 19.40
N ALA E 616 -20.81 -36.87 20.34
CA ALA E 616 -20.25 -36.84 21.68
C ALA E 616 -19.15 -37.91 21.78
N VAL E 617 -17.95 -37.54 21.34
CA VAL E 617 -16.84 -38.49 21.35
C VAL E 617 -16.14 -38.39 22.70
N PRO E 618 -15.94 -39.50 23.42
CA PRO E 618 -15.27 -39.41 24.71
C PRO E 618 -13.81 -38.98 24.56
N GLY E 619 -13.53 -37.74 24.94
CA GLY E 619 -12.21 -37.18 24.77
C GLY E 619 -11.82 -36.19 25.85
N SER E 620 -11.33 -35.02 25.45
CA SER E 620 -10.86 -33.99 26.36
C SER E 620 -11.97 -33.13 26.93
N GLY E 621 -13.20 -33.27 26.44
CA GLY E 621 -14.32 -32.53 26.99
C GLY E 621 -14.44 -31.09 26.54
N LYS E 622 -13.74 -30.69 25.49
CA LYS E 622 -13.78 -29.31 25.00
C LYS E 622 -14.64 -29.25 23.74
N LEU E 623 -15.25 -28.09 23.51
CA LEU E 623 -16.13 -27.89 22.37
C LEU E 623 -15.31 -27.63 21.11
N SER E 624 -15.46 -28.50 20.11
CA SER E 624 -14.87 -28.30 18.79
C SER E 624 -16.00 -27.92 17.83
N LEU E 625 -15.97 -26.69 17.33
CA LEU E 625 -16.98 -26.20 16.40
C LEU E 625 -16.46 -26.30 14.97
N THR E 626 -17.21 -27.00 14.13
CA THR E 626 -16.88 -27.15 12.71
C THR E 626 -18.00 -26.52 11.89
N GLY E 627 -17.65 -25.61 10.99
CA GLY E 627 -18.64 -24.89 10.21
C GLY E 627 -18.41 -23.39 10.26
N GLN E 628 -17.22 -22.99 10.73
CA GLN E 628 -16.88 -21.57 10.88
C GLN E 628 -17.88 -20.84 11.76
N LEU E 629 -18.34 -21.51 12.80
CA LEU E 629 -19.33 -20.94 13.69
C LEU E 629 -18.72 -19.82 14.54
N GLY E 630 -19.57 -18.90 14.96
CA GLY E 630 -19.15 -17.83 15.85
C GLY E 630 -19.15 -18.28 17.29
N GLU E 631 -18.76 -17.33 18.17
CA GLU E 631 -18.66 -17.66 19.59
C GLU E 631 -20.03 -17.84 20.23
N VAL E 632 -21.06 -17.17 19.69
CA VAL E 632 -22.39 -17.23 20.29
C VAL E 632 -22.88 -18.66 20.45
N MET E 633 -22.64 -19.50 19.44
CA MET E 633 -22.90 -20.92 19.59
C MET E 633 -22.08 -21.53 20.70
N LYS E 634 -20.85 -21.03 20.91
CA LYS E 634 -20.03 -21.54 22.00
C LYS E 634 -20.69 -21.29 23.35
N GLU E 635 -21.08 -20.05 23.66
CA GLU E 635 -21.67 -19.87 24.98
C GLU E 635 -23.07 -20.47 25.07
N SER E 636 -23.80 -20.58 23.95
CA SER E 636 -25.09 -21.26 24.02
C SER E 636 -24.91 -22.74 24.39
N ALA E 637 -23.94 -23.41 23.77
CA ALA E 637 -23.65 -24.79 24.15
C ALA E 637 -23.12 -24.87 25.58
N GLN E 638 -22.34 -23.89 26.00
CA GLN E 638 -21.87 -23.88 27.39
C GLN E 638 -23.04 -23.76 28.36
N ALA E 639 -24.03 -22.93 28.05
CA ALA E 639 -25.22 -22.83 28.89
C ALA E 639 -26.02 -24.13 28.87
N ALA E 640 -26.12 -24.77 27.71
CA ALA E 640 -26.80 -26.06 27.65
C ALA E 640 -26.11 -27.10 28.53
N LEU E 641 -24.79 -27.18 28.43
CA LEU E 641 -24.04 -28.09 29.29
C LEU E 641 -24.17 -27.71 30.76
N THR E 642 -24.27 -26.41 31.05
CA THR E 642 -24.46 -25.98 32.42
C THR E 642 -25.79 -26.47 32.98
N TYR E 643 -26.86 -26.35 32.20
CA TYR E 643 -28.15 -26.86 32.65
C TYR E 643 -28.13 -28.37 32.78
N LEU E 644 -27.41 -29.06 31.88
CA LEU E 644 -27.25 -30.50 32.03
C LEU E 644 -26.54 -30.85 33.33
N ARG E 645 -25.50 -30.09 33.67
CA ARG E 645 -24.73 -30.31 34.88
C ARG E 645 -25.51 -29.95 36.14
N ALA E 646 -26.48 -29.04 36.04
CA ALA E 646 -27.27 -28.70 37.22
C ALA E 646 -28.18 -29.84 37.65
N HIS E 647 -28.68 -30.62 36.69
CA HIS E 647 -29.65 -31.69 36.94
C HIS E 647 -29.24 -32.96 36.21
N THR E 648 -27.99 -33.38 36.39
CA THR E 648 -27.55 -34.66 35.82
C THR E 648 -28.41 -35.81 36.29
N GLN E 649 -28.88 -35.77 37.53
CA GLN E 649 -29.70 -36.85 38.09
C GLN E 649 -31.10 -36.90 37.50
N ASP E 650 -31.53 -35.87 36.76
CA ASP E 650 -32.84 -35.87 36.13
C ASP E 650 -32.84 -36.57 34.78
N TYR E 651 -31.66 -36.89 34.23
CA TYR E 651 -31.58 -37.64 32.99
C TYR E 651 -30.66 -38.85 33.14
N GLY E 652 -30.32 -39.23 34.37
CA GLY E 652 -29.46 -40.37 34.60
C GLY E 652 -28.04 -40.19 34.08
N LEU E 653 -27.44 -39.03 34.33
CA LEU E 653 -26.11 -38.76 33.81
C LEU E 653 -25.09 -38.66 34.93
N PRO E 654 -23.84 -39.00 34.67
CA PRO E 654 -22.79 -38.87 35.69
C PRO E 654 -22.50 -37.41 36.00
N GLU E 655 -21.83 -37.19 37.13
CA GLU E 655 -21.49 -35.86 37.59
C GLU E 655 -20.11 -35.41 37.13
N ASP E 656 -19.43 -36.21 36.30
CA ASP E 656 -18.07 -35.88 35.88
C ASP E 656 -17.79 -36.07 34.40
N PHE E 657 -18.76 -36.51 33.60
CA PHE E 657 -18.50 -36.79 32.19
C PHE E 657 -18.38 -35.53 31.34
N TYR E 658 -18.65 -34.35 31.91
CA TYR E 658 -18.52 -33.11 31.15
C TYR E 658 -17.07 -32.83 30.77
N ASN E 659 -16.11 -33.27 31.59
CA ASN E 659 -14.70 -33.11 31.26
C ASN E 659 -14.21 -34.12 30.22
N LYS E 660 -15.00 -35.13 29.89
CA LYS E 660 -14.53 -36.25 29.09
C LYS E 660 -15.14 -36.32 27.70
N VAL E 661 -16.13 -35.49 27.38
CA VAL E 661 -16.89 -35.62 26.14
C VAL E 661 -16.58 -34.42 25.26
N ASP E 662 -15.77 -34.64 24.22
CA ASP E 662 -15.60 -33.64 23.18
C ASP E 662 -16.84 -33.64 22.29
N LEU E 663 -17.41 -32.46 22.07
CA LEU E 663 -18.58 -32.32 21.22
C LEU E 663 -18.15 -31.80 19.87
N HIS E 664 -18.37 -32.60 18.84
CA HIS E 664 -17.93 -32.30 17.47
C HIS E 664 -19.21 -31.99 16.70
N VAL E 665 -19.36 -30.72 16.32
CA VAL E 665 -20.64 -30.19 15.84
C VAL E 665 -20.53 -29.88 14.36
N HIS E 666 -21.49 -30.39 13.58
CA HIS E 666 -21.65 -30.01 12.19
C HIS E 666 -22.91 -29.17 12.04
N VAL E 667 -22.75 -27.98 11.49
CA VAL E 667 -23.83 -27.06 11.10
C VAL E 667 -23.54 -26.62 9.67
N PRO E 668 -24.44 -26.87 8.72
CA PRO E 668 -24.16 -26.48 7.33
C PRO E 668 -23.88 -25.00 7.14
N ASP E 669 -24.61 -24.14 7.84
CA ASP E 669 -24.38 -22.70 7.73
C ASP E 669 -23.28 -22.29 8.70
N GLY E 670 -22.93 -21.01 8.68
CA GLY E 670 -21.93 -20.48 9.60
C GLY E 670 -22.56 -19.94 10.85
N ALA E 671 -22.47 -18.62 11.05
CA ALA E 671 -23.11 -18.00 12.21
C ALA E 671 -24.62 -18.00 12.05
N THR E 672 -25.33 -17.76 13.14
CA THR E 672 -26.79 -17.76 13.08
C THR E 672 -27.28 -16.46 12.47
N PRO E 673 -28.08 -16.52 11.39
CA PRO E 673 -28.58 -15.27 10.79
C PRO E 673 -29.30 -14.35 11.77
N LYS E 674 -30.09 -14.90 12.70
CA LYS E 674 -30.69 -14.08 13.73
C LYS E 674 -29.64 -13.69 14.76
N ASP E 675 -29.76 -12.46 15.28
CA ASP E 675 -28.80 -11.96 16.26
C ASP E 675 -28.80 -12.84 17.50
N GLY E 676 -27.61 -13.21 17.95
CA GLY E 676 -27.47 -14.09 19.09
C GLY E 676 -28.03 -15.47 18.80
N PRO E 677 -28.35 -16.21 19.85
CA PRO E 677 -28.97 -17.53 19.63
C PRO E 677 -30.45 -17.39 19.33
N SER E 678 -30.89 -18.04 18.25
CA SER E 678 -32.31 -18.17 17.98
C SER E 678 -32.71 -19.64 17.95
N ALA E 679 -31.74 -20.54 17.87
CA ALA E 679 -31.93 -21.97 18.02
C ALA E 679 -31.32 -22.45 19.34
N GLY E 680 -31.41 -21.59 20.36
CA GLY E 680 -30.76 -21.91 21.63
C GLY E 680 -31.27 -23.18 22.26
N ILE E 681 -32.60 -23.35 22.30
CA ILE E 681 -33.16 -24.60 22.77
C ILE E 681 -32.87 -25.73 21.79
N THR E 682 -32.82 -25.43 20.50
CA THR E 682 -32.40 -26.44 19.51
C THR E 682 -30.98 -26.91 19.80
N MET E 683 -30.08 -25.96 20.07
CA MET E 683 -28.71 -26.33 20.45
C MET E 683 -28.68 -27.11 21.75
N ALA E 684 -29.49 -26.73 22.73
CA ALA E 684 -29.52 -27.43 24.00
C ALA E 684 -29.95 -28.87 23.81
N THR E 685 -31.01 -29.10 23.04
CA THR E 685 -31.44 -30.47 22.78
C THR E 685 -30.45 -31.23 21.92
N ALA E 686 -29.77 -30.56 20.98
CA ALA E 686 -28.74 -31.24 20.21
C ALA E 686 -27.60 -31.72 21.09
N ILE E 687 -27.20 -30.88 22.06
CA ILE E 687 -26.14 -31.28 22.99
C ILE E 687 -26.62 -32.40 23.90
N ALA E 688 -27.86 -32.30 24.40
CA ALA E 688 -28.40 -33.32 25.28
C ALA E 688 -28.63 -34.66 24.59
N SER E 689 -28.97 -34.66 23.30
CA SER E 689 -29.19 -35.90 22.58
C SER E 689 -27.90 -36.70 22.49
N ALA E 690 -26.80 -36.05 22.13
CA ALA E 690 -25.51 -36.72 22.07
C ALA E 690 -25.07 -37.24 23.44
N LEU E 691 -25.57 -36.64 24.51
CA LEU E 691 -25.28 -37.08 25.86
C LEU E 691 -26.40 -37.93 26.46
N SER E 692 -27.39 -38.29 25.66
CA SER E 692 -28.48 -39.14 26.12
C SER E 692 -28.74 -40.33 25.21
N ARG E 693 -28.05 -40.44 24.08
CA ARG E 693 -28.14 -41.59 23.18
C ARG E 693 -29.60 -41.87 22.77
N ARG E 694 -30.31 -40.81 22.39
CA ARG E 694 -31.70 -40.95 21.97
C ARG E 694 -32.00 -39.90 20.92
N PRO E 695 -32.66 -40.26 19.83
CA PRO E 695 -32.78 -39.38 18.67
C PRO E 695 -33.79 -38.25 18.90
N ALA E 696 -33.98 -37.45 17.86
CA ALA E 696 -34.92 -36.34 17.87
C ALA E 696 -36.29 -36.79 17.36
N ARG E 697 -37.28 -35.93 17.54
CA ARG E 697 -38.67 -36.25 17.21
C ARG E 697 -39.00 -35.70 15.82
N MET E 698 -39.65 -36.54 15.01
CA MET E 698 -40.00 -36.17 13.64
C MET E 698 -41.02 -35.04 13.63
N ASP E 699 -40.97 -34.23 12.58
CA ASP E 699 -41.97 -33.21 12.27
C ASP E 699 -42.24 -32.26 13.44
N ILE E 700 -41.23 -32.02 14.27
CA ILE E 700 -41.33 -31.09 15.40
C ILE E 700 -40.15 -30.12 15.29
N ALA E 701 -40.41 -28.92 14.78
CA ALA E 701 -39.42 -27.86 14.72
C ALA E 701 -39.53 -26.99 15.97
N MET E 702 -38.62 -26.02 16.09
CA MET E 702 -38.50 -25.22 17.30
C MET E 702 -37.50 -24.10 17.07
N THR E 703 -37.65 -23.05 17.88
CA THR E 703 -36.68 -21.96 17.94
C THR E 703 -36.86 -21.27 19.29
N GLY E 704 -35.79 -20.63 19.77
CA GLY E 704 -35.87 -19.91 21.02
C GLY E 704 -34.49 -19.58 21.55
N GLU E 705 -34.48 -18.72 22.57
CA GLU E 705 -33.27 -18.29 23.25
C GLU E 705 -33.19 -18.98 24.61
N VAL E 706 -31.96 -19.14 25.11
CA VAL E 706 -31.73 -19.85 26.37
C VAL E 706 -31.02 -18.94 27.34
N SER E 707 -31.16 -19.26 28.63
CA SER E 707 -30.50 -18.54 29.70
C SER E 707 -29.79 -19.55 30.61
N LEU E 708 -28.69 -19.10 31.22
CA LEU E 708 -27.87 -20.00 32.02
C LEU E 708 -28.63 -20.53 33.23
N ARG E 709 -29.59 -19.77 33.74
CA ARG E 709 -30.38 -20.22 34.89
C ARG E 709 -31.40 -21.29 34.51
N GLY E 710 -31.56 -21.59 33.23
CA GLY E 710 -32.55 -22.56 32.81
C GLY E 710 -33.89 -21.91 32.53
N LYS E 711 -33.87 -20.86 31.71
CA LYS E 711 -35.08 -20.18 31.28
C LYS E 711 -34.98 -19.88 29.79
N VAL E 712 -36.10 -19.94 29.10
CA VAL E 712 -36.14 -19.67 27.68
C VAL E 712 -36.58 -18.23 27.46
N MET E 713 -35.73 -17.44 26.78
CA MET E 713 -36.05 -16.05 26.58
C MET E 713 -36.93 -15.87 25.33
N PRO E 714 -37.76 -14.83 25.32
CA PRO E 714 -38.61 -14.59 24.14
C PRO E 714 -37.78 -14.33 22.89
N ILE E 715 -38.30 -14.80 21.76
CA ILE E 715 -37.68 -14.59 20.46
C ILE E 715 -38.48 -13.57 19.69
N GLY E 716 -37.77 -12.60 19.10
CA GLY E 716 -38.38 -11.55 18.29
C GLY E 716 -38.50 -12.00 16.85
N GLY E 717 -39.33 -11.29 16.09
CA GLY E 717 -39.56 -11.63 14.71
C GLY E 717 -40.23 -12.97 14.55
N VAL E 718 -41.25 -13.24 15.36
CA VAL E 718 -41.94 -14.53 15.33
C VAL E 718 -42.58 -14.75 13.96
N LYS E 719 -42.95 -13.68 13.26
CA LYS E 719 -43.57 -13.82 11.95
C LYS E 719 -42.63 -14.53 10.97
N GLU E 720 -41.39 -14.04 10.86
CA GLU E 720 -40.43 -14.66 9.97
C GLU E 720 -40.07 -16.07 10.40
N LYS E 721 -39.90 -16.30 11.70
CA LYS E 721 -39.55 -17.62 12.19
C LYS E 721 -40.65 -18.64 11.91
N LEU E 722 -41.92 -18.27 12.12
CA LEU E 722 -43.01 -19.18 11.79
C LEU E 722 -43.26 -19.27 10.30
N LEU E 723 -42.87 -18.26 9.51
CA LEU E 723 -42.81 -18.44 8.07
C LEU E 723 -41.84 -19.54 7.71
N ALA E 724 -40.67 -19.55 8.36
CA ALA E 724 -39.72 -20.64 8.18
C ALA E 724 -40.28 -21.98 8.64
N ALA E 725 -41.03 -21.99 9.75
CA ALA E 725 -41.60 -23.23 10.27
C ALA E 725 -42.82 -23.70 9.48
N HIS E 726 -43.62 -22.77 8.95
CA HIS E 726 -44.81 -23.14 8.19
C HIS E 726 -44.52 -23.46 6.74
N GLN E 727 -43.67 -22.67 6.07
CA GLN E 727 -43.27 -23.01 4.71
C GLN E 727 -42.54 -24.34 4.65
N ALA E 728 -41.84 -24.71 5.72
CA ALA E 728 -41.28 -26.04 5.81
C ALA E 728 -42.36 -27.11 5.82
N GLY E 729 -43.57 -26.78 6.27
CA GLY E 729 -44.61 -27.77 6.42
C GLY E 729 -44.58 -28.52 7.73
N ILE E 730 -43.67 -28.16 8.63
CA ILE E 730 -43.62 -28.77 9.95
C ILE E 730 -44.71 -28.15 10.82
N HIS E 731 -45.60 -28.98 11.35
CA HIS E 731 -46.78 -28.52 12.07
C HIS E 731 -46.67 -28.72 13.58
N LYS E 732 -45.46 -28.85 14.10
CA LYS E 732 -45.23 -28.89 15.54
C LYS E 732 -44.05 -27.98 15.85
N ILE E 733 -44.32 -26.87 16.53
CA ILE E 733 -43.31 -25.87 16.84
C ILE E 733 -43.32 -25.60 18.34
N VAL E 734 -42.14 -25.47 18.93
CA VAL E 734 -41.98 -25.18 20.34
C VAL E 734 -41.47 -23.75 20.47
N LEU E 735 -42.20 -22.92 21.22
CA LEU E 735 -41.86 -21.54 21.44
C LEU E 735 -41.88 -21.21 22.93
N PRO E 736 -41.04 -20.29 23.37
CA PRO E 736 -41.07 -19.85 24.77
C PRO E 736 -42.41 -19.22 25.13
N LYS E 737 -42.80 -19.42 26.39
CA LYS E 737 -44.07 -18.90 26.88
C LYS E 737 -44.11 -17.38 26.97
N ASP E 738 -42.95 -16.72 26.95
CA ASP E 738 -42.92 -15.26 26.87
C ASP E 738 -43.41 -14.74 25.52
N ASN E 739 -43.45 -15.60 24.51
CA ASN E 739 -43.95 -15.22 23.19
C ASN E 739 -45.45 -15.48 23.04
N GLU E 740 -46.19 -15.56 24.17
CA GLU E 740 -47.62 -15.79 24.10
C GLU E 740 -48.35 -14.65 23.38
N ALA E 741 -47.96 -13.41 23.65
CA ALA E 741 -48.58 -12.27 23.00
C ALA E 741 -48.11 -12.07 21.57
N GLN E 742 -47.07 -12.77 21.15
CA GLN E 742 -46.55 -12.67 19.79
C GLN E 742 -47.18 -13.68 18.84
N LEU E 743 -48.10 -14.50 19.32
CA LEU E 743 -48.85 -15.41 18.46
C LEU E 743 -49.99 -14.70 17.74
N GLU E 744 -50.72 -13.84 18.44
CA GLU E 744 -51.83 -13.10 17.87
C GLU E 744 -51.38 -11.96 16.97
N GLU E 745 -50.09 -11.61 17.01
CA GLU E 745 -49.55 -10.58 16.14
C GLU E 745 -49.53 -10.99 14.67
N LEU E 746 -49.65 -12.29 14.39
CA LEU E 746 -49.49 -12.89 13.08
C LEU E 746 -50.83 -13.04 12.39
N PRO E 747 -50.85 -13.02 11.05
CA PRO E 747 -52.10 -13.24 10.32
C PRO E 747 -52.65 -14.63 10.60
N LYS E 748 -53.98 -14.74 10.59
CA LYS E 748 -54.66 -15.98 10.97
C LYS E 748 -54.67 -17.02 9.85
N GLU E 749 -53.86 -16.84 8.82
CA GLU E 749 -53.74 -17.81 7.74
C GLU E 749 -52.49 -18.68 7.84
N VAL E 750 -51.45 -18.20 8.51
CA VAL E 750 -50.24 -19.00 8.69
C VAL E 750 -50.43 -20.01 9.82
N LEU E 751 -51.25 -19.69 10.82
CA LEU E 751 -51.44 -20.52 11.99
C LEU E 751 -52.65 -21.43 11.88
N GLU E 752 -53.03 -21.82 10.66
CA GLU E 752 -54.24 -22.61 10.42
C GLU E 752 -54.01 -24.10 10.59
N GLY E 753 -52.77 -24.56 10.65
CA GLY E 753 -52.52 -25.97 10.84
C GLY E 753 -51.45 -26.28 11.87
N LEU E 754 -50.73 -25.24 12.31
CA LEU E 754 -49.62 -25.43 13.23
C LEU E 754 -50.13 -25.61 14.66
N GLU E 755 -49.36 -26.38 15.44
CA GLU E 755 -49.62 -26.56 16.87
C GLU E 755 -48.40 -26.05 17.63
N ILE E 756 -48.58 -24.94 18.33
CA ILE E 756 -47.48 -24.28 19.04
C ILE E 756 -47.46 -24.84 20.46
N LYS E 757 -46.49 -25.71 20.74
CA LYS E 757 -46.33 -26.29 22.08
C LYS E 757 -45.47 -25.35 22.91
N LEU E 758 -46.10 -24.63 23.83
CA LEU E 758 -45.44 -23.59 24.61
C LEU E 758 -44.56 -24.20 25.67
N VAL E 759 -43.46 -23.51 25.97
CA VAL E 759 -42.47 -23.98 26.93
C VAL E 759 -42.00 -22.79 27.76
N GLU E 760 -41.56 -23.09 28.98
CA GLU E 760 -41.02 -22.05 29.87
C GLU E 760 -39.70 -22.44 30.52
N ASP E 761 -39.25 -23.68 30.39
CA ASP E 761 -37.96 -24.13 30.92
C ASP E 761 -37.17 -24.80 29.80
N VAL E 762 -36.07 -25.44 30.17
CA VAL E 762 -35.23 -26.15 29.21
C VAL E 762 -35.56 -27.63 29.17
N GLY E 763 -35.79 -28.25 30.32
CA GLY E 763 -36.18 -29.66 30.35
C GLY E 763 -37.50 -29.93 29.68
N GLU E 764 -38.45 -29.02 29.79
CA GLU E 764 -39.71 -29.16 29.06
C GLU E 764 -39.50 -29.09 27.56
N VAL E 765 -38.49 -28.36 27.09
CA VAL E 765 -38.06 -28.47 25.70
C VAL E 765 -37.53 -29.86 25.40
N LEU E 766 -36.69 -30.41 26.28
CA LEU E 766 -36.18 -31.76 26.08
C LEU E 766 -37.29 -32.82 26.07
N GLU E 767 -38.44 -32.51 26.67
CA GLU E 767 -39.59 -33.41 26.55
C GLU E 767 -40.15 -33.40 25.14
N TYR E 768 -40.09 -32.27 24.45
CA TYR E 768 -40.80 -32.08 23.18
C TYR E 768 -39.89 -32.12 21.96
N LEU E 769 -38.64 -32.58 22.12
CA LEU E 769 -37.84 -32.93 20.96
C LEU E 769 -37.16 -34.29 21.05
N LEU E 770 -36.87 -34.79 22.25
CA LEU E 770 -36.23 -36.09 22.39
C LEU E 770 -37.23 -37.20 22.04
N LEU E 771 -36.73 -38.21 21.32
CA LEU E 771 -37.58 -39.28 20.79
C LEU E 771 -38.31 -40.07 21.88
N PRO E 772 -37.64 -40.50 22.96
CA PRO E 772 -38.35 -41.24 24.01
C PRO E 772 -39.34 -40.34 24.74
N GLU E 773 -40.24 -40.99 25.47
CA GLU E 773 -41.19 -40.26 26.30
C GLU E 773 -40.51 -39.32 27.30
N PRO E 774 -39.44 -39.70 28.02
CA PRO E 774 -38.79 -38.68 28.85
C PRO E 774 -38.00 -37.67 28.02
PB ADP F . 25.70 -34.95 13.24
O1B ADP F . 26.20 -34.67 14.63
O2B ADP F . 24.67 -36.05 13.18
O3B ADP F . 25.29 -33.72 12.46
PA ADP F . 26.89 -36.47 11.15
O1A ADP F . 25.90 -37.57 11.40
O2A ADP F . 26.70 -35.57 9.96
O3A ADP F . 26.99 -35.49 12.44
O5' ADP F . 28.35 -37.15 11.03
C5' ADP F . 28.56 -38.46 11.55
C4' ADP F . 29.96 -38.95 11.23
O4' ADP F . 30.15 -40.27 11.77
C3' ADP F . 30.23 -39.07 9.74
O3' ADP F . 31.13 -38.03 9.33
C2' ADP F . 30.88 -40.42 9.52
O2' ADP F . 32.17 -40.27 8.92
C1' ADP F . 31.01 -41.02 10.91
N9 ADP F . 30.65 -42.46 10.90
C8 ADP F . 29.83 -43.06 10.02
N7 ADP F . 29.71 -44.39 10.28
C5 ADP F . 30.48 -44.65 11.35
C6 ADP F . 30.82 -45.85 12.16
N6 ADP F . 30.31 -47.06 11.86
N1 ADP F . 31.67 -45.69 13.20
C2 ADP F . 32.19 -44.48 13.51
N3 ADP F . 31.92 -43.36 12.82
C4 ADP F . 31.09 -43.37 11.75
PB ADP G . 27.38 -4.72 22.63
O1B ADP G . 28.22 -5.75 23.33
O2B ADP G . 25.98 -4.58 23.17
O3B ADP G . 27.48 -4.74 21.12
PA ADP G . 29.70 -3.35 23.20
O1A ADP G . 29.99 -3.73 24.63
O2A ADP G . 30.25 -4.16 22.05
O3A ADP G . 28.11 -3.33 23.03
O5' ADP G . 30.13 -1.82 22.97
C5' ADP G . 31.36 -1.55 22.31
C4' ADP G . 32.13 -0.46 23.04
O4' ADP G . 32.93 -1.04 24.06
C3' ADP G . 33.06 0.25 22.07
O3' ADP G . 32.76 1.64 22.05
C2' ADP G . 34.45 0.04 22.62
O2' ADP G . 35.16 1.27 22.67
C1' ADP G . 34.25 -0.51 24.02
N9 ADP G . 35.26 -1.56 24.29
C8 ADP G . 35.00 -2.83 24.59
N7 ADP G . 36.13 -3.55 24.80
C5 ADP G . 37.16 -2.70 24.62
C6 ADP G . 38.63 -2.78 24.68
N6 ADP G . 39.26 -3.94 24.97
N1 ADP G . 39.33 -1.66 24.43
C2 ADP G . 38.72 -0.50 24.14
N3 ADP G . 37.39 -0.35 24.06
C4 ADP G . 36.57 -1.40 24.29
PB ADP H . 2.91 17.69 26.90
O1B ADP H . 4.18 17.31 27.61
O2B ADP H . 2.98 17.58 25.39
O3B ADP H . 1.66 17.11 27.50
PA ADP H . 3.19 19.79 28.65
O1A ADP H . 4.65 20.19 28.62
O2A ADP H . 2.72 18.75 29.64
O3A ADP H . 2.78 19.27 27.19
O5' ADP H . 2.29 21.10 28.87
C5' ADP H . 2.06 21.52 30.21
C4' ADP H . 1.47 22.91 30.23
O4' ADP H . 1.48 23.40 31.56
C3' ADP H . 2.30 23.86 29.38
O3' ADP H . 1.57 24.24 28.21
C2' ADP H . 2.56 25.07 30.25
O2' ADP H . 1.82 26.19 29.75
C1' ADP H . 2.08 24.71 31.63
N9 ADP H . 3.28 24.60 32.47
C8 ADP H . 3.75 23.47 33.01
N7 ADP H . 4.88 23.72 33.73
C5 ADP H . 5.14 25.03 33.63
C6 ADP H . 6.16 25.94 34.15
N6 ADP H . 7.17 25.47 34.93
N1 ADP H . 6.06 27.24 33.83
C2 ADP H . 5.07 27.70 33.06
N3 ADP H . 4.10 26.93 32.56
C4 ADP H . 4.07 25.61 32.81
PB ADP I . -30.41 12.67 18.59
O1B ADP I . -28.94 12.86 18.31
O2B ADP I . -30.91 13.34 19.84
O3B ADP I . -30.89 11.25 18.41
PA ADP I . -32.38 14.46 17.66
O1A ADP I . -31.95 15.57 18.59
O2A ADP I . -32.95 14.84 16.32
O3A ADP I . -31.13 13.48 17.40
O5' ADP I . -33.51 13.60 18.39
C5' ADP I . -34.07 14.07 19.62
C4' ADP I . -35.40 14.76 19.32
O4' ADP I . -36.21 14.77 20.50
C3' ADP I . -35.18 16.19 18.89
O3' ADP I . -35.55 16.37 17.52
C2' ADP I . -36.06 17.04 19.79
O2' ADP I . -37.03 17.73 19.00
C1' ADP I . -36.73 16.07 20.75
N9 ADP I . -36.34 16.45 22.12
C8 ADP I . -35.34 15.91 22.82
N7 ADP I . -35.23 16.48 24.06
C5 ADP I . -36.18 17.41 24.14
C6 ADP I . -36.61 18.37 25.17
N6 ADP I . -35.99 18.44 26.36
N1 ADP I . -37.65 19.17 24.87
C2 ADP I . -38.28 19.11 23.69
N3 ADP I . -37.94 18.25 22.70
C4 ADP I . -36.91 17.40 22.87
#